data_3KC3
#
_entry.id   3KC3
#
_cell.length_a   139.351
_cell.length_b   179.793
_cell.length_c   214.376
_cell.angle_alpha   90.00
_cell.angle_beta   90.00
_cell.angle_gamma   90.00
#
_symmetry.space_group_name_H-M   'P 21 21 21'
#
loop_
_entity.id
_entity.type
_entity.pdbx_description
1 polymer 'MAP kinase-activated protein kinase 2'
2 non-polymer N~4~-[7-(1-benzofuran-2-yl)-1H-indazol-5-yl]pyrimidine-2,4-diamine
3 water water
#
_entity_poly.entity_id   1
_entity_poly.type   'polypeptide(L)'
_entity_poly.pdbx_seq_one_letter_code
;QQFPQFHVKSGLQIKKNAIIDDYKVTSQVLGLGINGKVLQIFNKRTQEKFALKMLQDCPKARREVELHWRASQCPHIVRI
VDVYENLYAGRKCLLIVMECLDGGELFSRIQDRGDQAFTEREASEIMKSIGEAIQYLHSINIAHRDVKPENLLYTSKRPN
AILKLTDFGFAKETTSHNSLTTPCYTPYYVAPEVLGPEKYDKSCDMWSLGVIMYILLCGYPPFYSNHGLAISPGMKTRIR
MGQYEFPNPEWSEVSEEVKMLIRNLLKTEPTQRMTITEFMNHPWIMQSTKVPQTPLHTSRVLKEDKERWEDVKEEMTSAL
ATMR
;
_entity_poly.pdbx_strand_id   A,B,C,D,E,F,G,H,I,J,K,L
#
loop_
_chem_comp.id
_chem_comp.type
_chem_comp.name
_chem_comp.formula
MK2 non-polymer N~4~-[7-(1-benzofuran-2-yl)-1H-indazol-5-yl]pyrimidine-2,4-diamine 'C19 H14 N6 O'
#
# COMPACT_ATOMS: atom_id res chain seq x y z
N PHE A 3 -24.43 11.52 -48.55
CA PHE A 3 -24.01 11.27 -47.13
C PHE A 3 -22.50 11.06 -46.98
N PRO A 4 -21.82 11.94 -46.21
CA PRO A 4 -20.38 12.03 -45.93
C PRO A 4 -19.55 10.74 -46.16
N GLN A 5 -18.53 10.85 -47.01
CA GLN A 5 -17.66 9.72 -47.33
C GLN A 5 -16.20 10.04 -47.05
N PHE A 6 -15.64 10.98 -47.81
CA PHE A 6 -14.21 11.31 -47.75
C PHE A 6 -13.85 11.92 -46.41
N HIS A 7 -14.55 11.48 -45.36
CA HIS A 7 -13.97 11.51 -44.01
C HIS A 7 -13.24 10.18 -43.88
N VAL A 8 -13.29 9.36 -44.92
CA VAL A 8 -12.64 8.05 -44.86
C VAL A 8 -11.36 8.04 -45.68
N LYS A 9 -10.25 7.99 -44.98
CA LYS A 9 -8.98 7.80 -45.66
C LYS A 9 -8.28 6.54 -45.15
N SER A 10 -7.44 5.97 -46.02
CA SER A 10 -6.80 4.70 -45.74
C SER A 10 -5.95 4.69 -44.45
N GLY A 11 -5.80 3.52 -43.87
CA GLY A 11 -5.05 3.32 -42.66
C GLY A 11 -3.61 3.23 -43.08
N LEU A 12 -2.73 2.99 -42.12
CA LEU A 12 -1.33 2.81 -42.47
C LEU A 12 -0.95 1.32 -42.59
N GLN A 13 -0.56 0.82 -43.78
CA GLN A 13 -0.04 -0.58 -43.87
C GLN A 13 1.44 -0.39 -43.72
N ILE A 14 2.05 -0.98 -42.71
CA ILE A 14 3.51 -0.99 -42.52
C ILE A 14 4.17 -2.08 -43.41
N LYS A 15 4.90 -1.72 -44.44
CA LYS A 15 5.70 -2.65 -45.21
C LYS A 15 6.77 -3.40 -44.41
N LYS A 16 6.99 -4.67 -44.71
CA LYS A 16 7.98 -5.46 -43.99
C LYS A 16 9.21 -5.82 -44.81
N ASN A 17 9.12 -5.73 -46.14
CA ASN A 17 10.29 -5.91 -46.95
C ASN A 17 11.44 -4.92 -46.61
N ALA A 18 12.68 -5.31 -46.89
CA ALA A 18 13.77 -4.42 -46.52
C ALA A 18 13.67 -3.18 -47.43
N ILE A 19 13.92 -2.01 -46.84
CA ILE A 19 13.77 -0.76 -47.51
C ILE A 19 14.65 -0.63 -48.76
N ILE A 20 15.89 -1.13 -48.67
CA ILE A 20 16.77 -1.15 -49.81
C ILE A 20 16.23 -1.90 -51.06
N ASP A 21 15.19 -2.75 -50.97
CA ASP A 21 14.47 -3.17 -52.19
C ASP A 21 14.01 -1.94 -52.96
N ASP A 22 13.67 -0.86 -52.24
CA ASP A 22 12.95 0.25 -52.84
C ASP A 22 13.72 1.56 -52.90
N TYR A 23 14.69 1.74 -52.03
CA TYR A 23 15.35 3.03 -52.00
C TYR A 23 16.88 2.85 -51.95
N LYS A 24 17.60 3.84 -52.47
CA LYS A 24 19.02 3.89 -52.26
C LYS A 24 19.22 4.87 -51.09
N VAL A 25 19.68 4.36 -49.96
CA VAL A 25 19.95 5.20 -48.82
C VAL A 25 21.33 5.84 -48.92
N THR A 26 21.40 7.04 -49.48
CA THR A 26 22.61 7.88 -49.37
C THR A 26 22.93 8.34 -47.95
N SER A 27 24.00 9.11 -47.83
CA SER A 27 24.57 9.47 -46.53
C SER A 27 24.33 10.96 -46.23
N GLN A 28 24.02 11.75 -47.26
CA GLN A 28 23.57 13.14 -47.09
C GLN A 28 22.58 13.28 -45.91
N VAL A 29 22.99 13.99 -44.87
CA VAL A 29 22.05 14.33 -43.84
C VAL A 29 21.35 15.60 -44.27
N LEU A 30 20.03 15.51 -44.38
CA LEU A 30 19.22 16.66 -44.72
C LEU A 30 19.07 17.49 -43.48
N GLY A 31 18.71 16.80 -42.39
CA GLY A 31 18.53 17.44 -41.09
C GLY A 31 18.79 16.42 -40.00
N LEU A 32 19.64 16.77 -39.04
CA LEU A 32 19.99 15.88 -37.91
C LEU A 32 18.70 15.43 -37.18
N GLY A 33 17.88 16.41 -36.81
CA GLY A 33 16.56 16.17 -36.21
C GLY A 33 16.58 15.48 -34.85
N ILE A 34 15.39 15.06 -34.40
CA ILE A 34 15.23 14.18 -33.21
C ILE A 34 15.21 12.70 -33.64
N ASN A 35 15.08 11.80 -32.65
CA ASN A 35 14.88 10.34 -32.82
C ASN A 35 15.98 9.62 -33.66
N GLY A 36 17.11 10.29 -33.91
CA GLY A 36 18.19 9.74 -34.78
C GLY A 36 18.91 10.71 -35.73
N LYS A 37 18.37 10.88 -36.96
CA LYS A 37 18.92 11.74 -38.04
C LYS A 37 17.91 11.70 -39.21
N VAL A 38 18.11 12.50 -40.26
CA VAL A 38 17.27 12.41 -41.47
C VAL A 38 18.11 12.38 -42.73
N LEU A 39 18.15 11.19 -43.36
CA LEU A 39 18.97 10.91 -44.52
C LEU A 39 18.15 11.06 -45.75
N GLN A 40 18.79 11.51 -46.81
CA GLN A 40 18.19 11.65 -48.10
C GLN A 40 18.34 10.28 -48.83
N ILE A 41 17.27 9.81 -49.47
CA ILE A 41 17.24 8.52 -50.09
C ILE A 41 16.57 8.71 -51.40
N PHE A 42 16.65 7.70 -52.29
CA PHE A 42 16.14 7.86 -53.65
C PHE A 42 15.28 6.68 -54.11
N ASN A 43 14.06 6.94 -54.55
CA ASN A 43 13.22 5.87 -55.07
C ASN A 43 13.95 5.27 -56.21
N LYS A 44 14.29 3.99 -56.08
CA LYS A 44 14.95 3.22 -57.17
C LYS A 44 14.27 3.24 -58.57
N ARG A 45 12.98 2.92 -58.67
CA ARG A 45 12.36 2.82 -60.00
C ARG A 45 11.76 4.14 -60.60
N THR A 46 12.03 5.30 -59.99
CA THR A 46 11.60 6.59 -60.52
C THR A 46 12.61 7.66 -60.27
N GLN A 47 13.80 7.35 -59.74
CA GLN A 47 14.80 8.39 -59.52
C GLN A 47 14.48 9.43 -58.45
N GLU A 48 13.22 9.49 -58.06
CA GLU A 48 12.76 10.63 -57.32
C GLU A 48 13.30 10.63 -55.88
N LYS A 49 13.07 11.70 -55.14
CA LYS A 49 13.90 12.07 -54.00
C LYS A 49 13.05 12.05 -52.74
N PHE A 50 13.55 11.48 -51.65
CA PHE A 50 12.73 11.23 -50.45
C PHE A 50 13.58 11.34 -49.20
N ALA A 51 12.98 11.15 -48.03
CA ALA A 51 13.72 11.35 -46.80
C ALA A 51 13.43 10.23 -45.84
N LEU A 52 14.48 9.79 -45.15
CA LEU A 52 14.35 8.69 -44.24
C LEU A 52 14.70 9.14 -42.86
N LYS A 53 13.88 8.76 -41.89
CA LYS A 53 14.20 8.92 -40.49
C LYS A 53 13.97 7.56 -39.81
N MET A 54 14.86 7.16 -38.90
CA MET A 54 14.92 5.78 -38.42
C MET A 54 14.73 5.71 -36.96
N LEU A 55 13.82 4.88 -36.50
CA LEU A 55 13.64 4.70 -35.08
C LEU A 55 13.81 3.25 -34.69
N GLN A 56 14.44 3.04 -33.55
CA GLN A 56 14.36 1.78 -32.85
C GLN A 56 12.93 1.59 -32.52
N ASP A 57 12.43 0.39 -32.64
CA ASP A 57 11.02 0.22 -32.44
C ASP A 57 10.71 0.28 -30.98
N CYS A 58 9.66 0.98 -30.62
CA CYS A 58 9.14 0.91 -29.26
C CYS A 58 7.81 1.61 -29.19
N PRO A 59 7.10 1.43 -28.07
CA PRO A 59 5.98 2.29 -27.67
C PRO A 59 6.06 3.74 -28.16
N LYS A 60 7.12 4.51 -27.80
CA LYS A 60 7.27 5.94 -28.21
C LYS A 60 7.21 6.11 -29.73
N ALA A 61 8.06 5.33 -30.41
CA ALA A 61 8.13 5.28 -31.87
C ALA A 61 6.84 4.82 -32.54
N ARG A 62 6.13 3.90 -31.96
CA ARG A 62 4.90 3.54 -32.63
C ARG A 62 3.94 4.73 -32.52
N ARG A 63 4.13 5.51 -31.45
CA ARG A 63 3.30 6.66 -31.24
C ARG A 63 3.73 7.69 -32.24
N GLU A 64 5.02 7.94 -32.40
CA GLU A 64 5.38 8.97 -33.34
C GLU A 64 4.73 8.69 -34.70
N VAL A 65 4.76 7.41 -35.11
CA VAL A 65 4.33 7.02 -36.41
C VAL A 65 2.82 7.12 -36.50
N GLU A 66 2.10 6.70 -35.45
CA GLU A 66 0.66 6.79 -35.46
C GLU A 66 0.32 8.28 -35.63
N LEU A 67 0.94 9.16 -34.82
CA LEU A 67 0.55 10.56 -34.91
C LEU A 67 0.88 11.20 -36.30
N HIS A 68 2.14 11.11 -36.72
CA HIS A 68 2.57 11.75 -37.92
C HIS A 68 1.67 11.22 -39.06
N TRP A 69 1.31 9.95 -38.99
CA TRP A 69 0.48 9.41 -40.04
C TRP A 69 -0.87 10.11 -40.13
N ARG A 70 -1.64 10.08 -39.03
CA ARG A 70 -2.86 10.87 -38.87
C ARG A 70 -2.63 12.32 -39.32
N ALA A 71 -1.49 12.89 -38.96
CA ALA A 71 -1.24 14.24 -39.38
C ALA A 71 -1.01 14.44 -40.88
N SER A 72 -0.45 13.48 -41.60
CA SER A 72 -0.11 13.68 -43.04
C SER A 72 -1.23 14.13 -43.95
N GLN A 73 -2.46 13.80 -43.57
CA GLN A 73 -3.66 14.34 -44.18
C GLN A 73 -3.55 15.80 -44.61
N CYS A 74 -2.94 16.62 -43.75
CA CYS A 74 -2.94 18.02 -43.89
C CYS A 74 -1.82 18.37 -44.79
N PRO A 75 -2.10 19.17 -45.82
CA PRO A 75 -1.10 19.53 -46.81
C PRO A 75 0.04 20.40 -46.28
N HIS A 76 -0.09 21.00 -45.08
CA HIS A 76 1.04 21.72 -44.42
C HIS A 76 1.84 20.85 -43.39
N ILE A 77 1.54 19.57 -43.25
CA ILE A 77 2.37 18.71 -42.43
C ILE A 77 3.17 17.97 -43.44
N VAL A 78 4.36 17.47 -43.12
CA VAL A 78 5.18 16.81 -44.15
C VAL A 78 4.69 15.38 -44.37
N ARG A 79 4.45 14.99 -45.61
CA ARG A 79 3.81 13.70 -45.90
C ARG A 79 4.61 12.45 -45.57
N ILE A 80 3.96 11.49 -44.94
CA ILE A 80 4.57 10.22 -44.72
C ILE A 80 4.15 9.37 -45.91
N VAL A 81 5.11 9.06 -46.76
CA VAL A 81 4.89 8.17 -47.89
C VAL A 81 4.77 6.66 -47.60
N ASP A 82 5.64 6.14 -46.74
CA ASP A 82 5.75 4.75 -46.44
C ASP A 82 6.44 4.57 -45.07
N VAL A 83 6.05 3.52 -44.37
CA VAL A 83 6.74 3.12 -43.16
C VAL A 83 7.07 1.63 -43.20
N TYR A 84 8.34 1.35 -42.87
CA TYR A 84 8.86 -0.02 -42.84
C TYR A 84 9.13 -0.54 -41.41
N GLU A 85 8.87 -1.81 -41.17
CA GLU A 85 9.44 -2.50 -40.01
C GLU A 85 10.52 -3.41 -40.60
N ASN A 86 11.77 -3.24 -40.21
CA ASN A 86 12.92 -3.94 -40.79
C ASN A 86 13.87 -4.27 -39.65
N LEU A 87 14.74 -5.24 -39.84
CA LEU A 87 15.80 -5.55 -38.87
C LEU A 87 17.04 -4.82 -39.31
N TYR A 88 17.59 -4.04 -38.39
CA TYR A 88 18.86 -3.38 -38.61
C TYR A 88 19.72 -3.62 -37.38
N ALA A 89 20.92 -4.20 -37.58
CA ALA A 89 21.87 -4.45 -36.52
C ALA A 89 21.19 -5.19 -35.39
N GLY A 90 20.43 -6.20 -35.76
CA GLY A 90 19.87 -7.07 -34.77
C GLY A 90 18.53 -6.63 -34.17
N ARG A 91 18.31 -5.31 -34.11
CA ARG A 91 17.09 -4.70 -33.54
C ARG A 91 15.95 -4.44 -34.59
N LYS A 92 14.68 -4.55 -34.15
CA LYS A 92 13.52 -3.98 -34.87
C LYS A 92 13.60 -2.47 -35.10
N CYS A 93 13.15 -2.03 -36.27
CA CYS A 93 13.19 -0.62 -36.61
C CYS A 93 11.97 -0.20 -37.29
N LEU A 94 11.63 1.06 -37.10
CA LEU A 94 10.67 1.70 -37.97
C LEU A 94 11.40 2.65 -38.87
N LEU A 95 11.21 2.49 -40.15
CA LEU A 95 11.89 3.38 -41.03
C LEU A 95 10.83 4.22 -41.67
N ILE A 96 10.93 5.51 -41.43
CA ILE A 96 9.88 6.42 -41.88
C ILE A 96 10.31 7.07 -43.16
N VAL A 97 9.61 6.79 -44.25
CA VAL A 97 9.94 7.43 -45.54
C VAL A 97 9.04 8.64 -45.83
N MET A 98 9.59 9.85 -45.73
CA MET A 98 8.84 11.11 -45.92
C MET A 98 8.98 11.66 -47.34
N GLU A 99 8.01 12.45 -47.80
CA GLU A 99 8.26 13.28 -48.98
C GLU A 99 9.55 14.09 -48.65
N CYS A 100 10.43 14.28 -49.63
CA CYS A 100 11.63 15.09 -49.39
C CYS A 100 11.30 16.49 -49.68
N LEU A 101 11.40 17.33 -48.64
CA LEU A 101 11.25 18.75 -48.76
C LEU A 101 12.65 19.25 -48.85
N ASP A 102 12.98 19.92 -49.97
CA ASP A 102 14.34 20.51 -50.09
C ASP A 102 14.55 22.01 -50.44
N GLY A 103 13.51 22.83 -50.39
CA GLY A 103 13.68 24.27 -50.58
C GLY A 103 14.29 25.06 -49.40
N GLY A 104 14.65 24.38 -48.31
CA GLY A 104 15.24 25.02 -47.15
C GLY A 104 14.34 25.26 -45.94
N GLU A 105 14.98 25.42 -44.79
CA GLU A 105 14.38 25.91 -43.56
C GLU A 105 13.79 27.31 -43.71
N LEU A 106 12.69 27.58 -43.02
CA LEU A 106 11.96 28.81 -43.09
C LEU A 106 12.88 30.02 -43.06
N PHE A 107 13.61 30.20 -41.96
CA PHE A 107 14.48 31.36 -41.83
C PHE A 107 15.64 31.37 -42.77
N SER A 108 16.00 30.19 -43.30
CA SER A 108 17.08 30.08 -44.29
C SER A 108 16.62 30.65 -45.56
N ARG A 109 15.50 30.19 -46.05
CA ARG A 109 14.96 30.83 -47.21
C ARG A 109 14.83 32.36 -47.04
N ILE A 110 14.25 32.81 -45.93
CA ILE A 110 13.99 34.23 -45.75
C ILE A 110 15.33 34.91 -45.84
N GLN A 111 16.27 34.35 -45.09
CA GLN A 111 17.61 34.91 -44.89
C GLN A 111 18.43 35.19 -46.14
N ASP A 112 18.02 34.81 -47.32
CA ASP A 112 18.83 35.20 -48.46
C ASP A 112 18.06 35.60 -49.69
N ARG A 113 18.10 36.91 -50.02
CA ARG A 113 17.33 37.52 -51.14
C ARG A 113 18.08 38.63 -51.96
N ALA A 117 14.89 42.42 -48.59
CA ALA A 117 13.49 42.80 -48.63
C ALA A 117 12.70 41.63 -48.06
N PHE A 118 11.61 41.92 -47.34
CA PHE A 118 10.65 40.95 -46.79
C PHE A 118 9.54 41.80 -46.22
N THR A 119 8.28 41.51 -46.55
CA THR A 119 7.16 42.36 -46.05
C THR A 119 6.29 41.73 -44.93
N GLU A 120 5.63 42.57 -44.14
CA GLU A 120 4.63 42.13 -43.16
C GLU A 120 3.63 41.11 -43.79
N ARG A 121 3.43 41.24 -45.10
CA ARG A 121 2.43 40.44 -45.73
C ARG A 121 2.93 39.02 -45.98
N GLU A 122 4.17 38.88 -46.39
CA GLU A 122 4.73 37.58 -46.43
C GLU A 122 4.71 37.07 -44.99
N ALA A 123 4.94 37.93 -44.01
CA ALA A 123 4.92 37.40 -42.65
C ALA A 123 3.60 36.64 -42.35
N SER A 124 2.48 37.29 -42.71
CA SER A 124 1.16 36.89 -42.38
C SER A 124 0.82 35.66 -43.15
N GLU A 125 1.19 35.68 -44.42
CA GLU A 125 0.99 34.50 -45.28
C GLU A 125 1.73 33.37 -44.65
N ILE A 126 2.99 33.56 -44.35
CA ILE A 126 3.72 32.46 -43.74
C ILE A 126 2.89 31.97 -42.55
N MET A 127 2.46 32.91 -41.72
CA MET A 127 1.90 32.57 -40.42
C MET A 127 0.54 31.91 -40.54
N LYS A 128 -0.23 32.33 -41.52
CA LYS A 128 -1.40 31.52 -41.93
C LYS A 128 -1.08 30.07 -42.18
N SER A 129 -0.02 29.79 -42.95
CA SER A 129 0.37 28.39 -43.27
C SER A 129 0.63 27.59 -42.04
N ILE A 130 1.51 28.10 -41.16
CA ILE A 130 1.88 27.34 -40.01
C ILE A 130 0.57 27.17 -39.23
N GLY A 131 -0.20 28.26 -39.19
CA GLY A 131 -1.52 28.30 -38.57
C GLY A 131 -2.40 27.13 -38.97
N GLU A 132 -2.55 26.85 -40.26
CA GLU A 132 -3.28 25.66 -40.69
C GLU A 132 -2.72 24.34 -40.16
N ALA A 133 -1.42 24.11 -40.25
CA ALA A 133 -0.91 22.90 -39.67
C ALA A 133 -1.34 22.71 -38.17
N ILE A 134 -1.20 23.74 -37.34
CA ILE A 134 -1.62 23.62 -35.97
C ILE A 134 -3.16 23.50 -35.79
N GLN A 135 -3.96 24.23 -36.58
CA GLN A 135 -5.40 24.06 -36.52
C GLN A 135 -5.72 22.59 -36.77
N TYR A 136 -5.06 21.97 -37.75
CA TYR A 136 -5.41 20.56 -38.07
C TYR A 136 -5.02 19.62 -36.92
N LEU A 137 -3.77 19.69 -36.48
CA LEU A 137 -3.38 18.93 -35.28
C LEU A 137 -4.38 19.12 -34.15
N HIS A 138 -4.61 20.36 -33.74
CA HIS A 138 -5.55 20.58 -32.59
C HIS A 138 -6.93 19.97 -32.88
N SER A 139 -7.46 20.16 -34.07
CA SER A 139 -8.80 19.59 -34.32
C SER A 139 -8.87 18.06 -34.25
N ILE A 140 -7.77 17.33 -34.38
CA ILE A 140 -7.83 15.87 -34.28
C ILE A 140 -7.04 15.52 -33.04
N ASN A 141 -7.00 16.49 -32.14
CA ASN A 141 -6.48 16.26 -30.83
C ASN A 141 -5.06 15.82 -30.70
N ILE A 142 -4.20 16.43 -31.49
CA ILE A 142 -2.76 16.18 -31.41
C ILE A 142 -2.10 17.51 -31.09
N ALA A 143 -1.18 17.53 -30.12
CA ALA A 143 -0.33 18.69 -29.87
C ALA A 143 1.01 18.32 -30.47
N HIS A 144 1.68 19.27 -31.13
CA HIS A 144 2.96 19.00 -31.73
C HIS A 144 4.06 19.03 -30.70
N ARG A 145 4.18 20.14 -29.95
CA ARG A 145 5.19 20.32 -28.86
C ARG A 145 6.67 20.59 -29.18
N ASP A 146 6.97 20.98 -30.40
CA ASP A 146 8.34 21.32 -30.75
C ASP A 146 8.26 22.06 -32.05
N VAL A 147 7.26 22.93 -32.17
CA VAL A 147 7.17 23.78 -33.32
C VAL A 147 8.33 24.74 -33.21
N LYS A 148 9.29 24.67 -34.12
CA LYS A 148 10.43 25.58 -34.03
C LYS A 148 10.94 25.86 -35.41
N PRO A 149 11.70 26.95 -35.60
CA PRO A 149 12.21 27.25 -36.94
C PRO A 149 12.68 26.08 -37.82
N GLU A 150 13.42 25.13 -37.26
CA GLU A 150 14.03 24.09 -38.07
C GLU A 150 13.07 22.99 -38.42
N ASN A 151 11.88 23.07 -37.87
CA ASN A 151 10.86 22.11 -38.23
C ASN A 151 9.83 22.65 -39.16
N LEU A 152 10.16 23.74 -39.83
CA LEU A 152 9.29 24.46 -40.71
C LEU A 152 10.01 24.55 -42.06
N LEU A 153 9.62 23.72 -43.03
CA LEU A 153 10.45 23.55 -44.22
C LEU A 153 9.71 23.81 -45.49
N TYR A 154 10.41 24.43 -46.43
CA TYR A 154 9.93 24.70 -47.75
C TYR A 154 10.11 23.48 -48.64
N THR A 155 9.14 23.27 -49.52
CA THR A 155 9.10 22.09 -50.40
C THR A 155 10.18 22.12 -51.47
N SER A 156 10.11 23.09 -52.39
CA SER A 156 11.16 23.30 -53.37
C SER A 156 11.89 24.66 -53.17
N LYS A 157 12.75 25.02 -54.13
CA LYS A 157 13.35 26.37 -54.11
C LYS A 157 12.57 27.30 -55.03
N ARG A 158 11.59 26.75 -55.76
CA ARG A 158 10.59 27.47 -56.54
C ARG A 158 9.84 28.46 -55.63
N PRO A 159 9.72 29.75 -56.04
CA PRO A 159 9.22 30.83 -55.11
C PRO A 159 7.75 30.76 -54.59
N ASN A 160 6.93 29.78 -55.04
CA ASN A 160 5.68 29.41 -54.30
C ASN A 160 5.71 28.05 -53.59
N ALA A 161 6.87 27.64 -53.13
CA ALA A 161 6.98 26.43 -52.39
C ALA A 161 6.00 26.49 -51.20
N ILE A 162 5.31 25.40 -50.96
CA ILE A 162 4.53 25.29 -49.75
C ILE A 162 5.50 25.08 -48.57
N LEU A 163 5.18 25.72 -47.45
CA LEU A 163 5.87 25.54 -46.18
C LEU A 163 5.20 24.47 -45.35
N LYS A 164 5.98 23.58 -44.77
CA LYS A 164 5.45 22.41 -44.12
C LYS A 164 6.10 22.17 -42.79
N LEU A 165 5.27 21.75 -41.84
CA LEU A 165 5.68 21.51 -40.45
C LEU A 165 6.09 20.03 -40.31
N THR A 166 7.17 19.77 -39.57
CA THR A 166 7.61 18.37 -39.43
C THR A 166 7.98 17.98 -38.01
N ASP A 167 8.44 16.74 -37.88
CA ASP A 167 8.97 16.18 -36.65
C ASP A 167 7.99 15.98 -35.51
N PHE A 168 7.40 14.80 -35.47
CA PHE A 168 6.43 14.42 -34.44
C PHE A 168 7.07 13.67 -33.28
N GLY A 169 8.39 13.74 -33.16
CA GLY A 169 9.06 13.23 -31.97
C GLY A 169 8.43 13.57 -30.61
N PHE A 170 7.86 14.75 -30.44
CA PHE A 170 7.21 15.15 -29.17
C PHE A 170 5.69 15.21 -29.10
N ALA A 171 5.03 14.88 -30.19
CA ALA A 171 3.60 14.93 -30.26
C ALA A 171 2.86 13.96 -29.28
N LYS A 172 1.72 14.39 -28.72
CA LYS A 172 0.89 13.58 -27.80
C LYS A 172 -0.55 13.74 -28.22
N GLU A 173 -1.34 12.69 -28.08
CA GLU A 173 -2.78 12.81 -28.17
C GLU A 173 -3.10 13.68 -26.97
N THR A 174 -4.01 14.62 -27.13
CA THR A 174 -4.33 15.52 -26.05
C THR A 174 -5.42 15.03 -25.16
N THR A 175 -5.97 13.83 -25.39
CA THR A 175 -7.16 13.38 -24.65
C THR A 175 -6.91 12.32 -23.59
N PRO A 187 -24.78 16.13 -26.24
CA PRO A 187 -25.66 17.26 -25.95
C PRO A 187 -25.07 18.61 -26.41
N TYR A 188 -25.87 19.28 -27.23
CA TYR A 188 -25.59 20.55 -27.90
C TYR A 188 -25.33 21.71 -26.90
N TYR A 189 -25.37 21.42 -25.60
CA TYR A 189 -25.10 22.44 -24.62
C TYR A 189 -23.90 22.06 -23.70
N VAL A 190 -23.45 20.81 -23.78
CA VAL A 190 -22.26 20.37 -23.06
C VAL A 190 -21.06 21.30 -23.30
N ALA A 191 -20.31 21.58 -22.25
CA ALA A 191 -19.14 22.41 -22.35
C ALA A 191 -17.94 21.56 -22.71
N PRO A 192 -16.91 22.16 -23.32
CA PRO A 192 -15.70 21.45 -23.70
C PRO A 192 -15.08 20.58 -22.60
N GLU A 193 -14.85 21.12 -21.39
CA GLU A 193 -14.32 20.34 -20.24
C GLU A 193 -15.18 19.10 -19.94
N VAL A 194 -16.48 19.18 -20.19
CA VAL A 194 -17.32 18.05 -19.87
C VAL A 194 -17.13 16.94 -20.87
N LEU A 195 -16.63 17.27 -22.06
CA LEU A 195 -16.36 16.22 -23.03
C LEU A 195 -14.97 15.72 -22.75
N GLY A 196 -14.55 15.83 -21.48
CA GLY A 196 -13.30 15.20 -21.02
C GLY A 196 -12.09 16.11 -21.04
N PRO A 197 -11.17 15.90 -20.08
CA PRO A 197 -10.10 16.85 -19.77
C PRO A 197 -9.09 16.92 -20.88
N GLU A 198 -8.81 18.15 -21.30
CA GLU A 198 -7.58 18.50 -21.98
C GLU A 198 -6.62 18.98 -20.86
N LYS A 199 -5.45 18.36 -20.77
CA LYS A 199 -4.31 18.97 -20.05
C LYS A 199 -4.14 20.41 -20.58
N TYR A 200 -2.88 20.87 -20.71
CA TYR A 200 -2.57 22.20 -21.24
C TYR A 200 -1.44 22.11 -22.29
N ASP A 201 -1.16 20.87 -22.73
CA ASP A 201 -0.20 20.57 -23.81
C ASP A 201 -0.54 21.29 -25.11
N LYS A 202 -1.80 21.61 -25.34
CA LYS A 202 -2.18 22.18 -26.62
C LYS A 202 -1.76 23.67 -26.78
N SER A 203 -1.67 24.36 -25.67
CA SER A 203 -1.20 25.72 -25.72
C SER A 203 0.31 25.94 -25.74
N CYS A 204 1.16 24.94 -25.78
CA CYS A 204 2.54 25.38 -26.08
C CYS A 204 2.74 25.56 -27.59
N ASP A 205 1.93 24.86 -28.38
CA ASP A 205 1.96 25.12 -29.78
C ASP A 205 1.71 26.63 -30.01
N MET A 206 0.90 27.25 -29.14
CA MET A 206 0.51 28.66 -29.34
C MET A 206 1.59 29.70 -29.00
N TRP A 207 2.20 29.54 -27.82
CA TRP A 207 3.50 30.11 -27.51
C TRP A 207 4.42 29.97 -28.74
N SER A 208 4.48 28.78 -29.33
CA SER A 208 5.40 28.66 -30.42
C SER A 208 5.04 29.55 -31.60
N LEU A 209 3.79 29.50 -32.06
CA LEU A 209 3.37 30.49 -33.03
C LEU A 209 3.86 31.89 -32.58
N GLY A 210 3.78 32.18 -31.31
CA GLY A 210 4.17 33.49 -30.89
C GLY A 210 5.61 33.73 -31.29
N VAL A 211 6.51 32.83 -30.87
CA VAL A 211 7.95 33.08 -30.98
C VAL A 211 8.34 33.21 -32.44
N ILE A 212 7.86 32.26 -33.26
CA ILE A 212 7.98 32.36 -34.72
C ILE A 212 7.44 33.65 -35.33
N MET A 213 6.22 34.03 -35.01
CA MET A 213 5.66 35.27 -35.52
C MET A 213 6.61 36.45 -35.20
N TYR A 214 7.12 36.50 -33.98
CA TYR A 214 8.01 37.56 -33.55
C TYR A 214 9.22 37.57 -34.42
N ILE A 215 9.83 36.36 -34.60
CA ILE A 215 11.06 36.34 -35.35
C ILE A 215 10.71 36.79 -36.73
N LEU A 216 9.57 36.37 -37.25
CA LEU A 216 9.29 36.71 -38.63
C LEU A 216 9.20 38.21 -38.77
N LEU A 217 8.74 38.87 -37.73
CA LEU A 217 8.57 40.28 -37.91
C LEU A 217 9.85 41.12 -37.82
N CYS A 218 10.94 40.56 -37.28
CA CYS A 218 12.09 41.39 -36.98
C CYS A 218 13.48 40.80 -37.15
N GLY A 219 13.61 39.51 -37.38
CA GLY A 219 14.94 38.92 -37.44
C GLY A 219 15.51 38.28 -36.17
N TYR A 220 14.94 38.55 -34.96
CA TYR A 220 15.45 37.93 -33.70
C TYR A 220 14.34 37.53 -32.72
N PRO A 221 14.62 36.60 -31.78
CA PRO A 221 13.59 36.04 -30.89
C PRO A 221 13.22 37.02 -29.85
N PRO A 222 12.05 36.88 -29.26
CA PRO A 222 11.74 37.77 -28.16
C PRO A 222 12.59 37.55 -26.91
N PHE A 223 13.24 36.39 -26.78
CA PHE A 223 14.02 36.01 -25.58
C PHE A 223 15.34 35.38 -26.05
N TYR A 224 16.47 35.94 -25.59
CA TYR A 224 17.80 35.42 -25.94
C TYR A 224 18.87 35.68 -24.88
N SER A 225 20.12 35.40 -25.23
CA SER A 225 21.19 35.25 -24.24
C SER A 225 21.87 36.50 -23.67
N ASN A 226 22.99 36.94 -24.25
CA ASN A 226 23.98 37.78 -23.49
C ASN A 226 25.15 37.02 -22.81
N HIS A 227 25.16 35.68 -22.93
CA HIS A 227 26.15 34.75 -22.31
C HIS A 227 27.00 35.36 -21.17
N ILE A 231 21.55 36.63 -18.32
CA ILE A 231 21.92 36.34 -19.67
C ILE A 231 21.73 34.88 -20.01
N SER A 232 21.32 34.05 -19.04
CA SER A 232 20.76 32.65 -19.34
C SER A 232 20.17 31.87 -18.12
N PRO A 233 20.81 31.99 -16.96
CA PRO A 233 19.86 32.09 -15.85
C PRO A 233 18.92 33.31 -16.13
N GLY A 234 19.41 34.27 -16.91
CA GLY A 234 18.69 35.51 -17.24
C GLY A 234 17.68 35.34 -18.35
N MET A 235 18.03 34.51 -19.35
CA MET A 235 17.07 34.12 -20.36
C MET A 235 15.89 33.37 -19.72
N LYS A 236 16.16 32.33 -18.94
CA LYS A 236 15.07 31.61 -18.29
C LYS A 236 14.16 32.50 -17.48
N THR A 237 14.69 33.49 -16.77
CA THR A 237 13.88 34.42 -15.99
C THR A 237 13.01 35.20 -16.92
N ARG A 238 13.68 35.92 -17.83
CA ARG A 238 12.98 36.65 -18.88
C ARG A 238 11.83 35.83 -19.52
N ILE A 239 12.05 34.56 -19.85
CA ILE A 239 10.94 33.72 -20.33
C ILE A 239 9.85 33.64 -19.24
N ARG A 240 10.12 33.00 -18.10
CA ARG A 240 9.21 32.92 -16.95
C ARG A 240 8.48 34.24 -16.66
N MET A 241 9.25 35.32 -16.65
CA MET A 241 8.72 36.64 -16.37
C MET A 241 7.93 37.28 -17.56
N GLY A 242 8.11 36.76 -18.76
CA GLY A 242 7.50 37.37 -19.93
C GLY A 242 8.05 38.78 -20.19
N GLN A 243 9.36 39.01 -19.96
CA GLN A 243 10.00 40.27 -20.36
C GLN A 243 10.56 40.23 -21.75
N TYR A 244 9.88 40.88 -22.66
CA TYR A 244 10.44 41.06 -23.95
C TYR A 244 9.92 42.40 -24.36
N GLU A 245 10.35 42.87 -25.51
CA GLU A 245 9.90 44.15 -25.92
C GLU A 245 9.92 44.27 -27.43
N PHE A 246 9.51 45.40 -27.98
CA PHE A 246 9.42 45.56 -29.41
C PHE A 246 10.34 46.68 -29.89
N PRO A 247 11.63 46.51 -29.73
CA PRO A 247 12.52 47.62 -30.03
C PRO A 247 12.43 48.22 -31.43
N ASN A 248 12.45 49.56 -31.53
CA ASN A 248 12.88 50.23 -32.78
C ASN A 248 14.39 49.98 -32.99
N PRO A 249 14.83 49.98 -34.25
CA PRO A 249 14.12 50.28 -35.50
C PRO A 249 13.11 49.20 -35.92
N GLU A 250 13.40 47.92 -35.68
CA GLU A 250 12.68 46.83 -36.33
C GLU A 250 11.16 46.91 -36.15
N TRP A 251 10.70 47.37 -34.99
CA TRP A 251 9.28 47.34 -34.77
C TRP A 251 8.58 48.67 -35.13
N SER A 252 9.35 49.66 -35.55
CA SER A 252 8.83 51.02 -35.88
C SER A 252 7.54 51.09 -36.72
N GLU A 253 7.46 50.26 -37.78
CA GLU A 253 6.31 50.32 -38.64
C GLU A 253 5.37 49.15 -38.40
N VAL A 254 5.49 48.45 -37.27
CA VAL A 254 4.65 47.26 -37.05
C VAL A 254 3.50 47.73 -36.20
N SER A 255 2.28 47.36 -36.60
CA SER A 255 1.08 47.96 -36.08
C SER A 255 0.78 47.44 -34.71
N GLU A 256 0.02 48.20 -33.91
CA GLU A 256 -0.37 47.75 -32.61
C GLU A 256 -1.18 46.45 -32.78
N GLU A 257 -1.98 46.37 -33.84
CA GLU A 257 -2.74 45.14 -34.10
C GLU A 257 -1.84 43.89 -34.05
N VAL A 258 -0.76 43.93 -34.84
CA VAL A 258 0.18 42.83 -34.87
C VAL A 258 0.86 42.59 -33.53
N LYS A 259 1.31 43.67 -32.89
CA LYS A 259 1.95 43.58 -31.61
C LYS A 259 0.97 43.01 -30.60
N MET A 260 -0.29 43.38 -30.75
CA MET A 260 -1.26 42.96 -29.75
C MET A 260 -1.51 41.48 -29.87
N LEU A 261 -1.44 40.93 -31.09
CA LEU A 261 -1.51 39.50 -31.33
C LEU A 261 -0.37 38.70 -30.66
N ILE A 262 0.91 38.99 -30.97
CA ILE A 262 2.06 38.39 -30.31
C ILE A 262 1.93 38.40 -28.78
N ARG A 263 1.50 39.54 -28.21
CA ARG A 263 1.32 39.64 -26.75
C ARG A 263 0.33 38.62 -26.30
N ASN A 264 -0.63 38.27 -27.16
CA ASN A 264 -1.64 37.33 -26.69
C ASN A 264 -1.23 35.91 -26.92
N LEU A 265 -0.10 35.70 -27.60
CA LEU A 265 0.40 34.35 -27.79
C LEU A 265 1.47 34.10 -26.74
N LEU A 266 2.30 35.11 -26.49
CA LEU A 266 3.40 35.04 -25.57
C LEU A 266 2.91 35.25 -24.15
N LYS A 267 1.62 35.19 -23.86
CA LYS A 267 1.24 35.13 -22.46
C LYS A 267 1.92 33.97 -21.71
N THR A 268 2.45 34.19 -20.51
CA THR A 268 3.16 33.14 -19.75
C THR A 268 2.25 32.12 -19.14
N GLU A 269 1.05 32.50 -18.77
CA GLU A 269 0.06 31.60 -18.17
C GLU A 269 -0.64 30.80 -19.29
N PRO A 270 -0.33 29.49 -19.49
CA PRO A 270 -0.90 28.90 -20.71
C PRO A 270 -2.41 29.03 -20.84
N THR A 271 -3.20 29.02 -19.77
CA THR A 271 -4.62 29.17 -20.00
C THR A 271 -5.03 30.60 -20.35
N GLN A 272 -4.09 31.49 -20.56
CA GLN A 272 -4.39 32.83 -21.05
C GLN A 272 -4.13 33.00 -22.57
N ARG A 273 -3.44 32.05 -23.24
CA ARG A 273 -3.01 32.34 -24.62
C ARG A 273 -4.21 32.20 -25.56
N MET A 274 -4.17 32.69 -26.81
CA MET A 274 -5.30 32.32 -27.67
C MET A 274 -5.25 30.88 -28.22
N THR A 275 -6.43 30.32 -28.43
CA THR A 275 -6.53 29.10 -29.11
C THR A 275 -6.23 29.31 -30.63
N ILE A 276 -5.97 28.24 -31.42
CA ILE A 276 -5.76 28.45 -32.88
C ILE A 276 -7.03 28.92 -33.47
N THR A 277 -8.17 28.32 -33.12
CA THR A 277 -9.41 28.84 -33.69
C THR A 277 -9.44 30.37 -33.53
N GLU A 278 -9.09 30.88 -32.33
CA GLU A 278 -9.07 32.32 -32.23
C GLU A 278 -7.97 32.89 -33.11
N PHE A 279 -6.77 32.28 -33.15
CA PHE A 279 -5.67 32.76 -34.04
C PHE A 279 -6.11 32.88 -35.48
N MET A 280 -6.69 31.82 -35.99
CA MET A 280 -7.06 31.66 -37.37
C MET A 280 -8.18 32.58 -37.81
N ASN A 281 -8.96 33.09 -36.84
CA ASN A 281 -10.02 34.04 -37.08
C ASN A 281 -9.56 35.47 -36.97
N HIS A 282 -8.33 35.70 -36.55
CA HIS A 282 -7.83 37.06 -36.42
C HIS A 282 -7.70 37.74 -37.79
N PRO A 283 -8.25 38.93 -37.92
CA PRO A 283 -8.30 39.53 -39.24
C PRO A 283 -6.95 39.57 -39.95
N TRP A 284 -5.85 39.46 -39.20
CA TRP A 284 -4.52 39.63 -39.78
C TRP A 284 -4.03 38.31 -40.42
N ILE A 285 -4.67 37.20 -40.08
CA ILE A 285 -4.27 35.92 -40.58
C ILE A 285 -5.30 35.56 -41.58
N MET A 286 -6.55 35.85 -41.25
CA MET A 286 -7.68 35.47 -42.10
C MET A 286 -7.64 36.17 -43.40
N GLN A 287 -7.23 37.43 -43.40
CA GLN A 287 -7.12 38.17 -44.65
C GLN A 287 -5.69 38.61 -44.75
N SER A 288 -4.83 37.60 -44.73
CA SER A 288 -3.39 37.79 -44.78
C SER A 288 -3.03 38.54 -46.04
N THR A 289 -3.63 38.17 -47.17
CA THR A 289 -3.45 38.90 -48.43
C THR A 289 -3.98 40.33 -48.46
N LYS A 290 -4.58 40.83 -47.38
CA LYS A 290 -4.90 42.24 -47.37
C LYS A 290 -4.01 43.05 -46.44
N VAL A 291 -2.96 42.44 -45.87
CA VAL A 291 -2.12 43.23 -44.94
C VAL A 291 -1.15 44.09 -45.72
N PRO A 292 -0.85 45.27 -45.20
CA PRO A 292 0.08 46.13 -45.83
C PRO A 292 1.42 45.43 -46.09
N GLN A 293 2.04 45.76 -47.20
CA GLN A 293 3.31 45.20 -47.60
C GLN A 293 4.45 46.00 -46.95
N THR A 294 4.45 46.16 -45.65
CA THR A 294 5.40 47.09 -45.10
C THR A 294 6.76 46.43 -45.01
N PRO A 295 7.80 47.12 -45.50
CA PRO A 295 9.13 46.54 -45.58
C PRO A 295 9.66 46.26 -44.20
N LEU A 296 10.25 45.09 -44.00
CA LEU A 296 10.75 44.73 -42.71
C LEU A 296 12.27 44.51 -42.72
N HIS A 297 12.88 44.55 -41.54
CA HIS A 297 14.31 44.25 -41.40
C HIS A 297 14.61 42.72 -41.46
N THR A 298 13.61 41.89 -41.31
CA THR A 298 13.86 40.46 -41.14
C THR A 298 15.05 39.86 -41.89
N SER A 299 15.09 40.09 -43.18
CA SER A 299 16.12 39.52 -43.97
C SER A 299 17.51 40.14 -43.69
N ARG A 300 17.66 41.48 -43.61
CA ARG A 300 18.97 42.02 -43.19
C ARG A 300 19.43 41.56 -41.80
N VAL A 301 18.51 41.54 -40.81
CA VAL A 301 18.86 41.15 -39.45
C VAL A 301 19.31 39.70 -39.50
N LEU A 302 18.50 38.87 -40.15
CA LEU A 302 18.94 37.56 -40.53
C LEU A 302 20.32 37.47 -41.29
N LYS A 303 20.77 38.28 -42.26
CA LYS A 303 22.20 38.00 -42.63
C LYS A 303 23.20 38.31 -41.52
N GLU A 304 22.95 39.35 -40.74
CA GLU A 304 23.94 39.88 -39.79
C GLU A 304 24.05 39.05 -38.52
N ASP A 305 23.00 38.31 -38.24
CA ASP A 305 22.84 37.75 -36.91
C ASP A 305 23.08 36.27 -36.97
N LYS A 306 23.59 35.82 -38.12
CA LYS A 306 23.89 34.42 -38.37
C LYS A 306 24.72 33.85 -37.21
N GLU A 307 25.67 34.66 -36.74
CA GLU A 307 26.65 34.30 -35.70
C GLU A 307 26.04 34.00 -34.33
N PRO B 4 27.50 4.17 -49.78
CA PRO B 4 27.27 4.53 -48.39
C PRO B 4 26.91 3.36 -47.44
N GLN B 5 26.67 2.16 -47.99
CA GLN B 5 26.82 0.89 -47.24
C GLN B 5 25.82 0.69 -46.06
N PHE B 6 24.62 0.16 -46.40
CA PHE B 6 23.48 0.08 -45.47
C PHE B 6 22.84 -1.32 -45.32
N HIS B 7 22.93 -1.91 -44.12
CA HIS B 7 22.74 -3.38 -43.99
C HIS B 7 21.35 -4.02 -44.03
N VAL B 8 20.52 -3.78 -43.03
CA VAL B 8 19.05 -3.97 -43.18
C VAL B 8 18.47 -5.25 -43.78
N LYS B 9 17.86 -6.06 -42.93
CA LYS B 9 17.09 -7.19 -43.40
C LYS B 9 15.60 -6.90 -43.17
N SER B 10 14.72 -7.65 -43.79
CA SER B 10 13.31 -7.35 -43.71
C SER B 10 12.67 -7.81 -42.44
N GLY B 11 11.49 -7.30 -42.15
CA GLY B 11 10.73 -7.66 -40.97
C GLY B 11 9.79 -8.80 -41.24
N LEU B 12 9.02 -9.17 -40.23
CA LEU B 12 8.29 -10.41 -40.28
C LEU B 12 6.91 -10.10 -40.77
N GLN B 13 6.41 -10.79 -41.79
CA GLN B 13 5.03 -10.62 -42.20
C GLN B 13 4.28 -11.88 -41.85
N ILE B 14 3.13 -11.73 -41.20
CA ILE B 14 2.39 -12.85 -40.66
C ILE B 14 1.22 -13.15 -41.61
N LYS B 15 1.42 -14.12 -42.49
CA LYS B 15 0.38 -14.62 -43.34
C LYS B 15 -0.89 -14.95 -42.54
N LYS B 16 -2.05 -14.75 -43.17
CA LYS B 16 -3.35 -14.95 -42.54
C LYS B 16 -4.24 -15.92 -43.33
N ASN B 17 -3.86 -16.25 -44.55
CA ASN B 17 -4.50 -17.35 -45.18
C ASN B 17 -4.35 -18.71 -44.41
N ALA B 18 -5.28 -19.61 -44.65
CA ALA B 18 -5.18 -20.92 -44.04
C ALA B 18 -3.87 -21.55 -44.55
N ILE B 19 -3.06 -22.05 -43.62
CA ILE B 19 -1.82 -22.67 -44.00
C ILE B 19 -2.09 -23.79 -45.02
N ILE B 20 -3.16 -24.55 -44.81
CA ILE B 20 -3.42 -25.66 -45.76
C ILE B 20 -3.58 -25.18 -47.20
N ASP B 21 -3.81 -23.87 -47.41
CA ASP B 21 -3.77 -23.30 -48.78
C ASP B 21 -2.42 -23.54 -49.38
N ASP B 22 -1.37 -23.53 -48.56
CA ASP B 22 -0.05 -23.59 -49.12
C ASP B 22 0.66 -24.91 -48.86
N TYR B 23 0.24 -25.65 -47.83
CA TYR B 23 0.99 -26.80 -47.37
C TYR B 23 0.07 -27.94 -47.08
N LYS B 24 0.51 -29.15 -47.44
CA LYS B 24 -0.12 -30.35 -46.99
C LYS B 24 0.42 -30.58 -45.62
N VAL B 25 -0.46 -30.69 -44.64
CA VAL B 25 -0.03 -31.00 -43.28
C VAL B 25 -0.16 -32.50 -42.98
N THR B 26 0.99 -33.16 -42.95
CA THR B 26 1.18 -34.58 -42.60
C THR B 26 1.00 -34.79 -41.10
N SER B 27 1.21 -36.04 -40.68
CA SER B 27 1.13 -36.40 -39.27
C SER B 27 2.44 -36.96 -38.71
N GLN B 28 3.42 -37.24 -39.56
CA GLN B 28 4.72 -37.62 -39.04
C GLN B 28 5.10 -36.52 -38.04
N VAL B 29 5.26 -36.89 -36.77
CA VAL B 29 5.89 -36.01 -35.76
C VAL B 29 7.42 -36.07 -35.97
N LEU B 30 8.11 -34.94 -36.01
CA LEU B 30 9.58 -34.97 -36.08
C LEU B 30 10.17 -34.66 -34.71
N GLY B 31 9.51 -33.73 -34.01
CA GLY B 31 9.91 -33.26 -32.70
C GLY B 31 8.70 -33.11 -31.79
N LEU B 32 8.34 -34.21 -31.12
CA LEU B 32 7.25 -34.20 -30.14
C LEU B 32 7.55 -33.25 -28.95
N GLY B 33 8.63 -32.47 -29.03
CA GLY B 33 9.08 -31.59 -27.94
C GLY B 33 7.99 -30.81 -27.20
N ILE B 34 8.29 -30.37 -25.97
CA ILE B 34 7.31 -29.60 -25.14
C ILE B 34 6.85 -28.23 -25.79
N ASN B 35 5.72 -27.70 -25.28
CA ASN B 35 5.08 -26.43 -25.75
C ASN B 35 4.38 -26.49 -27.14
N GLY B 36 4.40 -27.70 -27.75
CA GLY B 36 3.97 -27.94 -29.16
C GLY B 36 4.81 -28.97 -29.92
N LYS B 37 4.14 -29.97 -30.49
CA LYS B 37 4.78 -30.98 -31.38
C LYS B 37 5.21 -30.35 -32.72
N VAL B 38 6.22 -30.95 -33.36
CA VAL B 38 6.63 -30.46 -34.65
C VAL B 38 6.26 -31.48 -35.72
N LEU B 39 5.59 -31.01 -36.76
CA LEU B 39 5.01 -31.93 -37.72
C LEU B 39 5.65 -31.79 -39.07
N GLN B 40 5.72 -32.88 -39.80
CA GLN B 40 6.26 -32.80 -41.12
C GLN B 40 5.21 -32.28 -42.08
N ILE B 41 5.49 -31.23 -42.83
CA ILE B 41 4.52 -30.77 -43.84
C ILE B 41 5.19 -30.72 -45.19
N PHE B 42 4.39 -30.63 -46.26
CA PHE B 42 4.94 -30.45 -47.61
C PHE B 42 4.40 -29.21 -48.25
N ASN B 43 5.25 -28.40 -48.86
CA ASN B 43 4.81 -27.28 -49.69
C ASN B 43 4.02 -27.86 -50.86
N LYS B 44 2.84 -27.31 -51.15
CA LYS B 44 2.06 -27.85 -52.29
C LYS B 44 2.60 -27.48 -53.70
N ARG B 45 3.18 -26.28 -53.86
CA ARG B 45 3.73 -25.84 -55.13
C ARG B 45 5.02 -26.59 -55.51
N THR B 46 6.08 -26.40 -54.71
CA THR B 46 7.40 -27.03 -54.93
C THR B 46 7.49 -28.43 -54.38
N GLN B 47 6.64 -28.78 -53.42
CA GLN B 47 6.55 -30.17 -52.91
C GLN B 47 7.72 -30.59 -51.98
N GLU B 48 8.51 -29.59 -51.57
CA GLU B 48 9.63 -29.76 -50.69
C GLU B 48 9.18 -29.91 -49.25
N LYS B 49 9.95 -30.64 -48.45
CA LYS B 49 9.60 -30.85 -47.05
C LYS B 49 9.82 -29.61 -46.19
N PHE B 50 8.98 -29.42 -45.17
CA PHE B 50 9.18 -28.39 -44.17
C PHE B 50 8.72 -28.87 -42.82
N ALA B 51 8.90 -28.05 -41.79
CA ALA B 51 8.54 -28.44 -40.43
C ALA B 51 7.56 -27.45 -39.86
N LEU B 52 6.60 -27.93 -39.05
CA LEU B 52 5.58 -27.06 -38.50
C LEU B 52 5.51 -27.14 -36.98
N LYS B 53 5.58 -26.01 -36.30
CA LYS B 53 5.30 -25.91 -34.88
C LYS B 53 4.02 -25.10 -34.74
N MET B 54 3.09 -25.55 -33.89
CA MET B 54 1.82 -24.90 -33.69
C MET B 54 1.63 -24.37 -32.29
N LEU B 55 1.63 -23.07 -32.09
CA LEU B 55 1.42 -22.55 -30.77
C LEU B 55 0.08 -21.85 -30.72
N GLN B 56 -0.55 -21.82 -29.55
CA GLN B 56 -1.69 -20.96 -29.32
C GLN B 56 -1.16 -19.57 -29.11
N ASP B 57 -1.85 -18.57 -29.69
CA ASP B 57 -1.62 -17.13 -29.48
C ASP B 57 -1.49 -16.66 -28.02
N CYS B 58 -0.49 -15.86 -27.74
CA CYS B 58 -0.33 -15.17 -26.46
C CYS B 58 0.96 -14.42 -26.42
N PRO B 59 1.09 -13.47 -25.46
CA PRO B 59 2.40 -12.90 -25.09
C PRO B 59 3.59 -13.89 -25.30
N LYS B 60 3.66 -15.01 -24.59
CA LYS B 60 4.74 -15.94 -24.82
C LYS B 60 4.90 -16.29 -26.32
N ALA B 61 3.86 -16.83 -26.98
CA ALA B 61 4.02 -17.27 -28.38
C ALA B 61 4.49 -16.14 -29.30
N ARG B 62 4.01 -14.91 -29.08
CA ARG B 62 4.38 -13.79 -29.95
C ARG B 62 5.86 -13.55 -29.75
N ARG B 63 6.29 -13.85 -28.54
CA ARG B 63 7.66 -13.65 -28.18
C ARG B 63 8.56 -14.71 -28.80
N GLU B 64 8.06 -15.95 -28.90
CA GLU B 64 8.90 -17.01 -29.40
C GLU B 64 9.19 -16.67 -30.85
N VAL B 65 8.15 -16.22 -31.50
CA VAL B 65 8.11 -16.00 -32.90
C VAL B 65 9.07 -14.86 -33.21
N GLU B 66 9.07 -13.83 -32.38
CA GLU B 66 9.85 -12.68 -32.71
C GLU B 66 11.33 -13.05 -32.53
N LEU B 67 11.63 -13.72 -31.43
CA LEU B 67 12.99 -14.07 -31.11
C LEU B 67 13.50 -15.03 -32.12
N HIS B 68 12.78 -16.13 -32.38
CA HIS B 68 13.20 -17.06 -33.41
C HIS B 68 13.38 -16.35 -34.74
N TRP B 69 12.40 -15.55 -35.19
CA TRP B 69 12.61 -14.81 -36.41
C TRP B 69 13.88 -14.02 -36.35
N ARG B 70 14.12 -13.24 -35.30
CA ARG B 70 15.35 -12.43 -35.32
C ARG B 70 16.56 -13.36 -35.46
N ALA B 71 16.62 -14.42 -34.63
CA ALA B 71 17.71 -15.42 -34.63
C ALA B 71 17.95 -16.11 -35.96
N SER B 72 16.92 -16.09 -36.78
CA SER B 72 16.86 -16.94 -37.92
C SER B 72 17.86 -16.45 -38.98
N GLN B 73 18.51 -15.33 -38.68
CA GLN B 73 19.57 -14.75 -39.48
C GLN B 73 20.84 -15.64 -39.50
N CYS B 74 21.09 -16.36 -38.41
CA CYS B 74 22.31 -17.06 -38.19
C CYS B 74 22.36 -18.27 -39.11
N PRO B 75 23.52 -18.62 -39.67
CA PRO B 75 23.40 -19.93 -40.32
C PRO B 75 23.30 -21.19 -39.40
N HIS B 76 23.61 -21.09 -38.10
CA HIS B 76 23.53 -22.29 -37.24
C HIS B 76 22.28 -22.32 -36.40
N ILE B 77 21.34 -21.48 -36.76
CA ILE B 77 20.00 -21.53 -36.20
C ILE B 77 18.99 -21.96 -37.24
N VAL B 78 18.06 -22.84 -36.89
CA VAL B 78 17.08 -23.35 -37.90
C VAL B 78 16.19 -22.20 -38.29
N ARG B 79 16.03 -22.01 -39.59
CA ARG B 79 15.46 -20.81 -40.18
C ARG B 79 13.94 -20.87 -40.06
N ILE B 80 13.30 -19.72 -39.86
CA ILE B 80 11.86 -19.63 -39.99
C ILE B 80 11.52 -19.28 -41.46
N VAL B 81 10.73 -20.10 -42.13
CA VAL B 81 10.41 -19.82 -43.53
C VAL B 81 9.20 -18.88 -43.66
N ASP B 82 8.14 -19.15 -42.88
CA ASP B 82 6.96 -18.30 -42.83
C ASP B 82 6.24 -18.47 -41.48
N VAL B 83 5.39 -17.52 -41.10
CA VAL B 83 4.50 -17.72 -39.96
C VAL B 83 3.05 -17.39 -40.28
N TYR B 84 2.12 -18.19 -39.81
CA TYR B 84 0.73 -17.96 -40.15
C TYR B 84 0.02 -17.71 -38.88
N GLU B 85 -0.96 -16.80 -38.93
CA GLU B 85 -1.98 -16.60 -37.89
C GLU B 85 -3.28 -17.18 -38.40
N ASN B 86 -3.74 -18.26 -37.81
CA ASN B 86 -4.89 -19.02 -38.31
C ASN B 86 -5.81 -19.41 -37.13
N LEU B 87 -7.02 -19.84 -37.48
CA LEU B 87 -8.03 -20.20 -36.55
C LEU B 87 -8.04 -21.66 -36.57
N TYR B 88 -7.89 -22.26 -35.42
CA TYR B 88 -7.92 -23.72 -35.44
C TYR B 88 -8.55 -24.20 -34.17
N ALA B 89 -9.60 -25.01 -34.32
CA ALA B 89 -10.39 -25.48 -33.19
C ALA B 89 -10.86 -24.29 -32.37
N GLY B 90 -11.57 -23.38 -33.01
CA GLY B 90 -12.07 -22.18 -32.36
C GLY B 90 -11.05 -21.26 -31.70
N ARG B 91 -9.85 -21.79 -31.46
CA ARG B 91 -8.78 -21.06 -30.79
C ARG B 91 -7.90 -20.41 -31.89
N LYS B 92 -7.46 -19.17 -31.65
CA LYS B 92 -6.53 -18.43 -32.54
C LYS B 92 -5.06 -18.91 -32.49
N CYS B 93 -4.44 -19.22 -33.64
CA CYS B 93 -3.12 -19.89 -33.59
C CYS B 93 -1.99 -19.34 -34.43
N LEU B 94 -0.78 -19.51 -33.89
CA LEU B 94 0.45 -19.20 -34.60
C LEU B 94 1.09 -20.48 -35.12
N LEU B 95 1.34 -20.59 -36.40
CA LEU B 95 2.03 -21.75 -36.86
C LEU B 95 3.29 -21.29 -37.53
N ILE B 96 4.40 -21.65 -36.90
CA ILE B 96 5.72 -21.34 -37.42
C ILE B 96 6.12 -22.44 -38.41
N VAL B 97 6.48 -22.03 -39.62
CA VAL B 97 6.96 -23.00 -40.60
C VAL B 97 8.49 -22.85 -40.66
N MET B 98 9.21 -23.90 -40.25
CA MET B 98 10.69 -23.96 -40.25
C MET B 98 11.28 -24.81 -41.34
N GLU B 99 12.54 -24.60 -41.61
CA GLU B 99 13.20 -25.57 -42.48
C GLU B 99 13.13 -26.97 -41.90
N CYS B 100 13.11 -27.97 -42.75
CA CYS B 100 13.08 -29.32 -42.24
C CYS B 100 14.50 -29.91 -42.11
N LEU B 101 14.86 -30.40 -40.93
CA LEU B 101 16.22 -30.84 -40.67
C LEU B 101 16.17 -32.34 -40.42
N ASP B 102 16.46 -33.13 -41.43
CA ASP B 102 16.36 -34.60 -41.29
C ASP B 102 17.67 -35.34 -40.86
N GLY B 103 18.69 -34.65 -40.40
CA GLY B 103 19.91 -35.36 -39.99
C GLY B 103 19.91 -36.07 -38.63
N GLY B 104 18.84 -35.96 -37.86
CA GLY B 104 18.90 -36.48 -36.52
C GLY B 104 19.68 -35.52 -35.66
N GLU B 105 19.55 -35.75 -34.36
CA GLU B 105 20.14 -34.88 -33.34
C GLU B 105 21.66 -35.20 -33.18
N LEU B 106 22.41 -34.23 -32.63
CA LEU B 106 23.88 -34.26 -32.61
C LEU B 106 24.38 -35.62 -32.17
N PHE B 107 23.98 -36.01 -30.97
CA PHE B 107 24.40 -37.28 -30.44
C PHE B 107 23.82 -38.52 -31.09
N SER B 108 22.69 -38.49 -31.80
CA SER B 108 22.19 -39.69 -32.51
C SER B 108 23.25 -40.02 -33.53
N ARG B 109 23.65 -38.98 -34.22
CA ARG B 109 24.59 -39.05 -35.30
C ARG B 109 25.91 -39.56 -34.78
N ILE B 110 26.48 -38.93 -33.74
CA ILE B 110 27.77 -39.38 -33.21
C ILE B 110 27.73 -40.87 -32.95
N GLN B 111 26.57 -41.39 -32.52
CA GLN B 111 26.47 -42.83 -32.23
C GLN B 111 26.13 -43.75 -33.42
N ASP B 112 25.80 -43.19 -34.57
CA ASP B 112 25.61 -43.99 -35.75
C ASP B 112 26.88 -44.79 -35.98
N ARG B 113 28.02 -44.09 -36.06
CA ARG B 113 29.16 -44.61 -36.79
C ARG B 113 29.68 -45.93 -36.28
N GLY B 114 30.47 -46.59 -37.10
CA GLY B 114 30.95 -47.93 -36.81
C GLY B 114 32.21 -47.88 -36.00
N ASP B 115 33.22 -48.54 -36.50
CA ASP B 115 34.45 -48.79 -35.77
C ASP B 115 35.37 -47.61 -35.93
N GLN B 116 34.84 -46.56 -36.54
CA GLN B 116 35.64 -45.42 -36.99
C GLN B 116 35.74 -44.40 -35.85
N ALA B 117 36.84 -43.68 -35.75
CA ALA B 117 37.10 -42.72 -34.64
C ALA B 117 36.14 -41.53 -34.47
N PHE B 118 35.98 -41.06 -33.25
CA PHE B 118 35.40 -39.75 -33.05
C PHE B 118 36.50 -39.00 -32.39
N THR B 119 37.18 -38.07 -33.06
CA THR B 119 38.36 -37.51 -32.46
C THR B 119 38.15 -36.15 -31.84
N GLU B 120 39.07 -35.74 -30.96
CA GLU B 120 38.98 -34.49 -30.24
C GLU B 120 38.82 -33.26 -31.17
N ARG B 121 39.54 -33.24 -32.30
CA ARG B 121 39.39 -32.21 -33.31
C ARG B 121 37.93 -32.14 -33.71
N GLU B 122 37.41 -33.28 -34.16
CA GLU B 122 36.02 -33.28 -34.54
C GLU B 122 35.21 -32.56 -33.45
N ALA B 123 35.45 -32.94 -32.18
CA ALA B 123 34.69 -32.38 -31.08
C ALA B 123 34.87 -30.88 -31.07
N SER B 124 36.10 -30.40 -31.26
CA SER B 124 36.32 -28.97 -31.28
C SER B 124 35.41 -28.29 -32.31
N GLU B 125 35.24 -28.94 -33.46
CA GLU B 125 34.63 -28.26 -34.59
C GLU B 125 33.15 -28.20 -34.37
N ILE B 126 32.62 -29.29 -33.81
CA ILE B 126 31.24 -29.33 -33.41
C ILE B 126 31.01 -28.20 -32.43
N MET B 127 31.89 -28.09 -31.44
CA MET B 127 31.71 -27.12 -30.36
C MET B 127 31.74 -25.73 -30.90
N LYS B 128 32.52 -25.57 -31.99
CA LYS B 128 32.57 -24.27 -32.63
C LYS B 128 31.25 -23.96 -33.32
N SER B 129 30.63 -24.90 -33.99
CA SER B 129 29.37 -24.50 -34.58
C SER B 129 28.27 -24.15 -33.59
N ILE B 130 28.09 -24.96 -32.55
CA ILE B 130 27.10 -24.59 -31.56
C ILE B 130 27.51 -23.24 -31.07
N GLY B 131 28.78 -23.08 -30.78
CA GLY B 131 29.28 -21.78 -30.38
C GLY B 131 28.82 -20.68 -31.30
N GLU B 132 28.87 -20.93 -32.59
CA GLU B 132 28.56 -19.92 -33.57
C GLU B 132 27.11 -19.49 -33.33
N ALA B 133 26.27 -20.45 -33.01
CA ALA B 133 24.88 -20.16 -32.67
C ALA B 133 24.76 -19.24 -31.40
N ILE B 134 25.35 -19.66 -30.28
CA ILE B 134 25.19 -18.87 -29.10
C ILE B 134 25.81 -17.49 -29.24
N GLN B 135 26.88 -17.37 -30.03
CA GLN B 135 27.48 -16.05 -30.21
C GLN B 135 26.44 -15.17 -30.87
N TYR B 136 25.83 -15.68 -31.91
CA TYR B 136 24.96 -14.79 -32.61
C TYR B 136 23.84 -14.37 -31.67
N LEU B 137 23.16 -15.35 -31.08
CA LEU B 137 22.10 -15.00 -30.17
C LEU B 137 22.63 -13.95 -29.18
N HIS B 138 23.76 -14.22 -28.51
CA HIS B 138 24.14 -13.25 -27.47
C HIS B 138 24.52 -11.91 -28.10
N SER B 139 24.93 -11.87 -29.35
CA SER B 139 25.21 -10.52 -29.84
C SER B 139 23.94 -9.71 -30.17
N ILE B 140 22.75 -10.32 -30.12
CA ILE B 140 21.51 -9.54 -30.36
C ILE B 140 20.61 -9.41 -29.12
N ASN B 141 21.17 -9.87 -28.02
CA ASN B 141 20.51 -9.89 -26.74
C ASN B 141 19.51 -10.93 -26.50
N ILE B 142 19.68 -12.06 -27.15
CA ILE B 142 18.87 -13.20 -26.77
C ILE B 142 19.70 -14.25 -26.00
N ALA B 143 19.06 -14.87 -25.01
CA ALA B 143 19.54 -16.03 -24.28
C ALA B 143 18.62 -17.11 -24.68
N HIS B 144 19.13 -18.29 -24.99
CA HIS B 144 18.28 -19.34 -25.53
C HIS B 144 17.64 -20.05 -24.34
N ARG B 145 18.44 -20.22 -23.32
CA ARG B 145 17.99 -20.85 -22.09
C ARG B 145 17.57 -22.30 -22.11
N ASP B 146 17.66 -23.01 -23.24
CA ASP B 146 17.35 -24.46 -23.24
C ASP B 146 18.21 -25.23 -24.22
N VAL B 147 19.53 -25.11 -24.04
CA VAL B 147 20.46 -25.56 -25.05
C VAL B 147 20.84 -26.89 -24.55
N LYS B 148 20.30 -27.91 -25.18
CA LYS B 148 20.46 -29.27 -24.72
C LYS B 148 20.60 -30.09 -25.97
N PRO B 149 21.28 -31.24 -25.89
CA PRO B 149 21.56 -32.14 -27.01
C PRO B 149 20.39 -32.42 -27.95
N GLU B 150 19.18 -32.50 -27.40
CA GLU B 150 18.01 -32.83 -28.18
C GLU B 150 17.63 -31.65 -29.05
N ASN B 151 18.28 -30.51 -28.87
CA ASN B 151 17.94 -29.32 -29.60
C ASN B 151 18.98 -28.90 -30.61
N LEU B 152 20.03 -29.70 -30.73
CA LEU B 152 21.02 -29.49 -31.76
C LEU B 152 20.78 -30.55 -32.87
N LEU B 153 20.43 -30.05 -34.05
CA LEU B 153 20.02 -30.89 -35.14
C LEU B 153 20.88 -30.71 -36.37
N TYR B 154 20.97 -31.80 -37.13
CA TYR B 154 21.72 -31.82 -38.36
C TYR B 154 20.76 -31.61 -39.50
N THR B 155 21.15 -30.79 -40.47
CA THR B 155 20.26 -30.56 -41.65
C THR B 155 19.90 -31.82 -42.46
N SER B 156 20.77 -32.83 -42.45
CA SER B 156 20.56 -34.07 -43.23
C SER B 156 21.64 -35.07 -42.97
N LYS B 157 21.47 -36.24 -43.56
CA LYS B 157 22.49 -37.27 -43.44
C LYS B 157 23.69 -37.06 -44.37
N ARG B 158 23.57 -36.19 -45.36
CA ARG B 158 24.64 -35.81 -46.29
C ARG B 158 25.96 -35.32 -45.62
N PRO B 159 27.13 -35.60 -46.24
CA PRO B 159 28.35 -35.51 -45.46
C PRO B 159 28.81 -34.08 -45.19
N ASN B 160 28.19 -33.08 -45.81
CA ASN B 160 28.43 -31.71 -45.31
C ASN B 160 27.20 -30.99 -44.74
N ALA B 161 26.39 -31.77 -44.01
CA ALA B 161 25.30 -31.26 -43.25
C ALA B 161 25.81 -30.30 -42.18
N ILE B 162 24.97 -29.36 -41.79
CA ILE B 162 25.30 -28.35 -40.84
C ILE B 162 24.51 -28.63 -39.59
N LEU B 163 25.07 -28.24 -38.46
CA LEU B 163 24.42 -28.41 -37.18
C LEU B 163 23.74 -27.14 -36.85
N LYS B 164 22.50 -27.22 -36.41
CA LYS B 164 21.72 -26.04 -36.15
C LYS B 164 21.00 -26.15 -34.81
N LEU B 165 20.87 -24.99 -34.14
CA LEU B 165 20.15 -24.91 -32.87
C LEU B 165 18.68 -24.64 -33.10
N THR B 166 17.81 -25.27 -32.31
CA THR B 166 16.35 -25.06 -32.45
C THR B 166 15.58 -24.82 -31.14
N ASP B 167 14.29 -24.55 -31.24
CA ASP B 167 13.40 -24.35 -30.09
C ASP B 167 13.61 -23.11 -29.27
N PHE B 168 12.93 -22.03 -29.64
CA PHE B 168 13.03 -20.76 -28.91
C PHE B 168 11.95 -20.56 -27.87
N GLY B 169 11.41 -21.68 -27.40
CA GLY B 169 10.45 -21.70 -26.33
C GLY B 169 10.85 -21.18 -24.97
N PHE B 170 12.13 -21.00 -24.67
CA PHE B 170 12.52 -20.48 -23.35
C PHE B 170 13.36 -19.22 -23.53
N ALA B 171 13.47 -18.75 -24.77
CA ALA B 171 14.39 -17.69 -25.13
C ALA B 171 13.87 -16.41 -24.59
N LYS B 172 14.76 -15.51 -24.22
CA LYS B 172 14.37 -14.28 -23.53
C LYS B 172 15.26 -13.17 -23.93
N GLU B 173 14.72 -11.98 -24.01
CA GLU B 173 15.49 -10.87 -24.47
C GLU B 173 16.14 -10.28 -23.23
N THR B 174 17.28 -9.59 -23.37
CA THR B 174 17.78 -8.72 -22.25
C THR B 174 17.85 -7.24 -22.62
N THR B 175 17.00 -6.40 -22.04
CA THR B 175 16.69 -5.13 -22.70
C THR B 175 15.38 -4.50 -22.11
N PRO B 187 28.78 6.86 -24.97
CA PRO B 187 30.11 7.17 -25.52
C PRO B 187 31.11 5.95 -25.53
N TYR B 188 32.27 6.13 -26.16
CA TYR B 188 33.19 5.03 -26.46
C TYR B 188 33.87 4.34 -25.26
N TYR B 189 33.89 4.99 -24.09
CA TYR B 189 34.64 4.51 -22.93
C TYR B 189 33.72 4.01 -21.79
N VAL B 190 32.41 4.02 -22.03
CA VAL B 190 31.47 3.56 -21.01
C VAL B 190 31.44 2.03 -20.86
N ALA B 191 31.33 1.56 -19.63
CA ALA B 191 31.42 0.13 -19.36
C ALA B 191 30.14 -0.54 -19.72
N PRO B 192 30.20 -1.85 -19.96
CA PRO B 192 29.04 -2.63 -20.37
C PRO B 192 27.83 -2.48 -19.47
N GLU B 193 28.02 -2.49 -18.14
CA GLU B 193 26.91 -2.38 -17.17
C GLU B 193 26.11 -1.10 -17.43
N VAL B 194 26.85 0.00 -17.57
CA VAL B 194 26.30 1.34 -17.66
C VAL B 194 25.35 1.50 -18.84
N LEU B 195 25.54 0.72 -19.90
CA LEU B 195 24.52 0.65 -20.93
C LEU B 195 23.58 -0.45 -20.48
N GLY B 196 22.93 -0.26 -19.33
CA GLY B 196 21.83 -1.12 -18.90
C GLY B 196 22.07 -2.51 -18.33
N PRO B 197 21.69 -2.71 -17.05
CA PRO B 197 21.50 -4.00 -16.39
C PRO B 197 21.18 -5.15 -17.34
N GLU B 198 22.08 -6.13 -17.37
CA GLU B 198 21.85 -7.42 -18.02
C GLU B 198 22.04 -8.48 -16.91
N LYS B 199 20.99 -9.22 -16.58
CA LYS B 199 21.10 -10.29 -15.56
C LYS B 199 21.92 -11.50 -16.06
N TYR B 200 21.57 -12.68 -15.57
CA TYR B 200 22.43 -13.85 -15.70
C TYR B 200 21.85 -14.91 -16.66
N ASP B 201 21.05 -14.45 -17.62
CA ASP B 201 20.27 -15.38 -18.42
C ASP B 201 21.25 -15.92 -19.46
N LYS B 202 22.13 -15.00 -19.90
CA LYS B 202 23.15 -15.30 -20.89
C LYS B 202 24.14 -16.39 -20.51
N SER B 203 24.44 -16.50 -19.22
CA SER B 203 25.45 -17.41 -18.78
C SER B 203 24.95 -18.78 -18.42
N CYS B 204 23.68 -19.03 -18.58
CA CYS B 204 23.35 -20.45 -18.45
C CYS B 204 23.49 -21.20 -19.76
N ASP B 205 23.32 -20.48 -20.86
CA ASP B 205 23.71 -20.91 -22.19
C ASP B 205 25.12 -21.47 -22.10
N MET B 206 25.96 -20.73 -21.41
CA MET B 206 27.35 -21.03 -21.28
C MET B 206 27.54 -22.27 -20.44
N TRP B 207 26.71 -22.48 -19.45
CA TRP B 207 26.78 -23.75 -18.70
C TRP B 207 26.38 -24.93 -19.62
N SER B 208 25.33 -24.73 -20.41
CA SER B 208 24.89 -25.73 -21.35
C SER B 208 26.02 -26.18 -22.24
N LEU B 209 26.67 -25.20 -22.88
CA LEU B 209 27.89 -25.47 -23.63
C LEU B 209 28.80 -26.37 -22.83
N GLY B 210 29.13 -26.00 -21.61
CA GLY B 210 29.94 -26.89 -20.81
C GLY B 210 29.39 -28.31 -20.81
N VAL B 211 28.10 -28.45 -20.55
CA VAL B 211 27.56 -29.79 -20.35
C VAL B 211 27.77 -30.50 -21.68
N ILE B 212 27.29 -29.88 -22.76
CA ILE B 212 27.37 -30.49 -24.07
C ILE B 212 28.79 -30.94 -24.41
N MET B 213 29.72 -30.03 -24.23
CA MET B 213 31.11 -30.34 -24.50
C MET B 213 31.52 -31.55 -23.71
N TYR B 214 31.40 -31.45 -22.39
CA TYR B 214 31.63 -32.59 -21.54
C TYR B 214 31.09 -33.92 -22.13
N ILE B 215 29.81 -34.01 -22.48
CA ILE B 215 29.38 -35.24 -23.13
C ILE B 215 30.13 -35.57 -24.44
N LEU B 216 30.48 -34.56 -25.24
CA LEU B 216 31.10 -34.84 -26.55
C LEU B 216 32.43 -35.47 -26.42
N LEU B 217 33.09 -35.19 -25.31
CA LEU B 217 34.38 -35.75 -25.04
C LEU B 217 34.42 -37.15 -24.34
N CYS B 218 33.30 -37.76 -23.98
CA CYS B 218 33.40 -39.06 -23.29
C CYS B 218 32.14 -39.95 -23.32
N GLY B 219 31.00 -39.43 -23.74
CA GLY B 219 29.81 -40.25 -23.97
C GLY B 219 28.78 -40.24 -22.85
N TYR B 220 29.12 -39.63 -21.71
CA TYR B 220 28.20 -39.53 -20.58
C TYR B 220 28.26 -38.11 -19.97
N PRO B 221 27.21 -37.74 -19.22
CA PRO B 221 27.07 -36.42 -18.67
C PRO B 221 27.95 -36.21 -17.44
N PRO B 222 28.13 -34.96 -17.03
CA PRO B 222 28.94 -34.80 -15.85
C PRO B 222 28.12 -34.89 -14.57
N PHE B 223 26.81 -34.77 -14.65
CA PHE B 223 25.98 -34.92 -13.46
C PHE B 223 24.88 -35.90 -13.78
N TYR B 224 24.70 -36.92 -12.92
CA TYR B 224 23.57 -37.86 -13.07
C TYR B 224 23.24 -38.64 -11.80
N SER B 225 22.27 -39.55 -11.90
CA SER B 225 21.76 -40.27 -10.72
C SER B 225 22.72 -41.34 -10.18
N ILE B 231 21.50 -39.59 -5.03
CA ILE B 231 21.45 -40.15 -6.36
C ILE B 231 20.74 -39.19 -7.29
N SER B 232 19.75 -38.45 -6.77
CA SER B 232 18.94 -37.47 -7.56
C SER B 232 18.35 -36.26 -6.77
N PRO B 233 18.03 -36.44 -5.46
CA PRO B 233 18.28 -35.27 -4.60
C PRO B 233 19.81 -35.13 -4.41
N GLY B 234 20.53 -36.20 -4.79
CA GLY B 234 22.00 -36.25 -4.85
C GLY B 234 22.56 -35.67 -6.15
N MET B 235 21.89 -35.91 -7.29
CA MET B 235 22.32 -35.26 -8.53
C MET B 235 22.13 -33.77 -8.37
N LYS B 236 20.98 -33.36 -7.85
CA LYS B 236 20.63 -31.97 -7.61
C LYS B 236 21.70 -31.35 -6.74
N THR B 237 22.24 -32.12 -5.82
CA THR B 237 23.28 -31.59 -4.93
C THR B 237 24.59 -31.42 -5.64
N ARG B 238 25.07 -32.48 -6.29
CA ARG B 238 26.27 -32.41 -7.11
C ARG B 238 26.30 -31.22 -8.13
N ILE B 239 25.20 -31.02 -8.89
CA ILE B 239 25.07 -29.86 -9.75
C ILE B 239 25.40 -28.62 -8.93
N ARG B 240 24.63 -28.38 -7.88
CA ARG B 240 24.81 -27.25 -6.96
C ARG B 240 26.24 -27.07 -6.34
N MET B 241 26.85 -28.15 -5.87
CA MET B 241 28.24 -28.14 -5.42
C MET B 241 29.31 -28.01 -6.54
N GLY B 242 28.97 -28.36 -7.77
CA GLY B 242 29.98 -28.46 -8.81
C GLY B 242 30.80 -29.73 -8.64
N GLN B 243 30.14 -30.83 -8.27
CA GLN B 243 30.82 -32.10 -8.03
C GLN B 243 30.80 -32.97 -9.28
N TYR B 244 31.90 -33.01 -10.00
CA TYR B 244 32.01 -33.88 -11.17
C TYR B 244 33.48 -34.21 -11.27
N GLU B 245 33.78 -35.37 -11.84
CA GLU B 245 35.18 -35.70 -12.18
C GLU B 245 35.38 -36.05 -13.67
N PHE B 246 36.65 -36.10 -14.10
CA PHE B 246 37.06 -36.64 -15.43
C PHE B 246 37.59 -38.06 -15.21
N PRO B 247 36.70 -39.05 -15.11
CA PRO B 247 37.18 -40.43 -14.93
C PRO B 247 38.03 -40.89 -16.09
N ASN B 248 39.04 -41.70 -15.79
CA ASN B 248 39.57 -42.64 -16.80
C ASN B 248 38.75 -43.89 -16.65
N PRO B 249 38.67 -44.75 -17.68
CA PRO B 249 39.38 -44.84 -18.96
C PRO B 249 39.25 -43.62 -19.85
N GLU B 250 38.09 -42.99 -19.91
CA GLU B 250 37.81 -42.05 -21.01
C GLU B 250 38.62 -40.73 -21.08
N TRP B 251 39.01 -40.17 -19.95
CA TRP B 251 39.64 -38.85 -19.98
C TRP B 251 41.15 -38.86 -19.89
N SER B 252 41.72 -40.06 -19.73
CA SER B 252 43.18 -40.30 -19.70
C SER B 252 43.93 -39.49 -20.70
N GLU B 253 43.45 -39.51 -21.95
CA GLU B 253 44.14 -38.95 -23.11
C GLU B 253 43.72 -37.53 -23.54
N VAL B 254 42.89 -36.87 -22.72
CA VAL B 254 42.34 -35.57 -23.03
C VAL B 254 43.21 -34.45 -22.44
N SER B 255 43.61 -33.46 -23.23
CA SER B 255 44.43 -32.34 -22.69
C SER B 255 43.90 -31.71 -21.45
N GLU B 256 44.80 -31.27 -20.60
CA GLU B 256 44.48 -30.33 -19.52
C GLU B 256 43.82 -29.01 -19.98
N GLU B 257 44.07 -28.65 -21.25
CA GLU B 257 43.52 -27.47 -21.89
C GLU B 257 42.03 -27.65 -21.99
N VAL B 258 41.62 -28.72 -22.64
CA VAL B 258 40.21 -29.04 -22.71
C VAL B 258 39.52 -29.04 -21.32
N LYS B 259 40.18 -29.66 -20.35
CA LYS B 259 39.61 -29.87 -19.06
C LYS B 259 39.42 -28.51 -18.34
N MET B 260 40.45 -27.65 -18.44
CA MET B 260 40.39 -26.31 -17.92
C MET B 260 39.18 -25.59 -18.48
N LEU B 261 38.92 -25.77 -19.77
CA LEU B 261 37.88 -25.06 -20.43
C LEU B 261 36.52 -25.57 -20.00
N ILE B 262 36.38 -26.89 -19.88
CA ILE B 262 35.16 -27.43 -19.29
C ILE B 262 35.03 -26.90 -17.81
N ARG B 263 36.12 -26.92 -17.03
CA ARG B 263 36.09 -26.35 -15.66
C ARG B 263 35.55 -24.93 -15.62
N ASN B 264 35.84 -24.18 -16.64
CA ASN B 264 35.41 -22.81 -16.66
C ASN B 264 33.99 -22.56 -17.01
N LEU B 265 33.42 -23.50 -17.74
CA LEU B 265 32.10 -23.35 -18.15
C LEU B 265 31.20 -23.87 -17.01
N LEU B 266 31.62 -24.93 -16.31
CA LEU B 266 30.77 -25.54 -15.31
C LEU B 266 30.91 -24.87 -13.98
N LYS B 267 31.54 -23.70 -13.90
CA LYS B 267 31.57 -22.88 -12.67
C LYS B 267 30.18 -22.75 -12.20
N THR B 268 29.93 -23.10 -10.96
CA THR B 268 28.57 -23.07 -10.44
C THR B 268 28.14 -21.65 -10.26
N GLU B 269 29.07 -20.78 -10.03
CA GLU B 269 28.75 -19.40 -9.87
C GLU B 269 28.58 -18.81 -11.29
N PRO B 270 27.36 -18.39 -11.67
CA PRO B 270 27.24 -17.73 -13.03
C PRO B 270 28.32 -16.67 -13.41
N THR B 271 28.69 -15.78 -12.53
CA THR B 271 29.58 -14.70 -12.97
C THR B 271 31.02 -15.17 -13.17
N GLN B 272 31.33 -16.41 -12.89
CA GLN B 272 32.70 -16.80 -13.17
C GLN B 272 32.87 -17.47 -14.55
N ARG B 273 31.78 -17.82 -15.21
CA ARG B 273 31.88 -18.52 -16.47
C ARG B 273 32.39 -17.56 -17.55
N MET B 274 33.05 -18.06 -18.57
CA MET B 274 33.45 -17.13 -19.61
C MET B 274 32.23 -16.68 -20.45
N THR B 275 32.37 -15.57 -21.16
CA THR B 275 31.38 -15.17 -22.12
C THR B 275 31.62 -15.91 -23.43
N ILE B 276 30.64 -15.93 -24.32
CA ILE B 276 30.88 -16.56 -25.65
C ILE B 276 32.03 -15.97 -26.42
N THR B 277 32.31 -14.68 -26.33
CA THR B 277 33.50 -14.16 -27.05
C THR B 277 34.73 -14.85 -26.51
N GLU B 278 34.86 -14.80 -25.19
CA GLU B 278 35.93 -15.56 -24.60
C GLU B 278 36.00 -17.07 -25.05
N PHE B 279 34.86 -17.72 -25.26
CA PHE B 279 34.84 -19.14 -25.70
C PHE B 279 35.36 -19.28 -27.12
N MET B 280 34.76 -18.50 -28.02
CA MET B 280 35.09 -18.48 -29.42
C MET B 280 36.53 -18.08 -29.68
N ASN B 281 37.15 -17.40 -28.71
CA ASN B 281 38.59 -17.05 -28.81
C ASN B 281 39.59 -17.96 -28.11
N HIS B 282 39.09 -18.90 -27.33
CA HIS B 282 39.91 -19.92 -26.72
C HIS B 282 40.64 -20.73 -27.83
N PRO B 283 41.97 -20.97 -27.66
CA PRO B 283 42.71 -21.63 -28.74
C PRO B 283 42.06 -22.95 -29.16
N TRP B 284 41.50 -23.73 -28.24
CA TRP B 284 40.84 -25.01 -28.56
C TRP B 284 39.73 -24.90 -29.61
N ILE B 285 39.01 -23.78 -29.58
CA ILE B 285 37.87 -23.56 -30.43
C ILE B 285 38.38 -22.86 -31.67
N MET B 286 39.34 -21.96 -31.50
CA MET B 286 39.74 -21.10 -32.59
C MET B 286 40.78 -21.69 -33.51
N GLN B 287 41.51 -22.69 -33.04
CA GLN B 287 42.49 -23.33 -33.90
C GLN B 287 42.23 -24.80 -33.84
N SER B 288 41.19 -25.24 -34.55
CA SER B 288 40.85 -26.62 -34.74
C SER B 288 42.06 -27.42 -35.20
N THR B 289 42.76 -26.91 -36.21
CA THR B 289 43.88 -27.66 -36.84
C THR B 289 45.09 -27.95 -35.95
N LYS B 290 45.23 -27.28 -34.82
CA LYS B 290 46.31 -27.70 -33.91
C LYS B 290 45.81 -28.47 -32.69
N VAL B 291 44.52 -28.78 -32.65
CA VAL B 291 44.10 -29.78 -31.69
C VAL B 291 44.29 -31.20 -32.28
N PRO B 292 44.81 -32.12 -31.50
CA PRO B 292 45.17 -33.47 -31.84
C PRO B 292 44.00 -34.26 -32.38
N GLN B 293 44.27 -35.47 -32.88
CA GLN B 293 43.22 -36.32 -33.45
C GLN B 293 43.07 -37.51 -32.56
N THR B 294 43.11 -37.24 -31.25
CA THR B 294 43.06 -38.29 -30.27
C THR B 294 41.67 -38.96 -30.34
N PRO B 295 41.61 -40.29 -30.50
CA PRO B 295 40.32 -40.96 -30.50
C PRO B 295 39.62 -40.88 -29.17
N LEU B 296 38.31 -40.72 -29.21
CA LEU B 296 37.48 -40.66 -28.03
C LEU B 296 36.56 -41.88 -27.89
N HIS B 297 36.11 -42.10 -26.67
CA HIS B 297 35.20 -43.20 -26.37
C HIS B 297 33.77 -42.78 -26.57
N THR B 298 33.58 -41.48 -26.81
CA THR B 298 32.27 -40.91 -27.06
C THR B 298 31.29 -41.84 -27.75
N SER B 299 31.64 -42.32 -28.95
CA SER B 299 30.71 -43.13 -29.74
C SER B 299 30.45 -44.46 -29.09
N ARG B 300 31.51 -45.24 -28.95
CA ARG B 300 31.53 -46.46 -28.17
C ARG B 300 30.58 -46.43 -26.94
N VAL B 301 30.62 -45.33 -26.19
CA VAL B 301 29.92 -45.21 -24.93
C VAL B 301 28.45 -44.86 -25.15
N LEU B 302 28.15 -43.98 -26.09
CA LEU B 302 26.75 -43.65 -26.35
C LEU B 302 25.99 -44.95 -26.75
N LYS B 303 26.58 -45.70 -27.68
CA LYS B 303 26.07 -47.02 -28.07
C LYS B 303 25.80 -47.86 -26.85
N GLU B 304 26.83 -48.07 -26.05
CA GLU B 304 26.67 -48.83 -24.82
C GLU B 304 25.47 -48.37 -23.98
N ASP B 305 25.29 -47.06 -23.85
CA ASP B 305 24.28 -46.55 -22.96
C ASP B 305 22.97 -46.22 -23.63
N LYS B 306 22.72 -46.81 -24.79
CA LYS B 306 21.43 -46.65 -25.46
C LYS B 306 20.27 -46.64 -24.46
N GLU B 307 20.12 -47.71 -23.69
CA GLU B 307 18.95 -47.79 -22.80
C GLU B 307 18.87 -46.70 -21.69
N ARG B 308 20.01 -46.28 -21.10
CA ARG B 308 20.00 -45.18 -20.09
C ARG B 308 19.52 -43.81 -20.65
N TRP B 309 19.71 -43.61 -21.96
CA TRP B 309 19.49 -42.32 -22.65
C TRP B 309 17.99 -42.02 -22.79
N GLN C 1 -9.10 -42.88 -42.74
CA GLN C 1 -7.90 -42.19 -43.29
C GLN C 1 -6.89 -41.77 -42.22
N GLN C 2 -5.63 -41.73 -42.61
CA GLN C 2 -4.50 -41.48 -41.70
C GLN C 2 -4.48 -40.03 -41.16
N PHE C 3 -5.38 -39.77 -40.19
CA PHE C 3 -5.45 -38.50 -39.42
C PHE C 3 -5.86 -37.21 -40.20
N PRO C 4 -7.17 -36.84 -40.15
CA PRO C 4 -7.81 -35.57 -40.62
C PRO C 4 -7.22 -34.19 -40.13
N GLN C 5 -7.11 -33.25 -41.07
CA GLN C 5 -6.36 -32.00 -40.91
C GLN C 5 -7.31 -30.80 -40.90
N PHE C 6 -8.59 -31.11 -40.74
CA PHE C 6 -9.69 -30.20 -41.10
C PHE C 6 -9.66 -28.83 -40.38
N HIS C 7 -9.89 -28.87 -39.06
CA HIS C 7 -10.21 -27.65 -38.29
C HIS C 7 -9.25 -26.44 -38.44
N VAL C 8 -8.65 -26.23 -39.62
CA VAL C 8 -7.86 -25.02 -39.85
C VAL C 8 -8.52 -24.04 -40.79
N LYS C 9 -8.63 -22.83 -40.30
CA LYS C 9 -9.32 -21.80 -41.03
C LYS C 9 -8.47 -20.52 -40.92
N SER C 10 -8.54 -19.66 -41.93
CA SER C 10 -7.69 -18.49 -41.98
C SER C 10 -7.99 -17.42 -40.89
N GLY C 11 -6.98 -16.64 -40.55
CA GLY C 11 -7.17 -15.69 -39.50
C GLY C 11 -7.47 -14.37 -40.09
N LEU C 12 -7.49 -13.31 -39.29
CA LEU C 12 -8.09 -12.09 -39.77
C LEU C 12 -7.11 -11.04 -40.30
N GLN C 13 -7.14 -10.79 -41.61
CA GLN C 13 -6.28 -9.75 -42.21
C GLN C 13 -7.09 -8.47 -42.24
N ILE C 14 -6.80 -7.53 -41.34
CA ILE C 14 -7.41 -6.23 -41.39
C ILE C 14 -6.91 -5.38 -42.58
N LYS C 15 -7.72 -5.16 -43.60
CA LYS C 15 -7.42 -4.22 -44.67
C LYS C 15 -7.21 -2.73 -44.25
N LYS C 16 -6.33 -2.02 -44.96
CA LYS C 16 -5.94 -0.68 -44.54
C LYS C 16 -6.39 0.35 -45.55
N ASN C 17 -6.59 -0.05 -46.80
CA ASN C 17 -7.07 0.92 -47.75
C ASN C 17 -8.49 1.44 -47.40
N ALA C 18 -8.85 2.64 -47.86
CA ALA C 18 -10.15 3.22 -47.46
C ALA C 18 -11.22 2.28 -48.01
N ILE C 19 -12.24 2.05 -47.16
CA ILE C 19 -13.31 1.12 -47.45
C ILE C 19 -14.02 1.56 -48.71
N ILE C 20 -14.03 2.88 -48.92
CA ILE C 20 -14.75 3.47 -50.05
C ILE C 20 -14.09 3.17 -51.37
N ASP C 21 -12.85 2.70 -51.38
CA ASP C 21 -12.35 2.07 -52.61
C ASP C 21 -13.19 0.89 -53.03
N ASP C 22 -13.92 0.31 -52.09
CA ASP C 22 -14.52 -1.00 -52.28
C ASP C 22 -16.03 -1.04 -52.20
N TYR C 23 -16.60 -0.12 -51.44
CA TYR C 23 -18.00 -0.12 -51.11
C TYR C 23 -18.52 1.29 -51.22
N LYS C 24 -19.76 1.46 -51.66
CA LYS C 24 -20.38 2.75 -51.50
C LYS C 24 -21.06 2.72 -50.15
N VAL C 25 -20.67 3.60 -49.26
CA VAL C 25 -21.36 3.74 -47.99
C VAL C 25 -22.66 4.54 -48.19
N THR C 26 -23.81 3.90 -48.00
CA THR C 26 -25.07 4.62 -48.07
C THR C 26 -25.49 5.09 -46.69
N SER C 27 -26.63 5.79 -46.65
CA SER C 27 -27.22 6.29 -45.40
C SER C 27 -28.46 5.52 -44.90
N GLN C 28 -28.91 4.52 -45.67
CA GLN C 28 -29.99 3.64 -45.23
C GLN C 28 -29.50 2.81 -44.03
N VAL C 29 -30.18 3.00 -42.90
CA VAL C 29 -29.91 2.25 -41.66
C VAL C 29 -30.60 0.87 -41.73
N LEU C 30 -30.12 -0.06 -40.91
CA LEU C 30 -30.76 -1.33 -40.76
C LEU C 30 -31.01 -1.56 -39.27
N GLY C 31 -30.06 -1.14 -38.42
CA GLY C 31 -30.09 -1.46 -36.99
C GLY C 31 -29.32 -0.54 -36.06
N LEU C 32 -30.04 0.05 -35.10
CA LEU C 32 -29.44 0.86 -34.01
C LEU C 32 -28.70 -0.11 -33.11
N GLY C 33 -27.45 -0.39 -33.46
CA GLY C 33 -26.62 -1.30 -32.66
C GLY C 33 -26.27 -0.70 -31.31
N ILE C 34 -25.91 -1.58 -30.37
CA ILE C 34 -25.37 -1.19 -29.06
C ILE C 34 -24.75 0.23 -29.03
N ASN C 35 -23.61 0.42 -29.72
CA ASN C 35 -23.02 1.77 -29.93
C ASN C 35 -22.80 2.20 -31.41
N GLY C 36 -23.86 2.76 -32.01
CA GLY C 36 -23.82 3.22 -33.41
C GLY C 36 -24.54 2.26 -34.35
N LYS C 37 -25.20 2.86 -35.34
CA LYS C 37 -26.03 2.17 -36.34
C LYS C 37 -25.30 1.18 -37.28
N VAL C 38 -26.04 0.54 -38.19
CA VAL C 38 -25.45 -0.32 -39.20
C VAL C 38 -26.00 0.08 -40.55
N LEU C 39 -25.12 0.49 -41.47
CA LEU C 39 -25.54 1.00 -42.76
C LEU C 39 -25.60 -0.08 -43.84
N GLN C 40 -26.51 0.08 -44.78
CA GLN C 40 -26.56 -0.80 -45.94
C GLN C 40 -25.43 -0.27 -46.83
N ILE C 41 -24.66 -1.12 -47.46
CA ILE C 41 -23.55 -0.65 -48.28
C ILE C 41 -23.46 -1.61 -49.44
N PHE C 42 -22.71 -1.20 -50.47
CA PHE C 42 -22.66 -1.99 -51.69
C PHE C 42 -21.24 -2.18 -52.10
N ASN C 43 -20.96 -3.44 -52.45
CA ASN C 43 -19.70 -3.80 -53.04
C ASN C 43 -19.71 -3.00 -54.32
N LYS C 44 -18.65 -2.24 -54.57
CA LYS C 44 -18.59 -1.37 -55.76
C LYS C 44 -18.47 -2.16 -57.06
N ARG C 45 -17.96 -3.39 -57.00
CA ARG C 45 -17.79 -4.15 -58.24
C ARG C 45 -18.88 -5.19 -58.47
N THR C 46 -19.22 -6.00 -57.45
CA THR C 46 -20.27 -7.04 -57.64
C THR C 46 -21.64 -6.46 -57.44
N GLN C 47 -21.73 -5.32 -56.75
CA GLN C 47 -22.99 -4.59 -56.64
C GLN C 47 -23.93 -5.22 -55.63
N GLU C 48 -23.46 -6.32 -55.03
CA GLU C 48 -24.11 -6.97 -53.92
C GLU C 48 -24.08 -6.15 -52.63
N LYS C 49 -25.15 -6.33 -51.85
CA LYS C 49 -25.47 -5.57 -50.64
C LYS C 49 -24.75 -6.12 -49.39
N PHE C 50 -24.24 -5.24 -48.54
CA PHE C 50 -23.51 -5.67 -47.33
C PHE C 50 -23.86 -4.76 -46.17
N ALA C 51 -23.40 -5.09 -44.96
CA ALA C 51 -23.65 -4.27 -43.77
C ALA C 51 -22.37 -3.73 -43.10
N LEU C 52 -22.38 -2.47 -42.71
CA LEU C 52 -21.21 -1.83 -42.14
C LEU C 52 -21.47 -1.45 -40.73
N LYS C 53 -20.61 -1.86 -39.82
CA LYS C 53 -20.67 -1.35 -38.46
C LYS C 53 -19.34 -0.74 -38.17
N MET C 54 -19.33 0.43 -37.56
CA MET C 54 -18.08 1.09 -37.26
C MET C 54 -17.88 1.47 -35.81
N LEU C 55 -16.67 1.25 -35.34
CA LEU C 55 -16.31 1.56 -33.97
C LEU C 55 -15.10 2.47 -34.00
N GLN C 56 -14.88 3.23 -32.93
CA GLN C 56 -13.58 3.83 -32.78
C GLN C 56 -12.67 2.71 -32.29
N ASP C 57 -11.43 2.76 -32.73
CA ASP C 57 -10.45 1.76 -32.35
C ASP C 57 -10.14 1.84 -30.85
N CYS C 58 -10.10 0.70 -30.18
CA CYS C 58 -9.70 0.63 -28.78
C CYS C 58 -9.70 -0.84 -28.36
N PRO C 59 -9.12 -1.14 -27.18
CA PRO C 59 -9.18 -2.57 -26.79
C PRO C 59 -10.60 -3.13 -26.81
N LYS C 60 -11.58 -2.49 -26.16
CA LYS C 60 -12.99 -2.88 -26.34
C LYS C 60 -13.39 -3.27 -27.76
N ALA C 61 -13.02 -2.47 -28.77
CA ALA C 61 -13.45 -2.72 -30.16
C ALA C 61 -12.64 -3.79 -30.86
N ARG C 62 -11.38 -3.94 -30.51
CA ARG C 62 -10.61 -5.03 -31.06
C ARG C 62 -11.06 -6.34 -30.46
N ARG C 63 -11.56 -6.28 -29.24
CA ARG C 63 -12.11 -7.44 -28.57
C ARG C 63 -13.34 -7.83 -29.39
N GLU C 64 -14.22 -6.86 -29.66
CA GLU C 64 -15.41 -7.19 -30.44
C GLU C 64 -15.06 -7.89 -31.75
N VAL C 65 -14.15 -7.31 -32.52
CA VAL C 65 -13.83 -7.84 -33.80
C VAL C 65 -13.25 -9.23 -33.61
N GLU C 66 -12.30 -9.39 -32.69
CA GLU C 66 -11.70 -10.70 -32.58
C GLU C 66 -12.77 -11.75 -32.25
N LEU C 67 -13.64 -11.48 -31.28
CA LEU C 67 -14.67 -12.45 -30.94
C LEU C 67 -15.57 -12.68 -32.16
N HIS C 68 -15.95 -11.59 -32.81
CA HIS C 68 -16.91 -11.70 -33.86
C HIS C 68 -16.31 -12.49 -35.00
N TRP C 69 -15.07 -12.21 -35.33
CA TRP C 69 -14.38 -13.00 -36.31
C TRP C 69 -14.40 -14.46 -35.94
N ARG C 70 -14.09 -14.81 -34.69
CA ARG C 70 -14.05 -16.23 -34.33
C ARG C 70 -15.43 -16.87 -34.38
N ALA C 71 -16.48 -16.11 -34.04
CA ALA C 71 -17.82 -16.69 -33.98
C ALA C 71 -18.31 -16.95 -35.37
N SER C 72 -17.62 -16.35 -36.31
CA SER C 72 -18.16 -16.18 -37.62
C SER C 72 -18.16 -17.48 -38.53
N GLN C 73 -17.51 -18.57 -38.10
CA GLN C 73 -17.66 -19.89 -38.76
C GLN C 73 -19.00 -20.55 -38.47
N CYS C 74 -19.81 -19.93 -37.62
CA CYS C 74 -21.03 -20.58 -37.19
C CYS C 74 -22.09 -20.27 -38.18
N PRO C 75 -22.67 -21.31 -38.75
CA PRO C 75 -23.77 -21.01 -39.65
C PRO C 75 -24.92 -20.20 -39.02
N HIS C 76 -24.93 -19.97 -37.73
CA HIS C 76 -26.04 -19.26 -37.16
C HIS C 76 -25.68 -17.92 -36.55
N ILE C 77 -24.43 -17.52 -36.75
CA ILE C 77 -23.96 -16.18 -36.44
C ILE C 77 -23.65 -15.41 -37.74
N VAL C 78 -23.91 -14.11 -37.72
CA VAL C 78 -23.75 -13.37 -38.95
C VAL C 78 -22.27 -13.23 -39.23
N ARG C 79 -21.92 -13.54 -40.46
CA ARG C 79 -20.55 -13.70 -40.92
C ARG C 79 -19.93 -12.32 -41.05
N ILE C 80 -18.69 -12.20 -40.61
CA ILE C 80 -17.94 -11.01 -40.88
C ILE C 80 -17.28 -11.25 -42.23
N VAL C 81 -17.31 -10.25 -43.10
CA VAL C 81 -16.73 -10.47 -44.40
C VAL C 81 -15.35 -9.77 -44.59
N ASP C 82 -15.25 -8.50 -44.21
CA ASP C 82 -14.00 -7.81 -44.26
C ASP C 82 -14.00 -6.92 -43.03
N VAL C 83 -12.82 -6.56 -42.54
CA VAL C 83 -12.65 -5.54 -41.52
C VAL C 83 -11.64 -4.51 -42.00
N TYR C 84 -11.95 -3.25 -41.83
CA TYR C 84 -11.05 -2.20 -42.30
C TYR C 84 -10.62 -1.43 -41.12
N GLU C 85 -9.36 -1.00 -41.13
CA GLU C 85 -8.87 0.00 -40.21
C GLU C 85 -8.66 1.25 -41.02
N ASN C 86 -9.64 2.15 -41.01
CA ASN C 86 -9.47 3.45 -41.67
C ASN C 86 -9.41 4.63 -40.71
N LEU C 87 -9.23 5.80 -41.29
CA LEU C 87 -9.15 7.04 -40.55
C LEU C 87 -10.44 7.80 -40.91
N TYR C 88 -11.26 8.02 -39.90
CA TYR C 88 -12.52 8.73 -40.08
C TYR C 88 -12.54 9.89 -39.09
N ALA C 89 -12.66 11.13 -39.56
CA ALA C 89 -12.56 12.31 -38.66
C ALA C 89 -11.26 12.37 -37.96
N GLY C 90 -10.17 12.10 -38.66
CA GLY C 90 -8.84 12.09 -38.07
C GLY C 90 -8.59 11.10 -36.92
N ARG C 91 -9.65 10.45 -36.41
CA ARG C 91 -9.55 9.30 -35.49
C ARG C 91 -9.39 7.94 -36.23
N LYS C 92 -8.84 6.95 -35.52
CA LYS C 92 -8.57 5.62 -36.08
C LYS C 92 -9.79 4.73 -35.91
N CYS C 93 -10.18 4.02 -36.97
CA CYS C 93 -11.47 3.28 -36.99
C CYS C 93 -11.47 1.87 -37.50
N LEU C 94 -12.22 1.02 -36.81
CA LEU C 94 -12.43 -0.30 -37.33
C LEU C 94 -13.78 -0.34 -37.99
N LEU C 95 -13.81 -0.57 -39.28
CA LEU C 95 -15.08 -0.67 -39.91
C LEU C 95 -15.35 -2.15 -40.20
N ILE C 96 -16.40 -2.71 -39.59
CA ILE C 96 -16.76 -4.10 -39.85
C ILE C 96 -17.71 -4.25 -41.00
N VAL C 97 -17.39 -5.12 -41.96
CA VAL C 97 -18.31 -5.42 -43.06
C VAL C 97 -18.85 -6.82 -42.84
N MET C 98 -20.16 -6.96 -42.63
CA MET C 98 -20.73 -8.29 -42.49
C MET C 98 -21.81 -8.53 -43.51
N GLU C 99 -22.08 -9.81 -43.79
CA GLU C 99 -23.15 -10.26 -44.73
C GLU C 99 -24.41 -9.50 -44.47
N CYS C 100 -25.19 -9.24 -45.52
CA CYS C 100 -26.41 -8.47 -45.28
C CYS C 100 -27.62 -9.35 -45.10
N LEU C 101 -28.29 -9.19 -43.97
CA LEU C 101 -29.42 -10.04 -43.62
C LEU C 101 -30.68 -9.21 -43.74
N ASP C 102 -31.47 -9.54 -44.76
CA ASP C 102 -32.58 -8.68 -45.13
C ASP C 102 -33.94 -9.29 -44.77
N GLY C 103 -33.97 -10.43 -44.08
CA GLY C 103 -35.20 -11.13 -43.77
C GLY C 103 -36.03 -10.57 -42.63
N GLY C 104 -35.51 -9.55 -41.94
CA GLY C 104 -36.15 -8.96 -40.78
C GLY C 104 -35.82 -9.63 -39.44
N GLU C 105 -36.08 -8.92 -38.35
CA GLU C 105 -35.90 -9.42 -36.99
C GLU C 105 -36.92 -10.50 -36.65
N LEU C 106 -36.47 -11.56 -35.98
CA LEU C 106 -37.32 -12.68 -35.57
C LEU C 106 -38.76 -12.34 -35.18
N PHE C 107 -38.96 -11.39 -34.30
CA PHE C 107 -40.32 -11.17 -33.87
C PHE C 107 -41.18 -10.41 -34.89
N SER C 108 -40.56 -9.47 -35.61
CA SER C 108 -41.24 -8.72 -36.64
C SER C 108 -41.86 -9.69 -37.60
N ARG C 109 -41.13 -10.74 -37.95
CA ARG C 109 -41.59 -11.72 -38.91
C ARG C 109 -42.84 -12.40 -38.39
N ILE C 110 -42.85 -12.75 -37.11
CA ILE C 110 -43.90 -13.57 -36.51
C ILE C 110 -45.13 -12.71 -36.20
N GLN C 111 -44.88 -11.48 -35.73
CA GLN C 111 -45.92 -10.46 -35.56
C GLN C 111 -46.95 -10.42 -36.69
N ASP C 112 -46.53 -10.80 -37.90
CA ASP C 112 -47.39 -10.67 -39.06
C ASP C 112 -47.96 -12.00 -39.60
N ARG C 113 -47.57 -13.13 -39.01
CA ARG C 113 -47.80 -14.44 -39.66
C ARG C 113 -49.28 -14.84 -39.76
N ALA C 117 -50.76 -19.21 -37.49
CA ALA C 117 -50.16 -20.39 -38.07
C ALA C 117 -48.85 -20.71 -37.38
N PHE C 118 -48.67 -20.10 -36.20
CA PHE C 118 -47.51 -20.37 -35.39
C PHE C 118 -47.78 -21.56 -34.47
N THR C 119 -47.31 -22.73 -34.88
CA THR C 119 -47.45 -23.88 -34.06
C THR C 119 -46.25 -24.01 -33.13
N GLU C 120 -46.46 -24.69 -32.01
CA GLU C 120 -45.46 -24.87 -30.97
C GLU C 120 -44.26 -25.52 -31.56
N ARG C 121 -44.47 -26.33 -32.60
CA ARG C 121 -43.32 -26.95 -33.25
C ARG C 121 -42.42 -25.93 -33.90
N GLU C 122 -43.03 -25.00 -34.62
CA GLU C 122 -42.29 -23.91 -35.19
C GLU C 122 -41.37 -23.29 -34.13
N ALA C 123 -41.88 -23.14 -32.91
CA ALA C 123 -41.16 -22.45 -31.84
C ALA C 123 -39.93 -23.25 -31.41
N SER C 124 -40.10 -24.56 -31.31
CA SER C 124 -38.99 -25.47 -31.07
C SER C 124 -37.92 -25.38 -32.16
N GLU C 125 -38.34 -25.21 -33.40
CA GLU C 125 -37.40 -25.17 -34.51
C GLU C 125 -36.57 -23.86 -34.46
N ILE C 126 -37.20 -22.76 -34.06
CA ILE C 126 -36.47 -21.51 -33.91
C ILE C 126 -35.51 -21.57 -32.76
N MET C 127 -35.94 -22.22 -31.67
CA MET C 127 -35.22 -22.25 -30.40
C MET C 127 -33.99 -23.09 -30.52
N LYS C 128 -34.09 -24.17 -31.30
CA LYS C 128 -32.95 -25.01 -31.60
C LYS C 128 -31.86 -24.16 -32.22
N SER C 129 -32.15 -23.52 -33.33
CA SER C 129 -31.17 -22.68 -33.96
C SER C 129 -30.62 -21.51 -33.14
N ILE C 130 -31.45 -20.79 -32.40
CA ILE C 130 -30.80 -19.81 -31.50
C ILE C 130 -29.84 -20.58 -30.61
N GLY C 131 -30.21 -21.81 -30.25
CA GLY C 131 -29.45 -22.61 -29.34
C GLY C 131 -28.15 -23.02 -30.00
N GLU C 132 -28.27 -23.33 -31.28
CA GLU C 132 -27.11 -23.66 -32.07
C GLU C 132 -26.11 -22.47 -32.08
N ALA C 133 -26.60 -21.25 -32.15
CA ALA C 133 -25.69 -20.14 -32.02
C ALA C 133 -24.92 -20.26 -30.70
N ILE C 134 -25.66 -20.31 -29.60
CA ILE C 134 -25.07 -20.31 -28.26
C ILE C 134 -24.16 -21.57 -28.06
N GLN C 135 -24.52 -22.71 -28.65
CA GLN C 135 -23.64 -23.84 -28.43
C GLN C 135 -22.26 -23.53 -29.00
N TYR C 136 -22.24 -22.86 -30.13
CA TYR C 136 -20.96 -22.59 -30.79
C TYR C 136 -20.15 -21.56 -29.97
N LEU C 137 -20.74 -20.40 -29.68
CA LEU C 137 -20.04 -19.44 -28.84
C LEU C 137 -19.46 -20.08 -27.58
N HIS C 138 -20.29 -20.81 -26.84
CA HIS C 138 -19.87 -21.47 -25.58
C HIS C 138 -18.75 -22.55 -25.76
N SER C 139 -18.88 -23.39 -26.77
CA SER C 139 -17.84 -24.38 -27.05
C SER C 139 -16.51 -23.76 -27.44
N ILE C 140 -16.48 -22.44 -27.68
CA ILE C 140 -15.21 -21.75 -27.89
C ILE C 140 -14.92 -20.66 -26.85
N ASN C 141 -15.60 -20.74 -25.69
CA ASN C 141 -15.46 -19.79 -24.56
C ASN C 141 -15.77 -18.34 -24.87
N ILE C 142 -16.85 -18.13 -25.61
CA ILE C 142 -17.38 -16.82 -25.68
C ILE C 142 -18.79 -16.89 -25.15
N ALA C 143 -19.09 -15.92 -24.29
CA ALA C 143 -20.43 -15.48 -23.92
C ALA C 143 -20.82 -14.32 -24.81
N HIS C 144 -22.01 -14.41 -25.38
CA HIS C 144 -22.59 -13.29 -26.09
C HIS C 144 -23.06 -12.13 -25.21
N ARG C 145 -23.79 -12.47 -24.14
CA ARG C 145 -24.23 -11.52 -23.11
C ARG C 145 -25.31 -10.51 -23.47
N ASP C 146 -25.84 -10.55 -24.70
CA ASP C 146 -26.83 -9.56 -25.09
C ASP C 146 -27.71 -10.16 -26.14
N VAL C 147 -28.30 -11.30 -25.82
CA VAL C 147 -29.12 -12.02 -26.77
C VAL C 147 -30.55 -11.58 -26.57
N LYS C 148 -30.97 -10.59 -27.35
CA LYS C 148 -32.31 -10.04 -27.26
C LYS C 148 -32.99 -10.29 -28.59
N PRO C 149 -34.32 -10.11 -28.67
CA PRO C 149 -34.97 -10.28 -29.98
C PRO C 149 -34.40 -9.39 -31.09
N GLU C 150 -33.96 -8.18 -30.77
CA GLU C 150 -33.43 -7.27 -31.81
C GLU C 150 -32.14 -7.78 -32.47
N ASN C 151 -31.55 -8.86 -31.94
CA ASN C 151 -30.24 -9.34 -32.39
C ASN C 151 -30.33 -10.72 -33.03
N LEU C 152 -31.55 -11.20 -33.21
CA LEU C 152 -31.79 -12.45 -33.91
C LEU C 152 -32.47 -12.11 -35.22
N LEU C 153 -31.93 -12.54 -36.36
CA LEU C 153 -32.39 -12.05 -37.66
C LEU C 153 -32.54 -13.11 -38.75
N TYR C 154 -33.35 -12.80 -39.75
CA TYR C 154 -33.55 -13.70 -40.86
C TYR C 154 -32.70 -13.26 -42.07
N THR C 155 -32.17 -14.23 -42.81
CA THR C 155 -31.20 -13.97 -43.89
C THR C 155 -31.81 -13.41 -45.16
N SER C 156 -32.64 -14.25 -45.79
CA SER C 156 -33.41 -13.89 -46.97
C SER C 156 -34.84 -13.78 -46.50
N LYS C 157 -35.77 -13.62 -47.43
CA LYS C 157 -37.17 -13.47 -47.04
C LYS C 157 -37.95 -14.74 -47.30
N ARG C 158 -37.24 -15.72 -47.88
CA ARG C 158 -37.73 -17.07 -48.20
C ARG C 158 -38.56 -17.83 -47.14
N PRO C 159 -39.39 -18.82 -47.58
CA PRO C 159 -39.95 -19.62 -46.50
C PRO C 159 -38.79 -20.07 -45.57
N ASN C 160 -37.81 -20.80 -46.11
CA ASN C 160 -36.67 -21.39 -45.35
C ASN C 160 -35.48 -20.48 -44.92
N ALA C 161 -35.76 -19.26 -44.45
CA ALA C 161 -34.66 -18.31 -44.16
C ALA C 161 -33.98 -18.65 -42.86
N ILE C 162 -32.66 -18.64 -42.85
CA ILE C 162 -31.93 -19.01 -41.66
C ILE C 162 -31.94 -17.91 -40.61
N LEU C 163 -32.16 -18.27 -39.36
CA LEU C 163 -32.04 -17.32 -38.24
C LEU C 163 -30.59 -17.19 -37.75
N LYS C 164 -30.10 -15.97 -37.57
CA LYS C 164 -28.71 -15.77 -37.15
C LYS C 164 -28.61 -14.78 -36.04
N LEU C 165 -27.59 -14.95 -35.18
CA LEU C 165 -27.35 -14.06 -34.03
C LEU C 165 -26.30 -13.01 -34.39
N THR C 166 -26.45 -11.80 -33.91
CA THR C 166 -25.56 -10.70 -34.32
C THR C 166 -25.22 -9.87 -33.10
N ASP C 167 -24.43 -8.80 -33.27
CA ASP C 167 -23.97 -7.92 -32.16
C ASP C 167 -23.13 -8.60 -31.06
N PHE C 168 -21.81 -8.36 -31.13
CA PHE C 168 -20.80 -8.78 -30.19
C PHE C 168 -20.32 -7.62 -29.30
N GLY C 169 -21.07 -6.54 -29.23
CA GLY C 169 -20.59 -5.43 -28.43
C GLY C 169 -20.50 -5.74 -26.94
N PHE C 170 -20.97 -6.91 -26.54
CA PHE C 170 -20.97 -7.29 -25.15
C PHE C 170 -20.43 -8.68 -24.90
N ALA C 171 -20.04 -9.38 -25.97
CA ALA C 171 -19.45 -10.70 -25.87
C ALA C 171 -18.17 -10.54 -25.07
N LYS C 172 -17.87 -11.48 -24.18
CA LYS C 172 -16.63 -11.58 -23.42
C LYS C 172 -16.12 -12.99 -23.51
N GLU C 173 -14.80 -13.12 -23.46
CA GLU C 173 -14.13 -14.40 -23.45
C GLU C 173 -14.09 -14.93 -22.03
N THR C 174 -13.53 -16.12 -21.84
CA THR C 174 -13.36 -16.64 -20.45
C THR C 174 -11.94 -17.08 -19.92
N PRO C 187 -5.43 -34.37 -18.60
CA PRO C 187 -5.72 -35.65 -17.94
C PRO C 187 -7.23 -35.96 -17.92
N TYR C 188 -7.61 -37.13 -18.42
CA TYR C 188 -9.01 -37.46 -18.79
C TYR C 188 -10.10 -37.48 -17.65
N TYR C 189 -9.64 -37.34 -16.42
CA TYR C 189 -10.49 -37.49 -15.24
C TYR C 189 -10.63 -36.18 -14.51
N VAL C 190 -9.85 -35.18 -14.91
CA VAL C 190 -9.88 -33.86 -14.26
C VAL C 190 -11.25 -33.18 -14.42
N ALA C 191 -11.64 -32.44 -13.39
CA ALA C 191 -12.91 -31.75 -13.38
C ALA C 191 -12.85 -30.52 -14.25
N PRO C 192 -14.00 -30.02 -14.73
CA PRO C 192 -14.10 -28.75 -15.46
C PRO C 192 -13.75 -27.47 -14.71
N GLU C 193 -13.96 -27.41 -13.39
CA GLU C 193 -13.55 -26.26 -12.56
C GLU C 193 -12.06 -26.21 -12.47
N VAL C 194 -11.44 -27.38 -12.41
CA VAL C 194 -10.02 -27.44 -12.19
C VAL C 194 -9.22 -26.87 -13.35
N LEU C 195 -9.78 -26.88 -14.56
CA LEU C 195 -9.13 -26.18 -15.64
C LEU C 195 -9.75 -24.83 -15.95
N GLY C 196 -9.02 -23.78 -15.57
CA GLY C 196 -9.47 -22.42 -15.78
C GLY C 196 -10.53 -22.06 -14.75
N PRO C 197 -10.39 -20.88 -14.13
CA PRO C 197 -11.36 -20.52 -13.07
C PRO C 197 -12.78 -20.49 -13.65
N GLU C 198 -12.96 -19.73 -14.74
CA GLU C 198 -14.28 -19.52 -15.36
C GLU C 198 -15.21 -18.72 -14.44
N LYS C 199 -15.98 -17.78 -14.98
CA LYS C 199 -16.96 -17.03 -14.16
C LYS C 199 -18.42 -17.47 -14.44
N TYR C 200 -19.36 -16.51 -14.44
CA TYR C 200 -20.78 -16.81 -14.68
C TYR C 200 -21.40 -15.99 -15.81
N ASP C 201 -20.57 -15.54 -16.75
CA ASP C 201 -21.11 -14.79 -17.88
C ASP C 201 -21.87 -15.70 -18.85
N LYS C 202 -21.48 -16.97 -18.85
CA LYS C 202 -21.99 -17.95 -19.80
C LYS C 202 -23.50 -18.26 -19.59
N SER C 203 -23.96 -18.21 -18.34
CA SER C 203 -25.33 -18.63 -17.99
C SER C 203 -26.31 -17.48 -18.13
N CYS C 204 -25.75 -16.31 -18.36
CA CYS C 204 -26.55 -15.15 -18.61
C CYS C 204 -27.19 -15.30 -20.00
N ASP C 205 -26.48 -16.00 -20.87
CA ASP C 205 -26.99 -16.37 -22.15
C ASP C 205 -28.13 -17.38 -22.06
N MET C 206 -28.11 -18.22 -21.04
CA MET C 206 -29.16 -19.20 -20.87
C MET C 206 -30.45 -18.53 -20.44
N TRP C 207 -30.35 -17.55 -19.57
CA TRP C 207 -31.51 -16.78 -19.18
C TRP C 207 -32.17 -16.19 -20.42
N SER C 208 -31.36 -15.46 -21.20
CA SER C 208 -31.84 -14.80 -22.40
C SER C 208 -32.66 -15.75 -23.25
N LEU C 209 -32.22 -17.00 -23.36
CA LEU C 209 -32.99 -18.06 -24.03
C LEU C 209 -34.33 -18.34 -23.35
N GLY C 210 -34.32 -18.48 -22.03
CA GLY C 210 -35.56 -18.55 -21.28
C GLY C 210 -36.49 -17.39 -21.62
N VAL C 211 -35.96 -16.18 -21.70
CA VAL C 211 -36.82 -15.05 -22.00
C VAL C 211 -37.36 -15.14 -23.44
N ILE C 212 -36.46 -15.17 -24.42
CA ILE C 212 -36.90 -15.42 -25.81
C ILE C 212 -37.92 -16.60 -25.90
N MET C 213 -37.54 -17.79 -25.46
CA MET C 213 -38.48 -18.91 -25.45
C MET C 213 -39.84 -18.56 -24.89
N TYR C 214 -39.87 -17.89 -23.74
CA TYR C 214 -41.12 -17.50 -23.14
C TYR C 214 -41.98 -16.73 -24.15
N ILE C 215 -41.49 -15.55 -24.55
CA ILE C 215 -42.20 -14.68 -25.47
C ILE C 215 -42.69 -15.43 -26.70
N LEU C 216 -41.80 -16.20 -27.32
CA LEU C 216 -42.15 -16.98 -28.49
C LEU C 216 -43.44 -17.77 -28.33
N LEU C 217 -43.67 -18.36 -27.14
CA LEU C 217 -44.84 -19.21 -26.89
C LEU C 217 -46.16 -18.49 -26.55
N CYS C 218 -46.09 -17.21 -26.21
CA CYS C 218 -47.28 -16.44 -25.89
C CYS C 218 -47.26 -15.11 -26.62
N GLY C 219 -46.29 -14.24 -26.37
CA GLY C 219 -46.21 -13.01 -27.13
C GLY C 219 -45.98 -11.82 -26.22
N TYR C 220 -45.74 -12.13 -24.95
CA TYR C 220 -45.31 -11.12 -23.97
C TYR C 220 -44.24 -11.74 -23.07
N PRO C 221 -43.38 -10.89 -22.47
CA PRO C 221 -42.34 -11.26 -21.53
C PRO C 221 -42.91 -12.02 -20.33
N PRO C 222 -42.04 -12.65 -19.53
CA PRO C 222 -42.49 -13.07 -18.23
C PRO C 222 -42.40 -11.96 -17.19
N PHE C 223 -41.66 -10.90 -17.50
CA PHE C 223 -41.51 -9.77 -16.59
C PHE C 223 -41.74 -8.48 -17.34
N TYR C 224 -42.71 -7.66 -16.92
CA TYR C 224 -42.91 -6.37 -17.60
C TYR C 224 -43.31 -5.21 -16.66
N SER C 225 -43.51 -4.00 -17.20
CA SER C 225 -43.67 -2.79 -16.35
C SER C 225 -45.07 -2.17 -16.31
N MET C 235 -40.90 -4.36 -10.83
CA MET C 235 -40.43 -5.25 -11.91
C MET C 235 -38.91 -5.51 -11.94
N LYS C 236 -38.11 -4.53 -11.57
CA LYS C 236 -36.74 -4.79 -11.16
C LYS C 236 -36.83 -5.91 -10.09
N THR C 237 -37.80 -5.78 -9.18
CA THR C 237 -37.97 -6.75 -8.08
C THR C 237 -38.57 -8.11 -8.47
N ARG C 238 -39.54 -8.15 -9.37
CA ARG C 238 -40.01 -9.44 -9.87
C ARG C 238 -38.88 -10.27 -10.53
N ILE C 239 -37.95 -9.61 -11.23
CA ILE C 239 -36.74 -10.28 -11.73
C ILE C 239 -35.87 -10.91 -10.63
N ARG C 240 -35.40 -10.12 -9.65
CA ARG C 240 -34.57 -10.65 -8.56
C ARG C 240 -35.29 -11.80 -7.88
N MET C 241 -36.63 -11.69 -7.83
CA MET C 241 -37.52 -12.59 -7.11
C MET C 241 -37.91 -13.84 -7.90
N GLY C 242 -37.99 -13.72 -9.22
CA GLY C 242 -38.42 -14.82 -10.06
C GLY C 242 -39.92 -14.93 -10.03
N GLN C 243 -40.58 -13.79 -10.00
CA GLN C 243 -42.04 -13.74 -10.05
C GLN C 243 -42.48 -13.58 -11.48
N TYR C 244 -42.96 -14.69 -12.02
CA TYR C 244 -43.64 -14.64 -13.29
C TYR C 244 -44.67 -15.75 -13.26
N GLU C 245 -45.44 -15.89 -14.33
CA GLU C 245 -46.39 -17.00 -14.45
C GLU C 245 -46.66 -17.43 -15.89
N PHE C 246 -47.44 -18.49 -16.01
CA PHE C 246 -47.90 -18.95 -17.32
C PHE C 246 -49.45 -18.79 -17.46
N PRO C 247 -49.94 -17.54 -17.65
CA PRO C 247 -51.38 -17.28 -17.77
C PRO C 247 -52.08 -17.99 -18.92
N ASN C 248 -53.35 -18.38 -18.69
CA ASN C 248 -54.32 -18.67 -19.75
C ASN C 248 -54.88 -17.33 -20.23
N PRO C 249 -55.45 -17.27 -21.45
CA PRO C 249 -55.73 -18.30 -22.48
C PRO C 249 -54.49 -18.85 -23.17
N GLU C 250 -53.42 -18.03 -23.16
CA GLU C 250 -52.18 -18.26 -23.87
C GLU C 250 -51.58 -19.61 -23.56
N TRP C 251 -51.29 -19.83 -22.27
CA TRP C 251 -50.46 -20.93 -21.79
C TRP C 251 -51.23 -22.20 -21.46
N SER C 252 -52.42 -22.30 -22.01
CA SER C 252 -53.38 -23.31 -21.58
C SER C 252 -53.19 -24.64 -22.28
N GLU C 253 -52.79 -24.59 -23.55
CA GLU C 253 -52.57 -25.80 -24.33
C GLU C 253 -51.08 -26.13 -24.46
N VAL C 254 -50.23 -25.44 -23.71
CA VAL C 254 -48.79 -25.58 -23.89
C VAL C 254 -48.32 -26.70 -23.00
N SER C 255 -47.58 -27.63 -23.56
CA SER C 255 -47.14 -28.79 -22.80
C SER C 255 -46.36 -28.41 -21.55
N GLU C 256 -46.47 -29.29 -20.58
CA GLU C 256 -45.82 -29.13 -19.34
C GLU C 256 -44.30 -29.38 -19.44
N GLU C 257 -43.81 -30.07 -20.47
CA GLU C 257 -42.35 -30.19 -20.61
C GLU C 257 -41.78 -28.82 -21.02
N VAL C 258 -42.53 -28.09 -21.83
CA VAL C 258 -42.11 -26.78 -22.22
C VAL C 258 -42.05 -25.85 -21.02
N LYS C 259 -43.09 -25.80 -20.20
CA LYS C 259 -43.08 -24.84 -19.10
C LYS C 259 -41.90 -25.13 -18.16
N MET C 260 -41.60 -26.41 -18.01
CA MET C 260 -40.60 -26.86 -17.06
C MET C 260 -39.21 -26.59 -17.58
N LEU C 261 -39.10 -26.56 -18.91
CA LEU C 261 -37.90 -26.16 -19.64
C LEU C 261 -37.58 -24.71 -19.41
N ILE C 262 -38.62 -23.88 -19.38
CA ILE C 262 -38.48 -22.44 -19.17
C ILE C 262 -38.09 -22.16 -17.73
N ARG C 263 -38.76 -22.84 -16.81
CA ARG C 263 -38.49 -22.67 -15.38
C ARG C 263 -37.04 -23.00 -15.01
N ASN C 264 -36.46 -24.06 -15.60
CA ASN C 264 -35.02 -24.22 -15.39
C ASN C 264 -34.26 -23.00 -15.91
N LEU C 265 -34.62 -22.51 -17.09
CA LEU C 265 -33.87 -21.46 -17.76
C LEU C 265 -33.96 -20.10 -17.06
N LEU C 266 -35.14 -19.85 -16.48
CA LEU C 266 -35.38 -18.65 -15.70
C LEU C 266 -35.10 -18.79 -14.21
N LYS C 267 -34.37 -19.83 -13.78
CA LYS C 267 -33.96 -19.88 -12.39
C LYS C 267 -33.15 -18.62 -12.07
N THR C 268 -33.37 -17.98 -10.92
CA THR C 268 -32.74 -16.72 -10.64
C THR C 268 -31.31 -16.97 -10.31
N GLU C 269 -31.03 -18.08 -9.65
CA GLU C 269 -29.66 -18.40 -9.34
C GLU C 269 -29.08 -18.97 -10.63
N PRO C 270 -28.00 -18.33 -11.13
CA PRO C 270 -27.24 -18.76 -12.31
C PRO C 270 -26.80 -20.21 -12.28
N THR C 271 -26.02 -20.59 -11.26
CA THR C 271 -25.54 -21.98 -11.17
C THR C 271 -26.71 -23.01 -11.15
N GLN C 272 -27.94 -22.55 -11.08
CA GLN C 272 -29.07 -23.46 -11.25
C GLN C 272 -29.47 -23.69 -12.72
N ARG C 273 -29.18 -22.77 -13.67
CA ARG C 273 -29.76 -22.89 -15.01
C ARG C 273 -29.09 -24.02 -15.73
N MET C 274 -29.72 -24.73 -16.65
CA MET C 274 -28.96 -25.74 -17.43
C MET C 274 -27.93 -25.10 -18.44
N THR C 275 -27.07 -25.96 -18.97
CA THR C 275 -26.04 -25.52 -19.91
C THR C 275 -26.59 -25.63 -21.33
N ILE C 276 -25.93 -25.03 -22.34
CA ILE C 276 -26.49 -25.21 -23.68
C ILE C 276 -26.44 -26.66 -24.03
N THR C 277 -25.45 -27.36 -23.47
CA THR C 277 -25.27 -28.75 -23.88
C THR C 277 -26.51 -29.52 -23.48
N GLU C 278 -27.00 -29.23 -22.26
CA GLU C 278 -28.22 -29.81 -21.76
C GLU C 278 -29.43 -29.28 -22.50
N PHE C 279 -29.42 -28.00 -22.81
CA PHE C 279 -30.49 -27.42 -23.58
C PHE C 279 -30.65 -28.12 -24.93
N MET C 280 -29.61 -28.06 -25.75
CA MET C 280 -29.56 -28.72 -27.08
C MET C 280 -29.99 -30.17 -27.03
N ASN C 281 -29.92 -30.77 -25.84
CA ASN C 281 -30.14 -32.19 -25.63
C ASN C 281 -31.49 -32.51 -25.05
N HIS C 282 -32.25 -31.48 -24.69
CA HIS C 282 -33.53 -31.69 -24.09
C HIS C 282 -34.47 -32.08 -25.23
N PRO C 283 -35.30 -33.15 -25.04
CA PRO C 283 -36.19 -33.65 -26.10
C PRO C 283 -37.05 -32.59 -26.78
N TRP C 284 -37.38 -31.50 -26.11
CA TRP C 284 -38.17 -30.47 -26.76
C TRP C 284 -37.41 -29.86 -27.92
N ILE C 285 -36.09 -29.81 -27.76
CA ILE C 285 -35.22 -29.18 -28.72
C ILE C 285 -34.67 -30.15 -29.77
N MET C 286 -34.24 -31.33 -29.34
CA MET C 286 -33.68 -32.29 -30.29
C MET C 286 -34.72 -32.77 -31.28
N GLN C 287 -35.80 -33.36 -30.75
CA GLN C 287 -36.93 -33.90 -31.53
C GLN C 287 -37.87 -32.84 -32.13
N SER C 288 -37.36 -31.68 -32.54
CA SER C 288 -38.21 -30.56 -32.98
C SER C 288 -39.29 -31.04 -33.91
N THR C 289 -38.87 -31.71 -34.97
CA THR C 289 -39.80 -32.31 -35.93
C THR C 289 -40.86 -33.28 -35.34
N LYS C 290 -40.72 -33.71 -34.09
CA LYS C 290 -41.69 -34.65 -33.46
C LYS C 290 -42.57 -34.04 -32.37
N VAL C 291 -42.60 -32.70 -32.27
CA VAL C 291 -43.39 -32.04 -31.21
C VAL C 291 -44.79 -31.63 -31.75
N PRO C 292 -45.79 -31.56 -30.86
CA PRO C 292 -47.17 -31.29 -31.27
C PRO C 292 -47.38 -29.89 -31.84
N GLN C 293 -48.16 -29.79 -32.90
CA GLN C 293 -48.34 -28.52 -33.60
C GLN C 293 -49.46 -27.64 -33.05
N THR C 294 -49.49 -27.47 -31.74
CA THR C 294 -50.54 -26.67 -31.12
C THR C 294 -50.39 -25.19 -31.49
N PRO C 295 -51.47 -24.53 -31.94
CA PRO C 295 -51.35 -23.12 -32.37
C PRO C 295 -51.01 -22.24 -31.18
N LEU C 296 -50.44 -21.07 -31.42
CA LEU C 296 -49.98 -20.25 -30.31
C LEU C 296 -50.58 -18.87 -30.40
N HIS C 297 -50.93 -18.31 -29.25
CA HIS C 297 -51.47 -16.96 -29.18
C HIS C 297 -50.45 -15.85 -29.54
N THR C 298 -49.24 -16.27 -29.87
CA THR C 298 -48.08 -15.41 -30.03
C THR C 298 -48.22 -14.33 -31.11
N SER C 299 -48.55 -14.77 -32.31
CA SER C 299 -48.75 -13.85 -33.40
C SER C 299 -49.77 -12.77 -33.03
N ARG C 300 -50.92 -13.20 -32.52
CA ARG C 300 -52.02 -12.29 -32.17
C ARG C 300 -51.61 -11.26 -31.11
N VAL C 301 -50.88 -11.71 -30.08
CA VAL C 301 -50.55 -10.84 -28.96
C VAL C 301 -49.58 -9.76 -29.42
N LEU C 302 -48.60 -10.19 -30.19
CA LEU C 302 -47.66 -9.31 -30.86
C LEU C 302 -48.40 -8.31 -31.74
N LYS C 303 -49.29 -8.84 -32.57
CA LYS C 303 -50.14 -8.06 -33.46
C LYS C 303 -50.83 -6.89 -32.73
N GLU C 304 -51.54 -7.21 -31.64
CA GLU C 304 -52.31 -6.23 -30.87
C GLU C 304 -51.43 -5.12 -30.22
N ASP C 305 -50.20 -4.89 -30.69
CA ASP C 305 -49.24 -4.02 -29.93
C ASP C 305 -48.30 -2.97 -30.60
N PHE D 6 21.00 39.17 29.74
CA PHE D 6 19.74 39.00 28.95
C PHE D 6 19.42 37.51 28.68
N HIS D 7 20.22 36.58 29.23
CA HIS D 7 19.94 35.13 29.15
C HIS D 7 20.32 34.45 27.79
N VAL D 8 20.75 35.23 26.80
CA VAL D 8 21.22 34.68 25.53
C VAL D 8 22.65 34.17 25.60
N LYS D 9 22.94 33.08 24.92
CA LYS D 9 24.30 32.55 24.88
C LYS D 9 24.70 32.11 23.47
N SER D 10 25.99 32.11 23.18
CA SER D 10 26.44 31.82 21.82
C SER D 10 26.10 30.42 21.33
N GLY D 11 26.05 30.31 20.01
CA GLY D 11 25.76 29.09 19.37
C GLY D 11 27.05 28.33 19.22
N LEU D 12 26.93 27.14 18.65
CA LEU D 12 28.02 26.21 18.56
C LEU D 12 28.64 26.43 17.22
N GLN D 13 29.93 26.76 17.23
CA GLN D 13 30.62 27.07 16.03
C GLN D 13 31.58 25.95 15.90
N ILE D 14 31.29 25.04 14.98
CA ILE D 14 32.15 23.91 14.59
C ILE D 14 33.34 24.36 13.76
N LYS D 15 34.51 24.53 14.40
CA LYS D 15 35.80 24.68 13.70
C LYS D 15 36.10 23.61 12.63
N LYS D 16 36.76 24.03 11.54
CA LYS D 16 37.08 23.16 10.41
C LYS D 16 38.56 22.97 10.22
N ASN D 17 39.38 23.82 10.84
CA ASN D 17 40.81 23.64 10.70
C ASN D 17 41.31 22.41 11.40
N ALA D 18 42.48 21.94 10.98
CA ALA D 18 42.98 20.67 11.49
C ALA D 18 43.21 20.86 12.99
N ILE D 19 42.50 20.05 13.79
CA ILE D 19 42.66 20.05 15.23
C ILE D 19 44.12 19.93 15.62
N ILE D 20 44.94 19.24 14.82
CA ILE D 20 46.37 19.23 15.08
C ILE D 20 47.06 20.60 15.00
N ASP D 21 46.37 21.67 14.58
CA ASP D 21 46.91 23.03 14.66
C ASP D 21 46.82 23.57 16.05
N ASP D 22 45.74 23.23 16.74
CA ASP D 22 45.35 23.86 17.99
C ASP D 22 45.73 23.07 19.21
N TYR D 23 45.89 21.76 19.06
CA TYR D 23 46.10 20.90 20.19
C TYR D 23 47.17 19.88 19.84
N LYS D 24 47.95 19.44 20.83
CA LYS D 24 48.79 18.27 20.63
C LYS D 24 47.96 17.09 21.06
N VAL D 25 47.79 16.11 20.16
CA VAL D 25 46.92 14.96 20.42
C VAL D 25 47.76 13.74 20.72
N THR D 26 47.53 13.12 21.89
CA THR D 26 48.43 12.06 22.42
C THR D 26 47.73 10.79 22.84
N SER D 27 47.69 9.81 21.94
CA SER D 27 47.61 8.36 22.24
C SER D 27 46.91 7.80 23.51
N GLN D 28 47.29 8.28 24.70
CA GLN D 28 46.75 7.78 25.97
C GLN D 28 45.21 7.89 26.20
N VAL D 29 44.59 6.72 26.30
CA VAL D 29 43.18 6.56 26.64
C VAL D 29 42.92 6.99 28.07
N LEU D 30 41.75 7.55 28.34
CA LEU D 30 41.43 8.10 29.66
C LEU D 30 40.52 7.18 30.48
N GLY D 31 39.45 6.71 29.86
CA GLY D 31 38.51 5.78 30.50
C GLY D 31 37.58 5.17 29.46
N LEU D 32 37.57 3.84 29.38
CA LEU D 32 36.80 3.13 28.35
C LEU D 32 35.31 3.52 28.37
N GLY D 33 34.90 4.23 27.31
CA GLY D 33 33.52 4.68 27.16
C GLY D 33 32.73 3.92 26.10
N ILE D 34 31.56 4.47 25.76
CA ILE D 34 30.58 3.85 24.83
C ILE D 34 30.56 4.59 23.45
N ASN D 35 30.31 3.83 22.37
CA ASN D 35 30.48 4.28 20.95
C ASN D 35 31.79 5.02 20.59
N GLY D 36 32.70 5.10 21.56
CA GLY D 36 34.00 5.74 21.40
C GLY D 36 34.90 5.50 22.60
N LYS D 37 36.11 6.06 22.53
CA LYS D 37 37.03 6.16 23.67
C LYS D 37 37.41 7.65 23.78
N VAL D 38 38.05 8.04 24.88
CA VAL D 38 38.41 9.43 25.05
C VAL D 38 39.89 9.55 25.29
N LEU D 39 40.56 10.32 24.45
CA LEU D 39 42.01 10.42 24.47
C LEU D 39 42.41 11.70 25.16
N GLN D 40 43.68 11.83 25.48
CA GLN D 40 44.13 12.95 26.28
C GLN D 40 44.95 13.84 25.42
N ILE D 41 44.62 15.12 25.46
CA ILE D 41 45.21 16.08 24.54
C ILE D 41 45.66 17.33 25.29
N PHE D 42 46.57 18.09 24.69
CA PHE D 42 47.14 19.25 25.36
C PHE D 42 47.00 20.45 24.44
N ASN D 43 46.52 21.57 24.98
CA ASN D 43 46.33 22.78 24.16
C ASN D 43 47.71 23.34 23.79
N LYS D 44 47.81 24.00 22.64
CA LYS D 44 49.11 24.44 22.14
C LYS D 44 49.53 25.90 22.50
N ARG D 45 48.56 26.78 22.75
CA ARG D 45 48.90 28.10 23.33
C ARG D 45 49.04 28.08 24.87
N THR D 46 48.16 27.37 25.58
CA THR D 46 48.23 27.37 27.03
C THR D 46 48.78 26.11 27.64
N GLN D 47 49.44 25.27 26.84
CA GLN D 47 49.98 24.00 27.38
C GLN D 47 49.02 23.18 28.32
N GLU D 48 47.80 23.67 28.51
CA GLU D 48 46.80 23.01 29.34
C GLU D 48 46.42 21.59 28.82
N LYS D 49 45.29 21.05 29.28
CA LYS D 49 45.05 19.62 29.17
C LYS D 49 43.57 19.32 29.05
N PHE D 50 43.23 18.59 28.00
CA PHE D 50 41.85 18.38 27.63
C PHE D 50 41.65 16.95 27.17
N ALA D 51 40.37 16.62 26.95
CA ALA D 51 39.93 15.30 26.56
C ALA D 51 39.26 15.35 25.17
N LEU D 52 39.72 14.49 24.28
CA LEU D 52 39.15 14.41 22.97
C LEU D 52 38.26 13.21 22.92
N LYS D 53 37.19 13.28 22.14
CA LYS D 53 36.42 12.09 21.81
C LYS D 53 36.13 12.14 20.33
N MET D 54 36.35 11.03 19.63
CA MET D 54 36.19 11.03 18.19
C MET D 54 35.00 10.26 17.75
N LEU D 55 34.27 10.88 16.81
CA LEU D 55 33.03 10.38 16.29
C LEU D 55 33.10 10.56 14.83
N GLN D 56 32.76 9.51 14.09
CA GLN D 56 32.56 9.61 12.65
C GLN D 56 31.27 10.37 12.40
N ASP D 57 31.29 11.30 11.46
CA ASP D 57 30.11 12.15 11.18
C ASP D 57 28.88 11.34 10.83
N CYS D 58 27.71 11.88 11.16
CA CYS D 58 26.44 11.26 10.87
C CYS D 58 25.36 11.84 11.77
N PRO D 59 24.08 11.62 11.39
CA PRO D 59 22.95 12.19 12.13
C PRO D 59 23.05 11.98 13.64
N LYS D 60 23.56 10.82 14.09
CA LYS D 60 23.72 10.51 15.52
C LYS D 60 24.89 11.24 16.14
N ALA D 61 26.07 11.15 15.54
CA ALA D 61 27.18 11.95 16.03
C ALA D 61 26.71 13.38 16.17
N ARG D 62 25.95 13.86 15.20
CA ARG D 62 25.45 15.23 15.22
C ARG D 62 24.47 15.51 16.35
N ARG D 63 23.68 14.50 16.69
CA ARG D 63 22.77 14.56 17.80
C ARG D 63 23.60 14.61 19.06
N GLU D 64 24.57 13.72 19.20
CA GLU D 64 25.44 13.76 20.38
C GLU D 64 25.93 15.18 20.65
N VAL D 65 26.57 15.79 19.65
CA VAL D 65 27.26 17.07 19.79
C VAL D 65 26.32 18.22 20.16
N GLU D 66 25.14 18.24 19.56
CA GLU D 66 24.21 19.33 19.77
C GLU D 66 23.70 19.22 21.17
N LEU D 67 23.17 18.04 21.52
CA LEU D 67 22.70 17.80 22.90
C LEU D 67 23.73 18.07 23.98
N HIS D 68 24.98 17.66 23.76
CA HIS D 68 26.01 17.78 24.78
C HIS D 68 26.39 19.24 24.92
N TRP D 69 26.55 19.90 23.79
CA TRP D 69 26.99 21.27 23.84
C TRP D 69 25.93 22.11 24.55
N ARG D 70 24.67 21.73 24.42
CA ARG D 70 23.56 22.51 24.94
C ARG D 70 23.46 22.39 26.43
N ALA D 71 23.98 21.26 26.91
CA ALA D 71 24.02 20.93 28.32
C ALA D 71 25.23 21.50 29.05
N SER D 72 26.13 22.14 28.33
CA SER D 72 27.36 22.56 28.92
C SER D 72 27.14 23.89 29.55
N GLN D 73 25.90 24.35 29.52
CA GLN D 73 25.56 25.52 30.33
C GLN D 73 25.48 25.16 31.80
N CYS D 74 25.26 23.89 32.11
CA CYS D 74 25.17 23.51 33.50
C CYS D 74 26.51 23.09 34.14
N PRO D 75 26.89 23.72 35.25
CA PRO D 75 28.24 23.50 35.81
C PRO D 75 28.48 22.09 36.38
N HIS D 76 27.45 21.25 36.33
CA HIS D 76 27.56 19.86 36.76
C HIS D 76 27.66 18.88 35.60
N ILE D 77 27.38 19.35 34.38
CA ILE D 77 27.70 18.58 33.17
C ILE D 77 29.14 18.90 32.77
N VAL D 78 29.84 17.95 32.20
CA VAL D 78 31.18 18.21 31.69
C VAL D 78 31.11 19.10 30.45
N ARG D 79 31.91 20.17 30.51
CA ARG D 79 31.84 21.24 29.52
C ARG D 79 32.56 20.87 28.22
N ILE D 80 31.86 21.09 27.09
CA ILE D 80 32.48 21.05 25.75
C ILE D 80 33.13 22.41 25.49
N VAL D 81 34.38 22.40 25.03
CA VAL D 81 35.05 23.66 24.66
C VAL D 81 35.03 23.97 23.13
N ASP D 82 35.50 23.03 22.30
CA ASP D 82 35.62 23.24 20.87
C ASP D 82 35.05 21.98 20.29
N VAL D 83 34.41 22.07 19.13
CA VAL D 83 34.12 20.90 18.28
C VAL D 83 34.68 21.12 16.88
N TYR D 84 35.47 20.15 16.40
CA TYR D 84 36.01 20.22 15.03
C TYR D 84 35.23 19.30 14.12
N GLU D 85 35.19 19.64 12.84
CA GLU D 85 34.77 18.69 11.79
C GLU D 85 36.01 18.47 10.91
N ASN D 86 36.70 17.36 11.06
CA ASN D 86 37.84 17.12 10.18
C ASN D 86 37.69 15.83 9.37
N LEU D 87 38.64 15.61 8.47
CA LEU D 87 38.87 14.29 7.89
C LEU D 87 39.88 13.49 8.68
N TYR D 88 39.50 12.27 9.04
CA TYR D 88 40.46 11.29 9.54
C TYR D 88 40.43 10.03 8.68
N ALA D 89 41.58 9.67 8.08
CA ALA D 89 41.69 8.56 7.10
C ALA D 89 40.71 8.76 5.98
N GLY D 90 40.63 9.99 5.48
CA GLY D 90 39.63 10.39 4.47
C GLY D 90 38.15 10.18 4.82
N ARG D 91 37.86 9.95 6.10
CA ARG D 91 36.46 9.81 6.55
C ARG D 91 36.05 11.06 7.39
N LYS D 92 34.85 11.59 7.11
CA LYS D 92 34.35 12.82 7.76
C LYS D 92 34.12 12.51 9.20
N CYS D 93 34.79 13.23 10.10
CA CYS D 93 34.52 13.00 11.49
C CYS D 93 34.41 14.27 12.34
N LEU D 94 33.73 14.13 13.47
CA LEU D 94 33.49 15.20 14.40
C LEU D 94 34.29 14.95 15.65
N LEU D 95 35.12 15.90 16.05
CA LEU D 95 35.89 15.65 17.25
C LEU D 95 35.55 16.67 18.31
N ILE D 96 35.10 16.16 19.46
CA ILE D 96 34.71 17.00 20.58
C ILE D 96 35.82 17.17 21.60
N VAL D 97 36.21 18.41 21.83
CA VAL D 97 37.15 18.74 22.87
C VAL D 97 36.40 19.17 24.14
N MET D 98 36.52 18.32 25.17
CA MET D 98 35.91 18.56 26.48
C MET D 98 36.94 19.01 27.49
N GLU D 99 36.47 19.65 28.56
CA GLU D 99 37.32 19.87 29.75
C GLU D 99 37.81 18.53 30.28
N CYS D 100 39.05 18.52 30.73
CA CYS D 100 39.57 17.29 31.28
C CYS D 100 39.31 17.16 32.80
N LEU D 101 38.78 16.01 33.17
CA LEU D 101 38.51 15.68 34.55
C LEU D 101 39.36 14.45 34.87
N ASP D 102 40.26 14.58 35.85
CA ASP D 102 41.25 13.51 36.10
C ASP D 102 41.30 13.03 37.54
N GLY D 103 40.25 13.36 38.30
CA GLY D 103 40.16 13.03 39.72
C GLY D 103 39.58 11.64 39.97
N GLY D 104 39.31 10.90 38.90
CA GLY D 104 38.79 9.54 39.00
C GLY D 104 37.28 9.54 38.96
N GLU D 105 36.69 8.36 38.71
CA GLU D 105 35.21 8.17 38.81
C GLU D 105 34.74 8.27 40.26
N LEU D 106 33.45 8.58 40.45
CA LEU D 106 32.90 8.72 41.81
C LEU D 106 33.16 7.48 42.68
N PHE D 107 32.90 6.28 42.13
CA PHE D 107 32.96 5.05 42.91
C PHE D 107 34.34 4.47 43.31
N SER D 108 35.39 4.77 42.55
CA SER D 108 36.74 4.48 43.05
C SER D 108 37.34 5.62 43.89
N ARG D 109 36.92 6.87 43.65
CA ARG D 109 37.37 7.98 44.51
C ARG D 109 36.70 7.96 45.88
N ILE D 110 36.09 6.82 46.20
CA ILE D 110 35.42 6.61 47.49
C ILE D 110 36.11 5.48 48.29
N GLN D 111 36.75 4.55 47.58
CA GLN D 111 37.65 3.60 48.24
C GLN D 111 38.95 4.33 48.56
N ASP D 112 38.89 5.22 49.56
CA ASP D 112 40.02 6.02 50.05
C ASP D 112 39.68 6.54 51.44
N THR D 119 29.72 8.24 55.16
CA THR D 119 28.93 9.32 55.78
C THR D 119 27.71 9.80 54.96
N GLU D 120 26.56 9.82 55.63
CA GLU D 120 25.27 10.24 55.06
C GLU D 120 25.23 11.75 54.83
N ARG D 121 26.25 12.47 55.29
CA ARG D 121 26.35 13.91 55.06
C ARG D 121 26.87 14.16 53.65
N GLU D 122 27.83 13.34 53.20
CA GLU D 122 28.41 13.53 51.87
C GLU D 122 27.69 12.76 50.77
N ALA D 123 26.77 11.88 51.15
CA ALA D 123 25.89 11.23 50.18
C ALA D 123 24.78 12.20 49.77
N SER D 124 24.41 13.10 50.67
CA SER D 124 23.35 14.06 50.38
C SER D 124 23.86 15.26 49.60
N GLU D 125 25.16 15.49 49.61
CA GLU D 125 25.74 16.60 48.84
C GLU D 125 26.21 16.07 47.48
N ILE D 126 26.43 14.77 47.41
CA ILE D 126 26.74 14.11 46.15
C ILE D 126 25.42 14.01 45.40
N MET D 127 24.40 13.45 46.07
CA MET D 127 23.09 13.32 45.47
C MET D 127 22.56 14.64 44.91
N LYS D 128 22.59 15.70 45.72
CA LYS D 128 22.13 17.01 45.32
C LYS D 128 22.93 17.44 44.10
N SER D 129 24.21 17.10 44.10
CA SER D 129 25.09 17.47 43.03
C SER D 129 24.62 16.87 41.71
N ILE D 130 24.62 15.53 41.64
CA ILE D 130 24.20 14.79 40.47
C ILE D 130 22.79 15.23 40.07
N GLY D 131 21.88 15.30 41.03
CA GLY D 131 20.54 15.81 40.75
C GLY D 131 20.51 17.13 40.01
N GLU D 132 21.39 18.07 40.38
CA GLU D 132 21.42 19.38 39.74
C GLU D 132 21.70 19.29 38.25
N ALA D 133 22.50 18.28 37.86
CA ALA D 133 22.79 17.98 36.44
C ALA D 133 21.57 17.44 35.71
N ILE D 134 20.96 16.41 36.30
CA ILE D 134 19.76 15.82 35.75
C ILE D 134 18.59 16.84 35.75
N GLN D 135 18.52 17.71 36.74
CA GLN D 135 17.51 18.78 36.75
C GLN D 135 17.63 19.80 35.62
N TYR D 136 18.86 20.15 35.22
CA TYR D 136 19.07 20.99 34.02
C TYR D 136 18.73 20.24 32.73
N LEU D 137 19.13 18.99 32.63
CA LEU D 137 18.86 18.29 31.39
C LEU D 137 17.39 18.29 31.08
N HIS D 138 16.60 18.09 32.11
CA HIS D 138 15.17 17.93 31.94
C HIS D 138 14.49 19.28 31.73
N SER D 139 15.05 20.32 32.33
CA SER D 139 14.45 21.63 32.22
C SER D 139 14.49 22.14 30.78
N ILE D 140 15.50 21.70 30.02
CA ILE D 140 15.64 22.00 28.57
C ILE D 140 15.42 20.76 27.76
N ASN D 141 14.47 19.93 28.19
CA ASN D 141 14.03 18.77 27.42
C ASN D 141 15.11 17.87 26.82
N ILE D 142 15.99 17.36 27.68
CA ILE D 142 16.96 16.34 27.28
C ILE D 142 16.98 15.25 28.35
N ALA D 143 17.01 13.98 27.90
CA ALA D 143 17.14 12.85 28.80
C ALA D 143 18.49 12.18 28.54
N HIS D 144 19.31 12.08 29.59
CA HIS D 144 20.65 11.50 29.47
C HIS D 144 20.68 10.00 29.11
N ARG D 145 19.83 9.21 29.76
CA ARG D 145 19.62 7.79 29.41
C ARG D 145 20.80 6.84 29.63
N ASP D 146 21.94 7.35 30.08
CA ASP D 146 23.05 6.47 30.44
C ASP D 146 23.69 6.90 31.76
N VAL D 147 22.87 7.31 32.72
CA VAL D 147 23.35 7.61 34.06
C VAL D 147 23.94 6.37 34.71
N LYS D 148 25.22 6.07 34.43
CA LYS D 148 25.97 4.99 35.09
C LYS D 148 27.12 5.63 35.87
N PRO D 149 27.46 5.07 37.04
CA PRO D 149 28.65 5.50 37.79
C PRO D 149 29.84 5.82 36.92
N GLU D 150 30.15 4.91 35.97
CA GLU D 150 31.17 5.15 34.93
C GLU D 150 31.30 6.62 34.54
N ASN D 151 30.19 7.24 34.12
CA ASN D 151 30.29 8.61 33.66
C ASN D 151 29.91 9.68 34.68
N LEU D 152 30.23 9.41 35.93
CA LEU D 152 30.28 10.48 36.95
C LEU D 152 31.74 10.72 37.31
N LEU D 153 32.19 11.97 37.21
CA LEU D 153 33.61 12.30 37.33
C LEU D 153 33.88 13.43 38.26
N TYR D 154 35.07 13.36 38.85
CA TYR D 154 35.58 14.39 39.71
C TYR D 154 36.63 15.12 38.91
N THR D 155 36.67 16.44 39.10
CA THR D 155 37.57 17.30 38.34
C THR D 155 39.04 17.00 38.64
N SER D 156 39.45 17.26 39.88
CA SER D 156 40.80 17.01 40.37
C SER D 156 40.83 16.07 41.59
N LYS D 157 42.04 15.79 42.09
CA LYS D 157 42.20 15.04 43.34
C LYS D 157 41.92 15.98 44.51
N ARG D 158 42.23 17.27 44.32
CA ARG D 158 41.98 18.35 45.27
C ARG D 158 40.66 18.13 46.03
N PRO D 159 40.63 18.48 47.33
CA PRO D 159 39.45 18.21 48.19
C PRO D 159 38.13 18.85 47.70
N ASN D 160 38.16 20.16 47.40
CA ASN D 160 37.00 20.91 46.91
C ASN D 160 36.48 20.49 45.50
N ALA D 161 37.31 19.78 44.74
CA ALA D 161 37.06 19.37 43.33
C ALA D 161 35.66 18.82 42.94
N ILE D 162 35.03 19.51 42.00
CA ILE D 162 33.61 19.35 41.66
C ILE D 162 33.27 18.04 40.93
N LEU D 163 32.02 17.62 41.04
CA LEU D 163 31.56 16.42 40.37
C LEU D 163 30.70 16.75 39.14
N LYS D 164 30.90 16.03 38.03
CA LYS D 164 30.22 16.31 36.74
C LYS D 164 29.77 15.06 35.96
N LEU D 165 28.72 15.22 35.13
CA LEU D 165 28.16 14.11 34.38
C LEU D 165 28.66 14.16 32.94
N THR D 166 28.95 12.99 32.36
CA THR D 166 29.55 12.92 31.02
C THR D 166 28.96 11.86 30.09
N ASP D 167 29.42 11.85 28.85
CA ASP D 167 28.93 10.94 27.81
C ASP D 167 27.46 11.12 27.47
N PHE D 168 27.19 11.84 26.38
CA PHE D 168 25.83 12.02 25.86
C PHE D 168 25.57 11.11 24.71
N GLY D 169 26.40 10.08 24.58
CA GLY D 169 26.19 9.03 23.59
C GLY D 169 24.76 8.52 23.48
N PHE D 170 24.00 8.64 24.56
CA PHE D 170 22.64 8.08 24.58
C PHE D 170 21.54 9.09 24.81
N ALA D 171 21.86 10.37 24.81
CA ALA D 171 20.85 11.33 25.20
C ALA D 171 19.79 11.54 24.11
N LYS D 172 18.58 11.92 24.51
CA LYS D 172 17.46 12.19 23.60
C LYS D 172 16.75 13.49 23.93
N GLU D 173 16.30 14.19 22.88
CA GLU D 173 15.38 15.33 23.03
C GLU D 173 13.95 14.81 23.25
N THR D 174 13.01 15.71 23.49
CA THR D 174 11.57 15.35 23.48
C THR D 174 10.72 16.06 22.40
N VAL D 190 -1.67 25.12 28.64
CA VAL D 190 -2.68 24.53 29.52
C VAL D 190 -1.97 23.64 30.55
N ALA D 191 -1.70 22.38 30.18
CA ALA D 191 -1.06 21.40 31.05
C ALA D 191 0.17 20.78 30.35
N PRO D 192 1.11 20.16 31.12
CA PRO D 192 2.33 19.53 30.56
C PRO D 192 2.12 18.57 29.39
N GLU D 193 0.96 17.91 29.33
CA GLU D 193 0.64 17.01 28.21
C GLU D 193 0.00 17.75 27.03
N VAL D 194 -0.76 18.82 27.31
CA VAL D 194 -1.42 19.62 26.26
C VAL D 194 -0.42 20.44 25.42
N LEU D 195 0.75 20.71 25.98
CA LEU D 195 1.84 21.27 25.19
C LEU D 195 2.95 20.25 24.88
N GLY D 196 3.08 19.86 23.61
CA GLY D 196 4.12 18.92 23.16
C GLY D 196 3.92 17.47 23.64
N PRO D 197 4.35 16.49 22.81
CA PRO D 197 4.17 15.03 23.09
C PRO D 197 4.58 14.52 24.51
N GLU D 198 5.88 14.27 24.71
CA GLU D 198 6.46 13.81 25.99
C GLU D 198 6.22 12.33 26.35
N LYS D 199 7.21 11.50 26.03
CA LYS D 199 7.22 10.05 26.37
C LYS D 199 7.64 9.72 27.83
N TYR D 200 8.18 8.51 28.02
CA TYR D 200 8.66 8.02 29.32
C TYR D 200 10.13 8.28 29.61
N ASP D 201 11.00 8.21 28.58
CA ASP D 201 12.46 8.08 28.81
C ASP D 201 13.12 9.08 29.77
N LYS D 202 12.48 10.22 30.01
CA LYS D 202 12.94 11.11 31.07
C LYS D 202 12.86 10.46 32.49
N SER D 203 12.49 9.18 32.55
CA SER D 203 12.24 8.53 33.82
C SER D 203 13.33 7.60 34.28
N CYS D 204 14.05 6.98 33.35
CA CYS D 204 15.11 6.06 33.75
C CYS D 204 16.35 6.79 34.26
N ASP D 205 16.38 8.09 34.01
CA ASP D 205 17.41 8.92 34.60
C ASP D 205 17.10 8.95 36.08
N MET D 206 15.82 9.06 36.38
CA MET D 206 15.37 9.03 37.75
C MET D 206 15.60 7.66 38.40
N TRP D 207 15.24 6.58 37.70
CA TRP D 207 15.56 5.23 38.16
C TRP D 207 17.02 5.09 38.54
N SER D 208 17.88 5.34 37.54
CA SER D 208 19.30 5.17 37.71
C SER D 208 19.78 6.04 38.83
N LEU D 209 19.19 7.22 38.98
CA LEU D 209 19.53 8.10 40.07
C LEU D 209 19.36 7.43 41.45
N GLY D 210 18.32 6.60 41.58
CA GLY D 210 18.05 5.82 42.79
C GLY D 210 19.09 4.72 42.99
N VAL D 211 19.36 3.98 41.91
CA VAL D 211 20.39 2.91 41.91
C VAL D 211 21.73 3.43 42.44
N ILE D 212 22.07 4.65 42.06
CA ILE D 212 23.30 5.28 42.57
C ILE D 212 23.12 5.65 44.04
N MET D 213 22.01 6.32 44.38
CA MET D 213 21.72 6.64 45.80
C MET D 213 21.97 5.42 46.69
N TYR D 214 21.42 4.27 46.26
CA TYR D 214 21.58 3.00 46.96
C TYR D 214 23.02 2.55 47.08
N ILE D 215 23.67 2.34 45.92
CA ILE D 215 25.07 1.91 45.88
C ILE D 215 25.96 2.85 46.70
N LEU D 216 25.59 4.12 46.75
CA LEU D 216 26.35 5.13 47.49
C LEU D 216 26.05 5.11 48.99
N LEU D 217 24.93 4.49 49.36
CA LEU D 217 24.44 4.58 50.74
C LEU D 217 24.82 3.35 51.54
N CYS D 218 25.17 2.28 50.83
CA CYS D 218 25.61 1.05 51.46
C CYS D 218 26.93 0.53 50.91
N GLY D 219 27.02 0.31 49.60
CA GLY D 219 28.28 -0.15 49.00
C GLY D 219 28.12 -1.25 47.96
N TYR D 220 26.89 -1.69 47.76
CA TYR D 220 26.62 -2.74 46.78
C TYR D 220 25.37 -2.37 45.94
N PRO D 221 25.16 -3.08 44.82
CA PRO D 221 23.98 -2.84 43.98
C PRO D 221 22.67 -3.32 44.59
N PRO D 222 21.54 -2.75 44.17
CA PRO D 222 20.29 -3.21 44.76
C PRO D 222 19.74 -4.42 43.97
N PHE D 223 20.42 -4.78 42.88
CA PHE D 223 20.03 -5.92 42.07
C PHE D 223 21.27 -6.63 41.57
N ILE D 231 20.27 -15.84 39.29
CA ILE D 231 21.52 -15.20 39.65
C ILE D 231 21.95 -14.25 38.53
N SER D 232 21.37 -14.44 37.33
CA SER D 232 21.63 -13.63 36.08
C SER D 232 20.44 -13.44 35.06
N PRO D 233 19.66 -14.50 34.75
CA PRO D 233 18.30 -14.21 34.28
C PRO D 233 17.29 -14.10 35.46
N GLY D 234 17.81 -13.97 36.67
CA GLY D 234 17.03 -13.69 37.88
C GLY D 234 17.29 -12.29 38.43
N MET D 235 18.50 -11.78 38.18
CA MET D 235 18.78 -10.35 38.38
C MET D 235 17.82 -9.63 37.44
N LYS D 236 17.73 -10.14 36.20
CA LYS D 236 16.71 -9.77 35.21
C LYS D 236 15.33 -9.65 35.87
N THR D 237 14.88 -10.73 36.51
CA THR D 237 13.54 -10.73 37.13
C THR D 237 13.42 -9.93 38.43
N ARG D 238 14.51 -9.80 39.18
CA ARG D 238 14.46 -9.03 40.44
C ARG D 238 14.20 -7.55 40.15
N ILE D 239 14.96 -6.99 39.22
CA ILE D 239 14.73 -5.64 38.70
C ILE D 239 13.27 -5.48 38.28
N ARG D 240 12.84 -6.31 37.34
CA ARG D 240 11.54 -6.18 36.68
C ARG D 240 10.36 -6.07 37.64
N MET D 241 10.48 -6.71 38.80
CA MET D 241 9.47 -6.75 39.87
C MET D 241 9.53 -5.60 40.89
N GLY D 242 10.73 -5.33 41.41
CA GLY D 242 10.93 -4.36 42.49
C GLY D 242 11.45 -5.03 43.77
N GLN D 243 12.15 -6.13 43.56
CA GLN D 243 12.60 -6.98 44.62
C GLN D 243 14.03 -6.69 44.98
N TYR D 244 14.17 -5.99 46.09
CA TYR D 244 15.46 -5.62 46.62
C TYR D 244 15.11 -5.46 48.06
N GLU D 245 16.11 -5.23 48.91
CA GLU D 245 15.86 -5.00 50.32
C GLU D 245 16.83 -3.99 50.90
N PHE D 246 16.80 -3.82 52.21
CA PHE D 246 17.75 -2.93 52.87
C PHE D 246 18.51 -3.73 53.94
N PRO D 247 19.42 -4.63 53.49
CA PRO D 247 20.08 -5.55 54.41
C PRO D 247 20.84 -4.87 55.55
N ASN D 248 20.95 -5.58 56.66
CA ASN D 248 21.77 -5.20 57.81
C ASN D 248 23.02 -6.06 57.79
N PRO D 249 24.20 -5.55 58.27
CA PRO D 249 24.46 -4.40 59.15
C PRO D 249 24.52 -3.04 58.44
N GLU D 250 24.31 -3.04 57.13
CA GLU D 250 24.53 -1.85 56.29
C GLU D 250 23.44 -0.76 56.45
N TRP D 251 22.17 -1.14 56.37
CA TRP D 251 21.04 -0.19 56.48
C TRP D 251 20.42 -0.12 57.88
N SER D 252 21.04 -0.80 58.85
CA SER D 252 20.71 -0.65 60.27
C SER D 252 20.60 0.81 60.66
N GLU D 253 21.62 1.58 60.27
CA GLU D 253 21.73 2.99 60.64
C GLU D 253 20.97 3.96 59.71
N VAL D 254 20.70 3.52 58.47
CA VAL D 254 20.11 4.40 57.44
C VAL D 254 18.64 4.71 57.70
N SER D 255 18.37 5.99 57.97
CA SER D 255 17.04 6.49 58.34
C SER D 255 15.92 6.07 57.38
N GLU D 256 14.70 6.01 57.92
CA GLU D 256 13.52 5.67 57.12
C GLU D 256 13.23 6.71 56.01
N GLU D 257 13.46 7.98 56.30
CA GLU D 257 13.22 9.05 55.32
C GLU D 257 14.01 8.81 54.02
N VAL D 258 15.22 8.24 54.16
CA VAL D 258 16.06 7.88 53.02
C VAL D 258 15.44 6.74 52.21
N LYS D 259 15.28 5.58 52.84
CA LYS D 259 14.75 4.38 52.22
C LYS D 259 13.47 4.65 51.42
N MET D 260 12.63 5.55 51.93
CA MET D 260 11.40 5.93 51.23
C MET D 260 11.67 6.61 49.88
N LEU D 261 12.57 7.58 49.89
CA LEU D 261 13.04 8.25 48.71
C LEU D 261 13.60 7.24 47.72
N ILE D 262 14.42 6.32 48.23
CA ILE D 262 14.95 5.23 47.39
C ILE D 262 13.81 4.35 46.87
N ARG D 263 12.80 4.12 47.72
CA ARG D 263 11.62 3.34 47.34
C ARG D 263 10.78 4.03 46.25
N ASN D 264 10.79 5.37 46.23
CA ASN D 264 10.09 6.16 45.22
C ASN D 264 10.83 6.26 43.89
N LEU D 265 12.15 6.20 43.93
CA LEU D 265 12.95 6.23 42.71
C LEU D 265 13.09 4.85 42.07
N LEU D 266 13.11 3.81 42.90
CA LEU D 266 13.24 2.45 42.37
C LEU D 266 11.90 1.86 41.94
N LYS D 267 10.81 2.60 42.20
CA LYS D 267 9.48 2.27 41.69
C LYS D 267 9.56 1.71 40.28
N THR D 268 9.20 0.44 40.09
CA THR D 268 9.36 -0.19 38.77
C THR D 268 8.29 0.22 37.78
N GLU D 269 7.33 1.01 38.23
CA GLU D 269 6.32 1.55 37.32
C GLU D 269 6.70 2.98 36.91
N PRO D 270 7.10 3.15 35.63
CA PRO D 270 7.77 4.35 35.10
C PRO D 270 7.17 5.67 35.56
N THR D 271 5.83 5.72 35.72
CA THR D 271 5.13 6.97 36.00
C THR D 271 4.69 7.16 37.45
N GLN D 272 5.36 6.46 38.37
CA GLN D 272 5.07 6.58 39.80
C GLN D 272 6.20 7.30 40.51
N ARG D 273 7.39 7.22 39.90
CA ARG D 273 8.60 7.84 40.42
C ARG D 273 8.45 9.34 40.41
N MET D 274 9.24 10.04 41.21
CA MET D 274 9.18 11.50 41.17
C MET D 274 9.84 12.15 39.92
N THR D 275 9.37 13.37 39.62
CA THR D 275 10.00 14.30 38.70
C THR D 275 11.33 14.71 39.39
N ILE D 276 12.32 15.28 38.68
CA ILE D 276 13.46 15.84 39.43
C ILE D 276 13.06 17.07 40.23
N THR D 277 12.01 17.78 39.82
CA THR D 277 11.59 18.94 40.61
C THR D 277 11.15 18.50 42.00
N GLU D 278 10.52 17.33 42.09
CA GLU D 278 10.14 16.77 43.37
C GLU D 278 11.37 16.42 44.16
N PHE D 279 12.19 15.58 43.55
CA PHE D 279 13.47 15.17 44.09
C PHE D 279 14.28 16.32 44.69
N MET D 280 14.38 17.43 43.99
CA MET D 280 15.27 18.49 44.44
C MET D 280 14.68 19.27 45.62
N ASN D 281 13.40 19.00 45.89
CA ASN D 281 12.69 19.62 47.02
C ASN D 281 12.55 18.67 48.19
N HIS D 282 12.86 17.39 47.95
CA HIS D 282 12.87 16.38 49.00
C HIS D 282 13.84 16.83 50.07
N PRO D 283 13.39 16.83 51.34
CA PRO D 283 14.16 17.44 52.44
C PRO D 283 15.56 16.85 52.60
N TRP D 284 15.73 15.57 52.28
CA TRP D 284 17.04 14.95 52.41
C TRP D 284 18.09 15.67 51.59
N ILE D 285 17.65 16.15 50.42
CA ILE D 285 18.46 16.85 49.41
C ILE D 285 18.54 18.36 49.67
N MET D 286 17.38 19.02 49.73
CA MET D 286 17.31 20.47 49.86
C MET D 286 18.21 21.05 50.96
N GLN D 287 18.43 20.26 52.00
CA GLN D 287 19.16 20.69 53.18
C GLN D 287 20.33 19.72 53.46
N SER D 288 21.23 19.60 52.49
CA SER D 288 22.36 18.67 52.56
C SER D 288 23.03 18.65 53.94
N THR D 289 23.36 19.85 54.42
CA THR D 289 23.86 20.08 55.78
C THR D 289 22.69 20.45 56.71
N LYS D 290 21.99 19.43 57.19
CA LYS D 290 20.76 19.52 58.00
C LYS D 290 20.13 18.12 58.07
N VAL D 291 20.87 17.13 57.54
CA VAL D 291 20.74 15.73 57.92
C VAL D 291 22.10 15.29 58.46
N PRO D 292 22.14 14.20 59.26
CA PRO D 292 23.31 13.90 60.09
C PRO D 292 24.59 13.65 59.30
N GLN D 293 25.69 13.46 60.04
CA GLN D 293 26.92 12.93 59.46
C GLN D 293 27.11 11.49 59.93
N THR D 294 26.00 10.76 60.08
CA THR D 294 26.05 9.35 60.43
C THR D 294 26.94 8.57 59.46
N PRO D 295 27.85 7.74 60.01
CA PRO D 295 28.82 6.97 59.24
C PRO D 295 28.15 5.91 58.37
N LEU D 296 28.86 5.51 57.31
CA LEU D 296 28.37 4.51 56.35
C LEU D 296 29.46 3.48 56.06
N HIS D 297 29.06 2.21 56.10
CA HIS D 297 29.93 1.10 55.74
C HIS D 297 30.17 1.14 54.23
N THR D 298 29.80 2.27 53.62
CA THR D 298 29.81 2.46 52.15
C THR D 298 31.19 2.23 51.54
N SER D 299 32.19 2.87 52.14
CA SER D 299 33.53 2.89 51.60
C SER D 299 34.21 1.51 51.62
N ARG D 300 34.44 1.00 52.82
CA ARG D 300 35.14 -0.27 53.04
C ARG D 300 34.53 -1.46 52.27
N VAL D 301 33.21 -1.52 52.17
CA VAL D 301 32.52 -2.63 51.50
C VAL D 301 33.12 -2.94 50.11
N LEU D 302 33.49 -1.88 49.40
CA LEU D 302 34.10 -1.99 48.08
C LEU D 302 35.43 -2.76 48.09
N PRO E 4 48.78 7.48 13.26
CA PRO E 4 47.84 8.55 12.97
C PRO E 4 48.28 9.91 13.55
N GLN E 5 47.54 10.94 13.16
CA GLN E 5 47.64 12.30 13.71
C GLN E 5 47.99 13.31 12.61
N PHE E 6 48.66 12.83 11.57
CA PHE E 6 48.84 13.60 10.36
C PHE E 6 47.76 13.12 9.41
N HIS E 7 47.27 11.93 9.72
CA HIS E 7 46.02 11.43 9.21
C HIS E 7 44.86 12.40 9.54
N VAL E 8 45.13 13.51 10.22
CA VAL E 8 44.07 14.47 10.54
C VAL E 8 44.19 15.70 9.67
N LYS E 9 43.30 15.82 8.68
CA LYS E 9 43.29 16.96 7.74
C LYS E 9 42.06 17.81 7.98
N SER E 10 42.11 19.07 7.60
CA SER E 10 41.10 20.03 8.01
C SER E 10 39.81 19.81 7.29
N GLY E 11 38.71 20.32 7.85
CA GLY E 11 37.40 20.29 7.21
C GLY E 11 37.32 21.31 6.08
N LEU E 12 36.20 21.30 5.35
CA LEU E 12 35.97 22.35 4.35
C LEU E 12 35.12 23.49 4.91
N GLN E 13 35.74 24.64 5.10
CA GLN E 13 35.07 25.86 5.54
C GLN E 13 34.65 26.64 4.28
N ILE E 14 33.37 26.63 3.92
CA ILE E 14 32.96 27.41 2.77
C ILE E 14 33.13 28.92 3.00
N LYS E 15 33.67 29.65 2.02
CA LYS E 15 33.77 31.08 2.16
C LYS E 15 32.49 31.77 1.68
N LYS E 16 32.12 32.90 2.30
CA LYS E 16 30.89 33.57 1.89
C LYS E 16 31.11 34.95 1.28
N ASN E 17 32.32 35.50 1.33
CA ASN E 17 32.59 36.69 0.54
C ASN E 17 32.32 36.42 -0.91
N ALA E 18 31.83 37.43 -1.63
CA ALA E 18 31.78 37.32 -3.10
C ALA E 18 33.20 36.94 -3.57
N ILE E 19 33.25 36.05 -4.54
CA ILE E 19 34.51 35.51 -4.92
C ILE E 19 35.36 36.64 -5.53
N ILE E 20 34.73 37.58 -6.23
CA ILE E 20 35.46 38.67 -6.89
C ILE E 20 36.22 39.62 -5.94
N ASP E 21 35.97 39.54 -4.63
CA ASP E 21 36.87 40.20 -3.73
C ASP E 21 38.22 39.60 -3.98
N ASP E 22 38.27 38.30 -4.28
CA ASP E 22 39.56 37.61 -4.34
C ASP E 22 40.08 37.26 -5.73
N TYR E 23 39.22 37.07 -6.74
CA TYR E 23 39.73 36.71 -8.10
C TYR E 23 39.24 37.61 -9.22
N LYS E 24 40.12 37.81 -10.21
CA LYS E 24 39.70 38.28 -11.51
C LYS E 24 39.14 37.05 -12.18
N VAL E 25 37.92 37.16 -12.68
CA VAL E 25 37.29 36.02 -13.33
C VAL E 25 37.20 36.24 -14.80
N THR E 26 38.14 35.66 -15.55
CA THR E 26 38.20 35.84 -17.02
C THR E 26 37.23 34.90 -17.74
N SER E 27 37.27 34.94 -19.07
CA SER E 27 36.35 34.14 -19.91
C SER E 27 36.95 32.91 -20.59
N GLN E 28 38.28 32.86 -20.67
CA GLN E 28 38.99 31.73 -21.20
C GLN E 28 38.30 30.51 -20.65
N VAL E 29 37.63 29.74 -21.49
CA VAL E 29 37.10 28.48 -21.02
C VAL E 29 38.24 27.45 -21.05
N LEU E 30 38.52 26.82 -19.92
CA LEU E 30 39.57 25.83 -19.86
C LEU E 30 38.96 24.47 -20.14
N GLY E 31 37.90 24.17 -19.39
CA GLY E 31 37.25 22.86 -19.40
C GLY E 31 35.76 23.02 -19.33
N LEU E 32 35.02 21.91 -19.32
CA LEU E 32 33.56 21.96 -19.36
C LEU E 32 32.97 20.58 -19.19
N GLY E 33 31.73 20.44 -19.71
CA GLY E 33 30.96 19.18 -19.77
C GLY E 33 29.70 19.36 -18.93
N ILE E 34 29.24 18.25 -18.34
CA ILE E 34 28.23 18.26 -17.26
C ILE E 34 28.53 19.37 -16.26
N ASN E 35 27.47 19.92 -15.65
CA ASN E 35 27.53 21.07 -14.72
C ASN E 35 27.87 22.40 -15.40
N GLY E 36 28.50 22.29 -16.58
CA GLY E 36 28.99 23.46 -17.34
C GLY E 36 30.51 23.59 -17.47
N LYS E 37 30.92 24.81 -17.78
CA LYS E 37 32.28 25.09 -18.17
C LYS E 37 33.20 25.42 -16.99
N VAL E 38 34.50 25.30 -17.21
CA VAL E 38 35.48 25.70 -16.24
C VAL E 38 36.29 26.85 -16.80
N LEU E 39 36.41 27.88 -15.97
CA LEU E 39 36.97 29.18 -16.34
C LEU E 39 38.32 29.43 -15.71
N GLN E 40 39.24 29.97 -16.51
CA GLN E 40 40.53 30.48 -16.02
C GLN E 40 40.35 31.76 -15.17
N ILE E 41 41.02 31.80 -14.02
CA ILE E 41 40.87 32.94 -13.13
C ILE E 41 42.23 33.21 -12.51
N PHE E 42 42.33 34.36 -11.87
CA PHE E 42 43.60 34.87 -11.40
C PHE E 42 43.38 35.35 -9.98
N ASN E 43 44.25 34.96 -9.07
CA ASN E 43 44.23 35.52 -7.73
C ASN E 43 44.80 36.94 -7.78
N LYS E 44 43.90 37.92 -7.72
CA LYS E 44 44.23 39.37 -7.70
C LYS E 44 45.49 39.76 -6.88
N ARG E 45 45.50 39.41 -5.59
CA ARG E 45 46.67 39.55 -4.69
C ARG E 45 48.02 39.06 -5.26
N THR E 46 48.03 37.96 -6.05
CA THR E 46 49.31 37.34 -6.49
C THR E 46 49.44 37.24 -8.00
N GLN E 47 48.34 37.44 -8.69
CA GLN E 47 48.37 37.33 -10.16
C GLN E 47 48.50 35.86 -10.68
N GLU E 48 48.48 34.91 -9.74
CA GLU E 48 48.63 33.48 -10.02
C GLU E 48 47.33 32.79 -10.55
N LYS E 49 47.51 31.81 -11.45
CA LYS E 49 46.46 31.08 -12.23
C LYS E 49 45.61 30.09 -11.37
N PHE E 50 44.29 30.10 -11.54
CA PHE E 50 43.40 29.18 -10.81
C PHE E 50 42.23 28.83 -11.69
N ALA E 51 41.44 27.83 -11.28
CA ALA E 51 40.42 27.28 -12.16
C ALA E 51 39.10 27.43 -11.46
N LEU E 52 38.05 27.77 -12.20
CA LEU E 52 36.77 27.96 -11.55
C LEU E 52 35.65 27.19 -12.22
N LYS E 53 34.84 26.50 -11.42
CA LYS E 53 33.70 25.78 -11.92
C LYS E 53 32.59 26.18 -11.00
N MET E 54 31.40 26.48 -11.53
CA MET E 54 30.31 26.91 -10.65
C MET E 54 29.07 26.06 -10.78
N LEU E 55 28.31 25.92 -9.71
CA LEU E 55 27.17 25.07 -9.70
C LEU E 55 26.04 25.73 -8.95
N GLN E 56 24.81 25.52 -9.40
CA GLN E 56 23.65 25.89 -8.58
C GLN E 56 23.72 25.04 -7.35
N ASP E 57 23.61 25.67 -6.19
CA ASP E 57 23.51 24.91 -4.95
C ASP E 57 22.33 23.94 -5.10
N CYS E 58 22.37 22.84 -4.36
CA CYS E 58 21.45 21.69 -4.53
C CYS E 58 22.24 20.46 -4.16
N PRO E 59 21.57 19.34 -3.90
CA PRO E 59 22.31 18.27 -3.21
C PRO E 59 23.37 17.59 -4.11
N LYS E 60 23.07 17.30 -5.37
CA LYS E 60 24.17 16.90 -6.27
C LYS E 60 25.36 17.84 -6.09
N ALA E 61 25.19 19.15 -6.32
CA ALA E 61 26.30 20.09 -6.09
C ALA E 61 26.95 19.98 -4.73
N ARG E 62 26.17 19.90 -3.68
CA ARG E 62 26.74 19.77 -2.38
C ARG E 62 27.57 18.50 -2.31
N ARG E 63 27.04 17.43 -2.90
CA ARG E 63 27.78 16.16 -2.98
C ARG E 63 29.13 16.25 -3.65
N GLU E 64 29.17 16.82 -4.85
CA GLU E 64 30.37 16.89 -5.60
C GLU E 64 31.49 17.59 -4.86
N VAL E 65 31.10 18.59 -4.08
CA VAL E 65 32.03 19.41 -3.43
C VAL E 65 32.54 18.58 -2.26
N GLU E 66 31.64 17.99 -1.51
CA GLU E 66 32.06 17.11 -0.42
C GLU E 66 33.05 16.02 -0.85
N LEU E 67 32.74 15.31 -1.95
CA LEU E 67 33.61 14.24 -2.37
C LEU E 67 34.84 14.87 -2.97
N HIS E 68 34.68 15.92 -3.72
CA HIS E 68 35.87 16.35 -4.38
C HIS E 68 36.86 16.76 -3.27
N TRP E 69 36.35 17.49 -2.26
CA TRP E 69 37.17 17.93 -1.17
C TRP E 69 37.87 16.76 -0.54
N ARG E 70 37.21 15.67 -0.26
CA ARG E 70 37.92 14.54 0.36
C ARG E 70 39.05 13.94 -0.49
N ALA E 71 38.86 13.91 -1.82
CA ALA E 71 39.86 13.33 -2.72
C ALA E 71 41.03 14.22 -2.93
N SER E 72 40.81 15.49 -2.60
CA SER E 72 41.75 16.57 -2.84
C SER E 72 43.10 16.37 -2.16
N GLN E 73 43.12 15.47 -1.21
CA GLN E 73 44.30 15.18 -0.43
C GLN E 73 45.27 14.32 -1.22
N CYS E 74 44.81 13.74 -2.32
CA CYS E 74 45.64 12.80 -3.07
C CYS E 74 46.53 13.62 -3.98
N PRO E 75 47.84 13.35 -3.96
CA PRO E 75 48.69 14.15 -4.87
C PRO E 75 48.30 14.05 -6.37
N HIS E 76 47.53 13.04 -6.77
CA HIS E 76 47.16 12.83 -8.18
C HIS E 76 45.74 13.15 -8.51
N ILE E 77 45.12 13.96 -7.65
CA ILE E 77 43.76 14.45 -7.89
C ILE E 77 43.80 15.97 -7.84
N VAL E 78 43.12 16.66 -8.73
CA VAL E 78 43.27 18.12 -8.71
C VAL E 78 42.75 18.75 -7.44
N ARG E 79 43.63 19.52 -6.80
CA ARG E 79 43.31 20.14 -5.54
C ARG E 79 42.22 21.25 -5.64
N ILE E 80 41.33 21.24 -4.67
CA ILE E 80 40.48 22.37 -4.45
C ILE E 80 41.14 23.35 -3.45
N VAL E 81 41.35 24.58 -3.88
CA VAL E 81 41.91 25.61 -3.01
C VAL E 81 40.81 26.26 -2.16
N ASP E 82 39.74 26.71 -2.83
CA ASP E 82 38.60 27.34 -2.13
C ASP E 82 37.23 27.02 -2.69
N VAL E 83 36.22 26.94 -1.82
CA VAL E 83 34.84 26.83 -2.23
C VAL E 83 34.05 28.01 -1.61
N TYR E 84 33.53 28.87 -2.49
CA TYR E 84 32.68 29.97 -2.10
C TYR E 84 31.23 29.58 -2.27
N GLU E 85 30.39 30.08 -1.37
CA GLU E 85 28.94 30.05 -1.53
C GLU E 85 28.54 31.50 -1.80
N ASN E 86 28.13 31.80 -3.03
CA ASN E 86 27.70 33.15 -3.41
C ASN E 86 26.32 33.13 -4.04
N LEU E 87 25.84 34.30 -4.36
CA LEU E 87 24.54 34.54 -4.94
C LEU E 87 24.71 35.16 -6.30
N TYR E 88 24.18 34.52 -7.30
CA TYR E 88 24.37 34.95 -8.66
C TYR E 88 23.02 34.87 -9.35
N ALA E 89 22.58 36.01 -9.88
CA ALA E 89 21.32 36.05 -10.59
C ALA E 89 20.30 35.49 -9.66
N GLY E 90 20.43 35.79 -8.39
CA GLY E 90 19.36 35.46 -7.46
C GLY E 90 19.35 34.06 -6.90
N ARG E 91 19.67 33.06 -7.73
CA ARG E 91 19.86 31.66 -7.33
C ARG E 91 21.13 31.57 -6.47
N LYS E 92 21.14 30.71 -5.44
CA LYS E 92 22.39 30.37 -4.73
C LYS E 92 23.42 29.58 -5.54
N CYS E 93 24.70 29.64 -5.18
CA CYS E 93 25.72 28.95 -6.02
C CYS E 93 26.95 28.51 -5.27
N LEU E 94 27.50 27.37 -5.69
CA LEU E 94 28.73 26.91 -5.16
C LEU E 94 29.81 27.21 -6.18
N LEU E 95 30.83 27.97 -5.83
CA LEU E 95 31.87 28.15 -6.80
C LEU E 95 33.14 27.54 -6.25
N ILE E 96 33.70 26.64 -7.05
CA ILE E 96 34.81 25.82 -6.66
C ILE E 96 36.04 26.36 -7.31
N VAL E 97 37.01 26.75 -6.48
CA VAL E 97 38.27 27.24 -6.98
C VAL E 97 39.24 26.07 -6.92
N MET E 98 39.76 25.70 -8.09
CA MET E 98 40.75 24.61 -8.18
C MET E 98 42.08 25.17 -8.50
N GLU E 99 43.15 24.48 -8.06
CA GLU E 99 44.49 24.74 -8.60
C GLU E 99 44.40 24.67 -10.10
N CYS E 100 45.25 25.39 -10.82
CA CYS E 100 45.09 25.38 -12.26
C CYS E 100 46.18 24.56 -12.87
N LEU E 101 45.79 23.53 -13.60
CA LEU E 101 46.80 22.69 -14.23
C LEU E 101 46.64 23.17 -15.62
N ASP E 102 47.75 23.56 -16.25
CA ASP E 102 47.64 24.18 -17.60
C ASP E 102 48.42 23.44 -18.70
N GLY E 103 48.99 22.28 -18.37
CA GLY E 103 49.93 21.59 -19.24
C GLY E 103 49.26 20.73 -20.30
N GLY E 104 47.94 20.72 -20.31
CA GLY E 104 47.19 20.02 -21.35
C GLY E 104 46.65 18.69 -20.90
N GLU E 105 45.64 18.25 -21.60
CA GLU E 105 45.11 16.90 -21.52
C GLU E 105 46.15 15.83 -21.88
N LEU E 106 46.02 14.66 -21.26
CA LEU E 106 47.00 13.59 -21.37
C LEU E 106 47.36 13.25 -22.79
N PHE E 107 46.38 13.10 -23.65
CA PHE E 107 46.67 12.64 -24.99
C PHE E 107 47.00 13.80 -25.90
N SER E 108 46.74 15.02 -25.42
CA SER E 108 47.19 16.21 -26.13
C SER E 108 48.66 16.31 -25.89
N ARG E 109 49.09 15.99 -24.68
CA ARG E 109 50.48 16.12 -24.37
C ARG E 109 51.26 15.10 -25.14
N ILE E 110 50.80 13.86 -25.10
CA ILE E 110 51.44 12.77 -25.81
C ILE E 110 51.41 13.05 -27.31
N GLN E 111 50.28 13.55 -27.80
CA GLN E 111 50.05 13.77 -29.24
C GLN E 111 51.08 14.66 -29.89
N ASP E 112 51.25 15.85 -29.34
CA ASP E 112 52.21 16.82 -29.83
C ASP E 112 53.43 16.40 -29.07
N ARG E 113 54.57 16.22 -29.72
CA ARG E 113 55.72 15.69 -28.99
C ARG E 113 57.01 15.70 -29.78
N GLY E 114 58.15 15.68 -29.06
CA GLY E 114 59.50 15.59 -29.66
C GLY E 114 59.62 14.51 -30.73
N ASP E 115 58.63 14.49 -31.62
CA ASP E 115 58.43 13.44 -32.62
C ASP E 115 57.25 12.50 -32.26
N GLN E 116 57.56 11.51 -31.40
CA GLN E 116 56.70 10.38 -31.01
C GLN E 116 57.51 9.37 -30.17
N ALA E 117 58.65 9.79 -29.63
CA ALA E 117 59.44 8.91 -28.74
C ALA E 117 58.65 8.61 -27.43
N PHE E 118 57.51 7.91 -27.57
CA PHE E 118 56.68 7.53 -26.42
C PHE E 118 56.86 6.08 -26.05
N THR E 119 57.62 5.79 -25.02
CA THR E 119 57.91 4.39 -24.76
C THR E 119 56.93 3.69 -23.81
N GLU E 120 56.82 2.37 -23.91
CA GLU E 120 56.04 1.60 -22.98
C GLU E 120 56.31 1.99 -21.51
N ARG E 121 57.58 2.25 -21.16
CA ARG E 121 57.93 2.63 -19.79
C ARG E 121 57.23 3.91 -19.41
N GLU E 122 57.31 4.92 -20.25
CA GLU E 122 56.47 6.09 -20.07
C GLU E 122 55.03 5.67 -19.78
N ALA E 123 54.43 4.99 -20.73
CA ALA E 123 53.09 4.44 -20.56
C ALA E 123 52.81 3.95 -19.15
N SER E 124 53.76 3.24 -18.57
CA SER E 124 53.56 2.60 -17.30
C SER E 124 53.69 3.61 -16.20
N GLU E 125 54.57 4.57 -16.35
CA GLU E 125 54.59 5.67 -15.40
C GLU E 125 53.20 6.32 -15.36
N ILE E 126 52.59 6.49 -16.52
CA ILE E 126 51.33 7.17 -16.55
C ILE E 126 50.27 6.34 -15.78
N MET E 127 50.03 5.13 -16.24
CA MET E 127 49.08 4.22 -15.61
C MET E 127 49.25 4.07 -14.06
N LYS E 128 50.49 3.92 -13.58
CA LYS E 128 50.71 4.01 -12.14
C LYS E 128 50.03 5.25 -11.58
N SER E 129 50.24 6.38 -12.25
CA SER E 129 49.81 7.56 -11.58
C SER E 129 48.27 7.68 -11.61
N ILE E 130 47.61 7.28 -12.70
CA ILE E 130 46.15 7.18 -12.66
C ILE E 130 45.66 6.16 -11.59
N GLY E 131 46.34 5.02 -11.51
CA GLY E 131 46.00 4.02 -10.52
C GLY E 131 46.05 4.70 -9.19
N GLU E 132 47.00 5.60 -9.01
CA GLU E 132 47.08 6.25 -7.71
C GLU E 132 45.88 7.08 -7.32
N ALA E 133 45.41 7.90 -8.22
CA ALA E 133 44.16 8.57 -7.95
C ALA E 133 43.08 7.54 -7.59
N ILE E 134 42.96 6.47 -8.41
CA ILE E 134 41.85 5.51 -8.26
C ILE E 134 42.03 4.75 -6.96
N GLN E 135 43.24 4.37 -6.61
CA GLN E 135 43.37 3.75 -5.33
C GLN E 135 42.90 4.65 -4.21
N TYR E 136 43.29 5.94 -4.23
CA TYR E 136 42.91 6.85 -3.18
C TYR E 136 41.36 6.93 -3.08
N LEU E 137 40.70 7.33 -4.16
CA LEU E 137 39.27 7.30 -4.14
C LEU E 137 38.71 5.96 -3.66
N HIS E 138 39.01 4.86 -4.35
CA HIS E 138 38.41 3.57 -3.91
C HIS E 138 38.67 3.26 -2.42
N SER E 139 39.83 3.66 -1.89
CA SER E 139 40.12 3.43 -0.49
C SER E 139 39.30 4.36 0.50
N ILE E 140 38.90 5.54 0.04
CA ILE E 140 37.91 6.29 0.83
C ILE E 140 36.43 6.10 0.46
N ASN E 141 36.12 4.96 -0.13
CA ASN E 141 34.75 4.65 -0.48
C ASN E 141 34.10 5.54 -1.52
N ILE E 142 34.91 6.13 -2.40
CA ILE E 142 34.41 6.97 -3.51
C ILE E 142 34.74 6.33 -4.85
N ALA E 143 33.74 6.28 -5.71
CA ALA E 143 33.88 5.83 -7.10
C ALA E 143 33.81 7.06 -8.02
N HIS E 144 34.81 7.25 -8.87
CA HIS E 144 34.84 8.45 -9.66
C HIS E 144 33.72 8.42 -10.65
N ARG E 145 33.56 7.28 -11.33
CA ARG E 145 32.58 7.07 -12.39
C ARG E 145 32.70 7.85 -13.68
N ASP E 146 33.56 8.87 -13.81
CA ASP E 146 33.76 9.43 -15.16
C ASP E 146 35.22 9.53 -15.58
N VAL E 147 35.96 8.43 -15.41
CA VAL E 147 37.38 8.42 -15.73
C VAL E 147 37.59 8.30 -17.23
N LYS E 148 38.09 9.34 -17.85
CA LYS E 148 38.17 9.42 -19.29
C LYS E 148 39.24 10.45 -19.66
N PRO E 149 39.70 10.41 -20.92
CA PRO E 149 40.98 11.06 -21.19
C PRO E 149 40.91 12.54 -20.91
N GLU E 150 39.80 13.19 -21.25
CA GLU E 150 39.60 14.60 -20.92
C GLU E 150 39.83 14.90 -19.43
N ASN E 151 39.32 14.09 -18.49
CA ASN E 151 39.53 14.38 -17.07
C ASN E 151 40.93 14.03 -16.53
N LEU E 152 41.89 13.83 -17.43
CA LEU E 152 43.25 13.58 -17.01
C LEU E 152 44.15 14.67 -17.55
N LEU E 153 44.82 15.34 -16.61
CA LEU E 153 45.44 16.63 -16.86
C LEU E 153 46.82 16.71 -16.31
N TYR E 154 47.74 17.25 -17.12
CA TYR E 154 49.10 17.57 -16.70
C TYR E 154 49.18 18.95 -16.07
N THR E 155 50.02 19.08 -15.04
CA THR E 155 50.05 20.25 -14.15
C THR E 155 50.59 21.45 -14.88
N SER E 156 51.86 21.35 -15.26
CA SER E 156 52.56 22.31 -16.17
C SER E 156 53.07 21.70 -17.45
N LYS E 157 53.81 22.51 -18.20
CA LYS E 157 54.33 22.15 -19.51
C LYS E 157 55.72 21.68 -19.33
N ARG E 158 56.27 21.96 -18.15
CA ARG E 158 57.59 21.50 -17.75
C ARG E 158 57.74 20.02 -18.16
N PRO E 159 58.99 19.58 -18.41
CA PRO E 159 59.03 18.19 -18.89
C PRO E 159 58.51 17.22 -17.80
N ASN E 160 58.79 17.51 -16.53
CA ASN E 160 58.43 16.61 -15.43
C ASN E 160 57.06 16.84 -14.75
N ALA E 161 56.15 17.49 -15.48
CA ALA E 161 54.84 17.84 -14.93
C ALA E 161 54.05 16.63 -14.44
N ILE E 162 53.08 16.88 -13.57
CA ILE E 162 52.36 15.78 -12.94
C ILE E 162 50.94 15.58 -13.46
N LEU E 163 50.48 14.34 -13.42
CA LEU E 163 49.20 13.97 -14.04
C LEU E 163 48.14 13.81 -12.97
N LYS E 164 47.06 14.54 -13.11
CA LYS E 164 46.09 14.52 -12.05
C LYS E 164 44.71 14.30 -12.62
N LEU E 165 43.88 13.60 -11.84
CA LEU E 165 42.52 13.34 -12.22
C LEU E 165 41.57 14.45 -11.78
N THR E 166 40.61 14.79 -12.63
CA THR E 166 39.67 15.82 -12.28
C THR E 166 38.20 15.43 -12.46
N ASP E 167 37.31 16.37 -12.18
CA ASP E 167 35.84 16.24 -12.34
C ASP E 167 35.15 15.14 -11.53
N PHE E 168 34.35 15.58 -10.53
CA PHE E 168 33.61 14.73 -9.60
C PHE E 168 32.09 14.92 -9.68
N GLY E 169 31.65 15.49 -10.79
CA GLY E 169 30.23 15.54 -11.11
C GLY E 169 29.46 14.23 -11.11
N PHE E 170 30.12 13.13 -11.45
CA PHE E 170 29.51 11.80 -11.34
C PHE E 170 29.94 10.94 -10.13
N ALA E 171 30.71 11.48 -9.19
CA ALA E 171 31.30 10.61 -8.20
C ALA E 171 30.23 10.17 -7.20
N LYS E 172 30.43 9.05 -6.53
CA LYS E 172 29.44 8.53 -5.57
C LYS E 172 30.11 7.79 -4.42
N GLU E 173 29.56 7.96 -3.21
CA GLU E 173 30.05 7.22 -2.05
C GLU E 173 29.62 5.80 -2.27
N THR E 174 30.48 4.84 -1.97
CA THR E 174 30.17 3.45 -2.30
C THR E 174 29.56 2.73 -1.08
N THR E 175 29.71 3.29 0.11
CA THR E 175 29.16 2.64 1.28
C THR E 175 27.86 3.34 1.64
N PRO E 187 35.16 -7.24 13.39
CA PRO E 187 36.04 -8.21 14.01
C PRO E 187 37.46 -8.14 13.48
N TYR E 188 37.89 -9.09 12.62
CA TYR E 188 39.25 -9.14 11.98
C TYR E 188 39.35 -10.32 11.01
N TYR E 189 38.40 -11.22 11.13
CA TYR E 189 38.27 -12.39 10.28
C TYR E 189 37.07 -12.11 9.34
N VAL E 190 36.18 -11.22 9.78
CA VAL E 190 34.99 -10.74 9.02
C VAL E 190 35.25 -10.46 7.53
N ALA E 191 34.35 -10.96 6.69
CA ALA E 191 34.40 -10.81 5.22
C ALA E 191 33.91 -9.44 4.72
N PRO E 192 34.44 -8.94 3.57
CA PRO E 192 34.04 -7.61 3.07
C PRO E 192 32.51 -7.41 2.90
N GLU E 193 31.82 -8.40 2.32
CA GLU E 193 30.36 -8.40 2.21
C GLU E 193 29.62 -8.05 3.48
N VAL E 194 30.11 -8.60 4.60
CA VAL E 194 29.45 -8.49 5.89
C VAL E 194 29.40 -7.05 6.37
N LEU E 195 30.44 -6.28 6.11
CA LEU E 195 30.43 -4.89 6.54
C LEU E 195 30.01 -4.01 5.39
N GLY E 196 28.70 -3.79 5.29
CA GLY E 196 28.17 -2.76 4.38
C GLY E 196 27.78 -3.21 2.98
N PRO E 197 26.52 -2.93 2.59
CA PRO E 197 25.94 -3.44 1.34
C PRO E 197 26.84 -3.14 0.11
N GLU E 198 26.86 -1.89 -0.36
CA GLU E 198 27.71 -1.47 -1.50
C GLU E 198 27.52 -2.28 -2.79
N LYS E 199 26.99 -1.65 -3.84
CA LYS E 199 26.83 -2.33 -5.16
C LYS E 199 28.19 -2.49 -5.93
N TYR E 200 28.15 -2.52 -7.27
CA TYR E 200 29.39 -2.71 -8.08
C TYR E 200 29.74 -1.51 -8.97
N ASP E 201 29.62 -0.34 -8.35
CA ASP E 201 29.93 0.93 -8.98
C ASP E 201 31.43 1.21 -9.06
N LYS E 202 32.18 0.76 -8.08
CA LYS E 202 33.62 0.99 -8.09
C LYS E 202 34.30 0.44 -9.35
N SER E 203 33.82 -0.72 -9.82
CA SER E 203 34.51 -1.47 -10.89
C SER E 203 34.37 -0.89 -12.27
N CYS E 204 33.54 0.11 -12.45
CA CYS E 204 33.51 0.72 -13.74
C CYS E 204 34.64 1.72 -13.90
N ASP E 205 35.19 2.18 -12.78
CA ASP E 205 36.44 2.95 -12.78
C ASP E 205 37.47 2.03 -13.39
N MET E 206 37.50 0.78 -12.96
CA MET E 206 38.45 -0.15 -13.52
C MET E 206 38.32 -0.45 -15.04
N TRP E 207 37.10 -0.50 -15.55
CA TRP E 207 36.92 -0.61 -17.00
C TRP E 207 37.60 0.61 -17.64
N SER E 208 37.20 1.81 -17.17
CA SER E 208 37.84 3.03 -17.64
C SER E 208 39.36 2.98 -17.65
N LEU E 209 40.00 2.49 -16.60
CA LEU E 209 41.45 2.38 -16.63
C LEU E 209 41.86 1.57 -17.86
N GLY E 210 41.16 0.44 -18.06
CA GLY E 210 41.42 -0.44 -19.15
C GLY E 210 41.39 0.34 -20.43
N VAL E 211 40.25 1.00 -20.72
CA VAL E 211 40.09 1.72 -22.02
C VAL E 211 41.29 2.64 -22.17
N ILE E 212 41.53 3.50 -21.16
CA ILE E 212 42.71 4.34 -21.18
C ILE E 212 44.04 3.62 -21.47
N MET E 213 44.43 2.68 -20.64
CA MET E 213 45.66 1.95 -20.85
C MET E 213 45.76 1.48 -22.32
N TYR E 214 44.65 1.03 -22.87
CA TYR E 214 44.66 0.58 -24.22
C TYR E 214 45.03 1.75 -25.13
N ILE E 215 44.36 2.89 -24.99
CA ILE E 215 44.71 4.00 -25.87
C ILE E 215 46.16 4.38 -25.68
N LEU E 216 46.59 4.45 -24.45
CA LEU E 216 47.98 4.79 -24.17
C LEU E 216 48.94 3.94 -24.99
N LEU E 217 48.66 2.64 -25.08
CA LEU E 217 49.59 1.72 -25.74
C LEU E 217 49.64 1.77 -27.24
N CYS E 218 48.62 2.35 -27.88
CA CYS E 218 48.51 2.28 -29.32
C CYS E 218 47.98 3.53 -30.00
N GLY E 219 47.26 4.35 -29.25
CA GLY E 219 46.75 5.61 -29.78
C GLY E 219 45.33 5.61 -30.33
N TYR E 220 44.57 4.51 -30.18
CA TYR E 220 43.15 4.50 -30.59
C TYR E 220 42.41 3.61 -29.60
N PRO E 221 41.07 3.69 -29.51
CA PRO E 221 40.38 3.05 -28.37
C PRO E 221 40.18 1.57 -28.64
N PRO E 222 39.78 0.76 -27.63
CA PRO E 222 39.52 -0.64 -28.00
C PRO E 222 38.23 -0.84 -28.76
N PHE E 223 37.20 -0.07 -28.46
CA PHE E 223 35.92 -0.11 -29.15
C PHE E 223 35.75 1.24 -29.83
N TYR E 224 35.27 1.27 -31.07
CA TYR E 224 34.96 2.56 -31.75
C TYR E 224 33.81 2.43 -32.79
N SER E 225 33.34 3.59 -33.31
CA SER E 225 32.21 3.69 -34.25
C SER E 225 32.40 3.18 -35.71
N ASN E 226 33.17 3.91 -36.53
CA ASN E 226 33.13 3.79 -38.03
C ASN E 226 32.67 5.09 -38.75
N ILE E 231 27.44 -0.04 -36.39
CA ILE E 231 28.77 0.36 -35.97
C ILE E 231 28.54 1.65 -35.20
N SER E 232 27.69 1.52 -34.21
CA SER E 232 27.39 2.58 -33.20
C SER E 232 26.19 2.12 -32.37
N PRO E 233 25.17 1.54 -33.05
CA PRO E 233 24.55 0.34 -32.47
C PRO E 233 25.54 -0.86 -32.45
N GLY E 234 26.48 -0.91 -33.41
CA GLY E 234 27.50 -1.97 -33.52
C GLY E 234 28.60 -1.85 -32.46
N MET E 235 29.03 -0.61 -32.21
CA MET E 235 29.89 -0.27 -31.07
C MET E 235 29.34 -0.72 -29.70
N LYS E 236 28.08 -0.42 -29.43
CA LYS E 236 27.45 -0.91 -28.24
C LYS E 236 27.53 -2.41 -28.21
N THR E 237 27.21 -3.09 -29.33
CA THR E 237 27.29 -4.56 -29.32
C THR E 237 28.70 -5.12 -28.98
N ARG E 238 29.68 -4.69 -29.74
CA ARG E 238 31.08 -4.84 -29.34
C ARG E 238 31.50 -4.46 -27.86
N ILE E 239 30.97 -3.41 -27.24
CA ILE E 239 31.28 -3.21 -25.81
C ILE E 239 30.63 -4.34 -25.00
N ARG E 240 29.37 -4.61 -25.31
CA ARG E 240 28.53 -5.56 -24.59
C ARG E 240 29.14 -6.99 -24.64
N MET E 241 29.56 -7.44 -25.82
CA MET E 241 30.29 -8.72 -26.03
C MET E 241 31.80 -8.75 -25.63
N GLY E 242 32.44 -7.59 -25.49
CA GLY E 242 33.83 -7.56 -25.09
C GLY E 242 34.69 -7.92 -26.28
N GLN E 243 34.34 -7.35 -27.43
CA GLN E 243 34.86 -7.70 -28.74
C GLN E 243 35.91 -6.72 -29.25
N TYR E 244 37.20 -7.02 -29.11
CA TYR E 244 38.23 -6.07 -29.46
C TYR E 244 39.50 -6.81 -29.84
N GLU E 245 40.52 -6.10 -30.36
CA GLU E 245 41.74 -6.73 -30.81
C GLU E 245 42.96 -6.00 -30.32
N PHE E 246 44.11 -6.67 -30.47
CA PHE E 246 45.40 -6.06 -30.46
C PHE E 246 46.10 -6.17 -31.85
N PRO E 247 45.56 -5.46 -32.86
CA PRO E 247 46.14 -5.40 -34.20
C PRO E 247 47.53 -4.89 -34.33
N ASN E 248 48.35 -5.57 -35.10
CA ASN E 248 49.60 -5.00 -35.59
C ASN E 248 49.28 -3.92 -36.58
N PRO E 249 50.17 -2.94 -36.72
CA PRO E 249 51.54 -2.77 -36.20
C PRO E 249 51.70 -2.48 -34.70
N GLU E 250 50.73 -1.74 -34.16
CA GLU E 250 50.90 -1.13 -32.86
C GLU E 250 51.20 -2.11 -31.72
N TRP E 251 50.48 -3.23 -31.64
CA TRP E 251 50.75 -4.18 -30.56
C TRP E 251 51.81 -5.25 -30.84
N SER E 252 52.33 -5.27 -32.09
CA SER E 252 53.42 -6.17 -32.51
C SER E 252 54.40 -6.41 -31.41
N GLU E 253 55.03 -5.33 -30.95
CA GLU E 253 55.98 -5.34 -29.85
C GLU E 253 55.46 -5.29 -28.43
N VAL E 254 54.16 -5.23 -28.24
CA VAL E 254 53.67 -5.11 -26.86
C VAL E 254 53.53 -6.50 -26.23
N SER E 255 54.24 -6.73 -25.13
CA SER E 255 54.26 -8.04 -24.47
C SER E 255 52.91 -8.65 -24.10
N GLU E 256 52.95 -9.95 -23.81
CA GLU E 256 51.78 -10.72 -23.44
C GLU E 256 51.31 -10.36 -22.00
N GLU E 257 52.24 -9.92 -21.13
CA GLU E 257 51.76 -9.56 -19.80
C GLU E 257 50.90 -8.27 -19.89
N VAL E 258 51.26 -7.36 -20.79
CA VAL E 258 50.48 -6.15 -20.88
C VAL E 258 49.04 -6.42 -21.34
N LYS E 259 48.88 -7.08 -22.48
CA LYS E 259 47.55 -7.31 -23.02
C LYS E 259 46.72 -8.13 -22.05
N MET E 260 47.39 -8.97 -21.28
CA MET E 260 46.67 -9.79 -20.32
C MET E 260 46.19 -8.90 -19.22
N LEU E 261 47.00 -7.89 -18.88
CA LEU E 261 46.57 -6.94 -17.86
C LEU E 261 45.33 -6.21 -18.39
N ILE E 262 45.37 -5.77 -19.65
CA ILE E 262 44.23 -5.09 -20.27
C ILE E 262 43.03 -6.04 -20.32
N ARG E 263 43.24 -7.29 -20.76
CA ARG E 263 42.11 -8.23 -20.76
C ARG E 263 41.45 -8.32 -19.41
N ASN E 264 42.23 -8.32 -18.34
CA ASN E 264 41.63 -8.39 -17.03
C ASN E 264 40.83 -7.12 -16.67
N LEU E 265 41.24 -5.95 -17.18
CA LEU E 265 40.51 -4.72 -16.88
C LEU E 265 39.23 -4.60 -17.71
N LEU E 266 39.31 -4.98 -19.00
CA LEU E 266 38.17 -4.98 -19.92
C LEU E 266 37.21 -6.21 -19.83
N LYS E 267 37.16 -6.95 -18.72
CA LYS E 267 36.08 -7.95 -18.58
C LYS E 267 34.70 -7.28 -18.58
N THR E 268 33.79 -7.78 -19.41
CA THR E 268 32.41 -7.29 -19.42
C THR E 268 31.65 -7.52 -18.13
N GLU E 269 32.02 -8.53 -17.34
CA GLU E 269 31.31 -8.84 -16.08
C GLU E 269 31.99 -8.14 -14.87
N PRO E 270 31.33 -7.10 -14.29
CA PRO E 270 32.06 -6.31 -13.29
C PRO E 270 32.73 -7.11 -12.19
N THR E 271 32.06 -8.14 -11.66
CA THR E 271 32.69 -8.88 -10.56
C THR E 271 33.91 -9.65 -10.97
N GLN E 272 34.19 -9.67 -12.27
CA GLN E 272 35.28 -10.45 -12.84
C GLN E 272 36.51 -9.63 -13.05
N ARG E 273 36.34 -8.32 -13.07
CA ARG E 273 37.35 -7.34 -13.44
C ARG E 273 38.42 -7.25 -12.29
N MET E 274 39.65 -6.86 -12.52
CA MET E 274 40.55 -6.85 -11.36
C MET E 274 40.31 -5.58 -10.51
N THR E 275 40.60 -5.62 -9.22
CA THR E 275 40.41 -4.44 -8.39
C THR E 275 41.63 -3.48 -8.45
N ILE E 276 41.55 -2.20 -8.01
CA ILE E 276 42.81 -1.41 -7.99
C ILE E 276 43.90 -1.98 -7.18
N THR E 277 43.59 -2.51 -6.00
CA THR E 277 44.67 -3.11 -5.19
C THR E 277 45.40 -4.14 -6.04
N GLU E 278 44.64 -5.03 -6.68
CA GLU E 278 45.20 -5.98 -7.60
C GLU E 278 45.96 -5.24 -8.71
N PHE E 279 45.30 -4.30 -9.36
CA PHE E 279 45.93 -3.57 -10.47
C PHE E 279 47.28 -2.97 -10.08
N MET E 280 47.36 -2.41 -8.88
CA MET E 280 48.52 -1.69 -8.44
C MET E 280 49.64 -2.62 -8.03
N ASN E 281 49.29 -3.85 -7.66
CA ASN E 281 50.31 -4.83 -7.31
C ASN E 281 50.85 -5.49 -8.55
N HIS E 282 50.40 -5.06 -9.70
CA HIS E 282 50.84 -5.75 -10.88
C HIS E 282 52.23 -5.29 -11.24
N PRO E 283 53.11 -6.24 -11.65
CA PRO E 283 54.52 -5.96 -11.82
C PRO E 283 54.72 -4.88 -12.84
N TRP E 284 53.82 -4.76 -13.80
CA TRP E 284 54.07 -3.75 -14.83
C TRP E 284 53.75 -2.34 -14.27
N ILE E 285 52.89 -2.28 -13.26
CA ILE E 285 52.60 -1.03 -12.58
C ILE E 285 53.65 -0.72 -11.48
N MET E 286 53.95 -1.72 -10.66
CA MET E 286 54.90 -1.63 -9.56
C MET E 286 56.34 -1.41 -9.94
N GLN E 287 56.76 -2.07 -11.00
CA GLN E 287 58.12 -1.96 -11.42
C GLN E 287 58.23 -1.13 -12.69
N SER E 288 57.46 -0.05 -12.79
CA SER E 288 57.44 0.79 -14.01
C SER E 288 58.84 1.06 -14.43
N THR E 289 59.68 1.47 -13.49
CA THR E 289 61.07 1.80 -13.82
C THR E 289 61.83 0.70 -14.63
N LYS E 290 61.43 -0.56 -14.46
CA LYS E 290 62.12 -1.71 -15.04
C LYS E 290 61.35 -2.33 -16.24
N VAL E 291 60.20 -1.76 -16.57
CA VAL E 291 59.60 -2.12 -17.84
C VAL E 291 60.49 -1.60 -18.98
N PRO E 292 60.60 -2.36 -20.08
CA PRO E 292 61.36 -1.92 -21.25
C PRO E 292 60.90 -0.57 -21.79
N GLN E 293 61.71 0.00 -22.68
CA GLN E 293 61.40 1.28 -23.30
C GLN E 293 60.97 1.08 -24.75
N THR E 294 60.26 -0.01 -24.99
CA THR E 294 59.80 -0.30 -26.33
C THR E 294 59.04 0.91 -26.83
N PRO E 295 59.41 1.41 -28.02
CA PRO E 295 58.77 2.59 -28.60
C PRO E 295 57.37 2.29 -29.15
N LEU E 296 56.41 3.09 -28.74
CA LEU E 296 55.03 2.86 -29.06
C LEU E 296 54.71 3.70 -30.25
N HIS E 297 53.52 3.48 -30.84
CA HIS E 297 53.09 4.14 -32.08
C HIS E 297 52.13 5.22 -31.72
N THR E 298 51.81 5.29 -30.42
CA THR E 298 50.77 6.18 -29.89
C THR E 298 50.81 7.59 -30.46
N SER E 299 51.90 8.29 -30.23
CA SER E 299 51.98 9.68 -30.63
C SER E 299 51.71 9.92 -32.13
N ARG E 300 52.39 9.19 -33.00
CA ARG E 300 52.01 9.22 -34.40
C ARG E 300 50.49 8.96 -34.67
N VAL E 301 49.92 7.95 -34.02
CA VAL E 301 48.53 7.57 -34.32
C VAL E 301 47.52 8.62 -33.86
N LEU E 302 47.75 9.20 -32.67
CA LEU E 302 46.86 10.21 -32.10
C LEU E 302 46.94 11.46 -32.95
N LYS E 303 48.15 11.76 -33.39
CA LYS E 303 48.40 12.87 -34.32
C LYS E 303 47.69 12.70 -35.66
N GLU E 304 47.75 11.49 -36.22
CA GLU E 304 47.04 11.16 -37.46
C GLU E 304 45.55 11.28 -37.20
N ASP E 305 45.23 12.24 -36.36
CA ASP E 305 43.86 12.56 -35.97
C ASP E 305 42.94 11.38 -35.65
N PRO F 4 35.01 40.86 -18.82
CA PRO F 4 33.77 40.06 -18.62
C PRO F 4 33.04 40.42 -17.32
N GLN F 5 31.72 40.50 -17.41
CA GLN F 5 30.92 40.93 -16.28
C GLN F 5 30.62 39.79 -15.33
N PHE F 6 30.66 40.08 -14.04
CA PHE F 6 30.37 39.07 -13.05
C PHE F 6 29.73 39.71 -11.83
N HIS F 7 28.40 39.52 -11.75
CA HIS F 7 27.58 40.14 -10.72
C HIS F 7 27.21 39.13 -9.65
N VAL F 8 28.25 38.80 -8.91
CA VAL F 8 28.18 37.86 -7.85
C VAL F 8 28.12 38.68 -6.57
N LYS F 9 27.10 38.45 -5.77
CA LYS F 9 27.02 39.05 -4.45
C LYS F 9 27.25 37.92 -3.47
N SER F 10 27.77 38.21 -2.29
CA SER F 10 28.10 37.20 -1.27
C SER F 10 26.95 36.37 -0.66
N GLY F 11 27.33 35.40 0.18
CA GLY F 11 26.42 34.43 0.74
C GLY F 11 26.14 34.82 2.15
N LEU F 12 25.23 34.12 2.84
CA LEU F 12 24.90 34.50 4.19
C LEU F 12 25.75 33.74 5.17
N GLN F 13 26.55 34.44 5.97
CA GLN F 13 27.33 33.81 7.03
C GLN F 13 26.63 33.98 8.34
N ILE F 14 26.00 32.93 8.85
CA ILE F 14 25.40 33.01 10.17
C ILE F 14 26.40 33.03 11.32
N LYS F 15 26.70 34.21 11.86
CA LYS F 15 27.37 34.33 13.17
C LYS F 15 26.84 33.45 14.34
N LYS F 16 27.75 32.93 15.17
CA LYS F 16 27.33 32.12 16.34
C LYS F 16 27.70 32.78 17.64
N ASN F 17 28.59 33.76 17.60
CA ASN F 17 28.82 34.52 18.83
C ASN F 17 27.52 35.15 19.41
N ALA F 18 27.31 35.03 20.72
CA ALA F 18 26.20 35.67 21.42
C ALA F 18 26.03 37.08 20.92
N ILE F 19 24.82 37.39 20.43
CA ILE F 19 24.45 38.71 19.87
C ILE F 19 24.61 39.90 20.84
N ILE F 20 24.63 39.64 22.15
CA ILE F 20 24.71 40.75 23.10
C ILE F 20 26.11 41.35 23.02
N ASP F 21 27.08 40.55 22.56
CA ASP F 21 28.40 41.08 22.33
C ASP F 21 28.30 42.27 21.44
N ASP F 22 27.42 42.18 20.43
CA ASP F 22 27.34 43.18 19.37
C ASP F 22 26.30 44.26 19.55
N TYR F 23 25.21 43.95 20.27
CA TYR F 23 24.03 44.82 20.32
C TYR F 23 23.48 44.91 21.72
N LYS F 24 23.18 46.13 22.18
CA LYS F 24 22.32 46.37 23.36
C LYS F 24 20.94 45.94 22.91
N VAL F 25 20.30 45.08 23.68
CA VAL F 25 18.99 44.62 23.24
C VAL F 25 17.96 45.20 24.16
N THR F 26 17.12 46.08 23.61
CA THR F 26 16.08 46.74 24.40
C THR F 26 14.83 45.86 24.36
N SER F 27 13.69 46.45 24.71
CA SER F 27 12.42 45.73 24.66
C SER F 27 11.29 46.54 23.97
N GLN F 28 11.58 47.75 23.50
CA GLN F 28 10.53 48.50 22.82
C GLN F 28 10.28 47.78 21.53
N VAL F 29 9.02 47.46 21.31
CA VAL F 29 8.57 46.65 20.20
C VAL F 29 8.31 47.54 19.00
N LEU F 30 8.96 47.26 17.88
CA LEU F 30 8.67 47.99 16.64
C LEU F 30 7.43 47.42 15.97
N GLY F 31 7.26 46.10 16.08
CA GLY F 31 6.20 45.40 15.39
C GLY F 31 6.17 43.96 15.88
N LEU F 32 5.35 43.13 15.27
CA LEU F 32 5.13 41.79 15.81
C LEU F 32 4.61 40.77 14.79
N GLY F 33 5.43 39.79 14.48
CA GLY F 33 5.08 38.82 13.45
C GLY F 33 4.44 37.56 13.97
N ILE F 34 3.57 36.98 13.15
CA ILE F 34 3.30 35.54 13.24
C ILE F 34 4.71 34.92 13.20
N ASN F 35 5.03 34.11 14.22
CA ASN F 35 6.37 33.45 14.40
C ASN F 35 7.44 34.22 15.21
N GLY F 36 7.20 35.53 15.49
CA GLY F 36 8.07 36.34 16.38
C GLY F 36 7.93 37.88 16.36
N LYS F 37 7.63 38.47 17.51
CA LYS F 37 7.64 39.95 17.70
C LYS F 37 8.98 40.63 17.33
N VAL F 38 8.91 41.89 16.88
CA VAL F 38 10.11 42.64 16.45
C VAL F 38 10.57 43.72 17.45
N LEU F 39 11.78 43.52 17.97
CA LEU F 39 12.33 44.34 19.04
C LEU F 39 13.34 45.30 18.51
N GLN F 40 13.41 46.46 19.15
CA GLN F 40 14.45 47.43 18.85
C GLN F 40 15.75 47.08 19.57
N ILE F 41 16.84 47.19 18.82
CA ILE F 41 18.18 46.97 19.35
C ILE F 41 19.16 48.08 18.93
N PHE F 42 20.29 48.18 19.63
CA PHE F 42 21.34 49.16 19.26
C PHE F 42 22.72 48.50 19.07
N ASN F 43 23.43 48.89 18.02
CA ASN F 43 24.77 48.38 17.78
C ASN F 43 25.71 49.11 18.75
N LYS F 44 26.45 48.37 19.56
CA LYS F 44 27.35 49.00 20.52
C LYS F 44 28.44 49.87 19.90
N ARG F 45 29.25 49.37 18.97
CA ARG F 45 30.29 50.18 18.29
C ARG F 45 29.74 51.49 17.68
N THR F 46 28.93 51.35 16.63
CA THR F 46 28.39 52.48 15.86
C THR F 46 27.30 53.20 16.63
N GLN F 47 26.73 52.57 17.65
CA GLN F 47 25.73 53.22 18.52
C GLN F 47 24.33 53.32 17.87
N GLU F 48 24.22 52.79 16.66
CA GLU F 48 23.08 52.91 15.74
C GLU F 48 21.90 51.98 16.05
N LYS F 49 20.87 52.07 15.23
CA LYS F 49 19.53 51.62 15.58
C LYS F 49 19.10 50.51 14.64
N PHE F 50 18.83 49.34 15.19
CA PHE F 50 18.49 48.17 14.40
C PHE F 50 17.25 47.43 14.94
N ALA F 51 16.71 46.53 14.12
CA ALA F 51 15.55 45.74 14.47
C ALA F 51 15.90 44.28 14.51
N LEU F 52 15.49 43.62 15.59
CA LEU F 52 15.72 42.20 15.76
C LEU F 52 14.42 41.38 15.76
N LYS F 53 14.40 40.30 14.99
CA LYS F 53 13.27 39.36 14.99
C LYS F 53 13.81 38.06 15.48
N MET F 54 13.11 37.48 16.46
CA MET F 54 13.59 36.27 17.12
C MET F 54 12.87 35.04 16.66
N LEU F 55 13.61 34.10 16.11
CA LEU F 55 13.01 32.88 15.62
C LEU F 55 13.60 31.70 16.32
N GLN F 56 12.84 30.62 16.32
CA GLN F 56 13.29 29.43 16.96
C GLN F 56 13.70 28.50 15.87
N ASP F 57 14.84 27.88 16.04
CA ASP F 57 15.44 27.17 14.91
C ASP F 57 14.57 26.01 14.40
N CYS F 58 14.41 25.92 13.10
CA CYS F 58 13.74 24.77 12.44
C CYS F 58 13.82 24.89 10.92
N PRO F 59 13.43 23.84 10.17
CA PRO F 59 13.32 24.08 8.73
C PRO F 59 12.58 25.41 8.34
N LYS F 60 11.44 25.72 8.95
CA LYS F 60 10.68 26.90 8.55
C LYS F 60 11.45 28.19 8.72
N ALA F 61 11.93 28.42 9.95
CA ALA F 61 12.83 29.51 10.28
C ALA F 61 14.02 29.62 9.34
N ARG F 62 14.69 28.50 9.03
CA ARG F 62 15.88 28.56 8.16
C ARG F 62 15.43 28.93 6.74
N ARG F 63 14.25 28.46 6.33
CA ARG F 63 13.74 28.82 5.02
C ARG F 63 13.37 30.30 4.96
N GLU F 64 12.76 30.84 6.03
CA GLU F 64 12.47 32.28 6.08
C GLU F 64 13.75 33.07 5.86
N VAL F 65 14.72 32.85 6.74
CA VAL F 65 16.00 33.50 6.69
C VAL F 65 16.60 33.42 5.30
N GLU F 66 16.65 32.24 4.69
CA GLU F 66 17.38 32.12 3.41
C GLU F 66 16.68 32.93 2.31
N LEU F 67 15.35 32.97 2.37
CA LEU F 67 14.59 33.70 1.37
C LEU F 67 14.74 35.17 1.62
N HIS F 68 14.64 35.57 2.87
CA HIS F 68 14.68 36.98 3.23
C HIS F 68 16.06 37.46 2.89
N TRP F 69 17.07 36.60 3.03
CA TRP F 69 18.38 37.12 2.75
C TRP F 69 18.53 37.36 1.25
N ARG F 70 18.00 36.44 0.44
CA ARG F 70 18.08 36.61 -0.99
C ARG F 70 17.35 37.89 -1.43
N ALA F 71 16.15 38.07 -0.91
CA ALA F 71 15.32 39.19 -1.29
C ALA F 71 15.92 40.55 -0.87
N SER F 72 16.88 40.45 0.02
CA SER F 72 17.38 41.55 0.75
C SER F 72 18.14 42.46 -0.20
N GLN F 73 18.53 41.89 -1.33
CA GLN F 73 19.27 42.57 -2.41
C GLN F 73 18.47 43.71 -3.04
N CYS F 74 17.18 43.75 -2.77
CA CYS F 74 16.31 44.66 -3.49
C CYS F 74 16.10 45.90 -2.65
N PRO F 75 16.23 47.09 -3.24
CA PRO F 75 16.10 48.23 -2.35
C PRO F 75 14.67 48.45 -1.88
N HIS F 76 13.71 47.68 -2.37
CA HIS F 76 12.34 47.79 -1.84
C HIS F 76 11.93 46.80 -0.76
N ILE F 77 12.91 46.06 -0.25
CA ILE F 77 12.69 45.06 0.77
C ILE F 77 13.52 45.39 2.00
N VAL F 78 13.04 45.13 3.22
CA VAL F 78 13.82 45.49 4.42
C VAL F 78 14.97 44.53 4.46
N ARG F 79 16.15 45.04 4.76
CA ARG F 79 17.40 44.35 4.52
C ARG F 79 17.88 43.63 5.78
N ILE F 80 18.24 42.38 5.64
CA ILE F 80 18.83 41.66 6.79
C ILE F 80 20.30 42.11 6.88
N VAL F 81 20.77 42.37 8.09
CA VAL F 81 22.09 42.94 8.27
C VAL F 81 23.05 41.89 8.84
N ASP F 82 22.51 40.87 9.48
CA ASP F 82 23.26 39.92 10.24
C ASP F 82 22.27 38.88 10.66
N VAL F 83 22.72 37.63 10.83
CA VAL F 83 21.90 36.61 11.43
C VAL F 83 22.75 35.90 12.45
N TYR F 84 22.22 35.76 13.65
CA TYR F 84 22.86 34.98 14.73
C TYR F 84 22.17 33.66 14.95
N GLU F 85 22.95 32.65 15.33
CA GLU F 85 22.43 31.39 15.89
C GLU F 85 23.00 31.32 17.29
N ASN F 86 22.12 31.44 18.28
CA ASN F 86 22.45 31.54 19.70
C ASN F 86 21.60 30.56 20.49
N LEU F 87 22.01 30.31 21.72
CA LEU F 87 21.24 29.48 22.62
C LEU F 87 20.45 30.40 23.52
N TYR F 88 19.13 30.30 23.46
CA TYR F 88 18.26 31.14 24.30
C TYR F 88 17.30 30.26 25.07
N ALA F 89 17.39 30.31 26.41
CA ALA F 89 16.58 29.43 27.27
C ALA F 89 16.76 27.97 26.87
N GLY F 90 18.01 27.53 26.71
CA GLY F 90 18.27 26.18 26.23
C GLY F 90 17.59 25.81 24.91
N ARG F 91 16.92 26.78 24.29
CA ARG F 91 16.47 26.60 22.92
C ARG F 91 17.51 27.23 21.97
N LYS F 92 17.86 26.51 20.91
CA LYS F 92 18.54 27.05 19.73
C LYS F 92 17.68 28.13 19.07
N CYS F 93 18.27 29.22 18.60
CA CYS F 93 17.45 30.29 18.04
C CYS F 93 18.10 30.90 16.88
N LEU F 94 17.26 31.45 16.00
CA LEU F 94 17.71 32.27 14.90
C LEU F 94 17.35 33.72 15.15
N LEU F 95 18.36 34.56 15.38
CA LEU F 95 18.16 35.96 15.59
C LEU F 95 18.51 36.73 14.32
N ILE F 96 17.51 37.25 13.64
CA ILE F 96 17.71 38.06 12.45
C ILE F 96 17.85 39.54 12.80
N VAL F 97 18.96 40.17 12.43
CA VAL F 97 19.07 41.60 12.57
C VAL F 97 18.73 42.32 11.27
N MET F 98 17.87 43.34 11.35
CA MET F 98 17.41 44.07 10.18
C MET F 98 17.56 45.56 10.31
N GLU F 99 17.52 46.24 9.17
CA GLU F 99 17.45 47.66 9.23
C GLU F 99 16.18 48.07 9.93
N CYS F 100 16.36 49.06 10.78
CA CYS F 100 15.25 49.62 11.51
C CYS F 100 14.57 50.71 10.69
N LEU F 101 13.28 50.55 10.44
CA LEU F 101 12.51 51.56 9.71
C LEU F 101 11.44 52.19 10.61
N ASP F 102 11.59 53.47 10.90
CA ASP F 102 10.66 54.03 11.84
C ASP F 102 9.78 55.07 11.20
N GLY F 103 9.65 55.03 9.88
CA GLY F 103 8.79 55.98 9.16
C GLY F 103 7.29 55.82 9.33
N GLY F 104 6.83 54.62 9.66
CA GLY F 104 5.41 54.35 9.82
C GLY F 104 4.96 53.38 8.75
N GLU F 105 3.89 52.63 9.02
CA GLU F 105 3.28 51.80 7.98
C GLU F 105 2.64 52.67 6.90
N LEU F 106 2.71 52.25 5.65
CA LEU F 106 2.06 52.94 4.53
C LEU F 106 0.80 53.75 4.86
N PHE F 107 -0.22 53.14 5.45
CA PHE F 107 -1.43 53.89 5.62
C PHE F 107 -1.36 54.84 6.79
N SER F 108 -0.38 54.65 7.66
CA SER F 108 -0.26 55.53 8.82
C SER F 108 0.28 56.83 8.32
N ARG F 109 1.34 56.74 7.52
CA ARG F 109 1.99 57.93 7.00
C ARG F 109 0.96 58.75 6.24
N ILE F 110 0.10 58.06 5.49
CA ILE F 110 -0.91 58.73 4.66
C ILE F 110 -1.86 59.61 5.46
N GLN F 111 -2.33 59.12 6.60
CA GLN F 111 -3.13 59.94 7.49
C GLN F 111 -2.31 60.70 8.53
N ASP F 112 -1.12 61.17 8.18
CA ASP F 112 -0.40 62.15 9.01
C ASP F 112 -0.53 63.46 8.30
N ARG F 113 -1.57 63.60 7.49
CA ARG F 113 -1.75 64.85 6.77
C ARG F 113 -3.18 65.34 6.89
N GLY F 114 -3.28 66.64 7.10
CA GLY F 114 -4.59 67.26 7.07
C GLY F 114 -4.50 68.05 5.82
N ASP F 115 -3.51 68.94 5.83
CA ASP F 115 -3.06 69.64 4.60
C ASP F 115 -4.12 69.27 3.64
N GLN F 116 -3.70 68.32 2.84
CA GLN F 116 -4.65 67.63 2.08
C GLN F 116 -4.01 67.45 0.76
N ALA F 117 -4.59 66.50 0.05
CA ALA F 117 -4.35 66.18 -1.31
C ALA F 117 -3.41 65.04 -1.18
N PHE F 118 -3.99 63.90 -1.45
CA PHE F 118 -3.29 62.76 -1.71
C PHE F 118 -3.82 62.69 -3.11
N THR F 119 -2.93 62.57 -4.08
CA THR F 119 -3.37 62.64 -5.44
C THR F 119 -3.09 61.31 -6.06
N GLU F 120 -3.66 61.10 -7.24
CA GLU F 120 -3.72 59.82 -7.93
C GLU F 120 -2.34 59.50 -8.48
N ARG F 121 -1.56 60.53 -8.77
CA ARG F 121 -0.21 60.34 -9.26
C ARG F 121 0.66 59.80 -8.16
N GLU F 122 0.48 60.33 -6.94
CA GLU F 122 1.28 59.87 -5.79
C GLU F 122 0.98 58.40 -5.57
N ALA F 123 -0.30 58.07 -5.67
CA ALA F 123 -0.71 56.69 -5.56
C ALA F 123 0.00 55.86 -6.62
N SER F 124 0.03 56.35 -7.86
CA SER F 124 0.71 55.61 -8.90
C SER F 124 2.15 55.33 -8.45
N GLU F 125 2.85 56.39 -8.00
CA GLU F 125 4.25 56.25 -7.57
C GLU F 125 4.41 55.20 -6.49
N ILE F 126 3.68 55.36 -5.38
CA ILE F 126 3.61 54.33 -4.33
C ILE F 126 3.41 52.87 -4.87
N MET F 127 2.41 52.62 -5.74
CA MET F 127 2.29 51.27 -6.28
C MET F 127 3.50 50.90 -7.08
N LYS F 128 4.16 51.86 -7.73
CA LYS F 128 5.27 51.45 -8.53
C LYS F 128 6.30 50.99 -7.53
N SER F 129 6.32 51.57 -6.35
CA SER F 129 7.39 51.15 -5.47
C SER F 129 7.10 49.76 -4.85
N ILE F 130 5.85 49.48 -4.51
CA ILE F 130 5.55 48.18 -3.99
C ILE F 130 5.72 47.15 -5.12
N GLY F 131 5.43 47.58 -6.34
CA GLY F 131 5.52 46.72 -7.45
C GLY F 131 6.94 46.25 -7.69
N GLU F 132 7.90 47.10 -7.39
CA GLU F 132 9.29 46.72 -7.65
C GLU F 132 9.82 45.70 -6.69
N ALA F 133 9.35 45.76 -5.44
CA ALA F 133 9.59 44.69 -4.52
C ALA F 133 9.01 43.37 -5.08
N ILE F 134 7.74 43.35 -5.52
CA ILE F 134 7.21 42.09 -6.06
C ILE F 134 7.94 41.60 -7.35
N GLN F 135 8.27 42.50 -8.26
CA GLN F 135 9.06 42.07 -9.43
C GLN F 135 10.39 41.45 -8.90
N TYR F 136 11.08 42.13 -7.97
CA TYR F 136 12.37 41.55 -7.54
C TYR F 136 12.14 40.11 -7.02
N LEU F 137 11.40 39.97 -5.91
CA LEU F 137 10.98 38.64 -5.47
C LEU F 137 10.62 37.76 -6.67
N HIS F 138 9.54 38.05 -7.37
CA HIS F 138 9.06 37.06 -8.34
C HIS F 138 10.10 36.66 -9.38
N SER F 139 11.01 37.57 -9.70
CA SER F 139 12.00 37.25 -10.71
C SER F 139 13.08 36.33 -10.19
N ILE F 140 13.15 36.08 -8.89
CA ILE F 140 14.07 35.11 -8.33
C ILE F 140 13.25 33.98 -7.71
N ASN F 141 12.05 33.76 -8.26
CA ASN F 141 11.13 32.72 -7.79
C ASN F 141 10.79 32.64 -6.31
N ILE F 142 10.58 33.80 -5.69
CA ILE F 142 9.99 33.83 -4.38
C ILE F 142 8.58 34.46 -4.50
N ALA F 143 7.62 33.92 -3.75
CA ALA F 143 6.32 34.54 -3.55
C ALA F 143 6.22 35.00 -2.10
N HIS F 144 5.79 36.23 -1.87
CA HIS F 144 5.90 36.71 -0.51
C HIS F 144 4.73 36.09 0.21
N ARG F 145 3.52 36.34 -0.27
CA ARG F 145 2.34 35.62 0.22
C ARG F 145 1.67 36.20 1.43
N ASP F 146 2.17 37.33 1.93
CA ASP F 146 1.42 38.07 2.94
C ASP F 146 1.59 39.55 2.69
N VAL F 147 1.36 40.00 1.46
CA VAL F 147 1.58 41.40 1.08
C VAL F 147 0.42 42.24 1.56
N LYS F 148 0.52 42.81 2.74
CA LYS F 148 -0.59 43.55 3.31
C LYS F 148 -0.13 44.94 3.71
N PRO F 149 -1.10 45.89 3.78
CA PRO F 149 -0.85 47.22 4.28
C PRO F 149 0.14 47.22 5.43
N GLU F 150 0.03 46.27 6.34
CA GLU F 150 0.79 46.36 7.58
C GLU F 150 2.27 45.95 7.44
N ASN F 151 2.67 45.42 6.28
CA ASN F 151 4.04 44.99 5.99
C ASN F 151 4.74 45.90 5.00
N LEU F 152 4.22 47.12 4.88
CA LEU F 152 4.76 48.11 3.95
C LEU F 152 5.10 49.34 4.75
N LEU F 153 6.38 49.49 5.04
CA LEU F 153 6.97 50.44 6.00
C LEU F 153 7.89 51.46 5.34
N TYR F 154 7.78 52.69 5.80
CA TYR F 154 8.63 53.77 5.39
C TYR F 154 9.87 53.71 6.26
N THR F 155 11.01 54.03 5.65
CA THR F 155 12.32 54.05 6.37
C THR F 155 12.38 55.08 7.49
N SER F 156 12.22 56.35 7.16
CA SER F 156 12.04 57.35 8.20
C SER F 156 10.85 58.24 7.92
N LYS F 157 10.68 59.29 8.74
CA LYS F 157 9.61 60.27 8.55
C LYS F 157 10.15 61.38 7.71
N ARG F 158 11.38 61.25 7.24
CA ARG F 158 12.00 62.27 6.41
C ARG F 158 11.36 62.37 5.05
N PRO F 159 11.72 63.41 4.28
CA PRO F 159 10.86 63.66 3.17
C PRO F 159 11.16 62.69 2.04
N ASN F 160 12.33 62.07 2.01
CA ASN F 160 12.50 61.10 0.92
C ASN F 160 12.78 59.63 1.34
N ALA F 161 12.01 59.25 2.36
CA ALA F 161 11.93 57.91 2.89
C ALA F 161 11.48 56.96 1.80
N ILE F 162 11.97 55.75 1.86
CA ILE F 162 11.72 54.77 0.84
C ILE F 162 10.64 53.88 1.42
N LEU F 163 9.69 53.45 0.59
CA LEU F 163 8.74 52.41 0.97
C LEU F 163 9.35 51.02 0.84
N LYS F 164 9.28 50.23 1.91
CA LYS F 164 9.84 48.86 1.85
C LYS F 164 8.94 47.74 2.32
N LEU F 165 9.11 46.56 1.76
CA LEU F 165 8.26 45.40 2.15
C LEU F 165 9.00 44.53 3.16
N THR F 166 8.27 44.00 4.13
CA THR F 166 8.88 43.12 5.10
C THR F 166 8.06 41.88 5.37
N ASP F 167 8.60 41.04 6.24
CA ASP F 167 8.00 39.81 6.75
C ASP F 167 8.04 38.66 5.80
N PHE F 168 9.05 37.81 5.91
CA PHE F 168 9.15 36.72 4.98
C PHE F 168 8.74 35.43 5.62
N GLY F 169 7.94 35.54 6.68
CA GLY F 169 7.42 34.39 7.40
C GLY F 169 6.47 33.45 6.68
N PHE F 170 5.86 33.88 5.57
CA PHE F 170 5.02 33.02 4.74
C PHE F 170 5.60 32.71 3.34
N ALA F 171 6.77 33.25 3.00
CA ALA F 171 7.27 33.11 1.63
C ALA F 171 7.69 31.67 1.22
N LYS F 172 7.71 31.42 -0.08
CA LYS F 172 7.96 30.07 -0.62
C LYS F 172 8.58 30.28 -1.96
N GLU F 173 9.40 29.30 -2.38
CA GLU F 173 10.10 29.36 -3.65
C GLU F 173 9.30 28.65 -4.68
N THR F 174 9.94 28.29 -5.77
CA THR F 174 9.30 27.47 -6.79
C THR F 174 10.25 26.52 -7.56
N THR F 175 9.65 25.49 -8.15
CA THR F 175 10.27 24.50 -9.10
C THR F 175 10.88 23.31 -8.36
N PRO F 187 18.08 30.89 -31.41
CA PRO F 187 17.91 30.78 -29.93
C PRO F 187 16.46 30.48 -29.40
N TYR F 188 16.31 30.38 -28.07
CA TYR F 188 15.26 29.56 -27.42
C TYR F 188 13.76 29.91 -27.43
N TYR F 189 13.00 28.83 -27.49
CA TYR F 189 11.62 28.80 -27.94
C TYR F 189 10.78 27.94 -27.01
N VAL F 190 11.41 27.39 -25.97
CA VAL F 190 10.86 26.40 -25.04
C VAL F 190 9.44 26.65 -24.52
N ALA F 191 9.22 27.77 -23.80
CA ALA F 191 7.89 28.07 -23.18
C ALA F 191 7.87 27.94 -21.67
N PRO F 192 7.27 28.94 -20.98
CA PRO F 192 7.36 29.09 -19.54
C PRO F 192 7.07 27.84 -18.69
N GLU F 193 6.14 26.99 -19.14
CA GLU F 193 5.77 25.76 -18.45
C GLU F 193 6.76 24.64 -18.74
N VAL F 194 7.11 24.47 -20.02
CA VAL F 194 7.96 23.37 -20.48
C VAL F 194 9.38 23.50 -19.90
N LEU F 195 9.58 24.47 -19.01
CA LEU F 195 10.82 24.49 -18.25
C LEU F 195 10.50 24.59 -16.79
N GLY F 196 10.05 23.44 -16.28
CA GLY F 196 9.71 23.25 -14.87
C GLY F 196 8.32 23.73 -14.58
N PRO F 197 7.53 22.91 -13.85
CA PRO F 197 6.16 23.23 -13.38
C PRO F 197 6.14 24.58 -12.65
N GLU F 198 5.39 24.67 -11.54
CA GLU F 198 5.18 25.93 -10.78
C GLU F 198 3.67 26.24 -10.59
N LYS F 199 3.22 26.03 -9.35
CA LYS F 199 1.87 26.39 -8.92
C LYS F 199 1.60 27.92 -8.94
N TYR F 200 0.50 28.33 -8.30
CA TYR F 200 0.03 29.69 -8.44
C TYR F 200 0.18 30.51 -7.16
N ASP F 201 1.27 30.24 -6.44
CA ASP F 201 1.55 30.96 -5.18
C ASP F 201 1.91 32.42 -5.45
N LYS F 202 2.41 32.68 -6.66
CA LYS F 202 2.80 34.01 -7.11
C LYS F 202 1.62 34.99 -7.27
N SER F 203 0.55 34.51 -7.87
CA SER F 203 -0.53 35.37 -8.29
C SER F 203 -1.35 35.92 -7.11
N CYS F 204 -1.05 35.49 -5.91
CA CYS F 204 -1.81 36.04 -4.84
C CYS F 204 -1.10 37.28 -4.36
N ASP F 205 0.21 37.34 -4.57
CA ASP F 205 0.97 38.57 -4.31
C ASP F 205 0.27 39.60 -5.13
N MET F 206 -0.12 39.19 -6.32
CA MET F 206 -0.73 40.07 -7.29
C MET F 206 -2.20 40.52 -6.97
N TRP F 207 -2.98 39.67 -6.27
CA TRP F 207 -4.25 40.07 -5.75
C TRP F 207 -3.97 41.10 -4.66
N SER F 208 -2.88 40.95 -3.94
CA SER F 208 -2.64 41.92 -2.91
C SER F 208 -2.35 43.31 -3.47
N LEU F 209 -1.66 43.40 -4.60
CA LEU F 209 -1.42 44.73 -5.11
C LEU F 209 -2.74 45.34 -5.39
N GLY F 210 -3.64 44.56 -5.96
CA GLY F 210 -4.97 45.07 -6.23
C GLY F 210 -5.61 45.52 -4.95
N VAL F 211 -5.54 44.72 -3.89
CA VAL F 211 -6.23 45.18 -2.67
C VAL F 211 -5.61 46.52 -2.19
N ILE F 212 -4.28 46.55 -2.16
CA ILE F 212 -3.58 47.73 -1.71
C ILE F 212 -3.90 48.91 -2.63
N MET F 213 -3.86 48.69 -3.92
CA MET F 213 -4.27 49.74 -4.82
C MET F 213 -5.70 50.28 -4.56
N TYR F 214 -6.68 49.37 -4.45
CA TYR F 214 -8.02 49.78 -4.11
C TYR F 214 -8.03 50.74 -2.90
N ILE F 215 -7.49 50.28 -1.78
CA ILE F 215 -7.49 51.10 -0.59
C ILE F 215 -6.91 52.47 -0.93
N LEU F 216 -5.74 52.48 -1.56
CA LEU F 216 -5.00 53.70 -1.78
C LEU F 216 -5.82 54.71 -2.54
N LEU F 217 -6.60 54.21 -3.48
CA LEU F 217 -7.37 55.07 -4.35
C LEU F 217 -8.63 55.71 -3.68
N CYS F 218 -9.07 55.23 -2.51
CA CYS F 218 -10.28 55.77 -1.86
C CYS F 218 -10.31 55.67 -0.32
N GLY F 219 -9.56 54.73 0.25
CA GLY F 219 -9.34 54.73 1.68
C GLY F 219 -10.08 53.69 2.48
N TYR F 220 -10.65 52.68 1.83
CA TYR F 220 -11.36 51.61 2.52
C TYR F 220 -11.28 50.45 1.59
N PRO F 221 -11.28 49.22 2.14
CA PRO F 221 -11.09 48.01 1.37
C PRO F 221 -12.18 47.72 0.31
N PRO F 222 -11.83 46.92 -0.68
CA PRO F 222 -12.82 46.34 -1.55
C PRO F 222 -13.78 45.34 -0.86
N PHE F 223 -13.34 44.66 0.20
CA PHE F 223 -14.11 43.54 0.71
C PHE F 223 -14.14 43.59 2.22
N TYR F 224 -15.30 43.84 2.81
CA TYR F 224 -15.36 43.75 4.27
C TYR F 224 -16.54 42.96 4.86
N SER F 225 -16.37 42.63 6.15
CA SER F 225 -17.32 41.92 6.96
C SER F 225 -18.32 42.93 7.45
N ASN F 226 -19.61 42.71 7.20
CA ASN F 226 -20.63 43.64 7.69
C ASN F 226 -21.15 43.31 9.10
N HIS F 227 -20.74 42.14 9.63
CA HIS F 227 -21.30 41.54 10.86
C HIS F 227 -22.83 41.72 10.92
N ILE F 231 -22.01 38.17 7.28
CA ILE F 231 -21.39 39.23 6.47
C ILE F 231 -19.87 39.25 6.59
N SER F 232 -19.30 38.33 7.36
CA SER F 232 -17.90 37.85 7.18
C SER F 232 -17.91 36.46 6.49
N PRO F 233 -18.90 35.60 6.79
CA PRO F 233 -19.22 34.69 5.68
C PRO F 233 -19.77 35.50 4.48
N GLY F 234 -20.36 36.67 4.76
CA GLY F 234 -20.63 37.66 3.72
C GLY F 234 -19.35 37.96 2.96
N MET F 235 -18.32 38.40 3.69
CA MET F 235 -17.04 38.72 3.05
C MET F 235 -16.36 37.55 2.34
N LYS F 236 -16.22 36.41 3.02
CA LYS F 236 -15.64 35.23 2.36
C LYS F 236 -16.32 35.04 1.00
N THR F 237 -17.65 35.20 0.97
CA THR F 237 -18.47 35.11 -0.27
C THR F 237 -18.22 36.23 -1.28
N ARG F 238 -18.31 37.46 -0.81
CA ARG F 238 -17.98 38.59 -1.62
C ARG F 238 -16.59 38.47 -2.29
N ILE F 239 -15.64 37.87 -1.60
CA ILE F 239 -14.32 37.60 -2.17
C ILE F 239 -14.34 36.48 -3.20
N ARG F 240 -15.00 35.35 -2.92
CA ARG F 240 -14.99 34.27 -3.92
C ARG F 240 -15.76 34.70 -5.19
N MET F 241 -16.86 35.44 -4.98
CA MET F 241 -17.62 36.04 -6.06
C MET F 241 -16.86 37.07 -6.91
N GLY F 242 -15.79 37.65 -6.35
CA GLY F 242 -15.08 38.77 -6.94
C GLY F 242 -16.04 39.93 -6.94
N GLN F 243 -16.71 40.15 -5.80
CA GLN F 243 -17.78 41.14 -5.70
C GLN F 243 -17.49 42.47 -4.92
N TYR F 244 -17.21 43.52 -5.66
CA TYR F 244 -16.95 44.81 -5.08
C TYR F 244 -17.38 45.86 -6.06
N GLU F 245 -17.49 47.09 -5.60
CA GLU F 245 -17.71 48.14 -6.56
C GLU F 245 -16.85 49.40 -6.36
N PHE F 246 -16.97 50.35 -7.30
CA PHE F 246 -16.34 51.63 -7.14
C PHE F 246 -17.32 52.73 -6.75
N PRO F 247 -17.74 52.77 -5.49
CA PRO F 247 -18.72 53.78 -5.11
C PRO F 247 -18.32 55.19 -5.48
N ASN F 248 -19.33 56.00 -5.78
CA ASN F 248 -19.21 57.45 -5.64
C ASN F 248 -19.59 57.74 -4.19
N PRO F 249 -19.15 58.86 -3.60
CA PRO F 249 -18.40 59.99 -4.19
C PRO F 249 -16.94 59.66 -4.51
N GLU F 250 -16.40 58.64 -3.84
CA GLU F 250 -14.95 58.36 -3.83
C GLU F 250 -14.29 58.15 -5.22
N TRP F 251 -14.94 57.37 -6.08
CA TRP F 251 -14.34 56.93 -7.36
C TRP F 251 -14.78 57.71 -8.56
N SER F 252 -15.57 58.74 -8.31
CA SER F 252 -16.24 59.54 -9.33
C SER F 252 -15.30 60.09 -10.38
N GLU F 253 -14.03 60.28 -10.02
CA GLU F 253 -13.08 60.85 -10.99
C GLU F 253 -11.73 60.17 -11.02
N VAL F 254 -11.71 58.95 -10.53
CA VAL F 254 -10.69 58.00 -10.86
C VAL F 254 -11.00 57.55 -12.29
N SER F 255 -10.04 57.71 -13.21
CA SER F 255 -10.19 57.34 -14.62
C SER F 255 -10.60 55.88 -14.81
N GLU F 256 -11.08 55.53 -15.99
CA GLU F 256 -11.60 54.19 -16.19
C GLU F 256 -10.45 53.20 -16.15
N GLU F 257 -9.32 53.59 -16.74
CA GLU F 257 -8.19 52.70 -16.82
C GLU F 257 -7.67 52.26 -15.44
N VAL F 258 -7.60 53.17 -14.48
CA VAL F 258 -7.25 52.70 -13.14
C VAL F 258 -8.23 51.58 -12.68
N LYS F 259 -9.53 51.78 -12.86
CA LYS F 259 -10.49 50.78 -12.46
C LYS F 259 -10.27 49.43 -13.17
N MET F 260 -9.80 49.49 -14.41
CA MET F 260 -9.61 48.29 -15.20
C MET F 260 -8.36 47.53 -14.76
N LEU F 261 -7.36 48.28 -14.31
CA LEU F 261 -6.12 47.75 -13.74
C LEU F 261 -6.50 47.05 -12.42
N ILE F 262 -7.30 47.71 -11.62
CA ILE F 262 -7.82 47.05 -10.46
C ILE F 262 -8.55 45.74 -10.88
N ARG F 263 -9.34 45.76 -11.97
CA ARG F 263 -10.11 44.56 -12.40
C ARG F 263 -9.21 43.41 -12.82
N ASN F 264 -8.17 43.69 -13.58
CA ASN F 264 -7.18 42.66 -13.88
C ASN F 264 -6.52 42.04 -12.66
N LEU F 265 -6.47 42.78 -11.57
CA LEU F 265 -5.67 42.33 -10.48
C LEU F 265 -6.54 41.53 -9.55
N LEU F 266 -7.80 41.95 -9.41
CA LEU F 266 -8.72 41.28 -8.52
C LEU F 266 -9.50 40.23 -9.25
N LYS F 267 -8.94 39.62 -10.28
CA LYS F 267 -9.64 38.49 -10.93
C LYS F 267 -9.72 37.27 -10.00
N THR F 268 -10.86 36.64 -9.88
CA THR F 268 -10.91 35.53 -8.94
C THR F 268 -10.17 34.32 -9.47
N GLU F 269 -10.05 34.24 -10.78
CA GLU F 269 -9.29 33.15 -11.35
C GLU F 269 -7.80 33.45 -11.27
N PRO F 270 -7.07 32.72 -10.40
CA PRO F 270 -5.64 32.97 -10.26
C PRO F 270 -4.99 33.21 -11.63
N THR F 271 -5.20 32.30 -12.57
CA THR F 271 -4.58 32.34 -13.88
C THR F 271 -5.03 33.51 -14.77
N GLN F 272 -6.11 34.18 -14.41
CA GLN F 272 -6.61 35.34 -15.16
C GLN F 272 -5.87 36.64 -14.78
N ARG F 273 -5.51 36.75 -13.51
CA ARG F 273 -4.85 37.93 -12.97
C ARG F 273 -3.62 38.38 -13.72
N MET F 274 -3.21 39.63 -13.55
CA MET F 274 -1.94 40.01 -14.20
C MET F 274 -0.67 39.70 -13.39
N THR F 275 0.43 39.71 -14.12
CA THR F 275 1.77 39.34 -13.66
C THR F 275 2.45 40.67 -13.31
N ILE F 276 3.46 40.67 -12.45
CA ILE F 276 4.06 41.95 -12.16
C ILE F 276 4.69 42.47 -13.40
N THR F 277 5.05 41.61 -14.34
CA THR F 277 5.73 42.21 -15.49
C THR F 277 4.73 43.07 -16.19
N GLU F 278 3.49 42.60 -16.28
CA GLU F 278 2.49 43.36 -16.98
C GLU F 278 2.10 44.58 -16.15
N PHE F 279 1.99 44.38 -14.85
CA PHE F 279 1.67 45.47 -13.94
C PHE F 279 2.67 46.63 -14.13
N MET F 280 3.97 46.30 -14.18
CA MET F 280 5.01 47.32 -14.15
C MET F 280 5.15 47.97 -15.48
N ASN F 281 4.64 47.29 -16.50
CA ASN F 281 4.64 47.81 -17.88
C ASN F 281 3.35 48.54 -18.19
N HIS F 282 2.51 48.72 -17.18
CA HIS F 282 1.26 49.38 -17.39
C HIS F 282 1.43 50.89 -17.48
N PRO F 283 0.70 51.54 -18.38
CA PRO F 283 1.05 52.94 -18.52
C PRO F 283 0.91 53.80 -17.25
N TRP F 284 0.00 53.40 -16.36
CA TRP F 284 -0.37 54.19 -15.18
C TRP F 284 0.70 53.96 -14.12
N ILE F 285 1.43 52.84 -14.28
CA ILE F 285 2.58 52.58 -13.47
C ILE F 285 3.80 53.12 -14.15
N MET F 286 3.88 52.98 -15.46
CA MET F 286 5.13 53.33 -16.15
C MET F 286 5.33 54.82 -16.39
N GLN F 287 4.40 55.44 -17.09
CA GLN F 287 4.48 56.85 -17.33
C GLN F 287 3.72 57.50 -16.20
N SER F 288 4.27 57.44 -14.99
CA SER F 288 3.67 58.06 -13.81
C SER F 288 3.43 59.53 -14.00
N THR F 289 4.43 60.20 -14.59
CA THR F 289 4.43 61.67 -14.68
C THR F 289 3.28 62.19 -15.57
N LYS F 290 2.56 61.25 -16.18
CA LYS F 290 1.48 61.51 -17.14
C LYS F 290 0.12 61.15 -16.56
N VAL F 291 0.03 60.91 -15.24
CA VAL F 291 -1.26 60.55 -14.69
C VAL F 291 -1.77 61.75 -13.95
N PRO F 292 -3.10 61.95 -13.96
CA PRO F 292 -3.65 63.24 -13.51
C PRO F 292 -3.34 63.49 -12.02
N GLN F 293 -3.41 64.74 -11.61
CA GLN F 293 -3.00 65.09 -10.23
C GLN F 293 -4.21 65.10 -9.33
N THR F 294 -5.20 64.27 -9.67
CA THR F 294 -6.55 64.50 -9.16
C THR F 294 -6.72 64.15 -7.69
N PRO F 295 -7.30 65.08 -6.93
CA PRO F 295 -7.51 64.79 -5.51
C PRO F 295 -8.41 63.56 -5.29
N LEU F 296 -8.38 63.07 -4.05
CA LEU F 296 -8.71 61.72 -3.68
C LEU F 296 -9.12 61.71 -2.23
N HIS F 297 -10.09 60.88 -1.89
CA HIS F 297 -10.68 60.92 -0.56
C HIS F 297 -9.95 60.11 0.46
N THR F 298 -8.77 59.60 0.09
CA THR F 298 -8.09 58.56 0.86
C THR F 298 -7.65 58.96 2.24
N SER F 299 -6.88 60.05 2.36
CA SER F 299 -6.46 60.53 3.70
C SER F 299 -7.65 60.84 4.60
N ARG F 300 -8.65 61.53 4.07
CA ARG F 300 -9.86 61.76 4.83
C ARG F 300 -10.48 60.47 5.39
N VAL F 301 -10.58 59.47 4.53
CA VAL F 301 -11.34 58.28 4.90
C VAL F 301 -10.53 57.52 5.90
N LEU F 302 -9.25 57.34 5.58
CA LEU F 302 -8.33 56.74 6.52
C LEU F 302 -8.50 57.35 7.88
N LYS F 303 -8.58 58.68 7.91
CA LYS F 303 -8.64 59.44 9.15
C LYS F 303 -10.01 59.22 9.79
N GLU F 304 -11.08 59.41 9.03
CA GLU F 304 -12.43 59.12 9.51
C GLU F 304 -12.51 57.72 10.11
N ASP F 305 -12.11 56.70 9.35
CA ASP F 305 -12.02 55.34 9.88
C ASP F 305 -10.79 55.31 10.78
N LYS F 306 -10.65 54.30 11.61
CA LYS F 306 -9.55 54.22 12.62
C LYS F 306 -9.85 52.99 13.49
N GLU F 307 -11.16 52.75 13.67
CA GLU F 307 -11.76 51.43 13.87
C GLU F 307 -11.02 50.24 13.17
N ARG F 308 -10.07 50.54 12.28
CA ARG F 308 -9.09 49.54 11.78
C ARG F 308 -8.46 48.73 12.94
N TRP F 309 -7.91 49.42 13.93
CA TRP F 309 -7.43 48.78 15.18
C TRP F 309 -8.52 47.96 15.86
N GLU F 310 -9.66 48.60 16.14
CA GLU F 310 -10.84 47.91 16.71
C GLU F 310 -11.43 46.90 15.71
N PHE G 3 -37.45 0.29 39.02
CA PHE G 3 -36.88 1.03 37.86
C PHE G 3 -36.84 2.53 38.15
N PRO G 4 -35.66 3.18 37.96
CA PRO G 4 -35.44 4.63 38.16
C PRO G 4 -35.60 5.46 36.88
N GLN G 5 -36.86 5.66 36.47
CA GLN G 5 -37.20 6.37 35.23
C GLN G 5 -36.43 7.69 35.04
N PHE G 6 -36.41 8.53 36.08
CA PHE G 6 -35.74 9.86 36.04
C PHE G 6 -34.23 9.80 35.70
N HIS G 7 -33.74 8.61 35.36
CA HIS G 7 -32.42 8.45 34.73
C HIS G 7 -32.55 8.55 33.19
N VAL G 8 -33.78 8.63 32.70
CA VAL G 8 -34.08 8.94 31.30
C VAL G 8 -34.39 10.42 31.14
N LYS G 9 -33.58 11.10 30.34
CA LYS G 9 -33.90 12.45 29.85
C LYS G 9 -34.13 12.36 28.34
N SER G 10 -34.84 13.34 27.79
CA SER G 10 -35.00 13.49 26.36
C SER G 10 -33.67 13.78 25.68
N GLY G 11 -33.58 13.39 24.42
CA GLY G 11 -32.42 13.68 23.57
C GLY G 11 -32.64 14.98 22.82
N LEU G 12 -31.64 15.41 22.05
CA LEU G 12 -31.69 16.71 21.36
C LEU G 12 -32.66 16.76 20.18
N GLN G 13 -33.55 17.76 20.19
CA GLN G 13 -34.40 18.07 19.03
C GLN G 13 -34.00 19.44 18.44
N ILE G 14 -33.31 19.38 17.30
CA ILE G 14 -32.92 20.57 16.57
C ILE G 14 -34.10 21.23 15.83
N LYS G 15 -34.54 22.41 16.26
CA LYS G 15 -35.55 23.17 15.51
C LYS G 15 -35.00 23.66 14.16
N LYS G 16 -35.89 23.72 13.18
CA LYS G 16 -35.53 24.07 11.82
C LYS G 16 -36.16 25.37 11.37
N ASN G 17 -37.27 25.77 12.00
CA ASN G 17 -37.86 27.07 11.71
C ASN G 17 -36.80 28.15 11.88
N ALA G 18 -37.00 29.31 11.25
CA ALA G 18 -35.96 30.34 11.34
C ALA G 18 -35.90 30.92 12.75
N ILE G 19 -34.70 31.15 13.26
CA ILE G 19 -34.48 31.57 14.64
C ILE G 19 -35.15 32.91 14.94
N ILE G 20 -35.20 33.73 13.91
CA ILE G 20 -35.70 35.08 14.06
C ILE G 20 -37.18 35.05 14.41
N ASP G 21 -37.92 34.07 13.88
CA ASP G 21 -39.36 33.91 14.17
C ASP G 21 -39.65 33.94 15.67
N ASP G 22 -38.82 33.21 16.42
CA ASP G 22 -38.95 33.05 17.86
C ASP G 22 -38.05 34.02 18.67
N TYR G 23 -36.99 34.58 18.07
CA TYR G 23 -36.05 35.41 18.82
C TYR G 23 -35.56 36.60 18.03
N LYS G 24 -35.46 37.74 18.72
CA LYS G 24 -34.82 38.91 18.16
C LYS G 24 -33.37 38.80 18.49
N VAL G 25 -32.55 38.92 17.45
CA VAL G 25 -31.11 38.82 17.62
C VAL G 25 -30.54 40.20 17.65
N THR G 26 -29.85 40.53 18.74
CA THR G 26 -29.02 41.75 18.75
C THR G 26 -27.54 41.46 18.40
N SER G 27 -26.76 42.53 18.39
CA SER G 27 -25.36 42.43 18.03
C SER G 27 -24.52 42.58 19.29
N GLN G 28 -25.20 42.72 20.44
CA GLN G 28 -24.53 42.76 21.74
C GLN G 28 -23.79 41.44 21.97
N VAL G 29 -22.48 41.49 21.78
CA VAL G 29 -21.54 40.44 22.15
C VAL G 29 -21.64 40.24 23.65
N LEU G 30 -21.46 39.01 24.13
CA LEU G 30 -21.35 38.78 25.57
C LEU G 30 -19.90 38.51 25.99
N GLY G 31 -19.24 37.65 25.22
CA GLY G 31 -17.83 37.36 25.45
C GLY G 31 -17.13 36.79 24.22
N LEU G 32 -17.92 36.36 23.23
CA LEU G 32 -17.40 35.74 22.00
C LEU G 32 -16.23 34.77 22.24
N GLY G 33 -16.11 34.31 23.49
CA GLY G 33 -14.97 33.49 23.94
C GLY G 33 -13.95 33.30 22.82
N ILE G 34 -13.99 32.12 22.20
CA ILE G 34 -13.27 31.83 20.95
C ILE G 34 -14.14 30.85 20.11
N ASN G 35 -13.89 30.78 18.81
CA ASN G 35 -14.53 29.79 17.90
C ASN G 35 -16.01 30.07 17.50
N GLY G 36 -16.59 31.13 18.05
CA GLY G 36 -17.98 31.51 17.73
C GLY G 36 -18.61 32.65 18.53
N LYS G 37 -18.02 33.85 18.41
CA LYS G 37 -18.60 35.12 18.87
C LYS G 37 -19.99 34.97 19.49
N VAL G 38 -20.05 34.90 20.82
CA VAL G 38 -21.31 34.69 21.55
C VAL G 38 -22.09 35.98 21.69
N LEU G 39 -23.35 35.94 21.27
CA LEU G 39 -24.17 37.16 21.19
C LEU G 39 -25.38 37.11 22.09
N GLN G 40 -25.88 38.28 22.48
CA GLN G 40 -27.10 38.36 23.27
C GLN G 40 -28.30 38.42 22.36
N ILE G 41 -29.39 37.77 22.75
CA ILE G 41 -30.65 37.73 21.99
C ILE G 41 -31.89 37.74 22.92
N PHE G 42 -33.08 37.93 22.35
CA PHE G 42 -34.29 38.01 23.16
C PHE G 42 -35.46 37.28 22.56
N ASN G 43 -36.10 36.45 23.35
CA ASN G 43 -37.36 35.83 22.97
C ASN G 43 -38.30 36.91 22.46
N LYS G 44 -38.60 36.91 21.16
CA LYS G 44 -39.39 37.97 20.52
C LYS G 44 -40.59 38.47 21.34
N ARG G 45 -41.40 37.52 21.76
CA ARG G 45 -42.66 37.76 22.44
C ARG G 45 -42.54 37.63 23.97
N THR G 46 -41.87 36.57 24.45
CA THR G 46 -41.78 36.33 25.91
C THR G 46 -40.61 37.08 26.59
N GLN G 47 -39.80 37.74 25.77
CA GLN G 47 -38.91 38.85 26.15
C GLN G 47 -37.71 38.63 27.06
N GLU G 48 -37.51 37.40 27.54
CA GLU G 48 -36.37 37.07 28.42
C GLU G 48 -35.01 37.00 27.70
N LYS G 49 -33.96 37.58 28.30
CA LYS G 49 -32.58 37.54 27.78
C LYS G 49 -32.07 36.12 27.49
N PHE G 50 -31.26 35.96 26.43
CA PHE G 50 -30.58 34.68 26.13
C PHE G 50 -29.25 34.85 25.44
N ALA G 51 -28.39 33.83 25.49
CA ALA G 51 -27.09 33.87 24.79
C ALA G 51 -27.01 32.95 23.55
N LEU G 52 -26.32 33.43 22.52
CA LEU G 52 -26.23 32.73 21.24
C LEU G 52 -24.80 32.44 20.74
N LYS G 53 -24.45 31.17 20.74
CA LYS G 53 -23.28 30.76 19.97
C LYS G 53 -23.78 30.39 18.61
N MET G 54 -23.00 30.72 17.58
CA MET G 54 -23.42 30.55 16.20
C MET G 54 -22.32 29.87 15.37
N LEU G 55 -22.57 28.63 14.95
CA LEU G 55 -21.58 27.72 14.31
C LEU G 55 -21.84 27.30 12.85
N GLN G 56 -20.78 27.09 12.07
CA GLN G 56 -20.89 26.42 10.76
C GLN G 56 -21.16 24.95 10.98
N ASP G 57 -22.16 24.40 10.32
CA ASP G 57 -22.37 22.95 10.42
C ASP G 57 -21.21 22.09 9.91
N CYS G 58 -20.73 21.17 10.74
CA CYS G 58 -19.73 20.17 10.37
C CYS G 58 -19.72 19.13 11.48
N PRO G 59 -19.01 17.98 11.29
CA PRO G 59 -18.87 17.10 12.48
C PRO G 59 -18.29 17.79 13.74
N LYS G 60 -17.26 18.63 13.60
CA LYS G 60 -16.70 19.36 14.75
C LYS G 60 -17.82 20.03 15.58
N ALA G 61 -18.53 20.97 14.94
CA ALA G 61 -19.75 21.57 15.50
C ALA G 61 -20.73 20.56 16.12
N ARG G 62 -21.26 19.67 15.29
CA ARG G 62 -22.12 18.58 15.77
C ARG G 62 -21.60 17.93 17.07
N ARG G 63 -20.30 17.74 17.18
CA ARG G 63 -19.74 17.15 18.38
C ARG G 63 -20.06 18.06 19.55
N GLU G 64 -19.49 19.27 19.52
CA GLU G 64 -19.79 20.29 20.51
C GLU G 64 -21.27 20.26 20.88
N VAL G 65 -22.13 20.54 19.93
CA VAL G 65 -23.56 20.59 20.20
C VAL G 65 -24.11 19.34 20.94
N GLU G 66 -23.66 18.16 20.51
CA GLU G 66 -24.11 16.89 21.09
C GLU G 66 -23.63 16.75 22.53
N LEU G 67 -22.33 16.96 22.75
CA LEU G 67 -21.76 16.90 24.09
C LEU G 67 -22.30 17.96 25.02
N HIS G 68 -22.40 19.21 24.57
CA HIS G 68 -22.98 20.26 25.39
C HIS G 68 -24.37 19.93 25.88
N TRP G 69 -25.15 19.28 24.99
CA TRP G 69 -26.50 18.86 25.32
C TRP G 69 -26.51 17.78 26.39
N ARG G 70 -25.56 16.84 26.26
CA ARG G 70 -25.48 15.67 27.14
C ARG G 70 -25.17 16.13 28.56
N ALA G 71 -24.45 17.24 28.67
CA ALA G 71 -24.03 17.78 29.95
C ALA G 71 -25.00 18.83 30.46
N SER G 72 -25.85 19.34 29.58
CA SER G 72 -26.67 20.51 29.88
C SER G 72 -27.49 20.33 31.14
N GLN G 73 -27.76 19.07 31.44
CA GLN G 73 -28.68 18.74 32.49
C GLN G 73 -28.10 18.93 33.89
N CYS G 74 -26.77 18.92 34.02
CA CYS G 74 -26.09 19.32 35.25
C CYS G 74 -26.44 20.76 35.62
N PRO G 75 -26.83 21.01 36.90
CA PRO G 75 -27.19 22.37 37.29
C PRO G 75 -25.99 23.26 37.56
N HIS G 76 -24.78 22.80 37.20
CA HIS G 76 -23.58 23.64 37.32
C HIS G 76 -22.85 23.75 36.02
N ILE G 77 -23.54 23.41 34.93
CA ILE G 77 -23.05 23.59 33.56
C ILE G 77 -24.10 24.39 32.78
N VAL G 78 -23.65 25.38 32.01
CA VAL G 78 -24.58 26.32 31.38
C VAL G 78 -25.63 25.60 30.55
N ARG G 79 -26.89 25.95 30.76
CA ARG G 79 -27.96 25.26 30.08
C ARG G 79 -28.00 25.67 28.59
N ILE G 80 -28.66 24.82 27.80
CA ILE G 80 -28.93 25.07 26.40
C ILE G 80 -30.43 25.07 26.15
N VAL G 81 -31.02 26.25 26.05
CA VAL G 81 -32.46 26.33 25.81
C VAL G 81 -32.89 25.58 24.55
N ASP G 82 -32.20 25.84 23.44
CA ASP G 82 -32.57 25.31 22.14
C ASP G 82 -31.39 25.29 21.16
N VAL G 83 -31.50 24.43 20.15
CA VAL G 83 -30.55 24.41 19.05
C VAL G 83 -31.29 24.55 17.72
N TYR G 84 -30.94 25.58 16.95
CA TYR G 84 -31.52 25.78 15.63
C TYR G 84 -30.58 25.31 14.53
N GLU G 85 -31.16 24.71 13.49
CA GLU G 85 -30.43 24.53 12.23
C GLU G 85 -31.02 25.52 11.20
N ASN G 86 -30.27 26.57 10.89
CA ASN G 86 -30.76 27.52 9.91
C ASN G 86 -29.83 27.70 8.73
N LEU G 87 -30.38 28.21 7.64
CA LEU G 87 -29.58 28.78 6.58
C LEU G 87 -29.19 30.18 6.99
N TYR G 88 -27.88 30.39 7.09
CA TYR G 88 -27.36 31.74 7.29
C TYR G 88 -26.35 32.13 6.23
N ALA G 89 -26.58 33.25 5.57
CA ALA G 89 -25.93 33.47 4.26
C ALA G 89 -26.02 32.16 3.50
N GLY G 90 -27.27 31.70 3.26
CA GLY G 90 -27.51 30.40 2.61
C GLY G 90 -26.26 29.56 2.79
N ARG G 91 -26.18 28.92 3.96
CA ARG G 91 -25.11 28.00 4.38
C ARG G 91 -25.61 27.47 5.71
N LYS G 92 -25.48 26.15 5.92
CA LYS G 92 -26.00 25.50 7.12
C LYS G 92 -25.31 26.00 8.39
N CYS G 93 -26.15 26.40 9.35
CA CYS G 93 -25.69 26.83 10.65
C CYS G 93 -26.23 25.97 11.76
N LEU G 94 -25.48 25.84 12.84
CA LEU G 94 -26.03 25.33 14.10
C LEU G 94 -26.03 26.44 15.14
N LEU G 95 -27.18 27.05 15.39
CA LEU G 95 -27.24 28.15 16.34
C LEU G 95 -27.59 27.64 17.71
N ILE G 96 -26.66 27.72 18.64
CA ILE G 96 -26.93 27.33 20.03
C ILE G 96 -27.48 28.51 20.86
N VAL G 97 -28.64 28.31 21.45
CA VAL G 97 -29.22 29.29 22.32
C VAL G 97 -29.12 28.80 23.77
N MET G 98 -28.27 29.50 24.53
CA MET G 98 -27.99 29.18 25.92
C MET G 98 -28.80 30.07 26.86
N GLU G 99 -28.91 29.63 28.12
CA GLU G 99 -29.41 30.51 29.18
C GLU G 99 -28.41 31.66 29.34
N CYS G 100 -28.90 32.79 29.86
CA CYS G 100 -28.12 34.02 29.88
C CYS G 100 -27.34 34.25 31.17
N LEU G 101 -26.07 34.64 31.03
CA LEU G 101 -25.19 34.86 32.18
C LEU G 101 -24.62 36.29 32.25
N ASP G 102 -25.32 37.12 33.02
CA ASP G 102 -24.98 38.54 33.22
C ASP G 102 -24.33 38.80 34.57
N GLY G 103 -23.92 37.74 35.25
CA GLY G 103 -23.20 37.85 36.52
C GLY G 103 -21.72 38.10 36.29
N GLY G 104 -21.28 37.90 35.05
CA GLY G 104 -19.90 38.13 34.66
C GLY G 104 -18.99 37.01 35.12
N GLU G 105 -17.70 37.18 34.84
CA GLU G 105 -16.70 36.19 35.21
C GLU G 105 -16.72 35.90 36.70
N LEU G 106 -16.06 34.83 37.11
CA LEU G 106 -15.83 34.55 38.52
C LEU G 106 -14.73 35.51 39.02
N PHE G 107 -13.69 35.69 38.20
CA PHE G 107 -12.61 36.67 38.47
C PHE G 107 -13.14 38.08 38.75
N SER G 108 -14.01 38.57 37.87
CA SER G 108 -14.58 39.91 37.97
C SER G 108 -15.50 40.10 39.18
N ARG G 109 -15.91 38.99 39.79
CA ARG G 109 -16.84 39.01 40.92
C ARG G 109 -16.19 38.51 42.23
N ILE G 110 -14.86 38.59 42.26
CA ILE G 110 -14.07 38.45 43.49
C ILE G 110 -13.41 39.82 43.77
N GLN G 111 -12.77 40.37 42.74
CA GLN G 111 -12.14 41.70 42.82
C GLN G 111 -13.17 42.84 42.90
N ASP G 112 -14.45 42.44 42.84
CA ASP G 112 -15.60 43.30 43.11
C ASP G 112 -16.34 42.91 44.38
N ARG G 113 -15.61 42.41 45.37
CA ARG G 113 -16.13 42.19 46.74
C ARG G 113 -15.00 42.00 47.74
N PHE G 118 -12.89 37.75 51.02
CA PHE G 118 -12.83 36.38 50.52
C PHE G 118 -12.07 35.48 51.48
N THR G 119 -12.59 34.27 51.71
CA THR G 119 -12.02 33.34 52.68
C THR G 119 -11.98 31.86 52.24
N GLU G 120 -10.99 31.12 52.73
CA GLU G 120 -10.85 29.66 52.55
C GLU G 120 -12.17 28.86 52.57
N ARG G 121 -13.19 29.42 53.23
CA ARG G 121 -14.56 28.97 53.16
C ARG G 121 -15.04 29.08 51.70
N GLU G 122 -15.23 30.33 51.25
CA GLU G 122 -15.64 30.65 49.86
C GLU G 122 -14.87 29.84 48.80
N ALA G 123 -13.56 29.76 48.94
CA ALA G 123 -12.67 29.08 48.00
C ALA G 123 -12.93 27.58 47.90
N SER G 124 -13.39 26.99 49.01
CA SER G 124 -13.75 25.59 49.09
C SER G 124 -15.16 25.35 48.57
N GLU G 125 -15.97 26.41 48.62
CA GLU G 125 -17.39 26.33 48.33
C GLU G 125 -17.58 26.84 46.92
N ILE G 126 -16.58 27.51 46.39
CA ILE G 126 -16.53 27.83 44.98
C ILE G 126 -15.93 26.63 44.21
N MET G 127 -14.80 26.11 44.70
CA MET G 127 -14.18 24.89 44.17
C MET G 127 -15.11 23.68 44.14
N LYS G 128 -16.13 23.69 45.00
CA LYS G 128 -17.13 22.63 45.08
C LYS G 128 -18.08 22.71 43.88
N SER G 129 -18.54 23.93 43.60
CA SER G 129 -19.41 24.19 42.46
C SER G 129 -18.68 23.78 41.16
N ILE G 130 -17.44 24.24 40.98
CA ILE G 130 -16.67 23.86 39.79
C ILE G 130 -16.43 22.34 39.69
N GLY G 131 -15.75 21.79 40.69
CA GLY G 131 -15.57 20.36 40.80
C GLY G 131 -16.83 19.52 40.65
N GLU G 132 -18.00 20.08 40.97
CA GLU G 132 -19.23 19.35 40.66
C GLU G 132 -19.46 19.15 39.14
N ALA G 133 -19.32 20.22 38.37
CA ALA G 133 -19.42 20.15 36.92
C ALA G 133 -18.46 19.10 36.32
N ILE G 134 -17.21 19.12 36.76
CA ILE G 134 -16.22 18.21 36.22
C ILE G 134 -16.55 16.77 36.58
N GLN G 135 -17.06 16.57 37.77
CA GLN G 135 -17.49 15.24 38.15
C GLN G 135 -18.56 14.75 37.18
N TYR G 136 -19.47 15.65 36.82
CA TYR G 136 -20.57 15.29 35.95
C TYR G 136 -20.12 14.99 34.51
N LEU G 137 -19.19 15.78 33.99
CA LEU G 137 -18.65 15.48 32.68
C LEU G 137 -18.04 14.10 32.68
N HIS G 138 -17.08 13.90 33.57
CA HIS G 138 -16.35 12.66 33.64
C HIS G 138 -17.24 11.40 33.73
N SER G 139 -18.33 11.53 34.48
CA SER G 139 -19.21 10.39 34.70
C SER G 139 -19.99 10.01 33.45
N ILE G 140 -20.50 11.01 32.72
CA ILE G 140 -21.13 10.74 31.44
C ILE G 140 -20.08 10.72 30.32
N ASN G 141 -18.81 10.58 30.74
CA ASN G 141 -17.67 10.21 29.87
C ASN G 141 -17.03 11.31 29.08
N ILE G 142 -17.32 12.56 29.42
CA ILE G 142 -16.77 13.67 28.67
C ILE G 142 -15.65 14.39 29.42
N ALA G 143 -14.53 14.57 28.73
CA ALA G 143 -13.50 15.50 29.16
C ALA G 143 -13.78 16.85 28.56
N HIS G 144 -13.84 17.90 29.38
CA HIS G 144 -14.06 19.30 28.93
C HIS G 144 -12.88 19.85 28.13
N ARG G 145 -11.68 19.44 28.52
CA ARG G 145 -10.44 19.60 27.74
C ARG G 145 -9.87 21.02 27.62
N ASP G 146 -10.74 22.02 27.72
CA ASP G 146 -10.29 23.38 27.83
C ASP G 146 -11.03 24.00 28.97
N VAL G 147 -10.46 23.95 30.17
CA VAL G 147 -11.08 24.61 31.31
C VAL G 147 -10.15 25.73 31.72
N LYS G 148 -10.76 26.90 31.95
CA LYS G 148 -10.07 28.09 32.44
C LYS G 148 -11.09 29.03 33.08
N PRO G 149 -10.62 30.08 33.78
CA PRO G 149 -11.55 30.98 34.48
C PRO G 149 -12.55 31.65 33.54
N GLU G 150 -12.07 32.05 32.35
CA GLU G 150 -12.89 32.74 31.35
C GLU G 150 -14.24 32.07 31.24
N ASN G 151 -14.31 30.80 31.63
CA ASN G 151 -15.49 29.97 31.44
C ASN G 151 -16.32 29.61 32.66
N LEU G 152 -16.02 30.25 33.79
CA LEU G 152 -16.81 30.08 35.00
C LEU G 152 -17.60 31.35 35.35
N LEU G 153 -18.89 31.31 35.01
CA LEU G 153 -19.70 32.51 35.07
C LEU G 153 -20.91 32.33 35.99
N TYR G 154 -21.20 33.37 36.77
CA TYR G 154 -22.36 33.37 37.65
C TYR G 154 -23.59 33.84 36.90
N THR G 155 -24.76 33.36 37.30
CA THR G 155 -26.03 33.68 36.63
C THR G 155 -26.37 35.19 36.57
N SER G 156 -26.80 35.76 37.71
CA SER G 156 -27.18 37.18 37.79
C SER G 156 -26.45 37.95 38.90
N LYS G 157 -26.43 39.28 38.79
CA LYS G 157 -25.64 40.16 39.67
C LYS G 157 -25.87 39.97 41.18
N ARG G 158 -26.99 39.36 41.54
CA ARG G 158 -27.38 39.06 42.93
C ARG G 158 -26.33 38.22 43.72
N PRO G 159 -26.38 38.21 45.07
CA PRO G 159 -25.46 37.29 45.77
C PRO G 159 -25.89 35.81 45.69
N ASN G 160 -27.19 35.56 45.52
CA ASN G 160 -27.75 34.24 45.14
C ASN G 160 -27.07 33.55 43.95
N ALA G 161 -26.12 34.25 43.33
CA ALA G 161 -25.46 33.83 42.09
C ALA G 161 -24.90 32.41 42.12
N ILE G 162 -25.43 31.55 41.23
CA ILE G 162 -24.95 30.18 41.00
C ILE G 162 -23.80 30.20 39.98
N LEU G 163 -22.76 29.41 40.22
CA LEU G 163 -21.62 29.35 39.31
C LEU G 163 -21.77 28.16 38.33
N LYS G 164 -21.47 28.39 37.05
CA LYS G 164 -21.64 27.37 36.01
C LYS G 164 -20.42 27.34 35.12
N LEU G 165 -20.28 26.25 34.36
CA LEU G 165 -19.17 26.05 33.40
C LEU G 165 -19.64 26.03 31.93
N THR G 166 -18.73 26.41 31.01
CA THR G 166 -19.08 26.65 29.60
C THR G 166 -17.96 26.46 28.54
N ASP G 167 -18.34 26.70 27.28
CA ASP G 167 -17.57 26.36 26.06
C ASP G 167 -17.19 24.91 25.94
N PHE G 168 -17.71 24.25 24.91
CA PHE G 168 -17.41 22.87 24.68
C PHE G 168 -16.71 22.65 23.36
N GLY G 169 -16.28 23.74 22.73
CA GLY G 169 -15.46 23.67 21.52
C GLY G 169 -14.34 22.64 21.59
N PHE G 170 -13.90 22.30 22.80
CA PHE G 170 -12.74 21.42 23.00
C PHE G 170 -13.05 20.09 23.67
N ALA G 171 -14.33 19.85 23.94
CA ALA G 171 -14.74 18.62 24.56
C ALA G 171 -14.72 17.50 23.52
N LYS G 172 -13.94 16.46 23.80
CA LYS G 172 -14.04 15.19 23.11
C LYS G 172 -14.51 14.10 24.10
N GLU G 173 -14.96 12.96 23.57
CA GLU G 173 -15.52 11.85 24.36
C GLU G 173 -14.38 10.94 24.76
N THR G 174 -14.42 10.35 25.95
CA THR G 174 -13.36 9.45 26.40
C THR G 174 -13.52 8.01 25.88
N THR G 175 -14.76 7.65 25.53
CA THR G 175 -15.17 6.35 24.94
C THR G 175 -14.65 5.12 25.69
N VAL G 190 -14.65 -6.12 34.00
CA VAL G 190 -14.63 -6.26 35.45
C VAL G 190 -13.34 -5.61 36.04
N ALA G 191 -12.83 -4.62 35.31
CA ALA G 191 -11.70 -3.75 35.67
C ALA G 191 -11.68 -2.59 34.67
N PRO G 192 -11.41 -1.35 35.12
CA PRO G 192 -11.62 -0.16 34.26
C PRO G 192 -10.67 0.10 33.06
N GLU G 193 -9.79 -0.83 32.72
CA GLU G 193 -9.04 -0.77 31.45
C GLU G 193 -9.55 -1.84 30.49
N VAL G 194 -10.00 -2.97 31.05
CA VAL G 194 -10.53 -4.08 30.26
C VAL G 194 -11.84 -3.66 29.56
N LEU G 195 -12.21 -2.39 29.78
CA LEU G 195 -13.33 -1.77 29.08
C LEU G 195 -12.96 -0.47 28.37
N GLY G 196 -13.04 -0.50 27.04
CA GLY G 196 -12.89 0.69 26.21
C GLY G 196 -11.47 1.21 25.99
N PRO G 197 -11.32 2.19 25.06
CA PRO G 197 -10.01 2.79 24.76
C PRO G 197 -9.45 3.61 25.95
N GLU G 198 -10.01 4.79 26.16
CA GLU G 198 -9.46 5.85 27.05
C GLU G 198 -7.95 6.05 26.97
N LYS G 199 -7.57 7.17 26.34
CA LYS G 199 -6.23 7.77 26.48
C LYS G 199 -6.11 8.25 27.95
N TYR G 200 -5.81 9.52 28.17
CA TYR G 200 -5.66 10.04 29.55
C TYR G 200 -6.06 11.50 29.76
N ASP G 201 -6.19 12.25 28.66
CA ASP G 201 -6.44 13.69 28.70
C ASP G 201 -7.71 14.12 29.48
N LYS G 202 -8.44 13.15 30.02
CA LYS G 202 -9.50 13.43 31.00
C LYS G 202 -8.92 14.13 32.24
N SER G 203 -7.64 13.85 32.52
CA SER G 203 -6.96 14.37 33.71
C SER G 203 -6.35 15.75 33.52
N CYS G 204 -6.55 16.34 32.36
CA CYS G 204 -6.13 17.72 32.15
C CYS G 204 -7.19 18.67 32.71
N ASP G 205 -8.39 18.13 32.93
CA ASP G 205 -9.43 18.80 33.70
C ASP G 205 -8.96 19.02 35.13
N MET G 206 -8.33 17.99 35.70
CA MET G 206 -7.80 18.10 37.04
C MET G 206 -6.62 19.09 37.12
N TRP G 207 -5.77 19.10 36.09
CA TRP G 207 -4.71 20.12 36.04
C TRP G 207 -5.28 21.53 36.07
N SER G 208 -6.35 21.72 35.31
CA SER G 208 -6.97 23.00 35.23
C SER G 208 -7.61 23.36 36.56
N LEU G 209 -8.34 22.41 37.16
CA LEU G 209 -9.00 22.64 38.46
C LEU G 209 -8.05 23.15 39.57
N GLY G 210 -6.77 22.79 39.50
CA GLY G 210 -5.80 23.13 40.54
C GLY G 210 -5.08 24.47 40.36
N VAL G 211 -4.81 24.81 39.10
CA VAL G 211 -4.32 26.11 38.71
C VAL G 211 -5.39 27.12 39.12
N ILE G 212 -6.64 26.68 39.03
CA ILE G 212 -7.78 27.53 39.38
C ILE G 212 -7.86 27.72 40.89
N MET G 213 -7.74 26.61 41.62
CA MET G 213 -7.68 26.62 43.08
C MET G 213 -6.53 27.46 43.60
N TYR G 214 -5.40 27.44 42.89
CA TYR G 214 -4.24 28.30 43.23
C TYR G 214 -4.64 29.78 43.16
N ILE G 215 -5.22 30.15 42.02
CA ILE G 215 -5.73 31.48 41.77
C ILE G 215 -6.78 31.90 42.78
N LEU G 216 -7.62 30.95 43.19
CA LEU G 216 -8.67 31.20 44.17
C LEU G 216 -8.15 31.40 45.58
N LEU G 217 -6.89 31.06 45.81
CA LEU G 217 -6.30 31.12 47.16
C LEU G 217 -5.27 32.23 47.42
N CYS G 218 -4.61 32.71 46.37
CA CYS G 218 -3.57 33.72 46.51
C CYS G 218 -3.84 35.03 45.78
N GLY G 219 -4.50 34.93 44.63
CA GLY G 219 -4.80 36.09 43.81
C GLY G 219 -4.07 36.07 42.48
N TYR G 220 -3.24 35.03 42.26
CA TYR G 220 -2.49 34.88 40.99
C TYR G 220 -2.29 33.41 40.51
N PRO G 221 -1.49 33.21 39.44
CA PRO G 221 -1.36 31.85 38.92
C PRO G 221 -0.17 31.10 39.52
N PRO G 222 -0.21 29.77 39.47
CA PRO G 222 0.97 29.02 39.87
C PRO G 222 2.11 29.23 38.88
N PHE G 223 1.78 29.51 37.62
CA PHE G 223 2.76 29.73 36.55
C PHE G 223 2.39 30.98 35.77
N TYR G 224 3.37 31.84 35.48
CA TYR G 224 3.09 33.12 34.83
C TYR G 224 4.18 33.74 33.94
N SER G 225 4.31 35.06 34.09
CA SER G 225 5.02 35.97 33.18
C SER G 225 6.55 35.89 33.26
N ASN G 226 7.08 36.10 34.47
CA ASN G 226 8.53 36.10 34.79
C ASN G 226 9.42 36.73 33.70
N HIS G 227 10.18 35.87 33.02
CA HIS G 227 10.95 36.23 31.82
C HIS G 227 11.59 37.62 31.83
N GLY G 234 11.81 29.83 30.32
CA GLY G 234 10.48 29.51 29.82
C GLY G 234 9.44 29.33 30.92
N MET G 235 8.20 29.70 30.60
CA MET G 235 7.06 29.40 31.45
C MET G 235 6.59 28.00 31.07
N LYS G 236 6.61 27.69 29.77
CA LYS G 236 6.42 26.31 29.34
C LYS G 236 7.39 25.39 30.09
N THR G 237 8.61 25.89 30.30
CA THR G 237 9.65 25.16 31.01
C THR G 237 9.24 24.88 32.46
N ARG G 238 8.87 25.94 33.15
CA ARG G 238 8.44 25.89 34.54
C ARG G 238 7.16 25.02 34.70
N ILE G 239 6.33 24.99 33.66
CA ILE G 239 5.16 24.10 33.65
C ILE G 239 5.62 22.63 33.59
N ARG G 240 6.24 22.21 32.47
CA ARG G 240 6.79 20.86 32.32
C ARG G 240 7.51 20.40 33.59
N MET G 241 8.36 21.28 34.12
CA MET G 241 9.09 21.02 35.36
C MET G 241 8.18 20.91 36.57
N GLY G 242 7.02 21.55 36.51
CA GLY G 242 6.09 21.58 37.64
C GLY G 242 6.70 22.38 38.75
N GLN G 243 7.24 23.54 38.39
CA GLN G 243 7.94 24.39 39.32
C GLN G 243 7.09 25.59 39.73
N TYR G 244 6.73 25.61 41.01
CA TYR G 244 5.96 26.67 41.58
C TYR G 244 6.29 26.79 43.08
N GLU G 245 6.46 28.02 43.56
CA GLU G 245 6.68 28.28 44.98
C GLU G 245 5.32 28.50 45.66
N PHE G 246 5.33 28.67 46.98
CA PHE G 246 4.12 28.95 47.79
C PHE G 246 4.25 30.27 48.59
N PRO G 247 4.31 31.42 47.88
CA PRO G 247 4.83 32.66 48.45
C PRO G 247 4.08 33.21 49.67
N ASN G 248 4.83 33.65 50.67
CA ASN G 248 4.32 34.48 51.77
C ASN G 248 4.56 35.95 51.38
N PRO G 249 3.64 36.87 51.75
CA PRO G 249 2.69 36.77 52.84
C PRO G 249 1.32 36.23 52.45
N GLU G 250 1.20 35.78 51.19
CA GLU G 250 -0.09 35.33 50.70
C GLU G 250 -0.48 33.96 51.25
N TRP G 251 0.50 33.06 51.40
CA TRP G 251 0.25 31.64 51.67
C TRP G 251 0.47 31.13 53.08
N SER G 252 1.26 31.86 53.88
CA SER G 252 1.61 31.44 55.23
C SER G 252 0.39 31.36 56.16
N GLU G 253 -0.80 31.33 55.56
CA GLU G 253 -2.06 31.38 56.31
C GLU G 253 -3.09 30.31 55.95
N VAL G 254 -2.82 29.55 54.88
CA VAL G 254 -3.72 28.49 54.40
C VAL G 254 -3.28 27.11 54.94
N SER G 255 -4.25 26.28 55.31
CA SER G 255 -3.99 24.93 55.87
C SER G 255 -2.93 24.12 55.11
N GLU G 256 -2.12 23.34 55.84
CA GLU G 256 -1.11 22.47 55.20
C GLU G 256 -1.69 21.15 54.64
N GLU G 257 -2.99 21.15 54.35
CA GLU G 257 -3.52 20.16 53.43
C GLU G 257 -3.83 20.80 52.07
N VAL G 258 -4.53 21.93 52.06
CA VAL G 258 -4.91 22.57 50.79
C VAL G 258 -3.71 22.88 49.87
N LYS G 259 -2.52 23.01 50.45
CA LYS G 259 -1.29 23.06 49.66
C LYS G 259 -1.04 21.66 49.10
N MET G 260 -1.21 20.66 49.95
CA MET G 260 -0.96 19.26 49.59
C MET G 260 -1.96 18.68 48.59
N LEU G 261 -3.21 19.17 48.65
CA LEU G 261 -4.21 18.86 47.64
C LEU G 261 -3.82 19.45 46.29
N ILE G 262 -3.54 20.76 46.27
CA ILE G 262 -2.94 21.46 45.12
C ILE G 262 -1.73 20.72 44.54
N ARG G 263 -0.82 20.30 45.41
CA ARG G 263 0.35 19.54 44.99
C ARG G 263 -0.02 18.27 44.17
N ASN G 264 -1.16 17.67 44.51
CA ASN G 264 -1.62 16.49 43.82
C ASN G 264 -2.32 16.80 42.50
N LEU G 265 -3.05 17.92 42.43
CA LEU G 265 -3.66 18.37 41.15
C LEU G 265 -2.66 19.01 40.14
N LEU G 266 -1.45 19.36 40.60
CA LEU G 266 -0.45 19.97 39.74
C LEU G 266 0.69 19.01 39.40
N LYS G 267 0.35 17.75 39.21
CA LYS G 267 1.37 16.74 38.96
C LYS G 267 1.71 16.75 37.49
N THR G 268 2.98 16.94 37.16
CA THR G 268 3.31 17.10 35.75
C THR G 268 3.33 15.79 34.98
N GLU G 269 2.79 14.76 35.61
CA GLU G 269 2.58 13.44 35.01
C GLU G 269 1.12 13.02 35.20
N PRO G 270 0.32 13.08 34.13
CA PRO G 270 -1.15 12.99 34.19
C PRO G 270 -1.70 11.84 35.04
N THR G 271 -1.08 10.66 34.94
CA THR G 271 -1.56 9.49 35.66
C THR G 271 -1.22 9.50 37.16
N GLN G 272 -0.92 10.69 37.69
CA GLN G 272 -0.45 10.83 39.08
C GLN G 272 -1.35 11.80 39.89
N ARG G 273 -2.37 12.32 39.22
CA ARG G 273 -3.31 13.25 39.83
C ARG G 273 -4.55 12.51 40.27
N MET G 274 -5.26 13.03 41.26
CA MET G 274 -6.54 12.42 41.67
C MET G 274 -7.62 12.52 40.57
N THR G 275 -8.57 11.59 40.59
CA THR G 275 -9.78 11.69 39.78
C THR G 275 -10.80 12.54 40.53
N ILE G 276 -11.86 13.02 39.89
CA ILE G 276 -12.77 13.96 40.55
C ILE G 276 -13.37 13.30 41.77
N THR G 277 -13.55 11.98 41.71
CA THR G 277 -14.02 11.22 42.86
C THR G 277 -13.07 11.39 44.03
N GLU G 278 -11.79 11.06 43.85
CA GLU G 278 -10.79 11.28 44.91
C GLU G 278 -10.82 12.76 45.34
N PHE G 279 -10.93 13.65 44.36
CA PHE G 279 -11.01 15.07 44.63
C PHE G 279 -12.27 15.46 45.42
N MET G 280 -13.39 14.87 45.08
CA MET G 280 -14.64 15.21 45.72
C MET G 280 -14.77 14.54 47.10
N ASN G 281 -13.95 13.51 47.34
CA ASN G 281 -13.86 12.83 48.66
C ASN G 281 -12.90 13.49 49.66
N HIS G 282 -12.49 14.72 49.33
CA HIS G 282 -11.55 15.48 50.15
C HIS G 282 -12.31 16.30 51.17
N PRO G 283 -11.95 16.14 52.47
CA PRO G 283 -12.44 16.95 53.58
C PRO G 283 -12.58 18.43 53.24
N TRP G 284 -11.56 19.02 52.62
CA TRP G 284 -11.60 20.45 52.35
C TRP G 284 -12.68 20.81 51.33
N ILE G 285 -13.10 19.82 50.56
CA ILE G 285 -14.13 20.03 49.55
C ILE G 285 -15.50 19.52 50.00
N MET G 286 -15.52 18.36 50.65
CA MET G 286 -16.75 17.85 51.27
C MET G 286 -17.23 18.64 52.49
N GLN G 287 -16.41 18.73 53.55
CA GLN G 287 -16.77 19.51 54.74
C GLN G 287 -16.55 20.99 54.43
N SER G 288 -17.56 21.61 53.82
CA SER G 288 -17.46 23.03 53.41
C SER G 288 -17.96 23.96 54.50
N THR G 289 -19.02 23.54 55.20
CA THR G 289 -19.45 24.24 56.42
C THR G 289 -18.73 23.55 57.57
N LYS G 290 -17.41 23.74 57.59
CA LYS G 290 -16.47 23.05 58.48
C LYS G 290 -15.05 23.49 58.09
N VAL G 291 -14.94 24.29 57.02
CA VAL G 291 -13.68 24.95 56.72
C VAL G 291 -13.66 26.33 57.39
N PRO G 292 -12.49 26.72 57.97
CA PRO G 292 -12.46 27.99 58.68
C PRO G 292 -12.46 29.18 57.71
N GLN G 293 -12.72 30.37 58.25
CA GLN G 293 -12.88 31.58 57.45
C GLN G 293 -11.59 32.41 57.36
N THR G 294 -10.44 31.75 57.37
CA THR G 294 -9.12 32.41 57.28
C THR G 294 -9.02 33.32 56.04
N PRO G 295 -8.42 34.52 56.18
CA PRO G 295 -8.48 35.50 55.08
C PRO G 295 -7.43 35.30 53.96
N LEU G 296 -7.93 35.17 52.73
CA LEU G 296 -7.10 35.03 51.56
C LEU G 296 -6.87 36.42 51.01
N HIS G 297 -5.69 36.62 50.41
CA HIS G 297 -5.28 37.96 49.97
C HIS G 297 -5.52 38.13 48.47
N THR G 298 -6.43 37.29 47.98
CA THR G 298 -6.96 37.26 46.61
C THR G 298 -7.56 38.58 46.13
N SER G 299 -8.70 38.99 46.72
CA SER G 299 -9.41 40.24 46.38
C SER G 299 -8.47 41.44 46.31
N ARG G 300 -7.55 41.49 47.26
CA ARG G 300 -6.53 42.53 47.41
C ARG G 300 -5.34 42.28 46.48
N VAL G 301 -5.47 41.33 45.56
CA VAL G 301 -4.48 41.14 44.48
C VAL G 301 -5.11 41.23 43.09
N LEU G 302 -4.80 42.34 42.41
CA LEU G 302 -5.20 42.61 41.02
C LEU G 302 -4.41 43.83 40.53
N PRO H 4 -32.30 44.20 11.78
CA PRO H 4 -31.39 43.39 12.64
C PRO H 4 -30.69 42.28 11.83
N GLN H 5 -31.21 41.06 11.92
CA GLN H 5 -30.79 39.91 11.11
C GLN H 5 -31.94 39.53 10.18
N PHE H 6 -31.74 39.75 8.88
CA PHE H 6 -32.74 39.46 7.84
C PHE H 6 -32.20 38.37 6.88
N HIS H 7 -30.95 37.98 7.12
CA HIS H 7 -30.30 36.94 6.29
C HIS H 7 -30.43 35.51 6.87
N VAL H 8 -31.14 35.35 7.99
CA VAL H 8 -31.43 34.02 8.55
C VAL H 8 -32.68 33.43 7.91
N LYS H 9 -32.48 32.38 7.13
CA LYS H 9 -33.60 31.58 6.72
C LYS H 9 -33.56 30.16 7.30
N SER H 10 -34.73 29.54 7.37
CA SER H 10 -34.96 28.32 8.15
C SER H 10 -34.41 27.09 7.48
N GLY H 11 -34.07 26.10 8.30
CA GLY H 11 -33.61 24.81 7.84
C GLY H 11 -34.69 23.97 7.22
N LEU H 12 -34.29 22.89 6.56
CA LEU H 12 -35.22 21.92 6.00
C LEU H 12 -35.68 20.93 7.09
N GLN H 13 -37.00 20.85 7.31
CA GLN H 13 -37.61 19.93 8.30
C GLN H 13 -38.45 18.82 7.66
N ILE H 14 -37.83 17.74 7.24
CA ILE H 14 -38.56 16.70 6.51
C ILE H 14 -39.69 16.03 7.33
N LYS H 15 -40.87 16.08 6.73
CA LYS H 15 -42.07 15.49 7.23
C LYS H 15 -42.03 13.97 6.96
N LYS H 16 -42.52 13.20 7.95
CA LYS H 16 -42.46 11.73 7.90
C LYS H 16 -43.86 11.13 7.75
N ASN H 17 -44.84 11.86 8.28
CA ASN H 17 -46.22 11.83 7.87
C ASN H 17 -46.38 11.45 6.40
N ALA H 18 -47.30 10.56 6.05
CA ALA H 18 -47.47 10.10 4.64
C ALA H 18 -48.07 11.20 3.78
N ILE H 19 -47.51 11.43 2.60
CA ILE H 19 -47.91 12.58 1.80
C ILE H 19 -49.40 12.65 1.49
N ILE H 20 -50.09 11.50 1.53
CA ILE H 20 -51.53 11.52 1.25
C ILE H 20 -52.42 12.21 2.29
N ASP H 21 -51.97 12.23 3.53
CA ASP H 21 -52.60 13.10 4.54
C ASP H 21 -52.85 14.52 4.03
N ASP H 22 -52.04 14.97 3.06
CA ASP H 22 -52.12 16.35 2.63
C ASP H 22 -52.36 16.55 1.15
N TYR H 23 -52.12 15.53 0.32
CA TYR H 23 -52.13 15.76 -1.12
C TYR H 23 -52.87 14.68 -1.94
N LYS H 24 -53.76 15.10 -2.84
CA LYS H 24 -54.29 14.17 -3.84
C LYS H 24 -53.23 14.05 -4.92
N VAL H 25 -52.75 12.84 -5.17
CA VAL H 25 -51.71 12.66 -6.18
C VAL H 25 -52.31 12.24 -7.54
N THR H 26 -52.57 13.21 -8.43
CA THR H 26 -53.04 12.88 -9.80
C THR H 26 -52.02 12.02 -10.57
N SER H 27 -52.27 11.85 -11.86
CA SER H 27 -51.40 10.98 -12.66
C SER H 27 -50.75 11.74 -13.84
N GLN H 28 -51.14 13.01 -14.00
CA GLN H 28 -50.57 13.95 -14.96
C GLN H 28 -49.04 14.10 -14.88
N VAL H 29 -48.30 13.42 -15.76
CA VAL H 29 -46.87 13.68 -15.93
C VAL H 29 -46.63 15.17 -16.25
N LEU H 30 -45.53 15.72 -15.74
CA LEU H 30 -45.25 17.15 -15.89
C LEU H 30 -43.86 17.44 -16.43
N GLY H 31 -42.99 16.44 -16.33
CA GLY H 31 -41.57 16.57 -16.67
C GLY H 31 -40.85 15.28 -16.33
N LEU H 32 -39.74 15.01 -17.01
CA LEU H 32 -39.13 13.66 -16.99
C LEU H 32 -37.59 13.60 -16.80
N GLY H 33 -36.99 14.70 -16.37
CA GLY H 33 -35.53 14.75 -16.22
C GLY H 33 -34.98 13.96 -15.04
N ILE H 34 -33.73 13.49 -15.21
CA ILE H 34 -32.95 12.83 -14.15
C ILE H 34 -33.67 11.67 -13.47
N ASN H 35 -34.21 11.88 -12.27
CA ASN H 35 -34.83 10.79 -11.52
C ASN H 35 -36.35 10.82 -11.51
N GLY H 36 -36.89 9.72 -12.04
CA GLY H 36 -38.32 9.56 -12.22
C GLY H 36 -38.95 10.68 -13.02
N LYS H 37 -39.92 11.34 -12.40
CA LYS H 37 -40.84 12.24 -13.09
C LYS H 37 -41.55 13.09 -12.07
N VAL H 38 -42.14 14.15 -12.57
CA VAL H 38 -42.74 15.15 -11.74
C VAL H 38 -44.21 15.06 -12.04
N LEU H 39 -45.03 15.01 -11.00
CA LEU H 39 -46.45 14.88 -11.25
C LEU H 39 -47.25 16.03 -10.70
N GLN H 40 -48.48 16.11 -11.20
CA GLN H 40 -49.49 17.03 -10.71
C GLN H 40 -50.05 16.49 -9.41
N ILE H 41 -50.22 17.38 -8.45
CA ILE H 41 -50.78 17.02 -7.18
C ILE H 41 -51.62 18.18 -6.68
N PHE H 42 -52.52 17.89 -5.74
CA PHE H 42 -53.47 18.88 -5.27
C PHE H 42 -53.50 18.93 -3.77
N ASN H 43 -53.37 20.12 -3.22
CA ASN H 43 -53.43 20.30 -1.76
C ASN H 43 -54.82 20.04 -1.21
N LYS H 44 -55.00 18.91 -0.51
CA LYS H 44 -56.30 18.53 0.11
C LYS H 44 -57.08 19.69 0.78
N ARG H 45 -56.50 20.25 1.85
CA ARG H 45 -57.17 21.30 2.63
C ARG H 45 -57.40 22.63 1.85
N THR H 46 -56.68 22.85 0.75
CA THR H 46 -56.79 24.14 -0.01
C THR H 46 -57.00 24.07 -1.54
N GLN H 47 -56.86 22.89 -2.17
CA GLN H 47 -57.30 22.67 -3.55
C GLN H 47 -56.29 23.08 -4.62
N GLU H 48 -55.25 23.79 -4.19
CA GLU H 48 -54.22 24.38 -5.04
C GLU H 48 -53.42 23.36 -5.92
N LYS H 49 -52.80 23.86 -6.98
CA LYS H 49 -52.01 23.05 -7.87
C LYS H 49 -50.52 23.04 -7.43
N PHE H 50 -49.91 21.85 -7.33
CA PHE H 50 -48.53 21.69 -6.85
C PHE H 50 -47.83 20.55 -7.58
N ALA H 51 -46.50 20.60 -7.63
CA ALA H 51 -45.74 19.58 -8.34
C ALA H 51 -44.98 18.66 -7.40
N LEU H 52 -44.78 17.44 -7.84
CA LEU H 52 -44.12 16.42 -7.04
C LEU H 52 -43.00 15.66 -7.75
N LYS H 53 -41.84 15.56 -7.12
CA LYS H 53 -40.74 14.76 -7.68
C LYS H 53 -40.47 13.48 -6.86
N MET H 54 -40.46 12.33 -7.52
CA MET H 54 -40.26 11.06 -6.82
C MET H 54 -38.78 10.74 -6.70
N LEU H 55 -38.24 10.80 -5.51
CA LEU H 55 -36.87 10.41 -5.38
C LEU H 55 -36.72 9.18 -4.51
N GLN H 56 -35.88 8.24 -4.95
CA GLN H 56 -35.54 7.12 -4.09
C GLN H 56 -34.41 7.56 -3.22
N ASP H 57 -34.61 7.45 -1.92
CA ASP H 57 -33.61 7.80 -0.94
C ASP H 57 -32.37 7.02 -1.23
N CYS H 58 -31.22 7.61 -0.89
CA CYS H 58 -29.87 7.15 -1.30
C CYS H 58 -29.00 8.40 -1.29
N PRO H 59 -27.70 8.23 -1.52
CA PRO H 59 -26.94 9.46 -1.23
C PRO H 59 -27.07 10.61 -2.28
N LYS H 60 -27.15 10.30 -3.57
CA LYS H 60 -27.46 11.30 -4.63
C LYS H 60 -28.79 12.05 -4.40
N ALA H 61 -29.80 11.34 -3.92
CA ALA H 61 -31.09 11.94 -3.62
C ALA H 61 -31.02 12.96 -2.46
N ARG H 62 -30.21 12.66 -1.47
CA ARG H 62 -30.19 13.49 -0.30
C ARG H 62 -29.43 14.78 -0.56
N ARG H 63 -28.42 14.67 -1.43
CA ARG H 63 -27.69 15.82 -1.97
C ARG H 63 -28.63 16.77 -2.75
N GLU H 64 -29.37 16.20 -3.70
CA GLU H 64 -30.28 16.97 -4.53
C GLU H 64 -31.24 17.81 -3.70
N VAL H 65 -31.91 17.17 -2.73
CA VAL H 65 -32.92 17.83 -1.89
C VAL H 65 -32.27 18.98 -1.08
N GLU H 66 -31.13 18.66 -0.53
CA GLU H 66 -30.30 19.54 0.23
C GLU H 66 -29.92 20.80 -0.59
N LEU H 67 -29.53 20.61 -1.83
CA LEU H 67 -29.08 21.76 -2.61
C LEU H 67 -30.25 22.58 -3.12
N HIS H 68 -31.29 21.90 -3.58
CA HIS H 68 -32.46 22.58 -4.04
C HIS H 68 -33.07 23.37 -2.88
N TRP H 69 -33.06 22.82 -1.67
CA TRP H 69 -33.61 23.54 -0.52
C TRP H 69 -32.83 24.83 -0.26
N ARG H 70 -31.50 24.73 -0.30
CA ARG H 70 -30.68 25.93 -0.11
C ARG H 70 -31.03 26.90 -1.24
N ALA H 71 -31.08 26.38 -2.47
CA ALA H 71 -31.34 27.16 -3.67
C ALA H 71 -32.69 27.89 -3.68
N SER H 72 -33.66 27.31 -2.99
CA SER H 72 -35.02 27.70 -3.30
C SER H 72 -35.46 29.04 -2.73
N GLN H 73 -34.63 29.58 -1.86
CA GLN H 73 -34.70 30.94 -1.37
C GLN H 73 -34.82 31.97 -2.49
N CYS H 74 -33.99 31.82 -3.51
CA CYS H 74 -33.98 32.69 -4.67
C CYS H 74 -35.33 32.76 -5.37
N PRO H 75 -35.79 33.97 -5.74
CA PRO H 75 -37.06 34.11 -6.46
C PRO H 75 -36.98 33.61 -7.92
N HIS H 76 -35.79 33.28 -8.41
CA HIS H 76 -35.69 32.74 -9.76
C HIS H 76 -35.39 31.24 -9.84
N ILE H 77 -35.54 30.55 -8.73
CA ILE H 77 -35.32 29.12 -8.69
C ILE H 77 -36.60 28.47 -8.17
N VAL H 78 -37.07 27.42 -8.85
CA VAL H 78 -38.33 26.77 -8.44
C VAL H 78 -38.37 26.45 -6.94
N ARG H 79 -39.38 26.97 -6.26
CA ARG H 79 -39.55 26.85 -4.79
C ARG H 79 -39.94 25.45 -4.28
N ILE H 80 -39.31 25.03 -3.17
CA ILE H 80 -39.65 23.72 -2.56
C ILE H 80 -40.57 23.96 -1.38
N VAL H 81 -41.79 23.44 -1.44
CA VAL H 81 -42.81 23.71 -0.42
C VAL H 81 -42.77 22.75 0.78
N ASP H 82 -42.53 21.45 0.53
CA ASP H 82 -42.31 20.46 1.56
C ASP H 82 -41.51 19.28 1.01
N VAL H 83 -40.65 18.73 1.85
CA VAL H 83 -40.02 17.46 1.59
C VAL H 83 -40.55 16.39 2.56
N TYR H 84 -41.12 15.33 1.98
CA TYR H 84 -41.59 14.17 2.73
C TYR H 84 -40.64 12.99 2.61
N GLU H 85 -40.52 12.25 3.72
CA GLU H 85 -39.86 10.95 3.69
C GLU H 85 -40.89 9.84 3.93
N ASN H 86 -41.22 9.14 2.86
CA ASN H 86 -42.26 8.15 2.88
C ASN H 86 -41.68 6.83 2.40
N LEU H 87 -42.51 5.79 2.54
CA LEU H 87 -42.14 4.42 2.29
C LEU H 87 -42.95 3.98 1.10
N TYR H 88 -42.30 3.63 0.02
CA TYR H 88 -43.03 3.36 -1.20
C TYR H 88 -42.72 1.96 -1.72
N ALA H 89 -43.74 1.10 -1.72
CA ALA H 89 -43.50 -0.32 -2.04
C ALA H 89 -42.20 -0.79 -1.34
N GLY H 90 -42.14 -0.59 -0.02
CA GLY H 90 -41.04 -1.09 0.82
C GLY H 90 -39.76 -0.29 0.80
N ARG H 91 -39.55 0.47 -0.27
CA ARG H 91 -38.35 1.27 -0.40
C ARG H 91 -38.49 2.70 0.20
N LYS H 92 -37.42 3.18 0.83
CA LYS H 92 -37.39 4.55 1.38
C LYS H 92 -37.47 5.61 0.28
N CYS H 93 -38.26 6.66 0.50
CA CYS H 93 -38.51 7.67 -0.56
C CYS H 93 -38.58 9.12 -0.16
N LEU H 94 -37.81 9.93 -0.86
CA LEU H 94 -37.96 11.36 -0.71
C LEU H 94 -38.92 11.96 -1.77
N LEU H 95 -39.98 12.59 -1.31
CA LEU H 95 -40.94 13.17 -2.20
C LEU H 95 -40.94 14.70 -2.11
N ILE H 96 -40.59 15.37 -3.22
CA ILE H 96 -40.41 16.81 -3.23
C ILE H 96 -41.63 17.52 -3.78
N VAL H 97 -42.29 18.30 -2.93
CA VAL H 97 -43.39 19.13 -3.35
C VAL H 97 -42.89 20.52 -3.67
N MET H 98 -42.89 20.80 -4.96
CA MET H 98 -42.53 22.11 -5.49
C MET H 98 -43.79 22.88 -5.82
N GLU H 99 -43.67 24.21 -5.84
CA GLU H 99 -44.68 25.06 -6.46
C GLU H 99 -44.98 24.59 -7.89
N CYS H 100 -46.20 24.79 -8.36
CA CYS H 100 -46.47 24.36 -9.72
C CYS H 100 -46.25 25.47 -10.74
N LEU H 101 -45.43 25.21 -11.75
CA LEU H 101 -45.11 26.23 -12.74
C LEU H 101 -45.71 25.76 -14.05
N ASP H 102 -46.87 26.34 -14.36
CA ASP H 102 -47.65 25.85 -15.49
C ASP H 102 -47.58 26.73 -16.75
N GLY H 103 -46.75 27.78 -16.70
CA GLY H 103 -46.44 28.60 -17.90
C GLY H 103 -45.58 27.99 -19.03
N GLY H 104 -44.97 26.84 -18.81
CA GLY H 104 -44.21 26.26 -19.89
C GLY H 104 -42.75 26.67 -19.94
N GLU H 105 -41.99 25.80 -20.59
CA GLU H 105 -40.62 26.07 -20.90
C GLU H 105 -40.46 27.38 -21.65
N LEU H 106 -39.30 28.00 -21.43
CA LEU H 106 -38.86 29.25 -22.04
C LEU H 106 -39.05 29.35 -23.56
N PHE H 107 -38.55 28.38 -24.31
CA PHE H 107 -38.62 28.41 -25.76
C PHE H 107 -40.01 28.20 -26.37
N SER H 108 -40.91 27.57 -25.60
CA SER H 108 -42.32 27.46 -26.00
C SER H 108 -42.94 28.82 -25.87
N ARG H 109 -42.98 29.30 -24.65
CA ARG H 109 -43.58 30.58 -24.39
C ARG H 109 -43.02 31.58 -25.38
N ILE H 110 -41.81 31.33 -25.84
CA ILE H 110 -41.21 32.19 -26.85
C ILE H 110 -41.69 31.86 -28.26
N GLN H 111 -41.83 30.57 -28.59
CA GLN H 111 -42.18 30.18 -29.98
C GLN H 111 -43.61 30.50 -30.35
N ASP H 112 -44.55 30.28 -29.43
CA ASP H 112 -45.91 30.75 -29.66
C ASP H 112 -46.10 32.11 -29.04
N ARG H 113 -45.17 33.02 -29.31
CA ARG H 113 -45.25 34.40 -28.84
C ARG H 113 -46.33 35.19 -29.58
N GLY H 114 -47.36 34.51 -30.11
CA GLY H 114 -48.46 35.19 -30.81
C GLY H 114 -47.97 36.47 -31.48
N ASP H 115 -47.97 37.59 -30.73
CA ASP H 115 -47.40 38.82 -31.27
C ASP H 115 -45.95 38.58 -31.64
N GLN H 116 -45.72 38.32 -32.93
CA GLN H 116 -44.37 38.05 -33.47
C GLN H 116 -43.27 39.15 -33.24
N ALA H 117 -42.92 39.41 -31.97
CA ALA H 117 -42.14 40.62 -31.60
C ALA H 117 -41.28 40.37 -30.38
N PHE H 118 -40.32 39.47 -30.58
CA PHE H 118 -39.25 39.25 -29.64
C PHE H 118 -38.14 40.23 -29.88
N THR H 119 -38.00 41.18 -28.97
CA THR H 119 -36.98 42.19 -29.07
C THR H 119 -35.68 41.88 -28.30
N GLU H 120 -34.54 42.36 -28.82
CA GLU H 120 -33.28 42.43 -28.07
C GLU H 120 -33.46 42.70 -26.57
N ARG H 121 -34.33 43.64 -26.21
CA ARG H 121 -34.54 43.95 -24.82
C ARG H 121 -35.15 42.81 -24.00
N GLU H 122 -36.18 42.16 -24.51
CA GLU H 122 -36.76 41.01 -23.81
C GLU H 122 -35.70 39.90 -23.60
N ALA H 123 -34.82 39.72 -24.56
CA ALA H 123 -33.68 38.83 -24.40
C ALA H 123 -32.79 39.19 -23.18
N SER H 124 -32.49 40.49 -23.03
CA SER H 124 -31.71 40.92 -21.91
C SER H 124 -32.44 40.64 -20.60
N GLU H 125 -33.74 40.91 -20.55
CA GLU H 125 -34.54 40.72 -19.34
C GLU H 125 -34.55 39.26 -18.90
N ILE H 126 -34.74 38.37 -19.86
CA ILE H 126 -34.66 36.93 -19.60
C ILE H 126 -33.28 36.55 -19.07
N MET H 127 -32.27 37.07 -19.74
CA MET H 127 -30.93 36.62 -19.50
C MET H 127 -30.56 37.07 -18.12
N LYS H 128 -31.05 38.23 -17.72
CA LYS H 128 -30.76 38.73 -16.39
C LYS H 128 -31.39 37.82 -15.39
N SER H 129 -32.64 37.44 -15.63
CA SER H 129 -33.28 36.53 -14.73
C SER H 129 -32.57 35.16 -14.71
N ILE H 130 -32.16 34.59 -15.83
CA ILE H 130 -31.37 33.36 -15.68
C ILE H 130 -30.09 33.68 -14.87
N GLY H 131 -29.58 34.91 -15.05
CA GLY H 131 -28.42 35.39 -14.31
C GLY H 131 -28.52 35.23 -12.80
N GLU H 132 -29.57 35.79 -12.24
CA GLU H 132 -29.76 35.74 -10.83
C GLU H 132 -29.74 34.33 -10.24
N ALA H 133 -30.38 33.42 -10.93
CA ALA H 133 -30.45 32.06 -10.44
C ALA H 133 -29.02 31.55 -10.39
N ILE H 134 -28.25 31.84 -11.44
CA ILE H 134 -26.91 31.33 -11.41
C ILE H 134 -26.09 32.06 -10.37
N GLN H 135 -26.37 33.35 -10.19
CA GLN H 135 -25.67 34.10 -9.18
C GLN H 135 -25.97 33.61 -7.76
N TYR H 136 -27.21 33.23 -7.44
CA TYR H 136 -27.50 32.80 -6.06
C TYR H 136 -26.80 31.48 -5.83
N LEU H 137 -27.03 30.57 -6.76
CA LEU H 137 -26.31 29.31 -6.78
C LEU H 137 -24.82 29.50 -6.53
N HIS H 138 -24.15 30.26 -7.38
CA HIS H 138 -22.71 30.39 -7.18
C HIS H 138 -22.36 31.06 -5.85
N SER H 139 -23.17 31.99 -5.37
CA SER H 139 -22.80 32.65 -4.15
C SER H 139 -22.93 31.71 -2.93
N ILE H 140 -23.54 30.54 -3.10
CA ILE H 140 -23.62 29.61 -1.97
C ILE H 140 -22.90 28.34 -2.35
N ASN H 141 -22.02 28.44 -3.32
CA ASN H 141 -21.15 27.32 -3.72
C ASN H 141 -21.91 26.11 -4.22
N ILE H 142 -22.93 26.35 -5.06
CA ILE H 142 -23.57 25.24 -5.76
C ILE H 142 -23.35 25.52 -7.23
N ALA H 143 -23.02 24.49 -7.98
CA ALA H 143 -23.03 24.57 -9.41
C ALA H 143 -24.17 23.68 -9.89
N HIS H 144 -25.04 24.22 -10.73
CA HIS H 144 -26.27 23.52 -11.11
C HIS H 144 -25.91 22.42 -12.07
N ARG H 145 -25.06 22.71 -13.04
CA ARG H 145 -24.50 21.71 -13.97
C ARG H 145 -25.42 21.07 -14.97
N ASP H 146 -26.68 21.48 -14.99
CA ASP H 146 -27.50 21.18 -16.11
C ASP H 146 -28.43 22.31 -16.50
N VAL H 147 -27.85 23.43 -16.90
CA VAL H 147 -28.62 24.62 -17.24
C VAL H 147 -28.82 24.61 -18.76
N LYS H 148 -30.04 24.30 -19.18
CA LYS H 148 -30.42 24.20 -20.54
C LYS H 148 -31.86 24.64 -20.54
N PRO H 149 -32.42 24.94 -21.72
CA PRO H 149 -33.69 25.62 -21.76
C PRO H 149 -34.84 24.82 -21.17
N GLU H 150 -34.83 23.51 -21.25
CA GLU H 150 -35.96 22.76 -20.69
C GLU H 150 -36.01 22.75 -19.16
N ASN H 151 -35.09 23.45 -18.50
CA ASN H 151 -35.10 23.57 -17.06
C ASN H 151 -35.45 25.00 -16.71
N LEU H 152 -35.84 25.76 -17.71
CA LEU H 152 -36.25 27.11 -17.46
C LEU H 152 -37.73 27.24 -17.80
N LEU H 153 -38.56 27.41 -16.77
CA LEU H 153 -40.01 27.40 -16.91
C LEU H 153 -40.65 28.69 -16.44
N TYR H 154 -41.78 29.06 -17.06
CA TYR H 154 -42.56 30.22 -16.61
C TYR H 154 -43.59 29.82 -15.56
N THR H 155 -43.90 30.67 -14.59
CA THR H 155 -44.78 30.28 -13.48
C THR H 155 -46.16 30.01 -14.02
N SER H 156 -46.68 31.03 -14.70
CA SER H 156 -48.00 30.99 -15.30
C SER H 156 -48.00 31.41 -16.78
N LYS H 157 -49.20 31.68 -17.30
CA LYS H 157 -49.33 32.31 -18.63
C LYS H 157 -49.62 33.81 -18.52
N ARG H 158 -49.55 34.31 -17.30
CA ARG H 158 -49.74 35.75 -17.03
C ARG H 158 -48.70 36.61 -17.81
N PRO H 159 -49.14 37.76 -18.36
CA PRO H 159 -48.15 38.56 -19.11
C PRO H 159 -46.90 38.91 -18.27
N ASN H 160 -47.03 38.97 -16.95
CA ASN H 160 -45.88 39.22 -16.10
C ASN H 160 -45.46 38.03 -15.19
N ALA H 161 -45.45 36.83 -15.80
CA ALA H 161 -44.98 35.58 -15.18
C ALA H 161 -43.47 35.59 -14.99
N ILE H 162 -43.01 35.01 -13.89
CA ILE H 162 -41.61 34.96 -13.56
C ILE H 162 -40.94 33.71 -14.16
N LEU H 163 -39.66 33.84 -14.51
CA LEU H 163 -38.87 32.72 -15.03
C LEU H 163 -38.09 32.05 -13.90
N LYS H 164 -38.12 30.72 -13.82
CA LYS H 164 -37.45 30.04 -12.72
C LYS H 164 -36.72 28.79 -13.19
N LEU H 165 -35.52 28.57 -12.63
CA LEU H 165 -34.69 27.44 -12.96
C LEU H 165 -35.10 26.24 -12.10
N THR H 166 -34.94 25.06 -12.65
CA THR H 166 -35.30 23.86 -11.93
C THR H 166 -34.28 22.76 -12.11
N ASP H 167 -34.62 21.58 -11.60
CA ASP H 167 -33.80 20.39 -11.68
C ASP H 167 -32.39 20.46 -11.08
N PHE H 168 -32.23 19.90 -9.90
CA PHE H 168 -30.94 19.77 -9.22
C PHE H 168 -30.37 18.35 -9.20
N GLY H 169 -30.76 17.56 -10.21
CA GLY H 169 -30.25 16.24 -10.40
C GLY H 169 -28.77 16.23 -10.53
N PHE H 170 -28.18 17.29 -11.03
CA PHE H 170 -26.73 17.30 -11.17
C PHE H 170 -26.04 18.35 -10.28
N ALA H 171 -26.77 19.07 -9.45
CA ALA H 171 -26.13 20.16 -8.70
C ALA H 171 -25.04 19.60 -7.80
N LYS H 172 -23.95 20.36 -7.61
CA LYS H 172 -22.82 20.00 -6.75
C LYS H 172 -22.47 21.19 -5.90
N GLU H 173 -21.93 20.96 -4.71
CA GLU H 173 -21.26 22.05 -4.05
C GLU H 173 -19.85 22.11 -4.51
N THR H 174 -19.45 23.33 -4.81
CA THR H 174 -18.12 23.66 -5.21
C THR H 174 -17.27 23.81 -3.96
N THR H 175 -17.82 23.43 -2.81
CA THR H 175 -17.18 23.51 -1.47
C THR H 175 -16.86 24.90 -0.92
N PRO H 187 -9.50 37.93 7.50
CA PRO H 187 -8.41 38.67 6.81
C PRO H 187 -8.88 39.31 5.46
N TYR H 188 -9.18 40.60 5.54
CA TYR H 188 -9.74 41.35 4.41
C TYR H 188 -9.00 41.39 3.07
N TYR H 189 -7.78 40.86 3.01
CA TYR H 189 -6.91 40.99 1.81
C TYR H 189 -6.61 39.64 1.19
N VAL H 190 -7.10 38.55 1.79
CA VAL H 190 -6.79 37.23 1.24
C VAL H 190 -7.34 36.96 -0.20
N ALA H 191 -6.74 35.99 -0.88
CA ALA H 191 -7.05 35.69 -2.26
C ALA H 191 -8.08 34.58 -2.34
N PRO H 192 -9.01 34.68 -3.33
CA PRO H 192 -10.03 33.63 -3.54
C PRO H 192 -9.42 32.23 -3.42
N GLU H 193 -8.34 31.93 -4.15
CA GLU H 193 -7.63 30.65 -4.03
C GLU H 193 -7.37 30.28 -2.57
N VAL H 194 -6.84 31.21 -1.77
CA VAL H 194 -6.44 30.85 -0.41
C VAL H 194 -7.61 30.43 0.46
N LEU H 195 -8.76 31.06 0.28
CA LEU H 195 -9.97 30.62 0.98
C LEU H 195 -10.26 29.11 0.86
N GLY H 196 -9.96 28.51 -0.29
CA GLY H 196 -9.98 27.07 -0.42
C GLY H 196 -9.99 26.66 -1.86
N GLU H 198 -11.72 24.39 -4.47
CA GLU H 198 -12.79 24.75 -5.40
C GLU H 198 -12.36 24.52 -6.85
N LYS H 199 -12.62 23.32 -7.39
CA LYS H 199 -12.25 22.95 -8.79
C LYS H 199 -12.95 23.79 -9.90
N TYR H 200 -12.78 23.42 -11.18
CA TYR H 200 -13.45 24.12 -12.34
C TYR H 200 -14.95 23.76 -12.49
N ASP H 201 -15.45 23.05 -11.47
CA ASP H 201 -16.80 22.50 -11.42
C ASP H 201 -17.95 23.49 -11.71
N LYS H 202 -17.72 24.80 -11.81
CA LYS H 202 -18.88 25.70 -12.10
C LYS H 202 -18.83 26.73 -13.26
N SER H 203 -17.81 26.69 -14.11
CA SER H 203 -17.84 27.51 -15.29
C SER H 203 -18.80 26.92 -16.25
N CYS H 204 -19.21 25.68 -16.02
CA CYS H 204 -20.06 25.03 -17.02
C CYS H 204 -21.40 25.78 -17.08
N ASP H 205 -21.92 26.20 -15.91
CA ASP H 205 -23.16 26.94 -15.83
C ASP H 205 -23.00 28.16 -16.73
N MET H 206 -21.81 28.73 -16.68
CA MET H 206 -21.46 29.94 -17.38
C MET H 206 -21.34 29.70 -18.90
N TRP H 207 -20.76 28.56 -19.35
CA TRP H 207 -20.93 28.11 -20.76
C TRP H 207 -22.40 28.00 -21.12
N SER H 208 -23.15 27.21 -20.37
CA SER H 208 -24.58 27.07 -20.59
C SER H 208 -25.22 28.38 -20.95
N LEU H 209 -25.00 29.39 -20.11
CA LEU H 209 -25.61 30.68 -20.33
C LEU H 209 -25.25 31.19 -21.74
N GLY H 210 -23.99 31.11 -22.09
CA GLY H 210 -23.59 31.49 -23.43
C GLY H 210 -24.46 30.80 -24.46
N VAL H 211 -24.53 29.47 -24.39
CA VAL H 211 -25.39 28.81 -25.33
C VAL H 211 -26.83 29.35 -25.34
N ILE H 212 -27.39 29.62 -24.16
CA ILE H 212 -28.77 30.07 -24.08
C ILE H 212 -28.93 31.47 -24.68
N MET H 213 -28.01 32.33 -24.39
CA MET H 213 -28.09 33.68 -24.96
C MET H 213 -28.00 33.57 -26.48
N TYR H 214 -27.08 32.73 -26.95
CA TYR H 214 -26.91 32.53 -28.34
C TYR H 214 -28.29 32.20 -28.91
N ILE H 215 -28.85 31.05 -28.53
CA ILE H 215 -30.13 30.66 -29.05
C ILE H 215 -31.10 31.81 -28.91
N LEU H 216 -31.12 32.44 -27.72
CA LEU H 216 -32.08 33.51 -27.42
C LEU H 216 -32.07 34.67 -28.38
N LEU H 217 -30.93 34.96 -28.96
CA LEU H 217 -30.82 36.12 -29.82
C LEU H 217 -31.10 35.76 -31.26
N CYS H 218 -31.15 34.49 -31.62
CA CYS H 218 -31.23 34.16 -33.03
C CYS H 218 -32.10 32.98 -33.41
N GLY H 219 -32.28 32.02 -32.50
CA GLY H 219 -33.22 30.96 -32.73
C GLY H 219 -32.62 29.60 -32.87
N TYR H 220 -31.31 29.53 -33.08
CA TYR H 220 -30.62 28.23 -33.18
C TYR H 220 -29.32 28.22 -32.39
N PRO H 221 -28.85 27.02 -32.02
CA PRO H 221 -27.71 26.78 -31.14
C PRO H 221 -26.50 27.14 -31.89
N PRO H 222 -25.46 27.61 -31.20
CA PRO H 222 -24.20 27.81 -31.87
C PRO H 222 -23.46 26.52 -32.26
N PHE H 223 -23.90 25.37 -31.82
CA PHE H 223 -23.18 24.15 -32.14
C PHE H 223 -24.15 23.05 -32.47
N TYR H 224 -23.98 22.43 -33.64
CA TYR H 224 -24.84 21.31 -34.04
C TYR H 224 -24.33 20.33 -35.11
N SER H 225 -25.13 19.28 -35.29
CA SER H 225 -24.85 18.06 -36.05
C SER H 225 -24.67 18.28 -37.54
N ASN H 226 -23.67 17.63 -38.14
CA ASN H 226 -23.57 17.70 -39.61
C ASN H 226 -23.61 16.39 -40.43
N SER H 232 -21.11 15.44 -36.36
CA SER H 232 -21.34 15.31 -34.88
C SER H 232 -20.18 14.76 -33.94
N PRO H 233 -19.45 13.69 -34.35
CA PRO H 233 -18.01 13.74 -33.99
C PRO H 233 -17.48 15.11 -34.44
N GLY H 234 -18.09 15.61 -35.52
CA GLY H 234 -17.96 16.97 -35.98
C GLY H 234 -18.35 17.94 -34.88
N MET H 235 -19.65 17.93 -34.53
CA MET H 235 -20.18 18.81 -33.50
C MET H 235 -19.37 18.76 -32.22
N LYS H 236 -18.92 17.59 -31.83
CA LYS H 236 -18.07 17.49 -30.66
C LYS H 236 -16.76 18.22 -30.91
N THR H 237 -16.22 18.10 -32.12
CA THR H 237 -14.97 18.80 -32.46
C THR H 237 -15.18 20.29 -32.45
N ARG H 238 -16.23 20.73 -33.14
CA ARG H 238 -16.67 22.12 -33.13
C ARG H 238 -16.79 22.77 -31.71
N ILE H 239 -17.36 22.02 -30.74
CA ILE H 239 -17.40 22.48 -29.35
C ILE H 239 -15.98 22.57 -28.78
N ARG H 240 -15.25 21.47 -28.87
CA ARG H 240 -13.94 21.40 -28.25
C ARG H 240 -13.03 22.49 -28.80
N MET H 241 -13.25 22.88 -30.06
CA MET H 241 -12.46 23.89 -30.75
C MET H 241 -12.94 25.35 -30.61
N GLY H 242 -14.21 25.54 -30.25
CA GLY H 242 -14.81 26.86 -30.16
C GLY H 242 -15.13 27.47 -31.51
N GLN H 243 -15.55 26.62 -32.46
CA GLN H 243 -15.93 26.97 -33.85
C GLN H 243 -17.41 27.25 -34.06
N TYR H 244 -17.77 28.52 -34.04
CA TYR H 244 -19.15 28.94 -34.14
C TYR H 244 -19.04 30.26 -34.80
N GLU H 245 -20.16 30.90 -35.08
CA GLU H 245 -20.14 32.15 -35.81
C GLU H 245 -21.49 32.82 -35.77
N PHE H 246 -21.54 34.12 -36.05
CA PHE H 246 -22.79 34.88 -36.03
C PHE H 246 -23.35 35.18 -37.42
N PRO H 247 -24.01 34.20 -38.05
CA PRO H 247 -24.47 34.37 -39.43
C PRO H 247 -25.56 35.40 -39.65
N ASN H 248 -25.50 36.08 -40.81
CA ASN H 248 -26.62 36.94 -41.27
C ASN H 248 -27.68 36.08 -41.92
N PRO H 249 -28.95 36.52 -41.95
CA PRO H 249 -29.58 37.78 -41.53
C PRO H 249 -29.49 38.02 -40.03
N GLU H 250 -29.92 37.00 -39.25
CA GLU H 250 -30.23 37.06 -37.80
C GLU H 250 -29.35 37.91 -36.90
N TRP H 251 -28.03 37.81 -37.06
CA TRP H 251 -27.11 38.49 -36.17
C TRP H 251 -26.74 39.86 -36.66
N SER H 252 -27.38 40.29 -37.76
CA SER H 252 -26.89 41.51 -38.40
C SER H 252 -27.22 42.80 -37.62
N GLU H 253 -28.27 42.79 -36.81
CA GLU H 253 -28.62 43.93 -35.99
C GLU H 253 -27.94 43.82 -34.63
N VAL H 254 -27.36 42.68 -34.38
CA VAL H 254 -26.83 42.42 -33.08
C VAL H 254 -25.49 43.10 -32.97
N SER H 255 -25.32 43.88 -31.92
CA SER H 255 -24.13 44.71 -31.85
C SER H 255 -22.89 43.97 -31.39
N GLU H 256 -21.73 44.46 -31.81
CA GLU H 256 -20.44 43.86 -31.41
C GLU H 256 -20.27 43.67 -29.88
N GLU H 257 -20.88 44.55 -29.09
CA GLU H 257 -20.77 44.44 -27.67
C GLU H 257 -21.45 43.15 -27.21
N VAL H 258 -22.70 42.96 -27.64
CA VAL H 258 -23.49 41.78 -27.25
C VAL H 258 -22.86 40.47 -27.73
N LYS H 259 -22.19 40.47 -28.88
CA LYS H 259 -21.51 39.25 -29.18
C LYS H 259 -20.11 39.23 -28.70
N MET H 260 -19.64 40.29 -28.03
CA MET H 260 -18.41 40.09 -27.28
C MET H 260 -18.78 39.28 -26.08
N LEU H 261 -19.94 39.60 -25.50
CA LEU H 261 -20.41 38.99 -24.30
C LEU H 261 -20.48 37.50 -24.57
N ILE H 262 -21.27 37.09 -25.57
CA ILE H 262 -21.30 35.66 -25.96
C ILE H 262 -19.86 35.08 -26.13
N ARG H 263 -18.98 35.84 -26.77
CA ARG H 263 -17.67 35.28 -27.01
C ARG H 263 -17.01 34.90 -25.70
N ASN H 264 -17.10 35.76 -24.69
CA ASN H 264 -16.42 35.48 -23.46
C ASN H 264 -17.10 34.41 -22.63
N LEU H 265 -18.37 34.10 -22.94
CA LEU H 265 -19.04 33.02 -22.25
C LEU H 265 -18.68 31.75 -22.97
N LEU H 266 -18.69 31.75 -24.32
CA LEU H 266 -18.34 30.52 -25.02
C LEU H 266 -16.84 30.22 -25.07
N LYS H 267 -16.03 30.82 -24.22
CA LYS H 267 -14.57 30.61 -24.22
C LYS H 267 -14.29 29.14 -23.89
N THR H 268 -13.44 28.43 -24.64
CA THR H 268 -13.36 26.99 -24.41
C THR H 268 -12.56 26.61 -23.21
N GLU H 269 -11.57 27.40 -22.86
CA GLU H 269 -10.78 27.11 -21.64
C GLU H 269 -11.52 27.57 -20.37
N PRO H 270 -11.89 26.66 -19.47
CA PRO H 270 -12.84 27.18 -18.46
C PRO H 270 -12.37 28.35 -17.58
N THR H 271 -11.07 28.56 -17.44
CA THR H 271 -10.60 29.64 -16.58
C THR H 271 -10.68 31.01 -17.24
N GLN H 272 -10.88 31.07 -18.54
CA GLN H 272 -11.04 32.33 -19.24
C GLN H 272 -12.48 32.72 -19.40
N ARG H 273 -13.43 31.85 -19.05
CA ARG H 273 -14.84 32.15 -19.24
C ARG H 273 -15.21 33.31 -18.34
N MET H 274 -16.18 34.15 -18.63
CA MET H 274 -16.51 35.08 -17.56
C MET H 274 -17.26 34.38 -16.46
N THR H 275 -17.41 35.06 -15.36
CA THR H 275 -17.94 34.51 -14.13
C THR H 275 -19.34 35.15 -13.94
N ILE H 276 -20.30 34.57 -13.22
CA ILE H 276 -21.53 35.39 -13.08
C ILE H 276 -21.36 36.83 -12.58
N THR H 277 -20.32 37.12 -11.79
CA THR H 277 -20.36 38.48 -11.32
C THR H 277 -19.99 39.35 -12.51
N GLU H 278 -18.99 38.96 -13.26
CA GLU H 278 -18.65 39.81 -14.40
C GLU H 278 -19.92 39.97 -15.25
N PHE H 279 -20.62 38.86 -15.50
CA PHE H 279 -21.81 38.82 -16.36
C PHE H 279 -22.86 39.72 -15.83
N MET H 280 -23.18 39.58 -14.56
CA MET H 280 -24.23 40.38 -13.97
C MET H 280 -23.88 41.85 -13.93
N ASN H 281 -22.62 42.21 -14.11
CA ASN H 281 -22.28 43.64 -14.09
C ASN H 281 -22.01 44.21 -15.43
N HIS H 282 -22.08 43.36 -16.46
CA HIS H 282 -22.13 43.82 -17.83
C HIS H 282 -23.27 44.81 -18.10
N PRO H 283 -22.99 45.92 -18.76
CA PRO H 283 -24.08 46.88 -18.91
C PRO H 283 -25.25 46.38 -19.74
N TRP H 284 -25.06 45.39 -20.59
CA TRP H 284 -26.17 44.90 -21.38
C TRP H 284 -27.13 44.23 -20.50
N ILE H 285 -26.65 43.72 -19.37
CA ILE H 285 -27.47 43.00 -18.39
C ILE H 285 -27.93 43.96 -17.30
N MET H 286 -26.97 44.66 -16.71
CA MET H 286 -27.26 45.60 -15.66
C MET H 286 -28.36 46.58 -16.03
N GLN H 287 -28.27 47.13 -17.24
CA GLN H 287 -29.28 48.08 -17.67
C GLN H 287 -30.15 47.60 -18.84
N SER H 288 -30.77 46.44 -18.63
CA SER H 288 -31.79 45.86 -19.49
C SER H 288 -32.73 46.95 -20.03
N THR H 289 -33.71 47.36 -19.23
CA THR H 289 -34.73 48.32 -19.67
C THR H 289 -34.24 49.52 -20.50
N LYS H 290 -32.92 49.66 -20.72
CA LYS H 290 -32.43 50.66 -21.65
C LYS H 290 -31.64 50.03 -22.82
N VAL H 291 -31.75 48.71 -23.04
CA VAL H 291 -31.21 48.14 -24.29
C VAL H 291 -32.29 48.36 -25.31
N PRO H 292 -31.93 48.57 -26.58
CA PRO H 292 -32.99 48.82 -27.59
C PRO H 292 -34.00 47.66 -27.78
N GLN H 293 -35.19 47.99 -28.29
CA GLN H 293 -36.21 46.99 -28.60
C GLN H 293 -36.15 46.57 -30.08
N THR H 294 -34.94 46.31 -30.56
CA THR H 294 -34.66 45.71 -31.86
C THR H 294 -35.35 44.39 -32.04
N PRO H 295 -36.17 44.27 -33.09
CA PRO H 295 -36.73 42.96 -33.44
C PRO H 295 -35.65 41.89 -33.67
N LEU H 296 -35.92 40.69 -33.20
CA LEU H 296 -35.08 39.54 -33.49
C LEU H 296 -35.87 38.46 -34.19
N HIS H 297 -35.16 37.58 -34.88
CA HIS H 297 -35.75 36.48 -35.62
C HIS H 297 -36.11 35.28 -34.76
N THR H 298 -35.69 35.30 -33.49
CA THR H 298 -35.79 34.14 -32.56
C THR H 298 -37.11 33.43 -32.69
N SER H 299 -38.16 34.24 -32.59
CA SER H 299 -39.50 33.72 -32.49
C SER H 299 -39.98 33.07 -33.78
N ARG H 300 -39.45 33.52 -34.92
CA ARG H 300 -39.75 32.93 -36.22
C ARG H 300 -39.02 31.61 -36.34
N VAL H 301 -37.72 31.62 -36.09
CA VAL H 301 -36.90 30.43 -36.22
C VAL H 301 -37.28 29.40 -35.20
N LEU H 302 -37.62 29.82 -33.99
CA LEU H 302 -38.06 28.80 -33.01
C LEU H 302 -39.30 28.09 -33.50
N LYS H 303 -40.21 28.87 -34.08
CA LYS H 303 -41.45 28.38 -34.67
C LYS H 303 -41.16 27.46 -35.85
N GLU H 304 -40.38 27.93 -36.84
CA GLU H 304 -39.95 27.09 -37.95
C GLU H 304 -39.55 25.65 -37.58
N ASP H 305 -38.81 25.39 -36.52
CA ASP H 305 -38.27 24.02 -36.41
C ASP H 305 -38.93 23.04 -35.32
N LYS H 306 -40.05 22.30 -35.53
CA LYS H 306 -40.36 21.39 -34.30
C LYS H 306 -39.39 20.18 -34.16
N GLU H 307 -38.23 20.46 -34.75
CA GLU H 307 -36.95 19.77 -34.63
C GLU H 307 -36.43 19.71 -33.20
N ARG H 308 -36.81 20.69 -32.38
CA ARG H 308 -36.33 20.80 -31.00
C ARG H 308 -36.75 19.62 -30.11
N TRP H 309 -37.46 18.66 -30.70
CA TRP H 309 -37.77 17.40 -30.05
C TRP H 309 -36.79 16.29 -30.47
N GLU H 310 -35.78 16.08 -29.63
CA GLU H 310 -34.65 15.18 -29.94
C GLU H 310 -34.37 14.20 -28.80
N GLN I 5 -53.78 6.29 -6.37
CA GLN I 5 -53.23 6.67 -5.03
C GLN I 5 -53.18 5.44 -4.12
N PHE I 6 -51.97 4.89 -3.94
CA PHE I 6 -51.79 3.58 -3.29
C PHE I 6 -50.31 3.31 -2.94
N HIS I 7 -50.08 2.27 -2.11
CA HIS I 7 -48.75 1.78 -1.61
C HIS I 7 -47.86 2.85 -0.92
N VAL I 8 -48.32 4.10 -0.86
CA VAL I 8 -47.57 5.12 -0.11
C VAL I 8 -47.99 5.09 1.36
N LYS I 9 -47.00 4.91 2.23
CA LYS I 9 -47.24 5.00 3.65
C LYS I 9 -46.13 5.81 4.33
N SER I 10 -46.43 6.25 5.54
CA SER I 10 -45.57 7.13 6.33
C SER I 10 -44.12 6.62 6.55
N GLY I 11 -43.17 7.55 6.77
CA GLY I 11 -41.79 7.24 7.12
C GLY I 11 -41.58 7.44 8.61
N LEU I 12 -40.38 7.17 9.11
CA LEU I 12 -40.17 7.10 10.56
C LEU I 12 -39.69 8.38 11.26
N GLN I 13 -40.53 8.92 12.16
CA GLN I 13 -40.14 10.04 13.04
C GLN I 13 -39.59 9.55 14.38
N ILE I 14 -38.46 10.13 14.79
CA ILE I 14 -37.72 9.67 15.95
C ILE I 14 -37.95 10.67 17.05
N LYS I 15 -38.85 10.33 17.96
CA LYS I 15 -39.19 11.15 19.08
C LYS I 15 -37.94 11.37 19.90
N LYS I 16 -37.82 12.55 20.49
CA LYS I 16 -36.62 12.86 21.26
C LYS I 16 -36.99 13.26 22.68
N ASN I 17 -38.28 13.20 23.01
CA ASN I 17 -38.70 13.45 24.37
C ASN I 17 -38.55 12.19 25.22
N ALA I 18 -38.34 12.35 26.52
CA ALA I 18 -38.29 11.20 27.41
C ALA I 18 -39.50 10.28 27.16
N ILE I 19 -39.23 9.01 26.95
CA ILE I 19 -40.27 8.02 26.73
C ILE I 19 -41.13 7.83 27.97
N ILE I 20 -40.54 8.12 29.13
CA ILE I 20 -41.28 7.97 30.40
C ILE I 20 -42.47 8.92 30.40
N ASP I 21 -42.31 10.10 29.78
CA ASP I 21 -43.42 11.00 29.47
C ASP I 21 -44.62 10.23 28.96
N ASP I 22 -44.37 9.34 28.00
CA ASP I 22 -45.43 8.65 27.28
C ASP I 22 -45.74 7.24 27.74
N TYR I 23 -44.76 6.52 28.29
CA TYR I 23 -44.96 5.11 28.73
C TYR I 23 -44.51 4.83 30.17
N LYS I 24 -45.14 3.85 30.82
CA LYS I 24 -44.71 3.42 32.16
C LYS I 24 -43.83 2.19 32.02
N VAL I 25 -42.53 2.37 32.24
CA VAL I 25 -41.55 1.33 31.96
C VAL I 25 -41.35 0.44 33.20
N THR I 26 -41.78 -0.82 33.12
CA THR I 26 -41.49 -1.76 34.18
C THR I 26 -40.54 -2.79 33.65
N SER I 27 -40.28 -3.85 34.44
CA SER I 27 -39.16 -4.78 34.16
C SER I 27 -39.53 -6.25 33.95
N GLN I 28 -40.80 -6.50 33.62
CA GLN I 28 -41.24 -7.82 33.16
C GLN I 28 -40.54 -8.13 31.83
N VAL I 29 -39.42 -8.83 31.94
CA VAL I 29 -38.59 -9.10 30.77
C VAL I 29 -39.27 -10.12 29.84
N LEU I 30 -40.04 -9.60 28.86
CA LEU I 30 -40.83 -10.46 27.95
C LEU I 30 -39.98 -11.47 27.18
N GLY I 31 -38.68 -11.24 27.13
CA GLY I 31 -37.74 -12.26 26.64
C GLY I 31 -36.46 -11.77 25.98
N LEU I 32 -35.38 -11.71 26.77
CA LEU I 32 -34.02 -11.27 26.36
C LEU I 32 -33.68 -11.55 24.90
N GLY I 33 -33.59 -10.46 24.13
CA GLY I 33 -33.24 -10.51 22.72
C GLY I 33 -31.75 -10.72 22.49
N ILE I 34 -31.28 -10.25 21.34
CA ILE I 34 -29.88 -10.45 20.97
C ILE I 34 -29.03 -9.45 21.72
N ASN I 35 -29.24 -8.17 21.44
CA ASN I 35 -28.48 -7.08 22.07
C ASN I 35 -29.33 -6.33 23.10
N GLY I 36 -29.46 -6.95 24.29
CA GLY I 36 -30.27 -6.40 25.37
C GLY I 36 -31.66 -7.03 25.45
N LYS I 37 -32.23 -6.98 26.64
CA LYS I 37 -33.57 -7.51 26.99
C LYS I 37 -34.74 -6.71 26.41
N VAL I 38 -35.93 -7.31 26.46
CA VAL I 38 -37.16 -6.70 25.91
C VAL I 38 -38.25 -6.58 26.97
N LEU I 39 -38.37 -5.38 27.54
CA LEU I 39 -39.28 -5.11 28.67
C LEU I 39 -40.76 -4.90 28.30
N GLN I 40 -41.63 -5.21 29.24
CA GLN I 40 -43.04 -4.86 29.18
C GLN I 40 -43.25 -3.43 29.65
N ILE I 41 -44.14 -2.70 28.97
CA ILE I 41 -44.51 -1.32 29.30
C ILE I 41 -45.94 -1.09 28.83
N PHE I 42 -46.51 0.03 29.24
CA PHE I 42 -47.88 0.36 28.87
C PHE I 42 -47.91 1.82 28.51
N ASN I 43 -48.72 2.14 27.50
CA ASN I 43 -49.10 3.51 27.21
C ASN I 43 -49.55 4.15 28.52
N LYS I 44 -49.31 5.44 28.68
CA LYS I 44 -49.85 6.15 29.85
C LYS I 44 -51.27 6.63 29.62
N ARG I 45 -51.58 7.10 28.42
CA ARG I 45 -52.94 7.51 28.10
C ARG I 45 -53.81 6.28 27.83
N THR I 46 -53.55 5.51 26.78
CA THR I 46 -54.46 4.40 26.39
C THR I 46 -54.41 3.20 27.34
N GLN I 47 -53.23 2.94 27.90
CA GLN I 47 -52.96 1.74 28.71
C GLN I 47 -52.95 0.40 27.95
N GLU I 48 -53.04 0.42 26.62
CA GLU I 48 -52.76 -0.79 25.85
C GLU I 48 -51.30 -1.23 26.14
N LYS I 49 -51.09 -2.54 26.23
CA LYS I 49 -49.79 -3.13 26.55
C LYS I 49 -48.77 -2.99 25.38
N PHE I 50 -47.50 -2.74 25.70
CA PHE I 50 -46.39 -2.60 24.69
C PHE I 50 -44.99 -3.13 25.11
N ALA I 51 -44.12 -3.38 24.14
CA ALA I 51 -42.75 -3.90 24.41
C ALA I 51 -41.61 -2.91 24.06
N LEU I 52 -40.52 -2.97 24.84
CA LEU I 52 -39.45 -2.02 24.68
C LEU I 52 -38.12 -2.66 24.40
N LYS I 53 -37.49 -2.30 23.29
CA LYS I 53 -36.09 -2.69 23.06
C LYS I 53 -35.11 -1.52 23.23
N MET I 54 -34.16 -1.73 24.13
CA MET I 54 -33.20 -0.71 24.53
C MET I 54 -31.92 -0.90 23.73
N LEU I 55 -31.54 0.08 22.93
CA LEU I 55 -30.29 0.01 22.18
C LEU I 55 -29.43 1.25 22.39
N GLN I 56 -28.11 1.06 22.44
CA GLN I 56 -27.19 2.18 22.49
C GLN I 56 -27.08 2.63 21.08
N ASP I 57 -26.98 3.93 20.86
CA ASP I 57 -26.95 4.47 19.50
C ASP I 57 -25.63 4.20 18.84
N CYS I 58 -25.71 3.66 17.61
CA CYS I 58 -24.57 3.35 16.71
C CYS I 58 -25.10 3.09 15.30
N PRO I 59 -24.20 3.09 14.29
CA PRO I 59 -24.52 2.58 12.93
C PRO I 59 -25.41 1.32 12.88
N LYS I 60 -25.12 0.36 13.76
CA LYS I 60 -25.85 -0.93 13.80
C LYS I 60 -27.28 -0.80 14.33
N ALA I 61 -27.44 -0.31 15.55
CA ALA I 61 -28.76 -0.04 16.08
C ALA I 61 -29.67 0.69 15.07
N ARG I 62 -29.10 1.65 14.36
CA ARG I 62 -29.87 2.42 13.38
C ARG I 62 -30.15 1.58 12.12
N ARG I 63 -29.24 0.65 11.83
CA ARG I 63 -29.48 -0.34 10.80
C ARG I 63 -30.75 -1.10 11.23
N GLU I 64 -30.73 -1.71 12.42
CA GLU I 64 -31.88 -2.50 12.91
C GLU I 64 -33.20 -1.71 12.82
N VAL I 65 -33.31 -0.61 13.57
CA VAL I 65 -34.49 0.26 13.53
C VAL I 65 -34.97 0.59 12.13
N GLU I 66 -34.06 0.89 11.21
CA GLU I 66 -34.49 1.23 9.87
C GLU I 66 -34.91 -0.03 9.13
N LEU I 67 -34.18 -1.13 9.30
CA LEU I 67 -34.59 -2.36 8.60
C LEU I 67 -35.92 -2.83 9.15
N HIS I 68 -36.01 -2.89 10.48
CA HIS I 68 -37.22 -3.34 11.15
C HIS I 68 -38.38 -2.46 10.78
N TRP I 69 -38.16 -1.15 10.77
CA TRP I 69 -39.21 -0.19 10.45
C TRP I 69 -39.78 -0.55 9.10
N ARG I 70 -38.91 -0.82 8.14
CA ARG I 70 -39.32 -1.06 6.76
C ARG I 70 -40.21 -2.30 6.63
N ALA I 71 -39.85 -3.33 7.41
CA ALA I 71 -40.51 -4.64 7.49
C ALA I 71 -41.75 -4.60 8.39
N SER I 72 -41.85 -3.53 9.15
CA SER I 72 -42.76 -3.45 10.23
C SER I 72 -44.14 -3.25 9.61
N GLN I 73 -44.23 -3.49 8.32
CA GLN I 73 -45.40 -3.14 7.54
C GLN I 73 -46.06 -4.39 7.04
N CYS I 74 -45.32 -5.49 7.13
CA CYS I 74 -45.79 -6.84 6.84
C CYS I 74 -46.76 -7.28 7.92
N PRO I 75 -47.89 -7.90 7.54
CA PRO I 75 -48.78 -8.23 8.62
C PRO I 75 -48.28 -9.42 9.45
N HIS I 76 -47.16 -10.02 9.07
CA HIS I 76 -46.61 -11.16 9.78
C HIS I 76 -45.26 -10.88 10.37
N ILE I 77 -45.00 -9.61 10.70
CA ILE I 77 -43.73 -9.21 11.25
C ILE I 77 -43.99 -8.26 12.39
N VAL I 78 -43.41 -8.54 13.55
CA VAL I 78 -43.67 -7.68 14.73
C VAL I 78 -43.57 -6.18 14.34
N ARG I 79 -44.68 -5.46 14.53
CA ARG I 79 -44.80 -4.04 14.15
C ARG I 79 -44.16 -3.08 15.15
N ILE I 80 -43.33 -2.19 14.64
CA ILE I 80 -42.82 -1.06 15.40
C ILE I 80 -43.87 0.06 15.43
N VAL I 81 -44.08 0.59 16.64
CA VAL I 81 -45.04 1.64 16.92
C VAL I 81 -44.38 3.00 17.16
N ASP I 82 -43.33 3.04 17.99
CA ASP I 82 -42.60 4.26 18.21
C ASP I 82 -41.11 4.01 18.38
N VAL I 83 -40.28 4.99 18.02
CA VAL I 83 -38.84 4.93 18.28
C VAL I 83 -38.34 6.24 18.92
N TYR I 84 -37.57 6.13 20.00
CA TYR I 84 -37.19 7.32 20.78
C TYR I 84 -35.71 7.37 20.88
N GLU I 85 -35.16 8.57 20.69
CA GLU I 85 -33.76 8.85 20.94
C GLU I 85 -33.77 9.57 22.26
N ASN I 86 -33.21 8.97 23.31
CA ASN I 86 -33.16 9.54 24.66
C ASN I 86 -31.75 9.43 25.24
N LEU I 87 -31.54 10.01 26.42
CA LEU I 87 -30.26 9.87 27.14
C LEU I 87 -30.43 9.01 28.41
N TYR I 88 -29.57 8.00 28.53
CA TYR I 88 -29.71 7.06 29.64
C TYR I 88 -28.34 6.79 30.26
N ALA I 89 -28.26 6.99 31.58
CA ALA I 89 -27.00 6.83 32.29
C ALA I 89 -25.79 7.40 31.50
N GLY I 90 -25.97 8.61 30.94
CA GLY I 90 -24.91 9.34 30.26
C GLY I 90 -24.87 9.14 28.76
N ARG I 91 -25.10 7.89 28.35
CA ARG I 91 -25.10 7.53 26.94
C ARG I 91 -26.40 7.92 26.24
N LYS I 92 -26.26 8.18 24.93
CA LYS I 92 -27.37 8.35 24.00
C LYS I 92 -27.91 6.96 23.61
N CYS I 93 -29.22 6.83 23.46
CA CYS I 93 -29.86 5.53 23.26
C CYS I 93 -31.13 5.49 22.43
N LEU I 94 -31.30 4.36 21.73
CA LEU I 94 -32.43 4.12 20.86
C LEU I 94 -33.45 3.20 21.53
N LEU I 95 -34.64 3.73 21.76
CA LEU I 95 -35.68 2.97 22.43
C LEU I 95 -36.79 2.71 21.44
N ILE I 96 -36.93 1.44 21.13
CA ILE I 96 -37.85 0.96 20.14
C ILE I 96 -39.09 0.38 20.78
N VAL I 97 -40.24 0.96 20.49
CA VAL I 97 -41.48 0.48 21.03
C VAL I 97 -42.24 -0.37 20.04
N MET I 98 -42.41 -1.64 20.38
CA MET I 98 -43.11 -2.62 19.57
C MET I 98 -44.51 -2.87 20.06
N GLU I 99 -45.29 -3.54 19.22
CA GLU I 99 -46.59 -4.07 19.63
C GLU I 99 -46.33 -5.25 20.56
N CYS I 100 -47.31 -5.59 21.36
CA CYS I 100 -47.13 -6.69 22.26
C CYS I 100 -47.72 -7.96 21.70
N LEU I 101 -46.82 -8.89 21.40
CA LEU I 101 -47.22 -10.21 21.03
C LEU I 101 -47.12 -10.98 22.33
N ASP I 102 -48.25 -11.39 22.91
CA ASP I 102 -48.15 -12.22 24.12
C ASP I 102 -48.82 -13.59 24.06
N GLY I 103 -49.02 -14.09 22.84
CA GLY I 103 -49.52 -15.44 22.58
C GLY I 103 -48.60 -16.58 22.98
N GLY I 104 -47.32 -16.24 23.24
CA GLY I 104 -46.24 -17.22 23.41
C GLY I 104 -45.60 -17.67 22.11
N GLU I 105 -44.37 -18.18 22.18
CA GLU I 105 -43.70 -18.70 20.97
C GLU I 105 -44.38 -19.90 20.30
N LEU I 106 -44.16 -19.98 18.98
CA LEU I 106 -44.77 -20.98 18.08
C LEU I 106 -44.96 -22.37 18.66
N PHE I 107 -43.88 -23.08 18.99
CA PHE I 107 -44.04 -24.41 19.53
C PHE I 107 -44.74 -24.42 20.90
N SER I 108 -44.54 -23.39 21.73
CA SER I 108 -45.23 -23.36 23.03
C SER I 108 -46.72 -23.63 22.85
N ARG I 109 -47.35 -22.97 21.87
CA ARG I 109 -48.78 -23.08 21.56
C ARG I 109 -49.13 -24.46 21.02
N ILE I 110 -48.28 -24.95 20.11
CA ILE I 110 -48.39 -26.29 19.57
C ILE I 110 -48.35 -27.29 20.71
N GLN I 111 -47.45 -27.11 21.67
CA GLN I 111 -47.29 -28.11 22.72
C GLN I 111 -48.34 -28.00 23.82
N ASP I 112 -49.17 -26.97 23.78
CA ASP I 112 -50.11 -26.70 24.85
C ASP I 112 -51.56 -26.93 24.44
N ARG I 113 -51.87 -27.96 23.65
CA ARG I 113 -53.19 -27.96 23.03
C ARG I 113 -54.18 -29.11 23.27
N GLY I 114 -55.39 -28.88 22.75
CA GLY I 114 -56.54 -29.78 22.88
C GLY I 114 -56.19 -31.21 22.55
N ASP I 115 -56.01 -31.98 23.63
CA ASP I 115 -55.63 -33.39 23.58
C ASP I 115 -54.69 -33.72 22.43
N GLN I 116 -53.59 -32.97 22.33
CA GLN I 116 -52.51 -33.20 21.36
C GLN I 116 -52.83 -33.20 19.84
N ALA I 117 -54.04 -32.82 19.41
CA ALA I 117 -54.40 -32.89 17.99
C ALA I 117 -53.58 -31.90 17.16
N PHE I 118 -52.86 -32.35 16.13
CA PHE I 118 -52.22 -31.38 15.22
C PHE I 118 -52.13 -31.88 13.79
N THR I 119 -52.80 -31.20 12.88
CA THR I 119 -52.82 -31.71 11.52
C THR I 119 -51.79 -31.14 10.52
N GLU I 120 -51.64 -31.83 9.40
CA GLU I 120 -50.80 -31.40 8.31
C GLU I 120 -51.35 -30.11 7.69
N ARG I 121 -52.67 -29.95 7.67
CA ARG I 121 -53.28 -28.72 7.24
C ARG I 121 -52.77 -27.55 8.08
N GLU I 122 -52.69 -27.76 9.39
CA GLU I 122 -52.24 -26.72 10.24
C GLU I 122 -50.78 -26.36 9.97
N ALA I 123 -49.92 -27.37 9.84
CA ALA I 123 -48.53 -27.09 9.65
C ALA I 123 -48.46 -26.17 8.46
N SER I 124 -49.05 -26.61 7.35
CA SER I 124 -49.07 -25.84 6.12
C SER I 124 -49.53 -24.39 6.30
N GLU I 125 -50.50 -24.16 7.17
CA GLU I 125 -50.99 -22.81 7.34
C GLU I 125 -49.96 -21.98 8.04
N ILE I 126 -49.34 -22.51 9.09
CA ILE I 126 -48.27 -21.81 9.73
C ILE I 126 -47.15 -21.55 8.74
N MET I 127 -46.76 -22.59 8.02
CA MET I 127 -45.71 -22.43 7.05
C MET I 127 -46.07 -21.34 6.05
N LYS I 128 -47.28 -21.37 5.50
CA LYS I 128 -47.70 -20.22 4.67
C LYS I 128 -47.44 -18.91 5.40
N SER I 129 -47.78 -18.81 6.67
CA SER I 129 -47.67 -17.47 7.31
C SER I 129 -46.18 -17.00 7.55
N ILE I 130 -45.38 -17.75 8.30
CA ILE I 130 -43.93 -17.53 8.26
C ILE I 130 -43.48 -17.28 6.82
N GLY I 131 -43.90 -18.14 5.89
CA GLY I 131 -43.62 -17.92 4.48
C GLY I 131 -43.76 -16.46 4.05
N GLU I 132 -44.97 -15.91 4.22
CA GLU I 132 -45.28 -14.55 3.87
C GLU I 132 -44.40 -13.47 4.46
N ALA I 133 -43.91 -13.68 5.67
CA ALA I 133 -43.03 -12.71 6.25
C ALA I 133 -41.71 -12.74 5.52
N ILE I 134 -41.16 -13.93 5.25
CA ILE I 134 -39.85 -13.99 4.56
C ILE I 134 -39.92 -13.45 3.14
N GLN I 135 -40.99 -13.77 2.40
CA GLN I 135 -41.18 -13.20 1.06
C GLN I 135 -41.20 -11.69 1.13
N TYR I 136 -41.87 -11.15 2.14
CA TYR I 136 -41.85 -9.72 2.28
C TYR I 136 -40.39 -9.26 2.45
N LEU I 137 -39.70 -9.72 3.49
CA LEU I 137 -38.33 -9.27 3.75
C LEU I 137 -37.46 -9.27 2.49
N HIS I 138 -37.51 -10.39 1.75
CA HIS I 138 -36.68 -10.57 0.54
C HIS I 138 -37.17 -9.72 -0.63
N SER I 139 -38.48 -9.47 -0.70
CA SER I 139 -38.96 -8.69 -1.83
C SER I 139 -38.36 -7.34 -1.66
N ILE I 140 -38.23 -6.85 -0.43
CA ILE I 140 -37.60 -5.51 -0.28
C ILE I 140 -36.10 -5.54 0.08
N ASN I 141 -35.45 -6.61 -0.38
CA ASN I 141 -34.03 -6.91 -0.14
C ASN I 141 -33.54 -6.96 1.28
N ILE I 142 -34.31 -7.61 2.17
CA ILE I 142 -33.81 -7.83 3.52
C ILE I 142 -33.70 -9.30 3.82
N ALA I 143 -32.62 -9.67 4.50
CA ALA I 143 -32.36 -11.00 4.97
C ALA I 143 -32.35 -10.87 6.48
N HIS I 144 -33.00 -11.81 7.16
CA HIS I 144 -33.17 -11.73 8.58
C HIS I 144 -32.07 -12.49 9.27
N ARG I 145 -31.55 -13.54 8.66
CA ARG I 145 -30.38 -14.25 9.22
C ARG I 145 -30.53 -14.89 10.62
N ASP I 146 -31.67 -14.74 11.24
CA ASP I 146 -31.88 -15.43 12.51
C ASP I 146 -33.33 -15.88 12.68
N VAL I 147 -33.74 -16.80 11.82
CA VAL I 147 -35.08 -17.33 11.81
C VAL I 147 -35.09 -18.63 12.60
N LYS I 148 -35.54 -18.55 13.84
CA LYS I 148 -35.65 -19.70 14.74
C LYS I 148 -37.06 -19.71 15.32
N PRO I 149 -37.57 -20.89 15.73
CA PRO I 149 -38.87 -20.95 16.39
C PRO I 149 -39.09 -19.86 17.41
N GLU I 150 -38.03 -19.39 18.05
CA GLU I 150 -38.19 -18.41 19.13
C GLU I 150 -38.50 -17.04 18.63
N ASN I 151 -38.09 -16.71 17.41
CA ASN I 151 -38.42 -15.42 16.87
C ASN I 151 -39.80 -15.42 16.21
N LEU I 152 -40.51 -16.53 16.34
CA LEU I 152 -41.89 -16.65 15.84
C LEU I 152 -42.92 -16.67 17.00
N LEU I 153 -43.65 -15.58 17.14
CA LEU I 153 -44.44 -15.31 18.33
C LEU I 153 -45.89 -15.11 17.99
N TYR I 154 -46.80 -15.63 18.82
CA TYR I 154 -48.21 -15.40 18.59
C TYR I 154 -48.67 -14.08 19.23
N THR I 155 -49.70 -13.46 18.63
CA THR I 155 -50.19 -12.14 19.05
C THR I 155 -50.81 -12.17 20.42
N SER I 156 -51.78 -13.06 20.60
CA SER I 156 -52.47 -13.28 21.89
C SER I 156 -52.76 -14.77 22.11
N LYS I 157 -53.35 -15.12 23.25
CA LYS I 157 -53.69 -16.54 23.52
C LYS I 157 -55.01 -16.90 22.88
N ARG I 158 -55.71 -15.90 22.37
CA ARG I 158 -56.93 -16.06 21.55
C ARG I 158 -56.71 -17.18 20.50
N PRO I 159 -57.76 -17.93 20.08
CA PRO I 159 -57.42 -19.05 19.15
C PRO I 159 -56.80 -18.55 17.85
N ASN I 160 -57.48 -17.64 17.15
CA ASN I 160 -57.07 -17.27 15.79
C ASN I 160 -55.94 -16.25 15.73
N ALA I 161 -55.03 -16.31 16.68
CA ALA I 161 -54.01 -15.29 16.84
C ALA I 161 -53.05 -15.31 15.66
N ILE I 162 -52.42 -14.20 15.37
CA ILE I 162 -51.58 -14.12 14.18
C ILE I 162 -50.13 -14.53 14.53
N LEU I 163 -49.50 -15.35 13.68
CA LEU I 163 -48.06 -15.62 13.81
C LEU I 163 -47.18 -14.50 13.28
N LYS I 164 -46.18 -14.07 14.05
CA LYS I 164 -45.27 -12.97 13.64
C LYS I 164 -43.78 -13.15 13.93
N LEU I 165 -42.96 -12.63 13.00
CA LEU I 165 -41.51 -12.75 13.04
C LEU I 165 -40.97 -11.58 13.80
N THR I 166 -40.04 -11.85 14.71
CA THR I 166 -39.51 -10.80 15.53
C THR I 166 -38.00 -10.78 15.50
N ASP I 167 -37.43 -9.73 16.08
CA ASP I 167 -35.98 -9.57 16.28
C ASP I 167 -35.22 -9.28 15.03
N PHE I 168 -34.81 -8.04 14.82
CA PHE I 168 -34.02 -7.76 13.64
C PHE I 168 -32.54 -7.47 13.94
N GLY I 169 -32.03 -8.06 15.02
CA GLY I 169 -30.63 -7.94 15.38
C GLY I 169 -29.56 -8.38 14.39
N PHE I 170 -29.87 -9.33 13.50
CA PHE I 170 -28.87 -9.79 12.55
C PHE I 170 -29.33 -9.52 11.13
N ALA I 171 -30.45 -8.83 10.94
CA ALA I 171 -30.90 -8.58 9.56
C ALA I 171 -29.93 -7.68 8.84
N LYS I 172 -29.79 -7.90 7.54
CA LYS I 172 -28.87 -7.16 6.65
C LYS I 172 -29.59 -6.95 5.32
N GLU I 173 -29.32 -5.85 4.61
CA GLU I 173 -29.90 -5.66 3.26
C GLU I 173 -28.90 -6.08 2.18
N THR I 174 -29.25 -5.92 0.89
CA THR I 174 -28.26 -6.13 -0.21
C THR I 174 -28.01 -4.97 -1.22
N THR I 175 -26.71 -4.66 -1.39
CA THR I 175 -26.11 -3.65 -2.35
C THR I 175 -26.73 -2.23 -2.37
N TYR I 189 -34.44 -6.14 -19.46
CA TYR I 189 -34.52 -7.32 -20.32
C TYR I 189 -33.64 -8.52 -19.91
N VAL I 190 -32.57 -8.23 -19.15
CA VAL I 190 -31.53 -9.25 -18.84
C VAL I 190 -31.78 -9.93 -17.47
N ALA I 191 -30.73 -10.58 -16.97
CA ALA I 191 -30.81 -11.60 -15.95
C ALA I 191 -30.60 -11.01 -14.56
N PRO I 192 -31.27 -11.59 -13.54
CA PRO I 192 -31.28 -11.12 -12.15
C PRO I 192 -29.91 -10.82 -11.54
N GLU I 193 -28.88 -11.55 -11.95
CA GLU I 193 -27.54 -11.42 -11.36
C GLU I 193 -26.78 -10.28 -11.99
N VAL I 194 -27.32 -9.74 -13.08
CA VAL I 194 -26.72 -8.65 -13.87
C VAL I 194 -27.42 -7.34 -13.51
N LEU I 195 -27.84 -7.23 -12.25
CA LEU I 195 -28.38 -5.99 -11.68
C LEU I 195 -28.07 -5.90 -10.20
N GLY I 196 -27.53 -7.00 -9.65
CA GLY I 196 -27.17 -7.13 -8.23
C GLY I 196 -25.99 -8.06 -8.01
N PRO I 197 -24.99 -7.61 -7.22
CA PRO I 197 -23.83 -8.42 -6.81
C PRO I 197 -24.08 -9.37 -5.60
N GLU I 198 -25.32 -9.38 -5.10
CA GLU I 198 -25.81 -10.23 -4.00
C GLU I 198 -25.12 -11.62 -3.82
N LYS I 199 -24.64 -11.89 -2.59
CA LYS I 199 -24.12 -13.22 -2.21
C LYS I 199 -25.26 -14.10 -1.67
N TYR I 200 -25.09 -14.73 -0.51
CA TYR I 200 -26.17 -15.53 0.09
C TYR I 200 -27.04 -14.68 1.00
N ASP I 201 -26.80 -14.79 2.30
CA ASP I 201 -27.66 -14.22 3.33
C ASP I 201 -29.06 -14.79 3.11
N LYS I 202 -29.67 -14.34 2.01
CA LYS I 202 -31.07 -14.55 1.75
C LYS I 202 -31.42 -16.01 1.84
N SER I 203 -30.56 -16.87 1.29
CA SER I 203 -30.74 -18.32 1.28
C SER I 203 -30.56 -19.04 2.64
N CYS I 204 -30.09 -18.33 3.66
CA CYS I 204 -29.97 -19.03 4.91
C CYS I 204 -31.25 -18.85 5.69
N ASP I 205 -32.15 -18.02 5.22
CA ASP I 205 -33.42 -17.86 5.90
C ASP I 205 -34.30 -19.02 5.52
N MET I 206 -34.07 -19.45 4.30
CA MET I 206 -34.75 -20.52 3.62
C MET I 206 -34.37 -21.88 4.25
N TRP I 207 -33.10 -22.08 4.57
CA TRP I 207 -32.70 -23.25 5.32
C TRP I 207 -33.50 -23.19 6.60
N SER I 208 -33.62 -22.00 7.14
CA SER I 208 -34.35 -21.81 8.37
C SER I 208 -35.77 -22.35 8.28
N LEU I 209 -36.51 -21.91 7.25
CA LEU I 209 -37.83 -22.50 6.93
C LEU I 209 -37.82 -24.01 6.87
N GLY I 210 -36.91 -24.55 6.09
CA GLY I 210 -36.67 -25.96 6.14
C GLY I 210 -36.56 -26.52 7.54
N VAL I 211 -35.70 -25.95 8.40
CA VAL I 211 -35.64 -26.51 9.75
C VAL I 211 -37.00 -26.37 10.44
N ILE I 212 -37.62 -25.20 10.35
CA ILE I 212 -38.89 -25.05 11.05
C ILE I 212 -39.88 -26.05 10.53
N MET I 213 -40.04 -26.10 9.22
CA MET I 213 -41.03 -27.01 8.64
C MET I 213 -40.85 -28.43 9.19
N TYR I 214 -39.60 -28.88 9.26
CA TYR I 214 -39.33 -30.24 9.65
C TYR I 214 -39.89 -30.48 11.03
N ILE I 215 -39.57 -29.60 11.97
CA ILE I 215 -40.10 -29.72 13.33
C ILE I 215 -41.64 -29.64 13.35
N LEU I 216 -42.22 -28.94 12.39
CA LEU I 216 -43.65 -28.84 12.43
C LEU I 216 -44.33 -30.14 12.04
N LEU I 217 -43.67 -30.97 11.25
CA LEU I 217 -44.33 -32.18 10.84
C LEU I 217 -44.13 -33.32 11.81
N CYS I 218 -43.11 -33.28 12.67
CA CYS I 218 -42.78 -34.47 13.46
C CYS I 218 -42.54 -34.21 14.91
N GLY I 219 -42.18 -32.99 15.26
CA GLY I 219 -42.05 -32.67 16.69
C GLY I 219 -40.63 -32.45 17.17
N TYR I 220 -39.67 -32.79 16.30
CA TYR I 220 -38.23 -32.77 16.65
C TYR I 220 -37.40 -32.27 15.46
N PRO I 221 -36.23 -31.68 15.75
CA PRO I 221 -35.37 -31.03 14.76
C PRO I 221 -34.71 -32.00 13.82
N PRO I 222 -34.32 -31.59 12.62
CA PRO I 222 -33.56 -32.55 11.82
C PRO I 222 -32.07 -32.71 12.19
N PHE I 223 -31.51 -31.80 12.96
CA PHE I 223 -30.15 -31.98 13.39
C PHE I 223 -30.01 -31.65 14.88
N TYR I 224 -29.48 -32.60 15.66
CA TYR I 224 -29.17 -32.42 17.09
C TYR I 224 -27.96 -33.30 17.51
N SER I 225 -27.70 -33.44 18.81
CA SER I 225 -26.44 -34.11 19.23
C SER I 225 -26.62 -35.38 20.04
N ASN I 226 -26.39 -36.51 19.36
CA ASN I 226 -26.92 -37.83 19.75
C ASN I 226 -26.21 -38.95 18.96
N ILE I 231 -20.99 -35.81 19.36
CA ILE I 231 -22.33 -35.38 19.00
C ILE I 231 -22.40 -33.93 18.51
N SER I 232 -21.70 -32.98 19.16
CA SER I 232 -21.73 -31.50 18.78
C SER I 232 -20.69 -31.01 17.73
N PRO I 233 -19.47 -31.60 17.73
CA PRO I 233 -18.79 -31.57 16.42
C PRO I 233 -19.51 -32.55 15.45
N GLY I 234 -20.16 -33.58 16.03
CA GLY I 234 -21.06 -34.49 15.31
C GLY I 234 -22.14 -33.74 14.56
N MET I 235 -22.94 -32.96 15.32
CA MET I 235 -23.99 -32.07 14.80
C MET I 235 -23.52 -31.10 13.74
N LYS I 236 -22.37 -30.48 13.97
CA LYS I 236 -21.79 -29.65 12.96
C LYS I 236 -21.69 -30.50 11.69
N THR I 237 -21.21 -31.73 11.80
CA THR I 237 -20.93 -32.54 10.59
C THR I 237 -22.21 -32.81 9.86
N ARG I 238 -23.13 -33.41 10.59
CA ARG I 238 -24.44 -33.68 10.04
C ARG I 238 -25.04 -32.49 9.26
N ILE I 239 -25.08 -31.31 9.87
CA ILE I 239 -25.51 -30.10 9.17
C ILE I 239 -24.68 -29.92 7.92
N ARG I 240 -23.36 -29.93 8.05
CA ARG I 240 -22.52 -29.68 6.86
C ARG I 240 -22.77 -30.75 5.80
N MET I 241 -23.01 -31.96 6.27
CA MET I 241 -23.13 -33.07 5.37
C MET I 241 -24.52 -33.19 4.75
N GLY I 242 -25.54 -32.61 5.41
CA GLY I 242 -26.97 -32.78 5.05
C GLY I 242 -27.50 -34.15 5.44
N GLN I 243 -27.21 -34.57 6.65
CA GLN I 243 -27.37 -35.94 7.09
C GLN I 243 -28.49 -35.97 8.09
N TYR I 244 -29.65 -36.39 7.63
CA TYR I 244 -30.89 -36.41 8.41
C TYR I 244 -31.85 -37.33 7.69
N GLU I 245 -32.75 -37.94 8.42
CA GLU I 245 -33.71 -38.81 7.80
C GLU I 245 -35.13 -38.40 8.19
N PHE I 246 -36.08 -39.21 7.76
CA PHE I 246 -37.47 -39.05 8.09
C PHE I 246 -37.94 -40.31 8.78
N PRO I 247 -37.62 -40.45 10.06
CA PRO I 247 -37.93 -41.66 10.87
C PRO I 247 -39.40 -42.10 10.87
N ASN I 248 -39.64 -43.41 10.92
CA ASN I 248 -40.98 -43.88 11.30
C ASN I 248 -40.97 -43.90 12.82
N PRO I 249 -42.14 -43.63 13.45
CA PRO I 249 -43.47 -43.47 12.87
C PRO I 249 -43.90 -42.08 12.48
N GLU I 250 -43.20 -41.06 13.01
CA GLU I 250 -43.67 -39.68 12.88
C GLU I 250 -43.88 -39.28 11.43
N TRP I 251 -43.03 -39.78 10.54
CA TRP I 251 -43.18 -39.58 9.10
C TRP I 251 -44.05 -40.60 8.29
N SER I 252 -44.35 -41.78 8.88
CA SER I 252 -45.24 -42.78 8.26
C SER I 252 -46.15 -42.15 7.21
N GLU I 253 -46.97 -41.19 7.65
CA GLU I 253 -48.06 -40.58 6.89
C GLU I 253 -47.72 -39.37 5.99
N VAL I 254 -46.50 -38.92 5.94
CA VAL I 254 -46.25 -37.65 5.29
C VAL I 254 -45.99 -37.78 3.79
N SER I 255 -46.75 -37.09 2.93
CA SER I 255 -46.52 -37.27 1.47
C SER I 255 -45.06 -37.18 1.01
N GLU I 256 -44.75 -37.88 -0.07
CA GLU I 256 -43.46 -37.71 -0.74
C GLU I 256 -43.18 -36.26 -1.23
N GLU I 257 -44.13 -35.63 -1.88
CA GLU I 257 -43.96 -34.25 -2.30
C GLU I 257 -43.67 -33.32 -1.07
N VAL I 258 -44.22 -33.61 0.09
CA VAL I 258 -43.94 -32.81 1.25
C VAL I 258 -42.49 -32.96 1.72
N LYS I 259 -41.95 -34.16 1.58
CA LYS I 259 -40.60 -34.46 2.00
C LYS I 259 -39.67 -33.78 1.02
N MET I 260 -40.09 -33.77 -0.25
CA MET I 260 -39.26 -33.20 -1.28
C MET I 260 -39.14 -31.74 -1.03
N LEU I 261 -40.25 -31.09 -0.66
CA LEU I 261 -40.20 -29.65 -0.40
C LEU I 261 -39.14 -29.39 0.65
N ILE I 262 -39.16 -30.16 1.74
CA ILE I 262 -38.13 -30.08 2.76
C ILE I 262 -36.79 -30.33 2.16
N ARG I 263 -36.65 -31.37 1.34
CA ARG I 263 -35.30 -31.69 0.86
C ARG I 263 -34.70 -30.52 0.10
N ASN I 264 -35.49 -29.81 -0.70
CA ASN I 264 -34.99 -28.61 -1.35
C ASN I 264 -34.74 -27.42 -0.38
N LEU I 265 -35.43 -27.38 0.76
CA LEU I 265 -35.12 -26.32 1.72
C LEU I 265 -33.80 -26.61 2.45
N LEU I 266 -33.46 -27.89 2.58
CA LEU I 266 -32.32 -28.22 3.38
C LEU I 266 -31.05 -28.61 2.59
N LYS I 267 -30.84 -27.97 1.45
CA LYS I 267 -29.67 -28.17 0.63
C LYS I 267 -28.41 -27.64 1.27
N THR I 268 -27.37 -28.49 1.37
CA THR I 268 -26.12 -28.10 2.03
C THR I 268 -25.62 -26.84 1.41
N GLU I 269 -25.93 -26.66 0.13
CA GLU I 269 -25.17 -25.80 -0.78
C GLU I 269 -26.12 -24.69 -1.24
N PRO I 270 -26.00 -23.49 -0.64
CA PRO I 270 -26.99 -22.40 -0.77
C PRO I 270 -27.61 -22.22 -2.15
N THR I 271 -26.79 -22.01 -3.18
CA THR I 271 -27.29 -21.84 -4.55
C THR I 271 -28.19 -22.95 -5.11
N GLN I 272 -28.24 -24.13 -4.48
CA GLN I 272 -29.23 -25.11 -4.90
C GLN I 272 -30.53 -25.09 -4.08
N ARG I 273 -30.53 -24.55 -2.85
CA ARG I 273 -31.75 -24.36 -2.02
C ARG I 273 -32.77 -23.60 -2.82
N MET I 274 -34.06 -23.93 -2.67
CA MET I 274 -35.14 -23.13 -3.29
C MET I 274 -35.25 -21.73 -2.71
N THR I 275 -35.85 -20.85 -3.51
CA THR I 275 -36.07 -19.44 -3.21
C THR I 275 -37.48 -19.25 -2.63
N ILE I 276 -37.75 -18.11 -2.00
CA ILE I 276 -39.06 -17.90 -1.36
C ILE I 276 -40.26 -17.97 -2.32
N THR I 277 -40.08 -17.41 -3.49
CA THR I 277 -41.11 -17.43 -4.48
C THR I 277 -41.27 -18.88 -4.91
N GLU I 278 -40.18 -19.61 -5.01
CA GLU I 278 -40.38 -20.99 -5.29
C GLU I 278 -41.20 -21.63 -4.16
N PHE I 279 -40.79 -21.41 -2.93
CA PHE I 279 -41.50 -21.91 -1.79
C PHE I 279 -42.99 -21.51 -1.80
N MET I 280 -43.28 -20.22 -1.90
CA MET I 280 -44.67 -19.74 -1.84
C MET I 280 -45.56 -20.22 -2.99
N ASN I 281 -44.96 -20.72 -4.06
CA ASN I 281 -45.77 -21.23 -5.14
C ASN I 281 -45.97 -22.71 -5.08
N HIS I 282 -45.49 -23.35 -4.03
CA HIS I 282 -45.62 -24.77 -3.96
C HIS I 282 -47.07 -25.12 -3.68
N PRO I 283 -47.64 -26.05 -4.44
CA PRO I 283 -49.02 -26.37 -4.26
C PRO I 283 -49.36 -26.59 -2.79
N TRP I 284 -48.45 -27.20 -2.03
CA TRP I 284 -48.67 -27.41 -0.61
C TRP I 284 -48.85 -26.14 0.18
N ILE I 285 -48.14 -25.07 -0.17
CA ILE I 285 -48.26 -23.77 0.49
C ILE I 285 -49.37 -22.94 -0.15
N MET I 286 -49.39 -22.86 -1.48
CA MET I 286 -50.45 -22.15 -2.17
C MET I 286 -51.82 -22.65 -1.72
N GLN I 287 -52.09 -23.94 -1.94
CA GLN I 287 -53.37 -24.52 -1.59
C GLN I 287 -53.41 -25.08 -0.14
N SER I 288 -53.05 -24.22 0.81
CA SER I 288 -52.94 -24.65 2.20
C SER I 288 -54.29 -25.09 2.68
N THR I 289 -55.34 -24.40 2.24
CA THR I 289 -56.71 -24.64 2.70
C THR I 289 -57.25 -26.03 2.35
N LYS I 290 -56.72 -26.66 1.33
CA LYS I 290 -57.17 -27.98 0.91
C LYS I 290 -56.03 -28.99 0.92
N VAL I 291 -55.10 -28.84 1.89
CA VAL I 291 -54.22 -29.98 2.22
C VAL I 291 -54.99 -30.86 3.22
N PRO I 292 -54.79 -32.17 3.14
CA PRO I 292 -55.48 -33.09 4.06
C PRO I 292 -55.28 -32.70 5.53
N GLN I 293 -56.16 -33.13 6.42
CA GLN I 293 -55.92 -32.89 7.85
C GLN I 293 -55.45 -34.14 8.59
N THR I 294 -54.35 -34.72 8.11
CA THR I 294 -53.73 -35.90 8.68
C THR I 294 -53.18 -35.57 10.08
N PRO I 295 -53.60 -36.31 11.09
CA PRO I 295 -52.98 -36.17 12.39
C PRO I 295 -51.47 -36.34 12.35
N LEU I 296 -50.80 -35.52 13.13
CA LEU I 296 -49.35 -35.57 13.25
C LEU I 296 -48.93 -35.80 14.71
N HIS I 297 -47.76 -36.36 14.90
CA HIS I 297 -47.18 -36.53 16.20
C HIS I 297 -46.63 -35.25 16.87
N THR I 298 -46.70 -34.12 16.18
CA THR I 298 -45.94 -32.94 16.55
C THR I 298 -46.17 -32.48 17.97
N SER I 299 -47.43 -32.25 18.31
CA SER I 299 -47.79 -31.82 19.62
C SER I 299 -47.34 -32.83 20.72
N ARG I 300 -47.76 -34.10 20.59
CA ARG I 300 -47.27 -35.16 21.46
C ARG I 300 -45.80 -34.98 21.79
N VAL I 301 -44.97 -35.08 20.75
CA VAL I 301 -43.54 -35.17 20.95
C VAL I 301 -43.02 -33.87 21.51
N LEU I 302 -43.63 -32.76 21.11
CA LEU I 302 -43.17 -31.46 21.57
C LEU I 302 -43.49 -31.31 23.03
N LYS I 303 -44.60 -31.89 23.47
CA LYS I 303 -44.98 -31.84 24.87
C LYS I 303 -44.06 -32.74 25.72
N GLU I 304 -43.89 -33.99 25.29
CA GLU I 304 -43.04 -34.98 25.97
C GLU I 304 -41.61 -34.49 26.04
N ASP I 305 -41.36 -33.34 25.40
CA ASP I 305 -40.12 -32.60 25.58
C ASP I 305 -40.34 -31.22 26.19
N LYS I 306 -39.44 -30.89 27.10
CA LYS I 306 -39.09 -29.54 27.40
C LYS I 306 -37.63 -29.69 27.82
N GLU I 307 -36.90 -30.35 26.91
CA GLU I 307 -35.46 -30.33 26.83
C GLU I 307 -35.18 -29.00 26.17
N ARG I 308 -36.13 -28.59 25.34
CA ARG I 308 -36.11 -27.31 24.63
C ARG I 308 -36.11 -26.14 25.61
N TRP I 309 -35.38 -26.30 26.71
CA TRP I 309 -35.01 -25.20 27.61
C TRP I 309 -33.48 -25.07 27.63
N GLU I 310 -32.81 -26.14 27.21
CA GLU I 310 -31.41 -26.09 26.82
C GLU I 310 -31.25 -24.95 25.81
N ASP I 311 -32.08 -24.94 24.77
CA ASP I 311 -32.18 -23.84 23.81
C ASP I 311 -32.11 -22.44 24.48
N VAL I 312 -33.03 -22.17 25.41
CA VAL I 312 -33.07 -20.89 26.14
C VAL I 312 -31.87 -20.70 27.12
N LYS I 313 -31.42 -21.78 27.76
CA LYS I 313 -30.17 -21.79 28.53
C LYS I 313 -28.98 -21.51 27.62
N GLU I 314 -28.78 -22.38 26.62
CA GLU I 314 -27.60 -22.37 25.75
C GLU I 314 -27.23 -20.97 25.25
N GLU I 315 -28.26 -20.17 24.93
CA GLU I 315 -28.05 -18.85 24.34
C GLU I 315 -27.63 -17.78 25.36
N MET I 316 -26.31 -17.55 25.41
CA MET I 316 -25.61 -16.86 26.49
C MET I 316 -24.81 -15.67 25.94
N PHE J 3 17.91 -48.45 -3.64
CA PHE J 3 17.89 -47.58 -2.43
C PHE J 3 19.22 -47.69 -1.62
N PRO J 4 19.96 -46.56 -1.46
CA PRO J 4 21.24 -46.57 -0.73
C PRO J 4 21.12 -47.24 0.62
N GLN J 5 21.49 -48.52 0.66
CA GLN J 5 21.49 -49.35 1.85
C GLN J 5 21.56 -48.53 3.14
N PHE J 6 22.80 -48.21 3.54
CA PHE J 6 23.08 -47.49 4.80
C PHE J 6 23.27 -45.99 4.61
N HIS J 7 22.15 -45.28 4.63
CA HIS J 7 22.12 -43.85 4.35
C HIS J 7 21.06 -43.14 5.19
N VAL J 8 20.46 -43.87 6.12
CA VAL J 8 19.46 -43.31 7.00
C VAL J 8 19.96 -43.28 8.44
N LYS J 9 19.77 -42.14 9.11
CA LYS J 9 19.95 -42.09 10.57
C LYS J 9 18.81 -41.34 11.30
N SER J 10 18.73 -41.57 12.61
CA SER J 10 17.66 -41.10 13.47
C SER J 10 17.47 -39.59 13.44
N GLY J 11 16.22 -39.18 13.61
CA GLY J 11 15.86 -37.77 13.71
C GLY J 11 15.96 -37.37 15.15
N LEU J 12 15.85 -36.09 15.44
CA LEU J 12 16.16 -35.60 16.77
C LEU J 12 14.96 -35.68 17.70
N GLN J 13 15.06 -36.51 18.74
CA GLN J 13 14.00 -36.53 19.79
C GLN J 13 14.39 -35.69 20.98
N ILE J 14 13.95 -34.44 20.99
CA ILE J 14 14.06 -33.60 22.18
C ILE J 14 13.52 -34.33 23.42
N LYS J 15 14.38 -34.58 24.40
CA LYS J 15 13.96 -35.14 25.70
C LYS J 15 13.29 -34.07 26.60
N LYS J 16 12.12 -34.41 27.17
CA LYS J 16 11.30 -33.41 27.89
C LYS J 16 11.40 -33.50 29.42
N ASN J 17 11.99 -34.59 29.92
CA ASN J 17 12.25 -34.73 31.36
C ASN J 17 13.31 -33.72 31.88
N ALA J 18 13.47 -33.63 33.20
CA ALA J 18 14.47 -32.73 33.77
C ALA J 18 15.89 -33.28 33.58
N ILE J 19 16.79 -32.41 33.12
CA ILE J 19 18.16 -32.82 32.79
C ILE J 19 18.90 -33.49 33.97
N ILE J 20 18.67 -32.94 35.19
CA ILE J 20 19.40 -33.34 36.40
C ILE J 20 19.15 -34.78 36.76
N ASP J 21 17.97 -35.30 36.44
CA ASP J 21 17.69 -36.74 36.51
C ASP J 21 18.75 -37.55 35.75
N ASP J 22 19.57 -36.89 34.94
CA ASP J 22 20.54 -37.60 34.11
C ASP J 22 21.94 -37.00 34.15
N TYR J 23 22.06 -35.69 34.38
CA TYR J 23 23.38 -35.06 34.30
C TYR J 23 23.71 -34.19 35.51
N LYS J 24 24.92 -34.37 36.01
CA LYS J 24 25.45 -33.50 37.05
C LYS J 24 26.07 -32.29 36.35
N VAL J 25 25.59 -31.10 36.74
CA VAL J 25 25.87 -29.87 36.00
C VAL J 25 26.70 -28.90 36.82
N THR J 26 28.00 -28.80 36.52
CA THR J 26 28.87 -27.85 37.23
C THR J 26 28.64 -26.42 36.74
N SER J 27 29.17 -25.46 37.48
CA SER J 27 29.02 -24.04 37.14
C SER J 27 30.31 -23.52 36.53
N GLN J 28 31.18 -24.45 36.17
CA GLN J 28 32.49 -24.17 35.56
C GLN J 28 32.44 -24.04 34.03
N VAL J 29 32.83 -22.85 33.57
CA VAL J 29 32.83 -22.50 32.16
C VAL J 29 33.80 -23.33 31.30
N LEU J 30 33.37 -23.57 30.07
CA LEU J 30 34.16 -24.26 29.07
C LEU J 30 34.29 -23.25 27.92
N GLY J 31 33.30 -22.37 27.81
CA GLY J 31 33.28 -21.31 26.81
C GLY J 31 32.18 -20.29 27.08
N LEU J 32 32.54 -19.23 27.81
CA LEU J 32 31.68 -18.05 28.02
C LEU J 32 31.40 -17.35 26.66
N GLY J 33 31.79 -18.01 25.56
CA GLY J 33 31.83 -17.40 24.25
C GLY J 33 30.54 -17.47 23.47
N ILE J 34 30.06 -16.29 23.05
CA ILE J 34 28.95 -16.10 22.09
C ILE J 34 27.64 -16.76 22.55
N ASN J 35 26.51 -16.08 22.29
CA ASN J 35 25.16 -16.62 22.58
C ASN J 35 24.91 -17.00 24.08
N GLY J 36 25.93 -16.78 24.92
CA GLY J 36 25.87 -17.16 26.34
C GLY J 36 27.15 -17.82 26.86
N LYS J 37 27.06 -19.11 27.19
CA LYS J 37 28.12 -19.82 27.92
C LYS J 37 27.91 -21.33 27.85
N VAL J 38 29.01 -22.08 27.96
CA VAL J 38 28.98 -23.55 27.91
C VAL J 38 29.62 -24.14 29.15
N LEU J 39 28.88 -24.97 29.87
CA LEU J 39 29.34 -25.48 31.15
C LEU J 39 29.72 -26.96 31.08
N GLN J 40 30.61 -27.37 31.97
CA GLN J 40 31.04 -28.76 32.01
C GLN J 40 30.04 -29.57 32.82
N ILE J 41 29.81 -30.82 32.39
CA ILE J 41 28.86 -31.71 33.07
C ILE J 41 29.31 -33.14 32.95
N PHE J 42 28.66 -34.00 33.72
CA PHE J 42 29.00 -35.41 33.79
C PHE J 42 27.71 -36.19 33.84
N ASN J 43 27.68 -37.31 33.14
CA ASN J 43 26.56 -38.22 33.27
C ASN J 43 26.69 -38.97 34.61
N LYS J 44 25.55 -39.34 35.18
CA LYS J 44 25.52 -39.92 36.53
C LYS J 44 25.96 -41.36 36.48
N ARG J 45 25.34 -42.15 35.60
CA ARG J 45 25.51 -43.59 35.65
C ARG J 45 26.68 -44.21 34.83
N THR J 46 27.57 -43.37 34.28
CA THR J 46 28.88 -43.80 33.73
C THR J 46 29.95 -42.75 34.06
N GLN J 47 29.54 -41.73 34.81
CA GLN J 47 30.44 -40.67 35.27
C GLN J 47 31.28 -40.02 34.15
N GLU J 48 30.82 -40.15 32.89
CA GLU J 48 31.47 -39.54 31.71
C GLU J 48 31.25 -38.04 31.50
N LYS J 49 32.13 -37.45 30.71
CA LYS J 49 32.26 -35.97 30.58
C LYS J 49 31.50 -35.42 29.38
N PHE J 50 30.84 -34.28 29.59
CA PHE J 50 29.99 -33.69 28.57
C PHE J 50 29.84 -32.18 28.64
N ALA J 51 29.36 -31.60 27.54
CA ALA J 51 29.39 -30.17 27.34
C ALA J 51 28.00 -29.65 27.20
N LEU J 52 27.62 -28.76 28.11
CA LEU J 52 26.26 -28.24 28.08
C LEU J 52 26.14 -26.84 27.55
N LYS J 53 25.40 -26.63 26.48
CA LYS J 53 25.01 -25.29 26.07
C LYS J 53 23.54 -25.14 26.38
N MET J 54 23.13 -23.91 26.67
CA MET J 54 21.82 -23.60 27.20
C MET J 54 21.29 -22.34 26.62
N LEU J 55 20.07 -22.37 26.08
CA LEU J 55 19.49 -21.21 25.36
C LEU J 55 18.00 -21.05 25.58
N GLN J 56 17.58 -19.81 25.81
CA GLN J 56 16.18 -19.50 25.99
C GLN J 56 15.47 -19.88 24.69
N ASP J 57 14.46 -20.75 24.78
CA ASP J 57 13.72 -21.21 23.60
C ASP J 57 13.20 -20.02 22.86
N CYS J 58 13.06 -20.18 21.56
CA CYS J 58 12.63 -19.14 20.64
C CYS J 58 12.95 -19.74 19.29
N PRO J 59 12.41 -19.16 18.19
CA PRO J 59 12.65 -19.85 16.90
C PRO J 59 14.15 -19.84 16.47
N LYS J 60 14.93 -18.86 16.96
CA LYS J 60 16.38 -18.80 16.73
C LYS J 60 17.12 -19.98 17.33
N ALA J 61 16.80 -20.27 18.59
CA ALA J 61 17.39 -21.39 19.28
C ALA J 61 16.89 -22.66 18.67
N ARG J 62 15.64 -22.65 18.21
CA ARG J 62 15.04 -23.82 17.57
C ARG J 62 15.76 -24.16 16.24
N ARG J 63 16.13 -23.11 15.52
CA ARG J 63 16.92 -23.18 14.31
C ARG J 63 18.32 -23.76 14.59
N GLU J 64 19.03 -23.10 15.49
CA GLU J 64 20.35 -23.50 15.82
C GLU J 64 20.47 -24.97 16.18
N VAL J 65 19.49 -25.48 16.92
CA VAL J 65 19.56 -26.85 17.33
C VAL J 65 19.35 -27.76 16.14
N GLU J 66 18.35 -27.47 15.32
CA GLU J 66 18.00 -28.31 14.19
C GLU J 66 19.20 -28.36 13.28
N LEU J 67 19.78 -27.17 13.05
CA LEU J 67 20.91 -27.09 12.13
C LEU J 67 22.10 -27.85 12.69
N HIS J 68 22.54 -27.47 13.89
CA HIS J 68 23.59 -28.20 14.53
C HIS J 68 23.28 -29.73 14.52
N TRP J 69 22.05 -30.14 14.80
CA TRP J 69 21.82 -31.57 14.83
C TRP J 69 22.08 -32.22 13.45
N ARG J 70 21.62 -31.58 12.38
CA ARG J 70 21.88 -32.12 11.04
C ARG J 70 23.40 -32.23 10.82
N ALA J 71 24.13 -31.15 11.11
CA ALA J 71 25.56 -31.17 10.99
C ALA J 71 26.27 -32.23 11.84
N SER J 72 25.66 -32.63 12.95
CA SER J 72 26.33 -33.46 13.93
C SER J 72 26.92 -34.74 13.40
N GLN J 73 26.67 -35.02 12.14
CA GLN J 73 27.01 -36.31 11.56
C GLN J 73 28.40 -36.25 10.99
N CYS J 74 28.79 -35.09 10.49
CA CYS J 74 30.15 -34.89 10.05
C CYS J 74 31.07 -35.21 11.21
N PRO J 75 32.01 -36.14 11.00
CA PRO J 75 33.09 -36.44 11.93
C PRO J 75 33.82 -35.18 12.41
N HIS J 76 33.84 -34.13 11.58
CA HIS J 76 34.57 -32.90 11.94
C HIS J 76 33.72 -31.78 12.51
N ILE J 77 32.58 -32.14 13.07
CA ILE J 77 31.69 -31.17 13.73
C ILE J 77 31.28 -31.70 15.11
N VAL J 78 31.37 -30.85 16.13
CA VAL J 78 31.04 -31.29 17.50
C VAL J 78 29.70 -32.00 17.51
N ARG J 79 29.70 -33.25 17.97
CA ARG J 79 28.46 -34.04 18.16
C ARG J 79 27.43 -33.51 19.17
N ILE J 80 26.17 -33.59 18.79
CA ILE J 80 25.11 -33.32 19.71
C ILE J 80 24.65 -34.67 20.17
N VAL J 81 24.69 -34.85 21.49
CA VAL J 81 24.32 -36.09 22.16
C VAL J 81 22.85 -36.10 22.65
N ASP J 82 22.40 -35.02 23.27
CA ASP J 82 21.01 -34.93 23.70
C ASP J 82 20.50 -33.54 23.65
N VAL J 83 19.21 -33.40 23.38
CA VAL J 83 18.61 -32.08 23.43
C VAL J 83 17.43 -32.17 24.35
N TYR J 84 17.27 -31.14 25.16
CA TYR J 84 16.42 -31.16 26.31
C TYR J 84 15.53 -29.93 26.35
N GLU J 85 14.24 -30.08 26.07
CA GLU J 85 13.33 -29.03 26.48
C GLU J 85 13.00 -29.21 27.95
N ASN J 86 13.31 -28.16 28.72
CA ASN J 86 13.19 -28.14 30.17
C ASN J 86 12.76 -26.74 30.57
N LEU J 87 12.79 -26.52 31.88
CA LEU J 87 12.22 -25.33 32.48
C LEU J 87 13.17 -24.84 33.57
N TYR J 88 13.65 -23.61 33.37
CA TYR J 88 14.63 -22.99 34.25
C TYR J 88 14.19 -21.54 34.46
N ALA J 89 14.09 -21.14 35.74
CA ALA J 89 13.47 -19.87 36.15
C ALA J 89 12.15 -19.64 35.39
N GLY J 90 11.25 -20.62 35.48
CA GLY J 90 9.94 -20.57 34.82
C GLY J 90 9.97 -20.07 33.38
N ARG J 91 11.15 -20.15 32.78
CA ARG J 91 11.30 -19.78 31.37
C ARG J 91 11.57 -21.02 30.52
N LYS J 92 10.99 -21.04 29.30
CA LYS J 92 11.19 -22.13 28.30
C LYS J 92 12.67 -22.34 27.91
N CYS J 93 13.11 -23.59 27.87
CA CYS J 93 14.54 -23.87 27.74
C CYS J 93 15.02 -25.07 26.94
N LEU J 94 15.87 -24.75 25.95
CA LEU J 94 16.58 -25.75 25.15
C LEU J 94 18.00 -25.92 25.63
N LEU J 95 18.31 -27.16 26.00
CA LEU J 95 19.54 -27.47 26.67
C LEU J 95 20.22 -28.52 25.86
N ILE J 96 21.26 -28.12 25.15
CA ILE J 96 21.97 -29.04 24.30
C ILE J 96 23.11 -29.72 25.05
N VAL J 97 23.22 -31.05 24.89
CA VAL J 97 24.30 -31.85 25.46
C VAL J 97 25.30 -32.27 24.37
N MET J 98 26.37 -31.50 24.24
CA MET J 98 27.42 -31.81 23.27
C MET J 98 28.43 -32.75 23.87
N GLU J 99 28.97 -33.64 23.05
CA GLU J 99 30.14 -34.41 23.41
C GLU J 99 31.19 -33.44 23.90
N CYS J 100 32.21 -33.97 24.55
CA CYS J 100 33.19 -33.12 25.20
C CYS J 100 34.60 -33.11 24.60
N LEU J 101 35.09 -31.89 24.35
CA LEU J 101 36.44 -31.69 23.81
C LEU J 101 37.26 -30.79 24.74
N ASP J 102 38.27 -31.38 25.38
CA ASP J 102 39.16 -30.53 26.15
C ASP J 102 40.49 -30.22 25.48
N GLY J 103 40.93 -31.06 24.52
CA GLY J 103 42.09 -30.79 23.68
C GLY J 103 42.52 -29.35 23.35
N GLY J 104 41.62 -28.38 23.45
CA GLY J 104 42.00 -26.98 23.32
C GLY J 104 41.76 -26.43 21.94
N GLU J 105 41.66 -25.11 21.86
CA GLU J 105 41.55 -24.41 20.57
C GLU J 105 42.71 -24.63 19.60
N LEU J 106 42.42 -24.55 18.29
CA LEU J 106 43.36 -24.89 17.24
C LEU J 106 44.73 -24.26 17.45
N PHE J 107 44.74 -22.95 17.72
CA PHE J 107 45.98 -22.19 17.84
C PHE J 107 46.64 -22.31 19.21
N SER J 108 45.85 -22.63 20.24
CA SER J 108 46.44 -23.07 21.51
C SER J 108 47.30 -24.28 21.22
N ARG J 109 46.68 -25.42 20.90
CA ARG J 109 47.42 -26.68 20.74
C ARG J 109 48.67 -26.62 19.83
N ILE J 110 48.76 -25.60 18.97
CA ILE J 110 49.92 -25.47 18.08
C ILE J 110 51.00 -24.54 18.63
N GLN J 111 50.62 -23.55 19.44
CA GLN J 111 51.59 -22.58 19.98
C GLN J 111 52.50 -23.07 21.13
N ASP J 112 53.35 -24.07 20.84
CA ASP J 112 54.32 -24.67 21.80
C ASP J 112 55.05 -25.95 21.31
N ARG J 113 56.29 -26.13 21.79
CA ARG J 113 57.20 -27.28 21.53
C ARG J 113 58.66 -26.93 21.85
N ALA J 117 58.19 -29.02 15.49
CA ALA J 117 58.20 -28.45 14.12
C ALA J 117 56.86 -28.55 13.39
N PHE J 118 56.20 -27.39 13.25
CA PHE J 118 54.95 -27.26 12.49
C PHE J 118 55.24 -27.14 10.98
N THR J 119 54.90 -28.18 10.24
CA THR J 119 55.19 -28.22 8.81
C THR J 119 53.97 -27.88 7.91
N GLU J 120 54.27 -27.41 6.68
CA GLU J 120 53.24 -27.15 5.66
C GLU J 120 52.32 -28.36 5.54
N ARG J 121 52.90 -29.55 5.54
CA ARG J 121 52.14 -30.80 5.59
C ARG J 121 51.12 -30.80 6.72
N GLU J 122 51.55 -30.54 7.95
CA GLU J 122 50.59 -30.49 9.06
C GLU J 122 49.51 -29.44 8.77
N ALA J 123 49.94 -28.22 8.42
CA ALA J 123 49.03 -27.12 8.08
C ALA J 123 48.01 -27.54 7.05
N SER J 124 48.46 -28.25 6.02
CA SER J 124 47.53 -28.77 5.04
C SER J 124 46.57 -29.77 5.67
N GLU J 125 47.09 -30.74 6.40
CA GLU J 125 46.22 -31.72 7.01
C GLU J 125 45.18 -31.10 7.92
N ILE J 126 45.56 -30.03 8.63
CA ILE J 126 44.57 -29.30 9.38
C ILE J 126 43.54 -28.86 8.38
N MET J 127 43.91 -28.01 7.42
CA MET J 127 42.95 -27.40 6.51
C MET J 127 41.99 -28.45 5.96
N LYS J 128 42.50 -29.61 5.58
CA LYS J 128 41.64 -30.62 5.01
C LYS J 128 40.48 -30.81 5.95
N SER J 129 40.79 -30.99 7.22
CA SER J 129 39.77 -31.37 8.13
C SER J 129 38.85 -30.19 8.38
N ILE J 130 39.38 -28.99 8.55
CA ILE J 130 38.45 -27.86 8.63
C ILE J 130 37.51 -27.87 7.41
N GLY J 131 38.11 -28.09 6.24
CA GLY J 131 37.44 -28.25 4.98
C GLY J 131 36.36 -29.30 4.96
N GLU J 132 36.68 -30.53 5.33
CA GLU J 132 35.70 -31.63 5.30
C GLU J 132 34.43 -31.19 6.01
N ALA J 133 34.59 -30.28 6.96
CA ALA J 133 33.49 -29.83 7.77
C ALA J 133 32.62 -28.80 7.05
N ILE J 134 33.23 -27.80 6.43
CA ILE J 134 32.46 -26.86 5.59
C ILE J 134 31.84 -27.62 4.39
N GLN J 135 32.55 -28.61 3.84
CA GLN J 135 31.97 -29.29 2.73
C GLN J 135 30.63 -29.89 3.18
N TYR J 136 30.68 -30.63 4.29
CA TYR J 136 29.48 -31.26 4.77
C TYR J 136 28.34 -30.23 4.90
N LEU J 137 28.61 -29.15 5.62
CA LEU J 137 27.64 -28.08 5.79
C LEU J 137 27.08 -27.63 4.46
N HIS J 138 27.95 -27.15 3.57
CA HIS J 138 27.49 -26.65 2.28
C HIS J 138 26.75 -27.68 1.50
N SER J 139 27.19 -28.93 1.53
CA SER J 139 26.44 -29.96 0.81
C SER J 139 25.08 -30.29 1.43
N ILE J 140 24.78 -29.80 2.63
CA ILE J 140 23.43 -29.96 3.15
C ILE J 140 22.79 -28.59 3.32
N ASN J 141 23.31 -27.67 2.54
CA ASN J 141 22.80 -26.32 2.51
C ASN J 141 22.78 -25.57 3.81
N ILE J 142 23.88 -25.61 4.55
CA ILE J 142 24.05 -24.73 5.67
C ILE J 142 25.35 -23.97 5.50
N ALA J 143 25.29 -22.70 5.89
CA ALA J 143 26.46 -21.86 6.02
C ALA J 143 26.69 -21.70 7.51
N HIS J 144 27.94 -21.81 7.96
CA HIS J 144 28.25 -21.71 9.36
C HIS J 144 28.26 -20.26 9.82
N ARG J 145 28.82 -19.38 8.99
CA ARG J 145 28.79 -17.91 9.16
C ARG J 145 29.59 -17.28 10.30
N ASP J 146 30.35 -18.11 11.01
CA ASP J 146 31.19 -17.65 12.09
C ASP J 146 32.35 -18.64 12.27
N VAL J 147 33.10 -18.89 11.19
CA VAL J 147 34.25 -19.79 11.26
C VAL J 147 35.46 -18.98 11.63
N LYS J 148 35.64 -18.77 12.92
CA LYS J 148 36.82 -18.12 13.46
C LYS J 148 37.58 -19.21 14.14
N PRO J 149 38.90 -19.06 14.29
CA PRO J 149 39.77 -19.88 15.12
C PRO J 149 39.13 -20.30 16.47
N GLU J 150 38.55 -19.35 17.18
CA GLU J 150 37.90 -19.67 18.46
C GLU J 150 36.99 -20.93 18.47
N ASN J 151 36.28 -21.22 17.37
CA ASN J 151 35.37 -22.38 17.30
C ASN J 151 35.96 -23.63 16.72
N LEU J 152 37.27 -23.70 16.59
CA LEU J 152 37.87 -24.95 16.14
C LEU J 152 38.58 -25.65 17.27
N LEU J 153 38.21 -26.90 17.55
CA LEU J 153 38.66 -27.59 18.76
C LEU J 153 39.20 -28.97 18.52
N TYR J 154 40.11 -29.38 19.40
CA TYR J 154 40.63 -30.71 19.37
C TYR J 154 39.88 -31.56 20.37
N THR J 155 39.61 -32.81 20.01
CA THR J 155 38.82 -33.69 20.85
C THR J 155 39.48 -33.94 22.20
N SER J 156 40.79 -34.22 22.17
CA SER J 156 41.61 -34.53 23.37
C SER J 156 43.01 -33.88 23.32
N LYS J 157 43.91 -34.34 24.20
CA LYS J 157 45.30 -33.88 24.19
C LYS J 157 46.23 -34.89 23.52
N ARG J 158 45.65 -36.04 23.19
CA ARG J 158 46.28 -37.11 22.38
C ARG J 158 46.95 -36.60 21.09
N PRO J 159 47.89 -37.37 20.54
CA PRO J 159 48.35 -36.92 19.22
C PRO J 159 47.42 -37.49 18.14
N ASN J 160 46.69 -38.52 18.50
CA ASN J 160 45.68 -39.07 17.64
C ASN J 160 44.45 -38.16 17.59
N ALA J 161 44.56 -36.96 18.16
CA ALA J 161 43.40 -36.09 18.37
C ALA J 161 42.70 -35.62 17.08
N ILE J 162 41.48 -35.12 17.24
CA ILE J 162 40.63 -34.76 16.10
C ILE J 162 40.08 -33.37 16.28
N LEU J 163 40.18 -32.59 15.21
CA LEU J 163 39.76 -31.19 15.22
C LEU J 163 38.32 -31.08 14.72
N LYS J 164 37.53 -30.27 15.38
CA LYS J 164 36.11 -30.24 15.11
C LYS J 164 35.63 -28.81 15.19
N LEU J 165 34.56 -28.51 14.47
CA LEU J 165 34.09 -27.14 14.42
C LEU J 165 32.82 -27.01 15.26
N THR J 166 32.69 -25.89 15.96
CA THR J 166 31.61 -25.73 16.92
C THR J 166 30.78 -24.47 16.67
N ASP J 167 29.82 -24.22 17.57
CA ASP J 167 28.96 -23.02 17.63
C ASP J 167 28.04 -22.79 16.43
N PHE J 168 26.87 -23.43 16.42
CA PHE J 168 25.95 -23.24 15.31
C PHE J 168 24.97 -22.07 15.45
N GLY J 169 25.36 -21.08 16.24
CA GLY J 169 24.49 -19.98 16.56
C GLY J 169 24.47 -18.91 15.51
N PHE J 170 25.20 -19.11 14.42
CA PHE J 170 25.15 -18.15 13.34
C PHE J 170 24.62 -18.79 12.08
N ALA J 171 24.62 -20.11 12.06
CA ALA J 171 24.27 -20.86 10.88
C ALA J 171 22.88 -20.55 10.30
N LYS J 172 22.81 -20.25 8.99
CA LYS J 172 21.54 -20.20 8.23
C LYS J 172 21.46 -21.29 7.18
N GLU J 173 20.24 -21.65 6.77
CA GLU J 173 20.15 -22.50 5.60
C GLU J 173 19.91 -21.71 4.34
N THR J 174 19.99 -22.39 3.20
CA THR J 174 19.90 -21.72 1.93
C THR J 174 18.76 -22.29 1.10
N THR J 175 17.52 -22.06 1.56
CA THR J 175 16.32 -22.86 1.22
C THR J 175 16.73 -24.25 0.79
N SER J 176 16.56 -25.22 1.69
CA SER J 176 16.72 -26.66 1.38
C SER J 176 15.53 -27.20 0.55
N HIS J 177 14.32 -27.07 1.13
CA HIS J 177 13.03 -27.57 0.58
C HIS J 177 12.81 -27.35 -0.93
N PRO J 187 16.34 -32.49 -14.62
CA PRO J 187 16.95 -32.53 -15.96
C PRO J 187 18.48 -32.24 -15.92
N TYR J 188 19.24 -33.22 -16.41
CA TYR J 188 20.71 -33.31 -16.23
C TYR J 188 21.63 -32.13 -16.67
N TYR J 189 21.09 -31.22 -17.45
CA TYR J 189 21.86 -30.11 -17.98
C TYR J 189 21.50 -28.77 -17.35
N VAL J 190 20.46 -28.73 -16.52
CA VAL J 190 20.12 -27.52 -15.80
C VAL J 190 21.32 -26.85 -15.05
N ALA J 191 21.50 -25.56 -15.25
CA ALA J 191 22.46 -24.75 -14.47
C ALA J 191 22.10 -24.71 -12.98
N PRO J 192 23.11 -24.53 -12.11
CA PRO J 192 22.96 -24.33 -10.66
C PRO J 192 21.97 -23.22 -10.24
N GLU J 193 21.98 -22.11 -10.97
CA GLU J 193 21.14 -20.96 -10.67
C GLU J 193 19.67 -21.26 -10.89
N VAL J 194 19.37 -22.10 -11.89
CA VAL J 194 18.00 -22.40 -12.33
C VAL J 194 17.31 -23.20 -11.28
N LEU J 195 18.07 -23.96 -10.50
CA LEU J 195 17.49 -24.65 -9.38
C LEU J 195 17.97 -24.12 -8.08
N GLY J 196 17.20 -23.18 -7.57
CA GLY J 196 17.47 -22.66 -6.25
C GLY J 196 18.01 -21.26 -6.32
N PRO J 197 17.36 -20.32 -5.58
CA PRO J 197 17.81 -18.92 -5.57
C PRO J 197 19.16 -18.80 -4.83
N GLU J 198 19.16 -19.13 -3.54
CA GLU J 198 20.40 -19.22 -2.74
C GLU J 198 21.25 -17.95 -2.72
N LYS J 199 21.36 -17.35 -1.54
CA LYS J 199 21.96 -16.00 -1.34
C LYS J 199 23.49 -15.96 -1.52
N TYR J 200 24.20 -15.41 -0.52
CA TYR J 200 25.67 -15.33 -0.58
C TYR J 200 26.30 -15.76 0.76
N ASP J 201 25.42 -15.91 1.75
CA ASP J 201 25.74 -16.54 3.03
C ASP J 201 26.86 -17.59 2.92
N LYS J 202 26.89 -18.36 1.86
CA LYS J 202 27.82 -19.50 1.73
C LYS J 202 29.29 -19.13 1.56
N SER J 203 29.55 -18.12 0.75
CA SER J 203 30.90 -17.77 0.38
C SER J 203 31.69 -17.04 1.46
N CYS J 204 31.05 -16.65 2.55
CA CYS J 204 31.84 -16.02 3.59
C CYS J 204 32.50 -17.05 4.50
N ASP J 205 31.97 -18.28 4.51
CA ASP J 205 32.71 -19.43 5.09
C ASP J 205 34.07 -19.61 4.44
N MET J 206 34.12 -19.36 3.14
CA MET J 206 35.34 -19.53 2.39
C MET J 206 36.29 -18.42 2.69
N TRP J 207 35.79 -17.20 2.80
CA TRP J 207 36.65 -16.11 3.23
C TRP J 207 37.30 -16.50 4.55
N SER J 208 36.48 -16.94 5.50
CA SER J 208 36.99 -17.44 6.78
C SER J 208 38.07 -18.49 6.62
N LEU J 209 37.80 -19.51 5.82
CA LEU J 209 38.79 -20.52 5.51
C LEU J 209 40.15 -19.93 5.21
N GLY J 210 40.17 -18.90 4.39
CA GLY J 210 41.39 -18.26 4.00
C GLY J 210 42.04 -17.51 5.16
N VAL J 211 41.27 -16.67 5.84
CA VAL J 211 41.83 -15.98 6.97
C VAL J 211 42.52 -17.01 7.86
N ILE J 212 41.83 -18.10 8.20
CA ILE J 212 42.43 -19.13 9.03
C ILE J 212 43.65 -19.71 8.38
N MET J 213 43.52 -20.05 7.10
CA MET J 213 44.62 -20.66 6.35
C MET J 213 45.88 -19.76 6.39
N TYR J 214 45.69 -18.47 6.21
CA TYR J 214 46.79 -17.54 6.28
C TYR J 214 47.54 -17.65 7.64
N ILE J 215 46.87 -17.32 8.74
CA ILE J 215 47.44 -17.39 10.08
C ILE J 215 48.15 -18.74 10.28
N LEU J 216 47.46 -19.79 9.89
CA LEU J 216 47.97 -21.13 10.07
C LEU J 216 49.33 -21.36 9.40
N LEU J 217 49.69 -20.53 8.42
CA LEU J 217 50.98 -20.71 7.72
C LEU J 217 52.02 -19.70 8.15
N CYS J 218 51.59 -18.60 8.77
CA CYS J 218 52.54 -17.59 9.22
C CYS J 218 52.48 -17.18 10.71
N GLY J 219 51.29 -17.12 11.28
CA GLY J 219 51.15 -16.93 12.72
C GLY J 219 50.47 -15.63 13.09
N TYR J 220 50.05 -14.89 12.09
CA TYR J 220 49.32 -13.64 12.33
C TYR J 220 48.30 -13.48 11.22
N PRO J 221 47.33 -12.59 11.42
CA PRO J 221 46.21 -12.55 10.51
C PRO J 221 46.46 -11.62 9.34
N PRO J 222 45.85 -11.88 8.18
CA PRO J 222 46.18 -10.97 7.10
C PRO J 222 45.69 -9.53 7.23
N PHE J 223 44.78 -9.23 8.15
CA PHE J 223 44.33 -7.84 8.28
C PHE J 223 44.30 -7.40 9.74
N TYR J 224 44.70 -6.15 10.02
CA TYR J 224 44.55 -5.59 11.38
C TYR J 224 44.59 -4.06 11.57
N SER J 225 44.09 -3.63 12.75
CA SER J 225 43.84 -2.22 13.19
C SER J 225 44.87 -1.12 12.82
N ASN J 226 46.13 -1.35 13.23
CA ASN J 226 47.25 -0.54 12.76
C ASN J 226 47.02 0.96 12.95
N PRO J 233 39.12 0.38 11.89
CA PRO J 233 38.94 1.67 11.16
C PRO J 233 39.65 1.69 9.80
N GLY J 234 40.97 1.91 9.79
CA GLY J 234 41.81 1.65 8.59
C GLY J 234 41.94 0.16 8.24
N MET J 235 41.77 -0.72 9.23
CA MET J 235 41.60 -2.16 8.97
C MET J 235 40.37 -2.44 8.11
N LYS J 236 39.24 -1.86 8.49
CA LYS J 236 38.05 -1.97 7.67
C LYS J 236 38.49 -1.79 6.22
N THR J 237 39.03 -0.62 5.87
CA THR J 237 39.39 -0.37 4.48
C THR J 237 40.22 -1.49 3.85
N ARG J 238 41.27 -1.90 4.55
CA ARG J 238 42.20 -2.90 4.04
C ARG J 238 41.53 -4.22 3.73
N ILE J 239 40.48 -4.54 4.44
CA ILE J 239 39.71 -5.73 4.13
C ILE J 239 38.85 -5.56 2.88
N ARG J 240 38.33 -4.34 2.67
CA ARG J 240 37.44 -4.04 1.54
C ARG J 240 38.26 -4.09 0.27
N MET J 241 39.43 -3.48 0.36
CA MET J 241 40.38 -3.43 -0.71
C MET J 241 41.08 -4.77 -0.94
N GLY J 242 41.17 -5.61 0.09
CA GLY J 242 41.97 -6.80 -0.02
C GLY J 242 43.45 -6.45 -0.04
N GLN J 243 43.82 -5.43 0.73
CA GLN J 243 45.22 -5.13 0.95
C GLN J 243 45.77 -6.03 2.00
N TYR J 244 46.48 -7.07 1.58
CA TYR J 244 47.25 -7.86 2.53
C TYR J 244 48.52 -8.18 1.79
N GLU J 245 49.53 -8.65 2.49
CA GLU J 245 50.74 -9.09 1.81
C GLU J 245 51.32 -10.40 2.41
N PHE J 246 52.38 -10.95 1.80
CA PHE J 246 53.05 -12.17 2.29
C PHE J 246 54.49 -11.82 2.72
N PRO J 247 54.66 -11.18 3.88
CA PRO J 247 56.04 -10.75 4.13
C PRO J 247 56.97 -11.90 4.47
N ASN J 248 58.25 -11.71 4.17
CA ASN J 248 59.29 -12.55 4.77
C ASN J 248 59.64 -11.97 6.14
N PRO J 249 60.23 -12.76 7.03
CA PRO J 249 60.77 -14.11 6.96
C PRO J 249 59.75 -15.20 6.67
N GLU J 250 58.57 -15.10 7.29
CA GLU J 250 57.64 -16.23 7.36
C GLU J 250 57.23 -16.85 6.02
N TRP J 251 56.92 -16.01 5.04
CA TRP J 251 56.32 -16.46 3.77
C TRP J 251 57.26 -16.88 2.63
N SER J 252 58.50 -16.42 2.71
CA SER J 252 59.48 -16.66 1.64
C SER J 252 59.75 -18.12 1.23
N GLU J 253 59.46 -19.08 2.09
CA GLU J 253 59.68 -20.50 1.78
C GLU J 253 58.42 -21.22 1.30
N VAL J 254 57.33 -20.44 1.25
CA VAL J 254 56.01 -20.99 0.94
C VAL J 254 55.78 -20.99 -0.57
N SER J 255 55.33 -22.13 -1.11
CA SER J 255 54.98 -22.22 -2.55
C SER J 255 54.10 -21.09 -3.07
N GLU J 256 54.36 -20.69 -4.31
CA GLU J 256 53.38 -19.91 -5.05
C GLU J 256 51.95 -20.53 -5.03
N GLU J 257 51.84 -21.85 -5.14
CA GLU J 257 50.52 -22.49 -5.23
C GLU J 257 49.68 -22.27 -3.95
N VAL J 258 50.32 -22.36 -2.79
CA VAL J 258 49.72 -22.03 -1.50
C VAL J 258 49.33 -20.53 -1.39
N LYS J 259 50.19 -19.65 -1.88
CA LYS J 259 49.89 -18.24 -1.84
C LYS J 259 48.67 -17.95 -2.70
N MET J 260 48.53 -18.74 -3.77
CA MET J 260 47.57 -18.49 -4.80
C MET J 260 46.21 -18.94 -4.32
N LEU J 261 46.20 -20.08 -3.62
CA LEU J 261 45.00 -20.64 -3.01
C LEU J 261 44.46 -19.64 -1.98
N ILE J 262 45.35 -18.97 -1.26
CA ILE J 262 44.92 -17.92 -0.36
C ILE J 262 44.39 -16.78 -1.19
N ARG J 263 45.08 -16.40 -2.26
CA ARG J 263 44.56 -15.33 -3.10
C ARG J 263 43.14 -15.64 -3.60
N ASN J 264 42.89 -16.88 -4.03
CA ASN J 264 41.53 -17.22 -4.37
C ASN J 264 40.50 -17.29 -3.23
N LEU J 265 40.94 -17.42 -2.00
CA LEU J 265 39.97 -17.53 -0.92
C LEU J 265 39.63 -16.13 -0.51
N LEU J 266 40.64 -15.26 -0.48
CA LEU J 266 40.45 -13.94 0.03
C LEU J 266 39.96 -12.96 -0.99
N LYS J 267 39.38 -13.46 -2.07
CA LYS J 267 38.80 -12.60 -3.09
C LYS J 267 37.80 -11.63 -2.42
N THR J 268 37.81 -10.35 -2.77
CA THR J 268 36.83 -9.49 -2.12
C THR J 268 35.45 -9.75 -2.71
N GLU J 269 35.36 -9.95 -4.02
CA GLU J 269 34.07 -10.30 -4.63
C GLU J 269 33.57 -11.68 -4.22
N PRO J 270 32.53 -11.74 -3.36
CA PRO J 270 32.00 -13.00 -2.91
C PRO J 270 31.84 -14.02 -4.03
N THR J 271 31.33 -13.60 -5.18
CA THR J 271 31.14 -14.54 -6.29
C THR J 271 32.47 -14.94 -6.97
N GLN J 272 33.56 -14.16 -6.78
CA GLN J 272 34.89 -14.49 -7.29
C GLN J 272 35.49 -15.69 -6.54
N ARG J 273 35.07 -15.93 -5.30
CA ARG J 273 35.76 -16.86 -4.37
C ARG J 273 35.66 -18.32 -4.75
N MET J 274 36.64 -19.13 -4.38
CA MET J 274 36.46 -20.57 -4.69
C MET J 274 35.47 -21.22 -3.76
N THR J 275 34.93 -22.32 -4.20
CA THR J 275 33.95 -23.02 -3.43
C THR J 275 34.63 -24.09 -2.60
N ILE J 276 33.89 -24.76 -1.73
CA ILE J 276 34.49 -25.86 -0.99
C ILE J 276 34.97 -26.97 -1.93
N THR J 277 34.13 -27.35 -2.89
CA THR J 277 34.50 -28.40 -3.83
C THR J 277 35.89 -28.08 -4.42
N GLU J 278 36.06 -26.88 -4.98
CA GLU J 278 37.38 -26.46 -5.48
C GLU J 278 38.48 -26.60 -4.43
N PHE J 279 38.23 -26.01 -3.25
CA PHE J 279 39.15 -26.16 -2.16
C PHE J 279 39.55 -27.64 -1.97
N MET J 280 38.56 -28.54 -1.92
CA MET J 280 38.82 -29.94 -1.63
C MET J 280 39.52 -30.64 -2.77
N ASN J 281 39.09 -30.41 -4.00
CA ASN J 281 39.76 -31.04 -5.12
C ASN J 281 41.13 -30.42 -5.49
N HIS J 282 41.52 -29.38 -4.78
CA HIS J 282 42.88 -28.81 -4.92
C HIS J 282 43.99 -29.79 -4.49
N PRO J 283 45.08 -29.91 -5.29
CA PRO J 283 46.30 -30.67 -4.98
C PRO J 283 46.79 -30.63 -3.55
N TRP J 284 46.87 -29.43 -3.00
CA TRP J 284 47.48 -29.20 -1.71
C TRP J 284 46.60 -29.73 -0.59
N ILE J 285 45.31 -29.91 -0.89
CA ILE J 285 44.38 -30.56 0.03
C ILE J 285 44.05 -32.05 -0.34
N MET J 286 43.78 -32.34 -1.62
CA MET J 286 43.55 -33.72 -2.04
C MET J 286 44.73 -34.53 -1.60
N GLN J 287 45.89 -34.17 -2.17
CA GLN J 287 47.13 -34.88 -1.97
C GLN J 287 47.77 -34.24 -0.75
N SER J 288 47.04 -34.31 0.36
CA SER J 288 47.35 -33.69 1.67
C SER J 288 48.70 -34.11 2.23
N THR J 289 48.92 -35.43 2.32
CA THR J 289 50.24 -35.94 2.71
C THR J 289 51.08 -36.33 1.49
N LYS J 290 51.90 -35.37 1.07
CA LYS J 290 52.69 -35.40 -0.16
C LYS J 290 52.98 -33.93 -0.48
N VAL J 291 52.54 -33.03 0.40
CA VAL J 291 53.02 -31.64 0.36
C VAL J 291 54.39 -31.51 1.08
N PRO J 292 55.27 -30.58 0.65
CA PRO J 292 56.60 -30.43 1.26
C PRO J 292 56.56 -30.23 2.78
N GLN J 293 57.40 -30.99 3.47
CA GLN J 293 57.53 -30.98 4.94
C GLN J 293 58.04 -29.62 5.49
N THR J 294 58.05 -28.59 4.64
CA THR J 294 58.63 -27.30 5.00
C THR J 294 58.16 -26.78 6.37
N PRO J 295 59.12 -26.30 7.19
CA PRO J 295 58.83 -25.71 8.49
C PRO J 295 58.23 -24.30 8.42
N LEU J 296 57.36 -23.95 9.35
CA LEU J 296 56.71 -22.63 9.37
C LEU J 296 56.91 -21.94 10.70
N HIS J 297 56.80 -20.62 10.70
CA HIS J 297 57.12 -19.79 11.85
C HIS J 297 55.91 -19.65 12.73
N THR J 298 54.88 -20.39 12.36
CA THR J 298 53.57 -20.30 12.97
C THR J 298 53.65 -20.50 14.48
N SER J 299 54.36 -21.54 14.89
CA SER J 299 54.50 -21.88 16.29
C SER J 299 55.12 -20.74 17.09
N ARG J 300 56.27 -20.22 16.65
CA ARG J 300 56.88 -19.11 17.38
C ARG J 300 56.01 -17.85 17.31
N VAL J 301 55.86 -17.26 16.12
CA VAL J 301 55.05 -16.05 15.94
C VAL J 301 53.83 -15.99 16.88
N LEU J 302 53.30 -17.17 17.21
CA LEU J 302 52.12 -17.21 18.04
C LEU J 302 52.45 -16.92 19.49
N LYS J 303 53.52 -17.55 20.00
CA LYS J 303 53.95 -17.31 21.37
C LYS J 303 54.27 -15.81 21.52
N GLU J 304 55.19 -15.31 20.69
CA GLU J 304 55.53 -13.90 20.65
C GLU J 304 54.34 -12.90 20.76
N ASP J 305 53.14 -13.30 20.36
CA ASP J 305 52.05 -12.32 20.20
C ASP J 305 50.86 -12.56 21.16
N LYS J 306 51.18 -12.86 22.42
CA LYS J 306 50.20 -13.08 23.52
C LYS J 306 49.00 -12.13 23.44
N GLU J 307 49.27 -10.81 23.53
CA GLU J 307 48.44 -9.75 22.90
C GLU J 307 46.95 -10.13 22.77
N ARG J 308 46.60 -10.71 21.61
CA ARG J 308 45.29 -11.35 21.35
C ARG J 308 44.87 -12.30 22.45
N PRO K 4 26.18 -25.51 41.83
CA PRO K 4 25.27 -24.38 42.01
C PRO K 4 24.17 -24.31 40.94
N GLN K 5 23.49 -25.43 40.72
CA GLN K 5 22.51 -25.59 39.64
C GLN K 5 21.42 -26.63 39.98
N PHE K 6 20.18 -26.17 40.07
CA PHE K 6 19.03 -27.01 40.48
C PHE K 6 17.69 -26.51 39.94
N HIS K 7 17.67 -25.26 39.45
CA HIS K 7 16.43 -24.57 39.06
C HIS K 7 15.70 -25.16 37.87
N VAL K 8 16.18 -26.29 37.38
CA VAL K 8 15.57 -26.89 36.22
C VAL K 8 14.61 -28.02 36.58
N LYS K 9 13.34 -27.84 36.18
CA LYS K 9 12.33 -28.88 36.22
C LYS K 9 11.85 -29.22 34.80
N SER K 10 11.33 -30.43 34.65
CA SER K 10 10.91 -31.03 33.39
C SER K 10 9.91 -30.22 32.55
N GLY K 11 10.11 -30.29 31.23
CA GLY K 11 9.21 -29.73 30.25
C GLY K 11 8.03 -30.67 30.01
N LEU K 12 7.18 -30.26 29.07
CA LEU K 12 5.91 -30.94 28.86
C LEU K 12 5.91 -31.96 27.71
N GLN K 13 5.86 -33.25 28.04
CA GLN K 13 5.82 -34.31 27.03
C GLN K 13 4.37 -34.71 26.79
N ILE K 14 3.75 -34.04 25.82
CA ILE K 14 2.43 -34.39 25.31
C ILE K 14 2.32 -35.87 24.93
N LYS K 15 1.21 -36.50 25.28
CA LYS K 15 1.00 -37.92 24.99
C LYS K 15 0.03 -38.07 23.83
N LYS K 16 0.41 -38.85 22.82
CA LYS K 16 -0.48 -39.07 21.68
C LYS K 16 -1.53 -40.16 21.95
N ASN K 17 -1.13 -41.24 22.61
CA ASN K 17 -2.01 -42.35 22.88
C ASN K 17 -3.35 -41.91 23.49
N ALA K 18 -4.41 -42.70 23.24
CA ALA K 18 -5.80 -42.34 23.58
C ALA K 18 -6.05 -42.12 25.07
N ILE K 19 -6.60 -40.98 25.43
CA ILE K 19 -6.74 -40.65 26.81
C ILE K 19 -7.43 -41.80 27.51
N ILE K 20 -8.35 -42.46 26.81
CA ILE K 20 -9.14 -43.55 27.39
C ILE K 20 -8.30 -44.79 27.71
N ASP K 21 -7.12 -44.91 27.08
CA ASP K 21 -6.15 -45.96 27.35
C ASP K 21 -6.01 -46.12 28.84
N ASP K 22 -5.80 -44.99 29.53
CA ASP K 22 -5.46 -45.00 30.95
C ASP K 22 -6.29 -44.10 31.85
N TYR K 23 -7.39 -43.56 31.34
CA TYR K 23 -8.32 -42.80 32.18
C TYR K 23 -9.78 -43.16 31.86
N LYS K 24 -10.65 -43.09 32.86
CA LYS K 24 -12.07 -43.35 32.66
C LYS K 24 -12.81 -42.03 32.53
N VAL K 25 -13.39 -41.78 31.37
CA VAL K 25 -14.02 -40.49 31.10
C VAL K 25 -15.49 -40.48 31.50
N THR K 26 -15.82 -39.84 32.63
CA THR K 26 -17.23 -39.85 33.07
C THR K 26 -18.05 -38.76 32.38
N SER K 27 -18.73 -37.95 33.20
CA SER K 27 -19.53 -36.80 32.77
C SER K 27 -20.11 -36.05 33.97
N GLN K 28 -19.56 -36.34 35.16
CA GLN K 28 -20.02 -35.66 36.37
C GLN K 28 -19.65 -34.17 36.31
N VAL K 29 -19.39 -33.68 35.09
CA VAL K 29 -19.22 -32.25 34.77
C VAL K 29 -18.99 -31.37 36.00
N LEU K 30 -17.72 -31.17 36.34
CA LEU K 30 -17.32 -30.48 37.58
C LEU K 30 -17.61 -28.98 37.59
N GLY K 31 -17.07 -28.29 36.58
CA GLY K 31 -17.10 -26.83 36.56
C GLY K 31 -17.26 -26.26 35.18
N LEU K 32 -18.50 -25.83 34.90
CA LEU K 32 -18.83 -24.95 33.77
C LEU K 32 -17.62 -24.03 33.53
N GLY K 33 -16.94 -24.23 32.39
CA GLY K 33 -15.75 -23.47 32.04
C GLY K 33 -16.00 -22.50 30.89
N ILE K 34 -15.12 -21.49 30.75
CA ILE K 34 -15.18 -20.53 29.62
C ILE K 34 -15.09 -21.25 28.27
N ASN K 35 -16.14 -21.10 27.47
CA ASN K 35 -16.46 -21.96 26.29
C ASN K 35 -17.46 -23.10 26.65
N GLY K 36 -17.17 -23.83 27.74
CA GLY K 36 -17.95 -25.03 28.11
C GLY K 36 -17.91 -25.59 29.55
N LYS K 37 -17.09 -26.64 29.75
CA LYS K 37 -17.07 -27.36 31.03
C LYS K 37 -15.80 -28.19 31.28
N VAL K 38 -15.65 -28.66 32.53
CA VAL K 38 -14.57 -29.55 32.93
C VAL K 38 -15.18 -30.85 33.47
N LEU K 39 -14.95 -31.95 32.76
CA LEU K 39 -15.54 -33.25 33.11
C LEU K 39 -14.67 -33.94 34.14
N GLN K 40 -15.30 -34.75 34.99
CA GLN K 40 -14.56 -35.53 35.98
C GLN K 40 -14.11 -36.87 35.41
N ILE K 41 -12.86 -37.25 35.69
CA ILE K 41 -12.30 -38.52 35.17
C ILE K 41 -11.55 -39.36 36.20
N PHE K 42 -11.34 -40.63 35.85
CA PHE K 42 -10.67 -41.55 36.74
C PHE K 42 -9.48 -42.24 36.10
N ASN K 43 -8.40 -42.33 36.85
CA ASN K 43 -7.27 -43.15 36.48
C ASN K 43 -7.72 -44.62 36.54
N LYS K 44 -7.54 -45.35 35.43
CA LYS K 44 -7.99 -46.76 35.30
C LYS K 44 -7.27 -47.75 36.21
N ARG K 45 -5.97 -47.53 36.46
CA ARG K 45 -5.18 -48.42 37.30
C ARG K 45 -5.22 -48.07 38.80
N THR K 46 -5.16 -46.76 39.15
CA THR K 46 -5.20 -46.30 40.56
C THR K 46 -6.58 -45.90 41.07
N GLN K 47 -7.60 -46.00 40.21
CA GLN K 47 -9.01 -45.72 40.60
C GLN K 47 -9.19 -44.27 41.09
N GLU K 48 -8.06 -43.57 41.22
CA GLU K 48 -7.95 -42.15 41.56
C GLU K 48 -8.89 -41.24 40.78
N LYS K 49 -8.69 -39.92 40.90
CA LYS K 49 -9.68 -38.96 40.46
C LYS K 49 -9.05 -37.66 39.94
N PHE K 50 -9.50 -37.19 38.77
CA PHE K 50 -8.91 -36.01 38.14
C PHE K 50 -9.94 -35.21 37.33
N ALA K 51 -9.50 -34.04 36.86
CA ALA K 51 -10.33 -33.16 36.07
C ALA K 51 -9.79 -33.01 34.65
N LEU K 52 -10.68 -33.06 33.66
CA LEU K 52 -10.34 -32.96 32.25
C LEU K 52 -10.92 -31.71 31.61
N LYS K 53 -10.07 -30.95 30.92
CA LYS K 53 -10.55 -29.86 30.08
C LYS K 53 -10.18 -30.22 28.68
N MET K 54 -11.13 -30.11 27.76
CA MET K 54 -10.90 -30.56 26.40
C MET K 54 -11.01 -29.46 25.39
N LEU K 55 -9.87 -29.04 24.83
CA LEU K 55 -9.87 -27.95 23.83
C LEU K 55 -9.60 -28.47 22.44
N GLN K 56 -10.25 -27.85 21.45
CA GLN K 56 -9.94 -28.17 20.08
C GLN K 56 -8.59 -27.54 19.76
N ASP K 57 -7.82 -28.14 18.85
CA ASP K 57 -6.47 -27.60 18.62
C ASP K 57 -6.46 -26.34 17.73
N CYS K 58 -5.52 -25.45 18.06
CA CYS K 58 -5.40 -24.11 17.46
C CYS K 58 -4.32 -23.38 18.26
N PRO K 59 -3.66 -22.36 17.66
CA PRO K 59 -2.63 -21.64 18.40
C PRO K 59 -3.03 -21.24 19.82
N LYS K 60 -4.17 -20.57 19.99
CA LYS K 60 -4.63 -20.16 21.34
C LYS K 60 -4.54 -21.28 22.39
N ALA K 61 -4.92 -22.50 21.98
CA ALA K 61 -4.84 -23.71 22.80
C ALA K 61 -3.41 -24.13 23.17
N ARG K 62 -2.50 -24.01 22.22
CA ARG K 62 -1.10 -24.38 22.43
C ARG K 62 -0.40 -23.43 23.42
N ARG K 63 -0.99 -22.23 23.53
CA ARG K 63 -0.58 -21.16 24.41
C ARG K 63 -1.14 -21.48 25.78
N GLU K 64 -2.47 -21.68 25.84
CA GLU K 64 -3.20 -21.88 27.09
C GLU K 64 -2.57 -22.99 27.88
N VAL K 65 -2.23 -24.06 27.18
CA VAL K 65 -1.51 -25.18 27.75
C VAL K 65 -0.18 -24.67 28.24
N GLU K 66 0.65 -24.29 27.28
CA GLU K 66 2.01 -23.82 27.48
C GLU K 66 2.15 -22.91 28.72
N LEU K 67 1.33 -21.87 28.79
CA LEU K 67 1.32 -21.03 29.99
C LEU K 67 1.01 -21.86 31.23
N HIS K 68 -0.16 -22.48 31.24
CA HIS K 68 -0.67 -23.20 32.39
C HIS K 68 0.39 -24.16 32.91
N TRP K 69 1.02 -24.88 31.99
CA TRP K 69 2.09 -25.79 32.37
C TRP K 69 3.23 -25.09 33.18
N ARG K 70 3.65 -23.91 32.73
CA ARG K 70 4.73 -23.18 33.40
C ARG K 70 4.26 -22.80 34.78
N ALA K 71 2.96 -22.56 34.90
CA ALA K 71 2.36 -22.16 36.17
C ALA K 71 2.25 -23.33 37.16
N SER K 72 2.22 -24.56 36.61
CA SER K 72 2.00 -25.75 37.42
C SER K 72 3.03 -25.99 38.51
N GLN K 73 4.21 -25.41 38.37
CA GLN K 73 5.24 -25.61 39.37
C GLN K 73 4.86 -25.00 40.73
N CYS K 74 4.05 -23.95 40.72
CA CYS K 74 3.66 -23.22 41.92
C CYS K 74 2.65 -24.01 42.80
N PRO K 75 2.86 -24.06 44.14
CA PRO K 75 1.89 -24.74 45.02
C PRO K 75 0.46 -24.17 45.05
N HIS K 76 0.24 -22.97 44.52
CA HIS K 76 -1.11 -22.33 44.57
C HIS K 76 -1.86 -22.20 43.25
N ILE K 77 -1.41 -22.98 42.25
CA ILE K 77 -2.06 -23.02 40.95
C ILE K 77 -2.40 -24.48 40.58
N VAL K 78 -3.60 -24.68 40.05
CA VAL K 78 -4.07 -26.03 39.79
C VAL K 78 -3.14 -26.76 38.86
N ARG K 79 -2.46 -27.77 39.41
CA ARG K 79 -1.44 -28.52 38.68
C ARG K 79 -1.96 -29.24 37.49
N ILE K 80 -1.20 -29.20 36.40
CA ILE K 80 -1.44 -30.04 35.24
C ILE K 80 -0.66 -31.31 35.38
N VAL K 81 -1.34 -32.41 35.10
CA VAL K 81 -0.82 -33.73 35.33
C VAL K 81 -0.40 -34.32 34.00
N ASP K 82 -1.30 -34.29 33.02
CA ASP K 82 -0.99 -34.82 31.71
C ASP K 82 -1.69 -34.03 30.65
N VAL K 83 -1.07 -33.95 29.49
CA VAL K 83 -1.72 -33.33 28.34
C VAL K 83 -1.71 -34.34 27.20
N TYR K 84 -2.88 -34.53 26.58
CA TYR K 84 -2.95 -35.43 25.43
C TYR K 84 -3.26 -34.67 24.17
N GLU K 85 -2.73 -35.21 23.08
CA GLU K 85 -3.13 -34.86 21.74
C GLU K 85 -3.95 -36.04 21.14
N ASN K 86 -5.27 -35.90 21.08
CA ASN K 86 -6.11 -36.94 20.54
C ASN K 86 -6.95 -36.49 19.36
N LEU K 87 -7.46 -37.48 18.65
CA LEU K 87 -8.38 -37.27 17.57
C LEU K 87 -9.75 -37.55 18.12
N TYR K 88 -10.66 -36.60 17.91
CA TYR K 88 -12.03 -36.70 18.41
C TYR K 88 -12.99 -36.24 17.34
N ALA K 89 -13.77 -37.19 16.81
CA ALA K 89 -14.56 -37.00 15.59
C ALA K 89 -13.69 -36.33 14.53
N GLY K 90 -12.66 -37.05 14.10
CA GLY K 90 -11.71 -36.56 13.11
C GLY K 90 -11.12 -35.17 13.34
N ARG K 91 -11.32 -34.60 14.54
CA ARG K 91 -10.73 -33.28 14.88
C ARG K 91 -9.56 -33.45 15.81
N LYS K 92 -8.46 -32.76 15.52
CA LYS K 92 -7.32 -32.72 16.44
C LYS K 92 -7.82 -32.14 17.75
N CYS K 93 -7.35 -32.68 18.87
CA CYS K 93 -7.75 -32.21 20.19
C CYS K 93 -6.69 -32.25 21.26
N LEU K 94 -6.60 -31.16 22.01
CA LEU K 94 -5.79 -31.13 23.21
C LEU K 94 -6.64 -31.46 24.42
N LEU K 95 -6.23 -32.47 25.18
CA LEU K 95 -6.96 -32.85 26.38
C LEU K 95 -6.09 -32.67 27.59
N ILE K 96 -6.42 -31.67 28.40
CA ILE K 96 -5.61 -31.35 29.57
C ILE K 96 -6.10 -32.01 30.85
N VAL K 97 -5.29 -32.89 31.39
CA VAL K 97 -5.64 -33.61 32.61
C VAL K 97 -5.09 -32.88 33.84
N MET K 98 -5.99 -32.39 34.69
CA MET K 98 -5.64 -31.59 35.86
C MET K 98 -5.85 -32.37 37.12
N GLU K 99 -5.21 -31.95 38.21
CA GLU K 99 -5.42 -32.52 39.54
C GLU K 99 -6.81 -32.15 40.01
N CYS K 100 -7.45 -33.03 40.78
CA CYS K 100 -8.84 -32.80 41.17
C CYS K 100 -8.96 -32.03 42.45
N LEU K 101 -9.69 -30.92 42.40
CA LEU K 101 -9.91 -30.11 43.57
C LEU K 101 -11.35 -30.22 43.99
N ASP K 102 -11.55 -30.57 45.26
CA ASP K 102 -12.90 -30.75 45.83
C ASP K 102 -13.36 -29.62 46.76
N GLY K 103 -12.60 -29.35 47.83
CA GLY K 103 -12.92 -28.37 48.86
C GLY K 103 -13.97 -27.33 48.53
N GLY K 104 -14.38 -27.28 47.26
CA GLY K 104 -15.37 -26.35 46.73
C GLY K 104 -14.74 -25.12 46.11
N GLU K 105 -15.56 -24.16 45.69
CA GLU K 105 -15.06 -22.83 45.35
C GLU K 105 -14.67 -22.07 46.60
N LEU K 106 -14.94 -20.76 46.56
CA LEU K 106 -14.64 -19.89 47.68
C LEU K 106 -15.85 -18.99 48.05
N PHE K 107 -16.86 -18.96 47.17
CA PHE K 107 -18.15 -18.32 47.45
C PHE K 107 -19.26 -19.32 47.79
N SER K 108 -18.81 -20.52 48.17
CA SER K 108 -19.64 -21.55 48.80
C SER K 108 -18.90 -21.93 50.07
N ARG K 109 -17.65 -22.38 49.92
CA ARG K 109 -16.81 -22.84 51.05
C ARG K 109 -16.60 -21.79 52.16
N ILE K 110 -16.94 -20.54 51.89
CA ILE K 110 -16.95 -19.50 52.93
C ILE K 110 -18.33 -19.27 53.59
N GLN K 111 -19.41 -19.25 52.78
CA GLN K 111 -20.80 -19.04 53.25
C GLN K 111 -20.98 -18.84 54.77
N ASP K 112 -21.48 -19.84 55.50
CA ASP K 112 -21.57 -19.83 57.00
C ASP K 112 -20.78 -21.00 57.59
N ARG K 113 -20.36 -20.95 58.87
CA ARG K 113 -19.22 -21.81 59.30
C ARG K 113 -19.20 -22.57 60.65
N GLY K 114 -20.31 -22.57 61.39
CA GLY K 114 -20.35 -23.20 62.72
C GLY K 114 -21.31 -22.48 63.67
N ASP K 115 -20.98 -21.21 63.97
CA ASP K 115 -21.93 -20.22 64.54
C ASP K 115 -22.16 -19.04 63.55
N GLN K 116 -21.14 -18.17 63.38
CA GLN K 116 -20.97 -17.18 62.27
C GLN K 116 -19.57 -16.50 62.28
N ALA K 117 -18.55 -17.21 62.82
CA ALA K 117 -17.23 -16.60 63.13
C ALA K 117 -16.07 -16.87 62.14
N PHE K 118 -16.23 -16.42 60.90
CA PHE K 118 -15.11 -16.26 59.96
C PHE K 118 -14.41 -14.92 60.25
N THR K 119 -13.14 -14.96 60.62
CA THR K 119 -12.49 -13.76 61.17
C THR K 119 -11.64 -13.00 60.15
N GLU K 120 -11.26 -11.78 60.55
CA GLU K 120 -10.38 -10.91 59.79
C GLU K 120 -9.10 -11.65 59.48
N ARG K 121 -8.55 -12.31 60.49
CA ARG K 121 -7.27 -13.01 60.41
C ARG K 121 -7.24 -14.21 59.44
N GLU K 122 -8.38 -14.85 59.20
CA GLU K 122 -8.48 -15.85 58.12
C GLU K 122 -8.57 -15.22 56.72
N ALA K 123 -9.05 -13.97 56.64
CA ALA K 123 -9.01 -13.20 55.39
C ALA K 123 -7.57 -13.09 54.85
N SER K 124 -6.70 -12.46 55.63
CA SER K 124 -5.30 -12.24 55.27
C SER K 124 -4.45 -13.49 54.96
N GLU K 125 -4.89 -14.67 55.41
CA GLU K 125 -4.24 -15.92 55.03
C GLU K 125 -4.74 -16.29 53.64
N ILE K 126 -6.05 -16.11 53.44
CA ILE K 126 -6.66 -16.35 52.17
C ILE K 126 -6.02 -15.40 51.14
N MET K 127 -5.99 -14.11 51.46
CA MET K 127 -5.38 -13.08 50.58
C MET K 127 -3.91 -13.35 50.23
N LYS K 128 -3.10 -13.65 51.24
CA LYS K 128 -1.71 -14.14 51.04
C LYS K 128 -1.64 -15.32 50.06
N SER K 129 -2.63 -16.19 50.06
CA SER K 129 -2.56 -17.36 49.19
C SER K 129 -2.84 -17.10 47.68
N ILE K 130 -3.96 -16.45 47.34
CA ILE K 130 -4.20 -15.98 45.95
C ILE K 130 -3.01 -15.15 45.44
N GLY K 131 -2.57 -14.20 46.28
CA GLY K 131 -1.38 -13.41 46.07
C GLY K 131 -0.17 -14.24 45.63
N GLU K 132 0.21 -15.24 46.42
CA GLU K 132 1.29 -16.18 46.06
C GLU K 132 1.27 -16.66 44.59
N ALA K 133 0.07 -16.94 44.09
CA ALA K 133 -0.10 -17.39 42.72
C ALA K 133 0.12 -16.25 41.72
N ILE K 134 -0.54 -15.11 41.97
CA ILE K 134 -0.31 -13.90 41.17
C ILE K 134 1.17 -13.52 41.15
N GLN K 135 1.81 -13.62 42.31
CA GLN K 135 3.23 -13.35 42.39
C GLN K 135 3.95 -14.27 41.43
N TYR K 136 3.93 -15.58 41.72
CA TYR K 136 4.60 -16.53 40.84
C TYR K 136 4.26 -16.18 39.38
N LEU K 137 3.00 -15.90 39.12
CA LEU K 137 2.57 -15.66 37.76
C LEU K 137 3.26 -14.47 37.17
N HIS K 138 3.35 -13.41 37.95
CA HIS K 138 3.99 -12.20 37.47
C HIS K 138 5.52 -12.30 37.42
N SER K 139 6.10 -13.03 38.35
CA SER K 139 7.55 -13.30 38.28
C SER K 139 8.00 -14.12 37.07
N ILE K 140 7.06 -14.71 36.34
CA ILE K 140 7.44 -15.44 35.13
C ILE K 140 6.71 -14.88 33.91
N ASN K 141 6.40 -13.59 34.03
CA ASN K 141 5.90 -12.78 32.92
C ASN K 141 4.60 -13.26 32.34
N ILE K 142 3.67 -13.50 33.27
CA ILE K 142 2.32 -13.96 33.00
C ILE K 142 1.26 -13.19 33.80
N ALA K 143 0.30 -12.67 33.03
CA ALA K 143 -0.93 -12.14 33.52
C ALA K 143 -1.95 -13.27 33.45
N HIS K 144 -2.72 -13.46 34.52
CA HIS K 144 -3.83 -14.42 34.50
C HIS K 144 -5.00 -13.85 33.70
N ARG K 145 -5.38 -12.62 34.04
CA ARG K 145 -6.43 -11.88 33.33
C ARG K 145 -7.87 -12.33 33.57
N ASP K 146 -8.14 -13.24 34.52
CA ASP K 146 -9.53 -13.62 34.79
C ASP K 146 -9.89 -13.82 36.26
N VAL K 147 -8.94 -13.52 37.14
CA VAL K 147 -9.07 -13.77 38.59
C VAL K 147 -10.48 -13.50 39.17
N LYS K 148 -11.25 -14.58 39.35
CA LYS K 148 -12.61 -14.59 39.91
C LYS K 148 -12.72 -15.65 41.03
N PRO K 149 -13.87 -15.72 41.73
CA PRO K 149 -14.14 -16.84 42.63
C PRO K 149 -14.25 -18.14 41.85
N GLU K 150 -15.15 -18.19 40.85
CA GLU K 150 -15.23 -19.30 39.88
C GLU K 150 -13.88 -20.01 39.63
N ASN K 151 -12.76 -19.33 39.95
CA ASN K 151 -11.44 -19.87 39.64
C ASN K 151 -10.50 -20.00 40.83
N LEU K 152 -10.97 -19.59 42.01
CA LEU K 152 -10.27 -19.94 43.24
C LEU K 152 -10.94 -21.17 43.89
N LEU K 153 -10.23 -22.30 43.86
CA LEU K 153 -10.80 -23.55 44.28
C LEU K 153 -10.17 -24.02 45.58
N TYR K 154 -10.92 -24.85 46.30
CA TYR K 154 -10.33 -25.50 47.45
C TYR K 154 -9.98 -26.94 47.11
N THR K 155 -8.85 -27.43 47.63
CA THR K 155 -8.23 -28.70 47.20
C THR K 155 -9.05 -29.92 47.54
N SER K 156 -9.67 -29.87 48.70
CA SER K 156 -10.26 -31.01 49.37
C SER K 156 -11.04 -30.48 50.58
N LYS K 157 -11.96 -31.29 51.12
CA LYS K 157 -12.91 -30.84 52.15
C LYS K 157 -12.31 -30.68 53.57
N ARG K 158 -10.98 -30.83 53.66
CA ARG K 158 -10.23 -30.79 54.92
C ARG K 158 -10.11 -29.34 55.46
N PRO K 159 -9.90 -29.19 56.81
CA PRO K 159 -9.66 -27.85 57.35
C PRO K 159 -8.47 -27.21 56.64
N ASN K 160 -7.24 -27.55 57.05
CA ASN K 160 -5.96 -27.05 56.46
C ASN K 160 -5.88 -26.94 54.93
N ALA K 161 -6.97 -27.20 54.23
CA ALA K 161 -6.96 -27.20 52.76
C ALA K 161 -6.18 -26.01 52.20
N ILE K 162 -5.46 -26.27 51.13
CA ILE K 162 -4.80 -25.22 50.39
C ILE K 162 -5.78 -24.70 49.31
N LEU K 163 -5.77 -23.38 49.09
CA LEU K 163 -6.59 -22.74 48.06
C LEU K 163 -5.75 -22.53 46.78
N LYS K 164 -6.37 -22.66 45.60
CA LYS K 164 -5.62 -22.76 44.34
C LYS K 164 -6.30 -22.06 43.18
N LEU K 165 -5.51 -21.44 42.30
CA LEU K 165 -6.06 -20.71 41.13
C LEU K 165 -6.08 -21.51 39.79
N THR K 166 -7.12 -21.30 38.99
CA THR K 166 -7.35 -22.14 37.80
C THR K 166 -7.84 -21.36 36.54
N ASP K 167 -8.10 -22.07 35.45
CA ASP K 167 -8.39 -21.51 34.12
C ASP K 167 -7.38 -20.50 33.56
N PHE K 168 -6.76 -20.87 32.44
CA PHE K 168 -5.78 -20.04 31.84
C PHE K 168 -6.19 -19.55 30.48
N GLY K 169 -7.45 -19.73 30.14
CA GLY K 169 -7.92 -19.41 28.79
C GLY K 169 -7.96 -17.92 28.49
N PHE K 170 -7.57 -17.12 29.48
CA PHE K 170 -7.41 -15.69 29.25
C PHE K 170 -6.01 -15.17 29.56
N ALA K 171 -5.04 -16.06 29.56
CA ALA K 171 -3.69 -15.72 29.96
C ALA K 171 -2.83 -15.26 28.80
N LYS K 172 -1.88 -14.39 29.09
CA LYS K 172 -1.00 -13.79 28.10
C LYS K 172 0.39 -13.58 28.68
N GLU K 173 1.33 -13.19 27.82
CA GLU K 173 2.71 -13.03 28.28
C GLU K 173 3.16 -11.62 28.69
N THR K 174 3.68 -10.88 27.73
CA THR K 174 4.52 -9.65 27.90
C THR K 174 5.89 -9.82 27.15
N THR K 175 5.82 -9.65 25.82
CA THR K 175 6.91 -9.83 24.83
C THR K 175 7.25 -11.30 24.51
N VAL K 190 19.76 -2.00 32.79
CA VAL K 190 19.75 -0.59 33.13
C VAL K 190 18.63 -0.38 34.16
N ALA K 191 17.40 -0.63 33.70
CA ALA K 191 16.17 -0.23 34.36
C ALA K 191 14.95 -0.97 33.71
N PRO K 192 13.79 -1.05 34.40
CA PRO K 192 12.59 -1.83 34.00
C PRO K 192 12.07 -1.66 32.57
N GLU K 193 12.25 -0.47 32.01
CA GLU K 193 11.82 -0.18 30.66
C GLU K 193 12.80 -0.73 29.61
N VAL K 194 14.10 -0.50 29.79
CA VAL K 194 15.14 -0.82 28.76
C VAL K 194 15.30 -2.33 28.44
N LEU K 195 14.49 -3.17 29.09
CA LEU K 195 14.40 -4.58 28.74
C LEU K 195 13.02 -4.91 28.16
N GLY K 196 12.97 -5.05 26.83
CA GLY K 196 11.73 -5.22 26.04
C GLY K 196 10.73 -4.07 26.15
N PRO K 197 9.71 -4.03 25.26
CA PRO K 197 8.58 -3.12 25.52
C PRO K 197 7.75 -3.52 26.78
N GLU K 198 6.88 -4.51 26.62
CA GLU K 198 5.95 -4.98 27.68
C GLU K 198 4.76 -4.05 27.85
N LYS K 199 3.56 -4.58 27.57
CA LYS K 199 2.27 -3.84 27.61
C LYS K 199 1.84 -3.39 29.04
N TYR K 200 0.53 -3.34 29.32
CA TYR K 200 0.02 -2.91 30.63
C TYR K 200 -0.73 -3.98 31.44
N ASP K 201 -1.15 -5.04 30.77
CA ASP K 201 -2.02 -6.12 31.29
C ASP K 201 -1.73 -6.65 32.72
N LYS K 202 -0.46 -6.64 33.12
CA LYS K 202 -0.07 -7.21 34.41
C LYS K 202 -0.74 -6.56 35.63
N SER K 203 -1.24 -5.34 35.48
CA SER K 203 -1.88 -4.60 36.58
C SER K 203 -3.38 -4.87 36.72
N CYS K 204 -3.91 -5.64 35.78
CA CYS K 204 -5.34 -5.91 35.71
C CYS K 204 -5.81 -7.03 36.67
N ASP K 205 -4.95 -8.02 36.89
CA ASP K 205 -5.15 -9.04 37.92
C ASP K 205 -5.33 -8.35 39.25
N MET K 206 -4.53 -7.31 39.43
CA MET K 206 -4.50 -6.61 40.68
C MET K 206 -5.84 -5.93 41.02
N TRP K 207 -6.57 -5.49 39.99
CA TRP K 207 -7.89 -4.94 40.21
C TRP K 207 -8.77 -5.96 40.93
N SER K 208 -8.90 -7.13 40.30
CA SER K 208 -9.61 -8.26 40.88
C SER K 208 -9.10 -8.45 42.30
N LEU K 209 -7.79 -8.50 42.50
CA LEU K 209 -7.26 -8.75 43.84
C LEU K 209 -7.81 -7.86 44.96
N GLY K 210 -8.33 -6.69 44.58
CA GLY K 210 -9.03 -5.82 45.51
C GLY K 210 -10.51 -6.15 45.58
N VAL K 211 -11.12 -6.41 44.43
CA VAL K 211 -12.54 -6.77 44.39
C VAL K 211 -12.81 -8.03 45.22
N ILE K 212 -11.89 -8.99 45.14
CA ILE K 212 -11.92 -10.21 45.95
C ILE K 212 -11.68 -9.91 47.44
N MET K 213 -10.58 -9.22 47.74
CA MET K 213 -10.29 -8.63 49.04
C MET K 213 -11.57 -8.01 49.60
N TYR K 214 -12.31 -7.29 48.75
CA TYR K 214 -13.47 -6.54 49.20
C TYR K 214 -14.57 -7.49 49.62
N ILE K 215 -14.92 -8.42 48.74
CA ILE K 215 -15.96 -9.38 49.04
C ILE K 215 -15.56 -10.27 50.20
N LEU K 216 -14.30 -10.69 50.25
CA LEU K 216 -13.74 -11.49 51.37
C LEU K 216 -13.71 -10.79 52.75
N LEU K 217 -14.22 -9.55 52.82
CA LEU K 217 -14.19 -8.76 54.07
C LEU K 217 -15.55 -8.25 54.50
N CYS K 218 -16.49 -8.20 53.56
CA CYS K 218 -17.86 -7.76 53.86
C CYS K 218 -18.91 -8.82 53.49
N GLY K 219 -18.80 -9.36 52.27
CA GLY K 219 -19.71 -10.39 51.79
C GLY K 219 -20.35 -10.06 50.45
N TYR K 220 -19.91 -8.97 49.83
CA TYR K 220 -20.53 -8.49 48.61
C TYR K 220 -19.58 -7.65 47.75
N PRO K 221 -19.96 -7.43 46.47
CA PRO K 221 -19.10 -6.65 45.60
C PRO K 221 -19.01 -5.18 46.01
N PRO K 222 -17.91 -4.52 45.63
CA PRO K 222 -17.87 -3.07 45.71
C PRO K 222 -18.61 -2.39 44.54
N PHE K 223 -18.81 -3.11 43.43
CA PHE K 223 -19.52 -2.55 42.28
C PHE K 223 -20.62 -3.45 41.78
N TYR K 224 -21.87 -2.97 41.87
CA TYR K 224 -23.02 -3.64 41.25
C TYR K 224 -24.03 -2.66 40.62
N SER K 225 -25.32 -2.81 40.97
CA SER K 225 -26.40 -1.96 40.45
C SER K 225 -27.17 -1.29 41.59
N GLY K 234 -25.19 0.62 33.06
CA GLY K 234 -24.75 1.67 33.99
C GLY K 234 -23.99 1.20 35.24
N MET K 235 -23.67 -0.10 35.29
CA MET K 235 -22.73 -0.68 36.29
C MET K 235 -21.30 -0.17 35.99
N LYS K 236 -21.00 -0.02 34.71
CA LYS K 236 -19.71 0.47 34.19
C LYS K 236 -19.23 1.76 34.87
N THR K 237 -20.15 2.72 34.97
CA THR K 237 -19.83 4.12 35.34
C THR K 237 -19.17 4.24 36.72
N ARG K 238 -19.74 3.59 37.73
CA ARG K 238 -19.15 3.58 39.07
C ARG K 238 -17.70 3.11 39.06
N ILE K 239 -17.43 2.03 38.33
CA ILE K 239 -16.09 1.46 38.21
C ILE K 239 -15.13 2.46 37.54
N ARG K 240 -15.59 3.07 36.45
CA ARG K 240 -14.76 3.95 35.61
C ARG K 240 -14.37 5.21 36.38
N MET K 241 -15.21 5.58 37.33
CA MET K 241 -14.97 6.74 38.17
C MET K 241 -14.15 6.38 39.40
N GLY K 242 -14.50 5.23 39.99
CA GLY K 242 -13.97 4.73 41.25
C GLY K 242 -14.92 4.99 42.40
N GLN K 243 -16.21 4.72 42.19
CA GLN K 243 -17.26 5.08 43.15
C GLN K 243 -17.66 3.97 44.15
N TYR K 244 -16.68 3.16 44.59
CA TYR K 244 -16.89 2.24 45.70
C TYR K 244 -16.99 3.00 47.03
N GLU K 245 -17.30 2.28 48.09
CA GLU K 245 -17.33 2.83 49.43
C GLU K 245 -17.54 1.69 50.41
N PHE K 246 -17.55 2.00 51.69
CA PHE K 246 -17.48 1.00 52.75
C PHE K 246 -18.62 1.17 53.77
N PRO K 247 -19.86 0.71 53.41
CA PRO K 247 -21.08 1.00 54.21
C PRO K 247 -21.09 0.45 55.64
N ASN K 248 -22.19 0.71 56.37
CA ASN K 248 -22.34 0.30 57.77
C ASN K 248 -23.28 -0.88 58.02
N PRO K 249 -23.13 -1.56 59.17
CA PRO K 249 -21.93 -1.52 60.01
C PRO K 249 -20.96 -2.65 59.68
N GLU K 250 -21.01 -3.15 58.43
CA GLU K 250 -20.16 -4.27 57.98
C GLU K 250 -18.68 -3.93 57.93
N TRP K 251 -18.38 -2.66 57.66
CA TRP K 251 -17.01 -2.17 57.51
C TRP K 251 -16.55 -1.38 58.71
N SER K 252 -17.43 -1.26 59.69
CA SER K 252 -17.15 -0.47 60.89
C SER K 252 -15.95 -0.98 61.69
N GLU K 253 -15.85 -2.30 61.86
CA GLU K 253 -14.79 -2.93 62.68
C GLU K 253 -13.56 -3.40 61.88
N VAL K 254 -13.33 -2.75 60.73
CA VAL K 254 -12.18 -3.03 59.88
C VAL K 254 -11.17 -1.87 59.94
N SER K 255 -9.93 -2.17 60.36
CA SER K 255 -8.84 -1.18 60.57
C SER K 255 -8.49 -0.37 59.33
N GLU K 256 -8.04 0.87 59.54
CA GLU K 256 -7.81 1.81 58.43
C GLU K 256 -6.87 1.27 57.34
N GLU K 257 -5.78 0.65 57.76
CA GLU K 257 -4.76 0.18 56.83
C GLU K 257 -5.33 -0.70 55.73
N VAL K 258 -6.25 -1.60 56.07
CA VAL K 258 -6.82 -2.56 55.10
C VAL K 258 -7.72 -1.85 54.11
N LYS K 259 -8.52 -0.92 54.61
CA LYS K 259 -9.33 -0.07 53.76
C LYS K 259 -8.39 0.70 52.84
N MET K 260 -7.33 1.27 53.42
CA MET K 260 -6.28 1.91 52.63
C MET K 260 -5.64 0.97 51.60
N LEU K 261 -5.46 -0.29 51.97
CA LEU K 261 -4.79 -1.26 51.10
C LEU K 261 -5.67 -1.72 49.92
N ILE K 262 -6.99 -1.67 50.11
CA ILE K 262 -7.92 -1.93 49.02
C ILE K 262 -8.06 -0.68 48.18
N ARG K 263 -7.93 0.47 48.84
CA ARG K 263 -7.93 1.78 48.19
C ARG K 263 -6.85 1.89 47.11
N ASN K 264 -5.65 1.38 47.38
CA ASN K 264 -4.53 1.42 46.42
C ASN K 264 -4.47 0.23 45.44
N LEU K 265 -5.52 -0.60 45.46
CA LEU K 265 -5.69 -1.71 44.52
C LEU K 265 -6.85 -1.38 43.62
N LEU K 266 -7.83 -0.70 44.20
CA LEU K 266 -8.97 -0.11 43.48
C LEU K 266 -8.73 1.39 43.27
N LYS K 267 -7.76 1.63 42.39
CA LYS K 267 -7.47 2.92 41.84
C LYS K 267 -7.80 2.70 40.39
N THR K 268 -8.67 3.56 39.85
CA THR K 268 -9.10 3.47 38.45
C THR K 268 -7.92 3.57 37.50
N GLU K 269 -6.80 4.05 38.01
CA GLU K 269 -5.63 4.25 37.17
C GLU K 269 -4.71 3.06 37.30
N PRO K 270 -4.59 2.27 36.21
CA PRO K 270 -3.75 1.06 36.16
C PRO K 270 -2.35 1.26 36.76
N THR K 271 -1.82 2.47 36.56
CA THR K 271 -0.45 2.83 36.94
C THR K 271 -0.33 3.37 38.40
N GLN K 272 -1.46 3.76 38.99
CA GLN K 272 -1.54 4.15 40.40
C GLN K 272 -1.65 2.92 41.35
N ARG K 273 -1.85 1.74 40.75
CA ARG K 273 -2.01 0.48 41.51
C ARG K 273 -0.70 0.06 42.08
N MET K 274 -0.72 -0.92 42.97
CA MET K 274 0.53 -1.45 43.47
C MET K 274 0.93 -2.74 42.76
N THR K 275 2.23 -3.00 42.78
CA THR K 275 2.75 -4.23 42.22
C THR K 275 2.48 -5.37 43.19
N ILE K 276 2.56 -6.58 42.68
CA ILE K 276 2.51 -7.79 43.47
C ILE K 276 3.49 -7.74 44.62
N THR K 277 4.74 -7.35 44.33
CA THR K 277 5.79 -7.32 45.34
C THR K 277 5.32 -6.45 46.48
N GLU K 278 4.93 -5.21 46.18
CA GLU K 278 4.41 -4.30 47.19
C GLU K 278 3.39 -4.98 48.11
N PHE K 279 2.31 -5.44 47.51
CA PHE K 279 1.27 -6.27 48.15
C PHE K 279 1.78 -7.41 49.06
N MET K 280 2.49 -8.39 48.50
CA MET K 280 3.11 -9.47 49.28
C MET K 280 4.03 -9.02 50.40
N ASN K 281 4.39 -7.74 50.41
CA ASN K 281 5.27 -7.16 51.46
C ASN K 281 4.59 -6.12 52.34
N HIS K 282 3.28 -5.96 52.17
CA HIS K 282 2.46 -5.16 53.06
C HIS K 282 2.41 -5.86 54.43
N PRO K 283 2.43 -5.06 55.52
CA PRO K 283 2.44 -5.65 56.86
C PRO K 283 1.17 -6.43 57.22
N TRP K 284 0.07 -6.19 56.50
CA TRP K 284 -1.19 -6.89 56.74
C TRP K 284 -1.11 -8.30 56.20
N ILE K 285 -0.60 -8.39 54.98
CA ILE K 285 -0.48 -9.65 54.28
C ILE K 285 0.63 -10.54 54.86
N MET K 286 1.74 -9.92 55.27
CA MET K 286 2.89 -10.66 55.81
C MET K 286 2.67 -11.21 57.22
N GLN K 287 2.04 -10.39 58.07
CA GLN K 287 1.60 -10.81 59.39
C GLN K 287 0.25 -11.49 59.25
N SER K 288 0.21 -12.64 58.57
CA SER K 288 -0.97 -13.45 58.56
C SER K 288 -1.51 -13.40 59.99
N THR K 289 -0.69 -13.88 60.94
CA THR K 289 -1.08 -14.03 62.33
C THR K 289 -0.44 -13.02 63.30
N LYS K 290 -0.66 -11.74 63.02
CA LYS K 290 -0.36 -10.68 63.97
C LYS K 290 -1.42 -9.59 63.81
N VAL K 291 -2.50 -9.93 63.11
CA VAL K 291 -3.63 -9.03 62.91
C VAL K 291 -4.84 -9.41 63.80
N PRO K 292 -5.76 -8.46 64.07
CA PRO K 292 -6.88 -8.69 64.99
C PRO K 292 -7.87 -9.77 64.54
N GLN K 293 -8.40 -10.49 65.53
CA GLN K 293 -9.28 -11.63 65.31
C GLN K 293 -10.68 -11.24 64.89
N THR K 294 -11.04 -9.99 65.17
CA THR K 294 -12.38 -9.45 64.94
C THR K 294 -13.22 -10.21 63.90
N PRO K 295 -14.32 -10.85 64.33
CA PRO K 295 -15.23 -11.56 63.42
C PRO K 295 -15.72 -10.69 62.26
N LEU K 296 -16.20 -11.33 61.21
CA LEU K 296 -16.57 -10.65 60.00
C LEU K 296 -17.95 -11.05 59.49
N HIS K 297 -18.71 -10.02 59.12
CA HIS K 297 -20.06 -10.16 58.55
C HIS K 297 -20.04 -10.88 57.22
N THR K 298 -18.84 -11.31 56.82
CA THR K 298 -18.63 -12.07 55.58
C THR K 298 -19.56 -13.30 55.54
N SER K 299 -19.48 -14.11 56.60
CA SER K 299 -20.35 -15.28 56.78
C SER K 299 -21.84 -15.01 56.47
N ARG K 300 -22.45 -14.09 57.23
CA ARG K 300 -23.88 -13.76 57.10
C ARG K 300 -24.24 -13.23 55.70
N VAL K 301 -23.61 -12.12 55.31
CA VAL K 301 -24.05 -11.32 54.16
C VAL K 301 -24.11 -12.08 52.83
N LEU K 302 -23.37 -13.17 52.73
CA LEU K 302 -23.38 -14.03 51.54
C LEU K 302 -24.70 -14.80 51.30
N LYS K 303 -25.25 -15.39 52.37
CA LYS K 303 -26.32 -16.41 52.23
C LYS K 303 -27.65 -15.93 51.62
N GLU K 304 -27.88 -14.61 51.57
CA GLU K 304 -29.09 -14.05 50.94
C GLU K 304 -29.02 -14.08 49.39
N ASP K 305 -27.89 -14.59 48.87
CA ASP K 305 -27.58 -14.67 47.43
C ASP K 305 -27.66 -13.33 46.69
N GLN L 2 -21.29 -43.36 31.39
CA GLN L 2 -21.32 -41.96 31.90
C GLN L 2 -21.12 -40.94 30.77
N PHE L 3 -20.42 -41.37 29.70
CA PHE L 3 -20.36 -40.68 28.39
C PHE L 3 -19.54 -41.46 27.36
N PRO L 4 -20.07 -41.59 26.12
CA PRO L 4 -19.31 -42.12 24.98
C PRO L 4 -18.03 -41.35 24.65
N GLN L 5 -16.92 -41.89 25.14
CA GLN L 5 -15.58 -41.60 24.65
C GLN L 5 -15.43 -41.90 23.15
N PHE L 6 -16.33 -42.73 22.62
CA PHE L 6 -16.33 -43.30 21.24
C PHE L 6 -15.11 -43.04 20.34
N HIS L 7 -15.03 -41.81 19.84
CA HIS L 7 -13.98 -41.37 18.92
C HIS L 7 -12.88 -40.61 19.66
N VAL L 8 -12.47 -41.08 20.84
CA VAL L 8 -11.16 -40.65 21.31
C VAL L 8 -10.22 -41.72 20.80
N LYS L 9 -9.45 -41.37 19.79
CA LYS L 9 -8.36 -42.22 19.32
C LYS L 9 -7.04 -41.43 19.29
N SER L 10 -5.93 -42.16 19.31
CA SER L 10 -4.63 -41.57 19.53
C SER L 10 -4.20 -40.59 18.45
N GLY L 11 -3.46 -39.57 18.91
CA GLY L 11 -2.85 -38.60 18.03
C GLY L 11 -1.72 -39.30 17.34
N LEU L 12 -0.98 -38.58 16.50
CA LEU L 12 0.08 -39.22 15.76
C LEU L 12 1.41 -39.05 16.44
N GLN L 13 2.10 -40.16 16.67
CA GLN L 13 3.42 -40.15 17.31
C GLN L 13 4.49 -40.43 16.29
N ILE L 14 5.16 -39.37 15.80
CA ILE L 14 6.23 -39.53 14.83
C ILE L 14 7.46 -40.15 15.47
N LYS L 15 7.75 -41.40 15.13
CA LYS L 15 8.92 -42.09 15.63
C LYS L 15 10.17 -41.35 15.14
N LYS L 16 11.10 -41.05 16.05
CA LYS L 16 12.36 -40.31 15.70
C LYS L 16 13.62 -41.19 15.50
N ASN L 17 13.61 -42.44 16.00
CA ASN L 17 14.75 -43.32 15.80
C ASN L 17 14.86 -43.72 14.34
N ALA L 18 16.01 -44.23 13.92
CA ALA L 18 16.18 -44.68 12.52
C ALA L 18 15.28 -45.88 12.15
N ILE L 19 14.72 -45.89 10.93
CA ILE L 19 13.73 -46.91 10.52
C ILE L 19 14.31 -48.31 10.21
N ILE L 20 15.55 -48.34 9.71
CA ILE L 20 16.29 -49.60 9.51
C ILE L 20 16.43 -50.40 10.80
N ASP L 21 16.33 -49.75 11.96
CA ASP L 21 16.10 -50.48 13.21
C ASP L 21 15.01 -51.53 13.04
N ASP L 22 13.87 -51.14 12.48
CA ASP L 22 12.68 -52.00 12.50
C ASP L 22 12.29 -52.56 11.14
N TYR L 23 12.78 -51.96 10.07
CA TYR L 23 12.40 -52.38 8.72
C TYR L 23 13.59 -52.62 7.79
N LYS L 24 13.54 -53.68 6.98
CA LYS L 24 14.50 -53.84 5.88
C LYS L 24 13.96 -53.18 4.63
N VAL L 25 14.58 -52.10 4.19
CA VAL L 25 14.10 -51.41 3.01
C VAL L 25 14.69 -52.02 1.72
N THR L 26 13.90 -52.79 0.98
CA THR L 26 14.25 -53.15 -0.41
C THR L 26 14.07 -51.94 -1.38
N SER L 27 14.18 -52.16 -2.68
CA SER L 27 14.08 -51.04 -3.65
C SER L 27 13.23 -51.38 -4.85
N GLN L 28 12.39 -52.40 -4.69
CA GLN L 28 11.35 -52.65 -5.64
C GLN L 28 10.28 -51.57 -5.46
N VAL L 29 9.88 -50.95 -6.55
CA VAL L 29 8.77 -50.01 -6.47
C VAL L 29 7.44 -50.75 -6.62
N LEU L 30 6.45 -50.35 -5.81
CA LEU L 30 5.08 -50.83 -5.94
C LEU L 30 4.27 -49.82 -6.76
N GLY L 31 4.46 -48.55 -6.43
CA GLY L 31 3.60 -47.46 -6.85
C GLY L 31 4.36 -46.17 -7.01
N LEU L 32 4.06 -45.47 -8.10
CA LEU L 32 4.93 -44.42 -8.66
C LEU L 32 4.30 -43.02 -8.56
N GLY L 33 4.48 -42.26 -9.65
CA GLY L 33 3.98 -40.89 -9.77
C GLY L 33 5.10 -39.87 -9.65
N ILE L 34 4.86 -38.67 -10.21
CA ILE L 34 5.77 -37.52 -10.06
C ILE L 34 5.56 -36.72 -8.74
N ASN L 35 5.00 -37.39 -7.72
CA ASN L 35 4.90 -36.86 -6.33
C ASN L 35 5.60 -37.76 -5.26
N GLY L 36 6.10 -38.93 -5.69
CA GLY L 36 6.89 -39.84 -4.82
C GLY L 36 7.24 -41.24 -5.40
N LYS L 37 7.71 -42.14 -4.53
CA LYS L 37 7.94 -43.55 -4.91
C LYS L 37 7.63 -44.50 -3.74
N VAL L 38 6.71 -45.42 -3.97
CA VAL L 38 6.34 -46.34 -2.91
C VAL L 38 7.16 -47.63 -3.01
N LEU L 39 7.98 -47.84 -1.98
CA LEU L 39 8.92 -48.95 -1.93
C LEU L 39 8.41 -50.04 -1.05
N GLN L 40 8.79 -51.26 -1.37
CA GLN L 40 8.44 -52.38 -0.54
C GLN L 40 9.49 -52.56 0.54
N ILE L 41 9.02 -52.66 1.77
CA ILE L 41 9.93 -52.84 2.87
C ILE L 41 9.36 -53.96 3.69
N PHE L 42 10.17 -54.48 4.60
CA PHE L 42 9.77 -55.60 5.40
C PHE L 42 10.02 -55.19 6.81
N ASN L 43 9.18 -55.67 7.72
CA ASN L 43 9.49 -55.51 9.11
C ASN L 43 10.59 -56.53 9.32
N LYS L 44 11.47 -56.27 10.29
CA LYS L 44 12.50 -57.26 10.64
C LYS L 44 11.96 -58.28 11.62
N ARG L 45 11.46 -57.80 12.75
CA ARG L 45 10.94 -58.67 13.81
C ARG L 45 10.10 -59.80 13.23
N THR L 46 8.94 -59.42 12.67
CA THR L 46 7.87 -60.36 12.26
C THR L 46 7.91 -60.74 10.77
N GLN L 47 8.95 -60.31 10.05
CA GLN L 47 9.13 -60.70 8.65
C GLN L 47 8.06 -60.14 7.67
N GLU L 48 7.06 -59.43 8.20
CA GLU L 48 5.89 -59.05 7.42
C GLU L 48 6.09 -57.95 6.38
N LYS L 49 5.27 -57.99 5.33
CA LYS L 49 5.35 -57.10 4.14
C LYS L 49 4.77 -55.68 4.38
N PHE L 50 5.45 -54.62 3.93
CA PHE L 50 4.98 -53.24 4.17
C PHE L 50 5.36 -52.23 3.07
N ALA L 51 4.65 -51.10 3.03
CA ALA L 51 4.97 -50.03 2.07
C ALA L 51 5.59 -48.82 2.73
N LEU L 52 6.46 -48.13 2.00
CA LEU L 52 7.13 -46.97 2.51
C LEU L 52 7.07 -45.86 1.48
N LYS L 53 6.65 -44.69 1.93
CA LYS L 53 6.66 -43.53 1.08
C LYS L 53 7.55 -42.56 1.79
N MET L 54 8.39 -41.87 1.03
CA MET L 54 9.38 -40.95 1.59
C MET L 54 9.20 -39.54 1.06
N LEU L 55 9.02 -38.62 1.99
CA LEU L 55 8.89 -37.24 1.63
C LEU L 55 9.95 -36.36 2.29
N GLN L 56 10.46 -35.42 1.52
CA GLN L 56 11.19 -34.31 2.09
C GLN L 56 10.24 -33.64 3.07
N ASP L 57 10.68 -33.45 4.32
CA ASP L 57 9.87 -32.76 5.31
C ASP L 57 9.84 -31.30 4.98
N CYS L 58 8.62 -30.76 4.93
CA CYS L 58 8.39 -29.34 4.70
C CYS L 58 7.03 -29.04 5.30
N PRO L 59 6.31 -28.03 4.80
CA PRO L 59 4.93 -28.00 5.26
C PRO L 59 3.89 -28.74 4.36
N LYS L 60 4.20 -29.00 3.08
CA LYS L 60 3.33 -29.84 2.24
C LYS L 60 3.28 -31.26 2.73
N ALA L 61 4.40 -31.78 3.18
CA ALA L 61 4.49 -33.16 3.62
C ALA L 61 3.91 -33.39 5.01
N ARG L 62 3.90 -32.37 5.85
CA ARG L 62 3.42 -32.55 7.23
C ARG L 62 1.92 -32.38 7.24
N ARG L 63 1.44 -31.64 6.24
CA ARG L 63 0.02 -31.54 5.88
C ARG L 63 -0.50 -32.91 5.44
N GLU L 64 0.12 -33.53 4.43
CA GLU L 64 -0.32 -34.80 3.87
C GLU L 64 -0.25 -35.93 4.88
N VAL L 65 0.67 -35.80 5.83
CA VAL L 65 0.84 -36.88 6.78
C VAL L 65 -0.30 -36.75 7.78
N GLU L 66 -0.58 -35.51 8.16
CA GLU L 66 -1.66 -35.15 9.07
C GLU L 66 -2.97 -35.69 8.55
N LEU L 67 -3.35 -35.24 7.35
CA LEU L 67 -4.54 -35.74 6.70
C LEU L 67 -4.46 -37.23 6.63
N HIS L 68 -3.56 -37.78 5.84
CA HIS L 68 -3.53 -39.24 5.68
C HIS L 68 -3.72 -39.96 7.03
N TRP L 69 -3.16 -39.41 8.10
CA TRP L 69 -3.32 -40.02 9.41
C TRP L 69 -4.79 -39.96 9.81
N ARG L 70 -5.37 -38.77 9.79
CA ARG L 70 -6.79 -38.59 10.11
C ARG L 70 -7.71 -39.50 9.26
N ALA L 71 -7.34 -39.73 8.01
CA ALA L 71 -8.13 -40.52 7.09
C ALA L 71 -8.01 -42.03 7.30
N SER L 72 -7.14 -42.44 8.22
CA SER L 72 -6.74 -43.85 8.32
C SER L 72 -7.72 -44.62 9.15
N GLN L 73 -8.47 -43.91 9.99
CA GLN L 73 -9.68 -44.45 10.61
C GLN L 73 -10.63 -45.17 9.64
N CYS L 74 -10.82 -44.65 8.44
CA CYS L 74 -11.70 -45.31 7.51
C CYS L 74 -11.07 -46.54 6.91
N PRO L 75 -11.80 -47.65 6.95
CA PRO L 75 -11.30 -48.91 6.44
C PRO L 75 -10.98 -48.83 4.96
N HIS L 76 -11.75 -48.07 4.18
CA HIS L 76 -11.53 -47.97 2.73
C HIS L 76 -10.43 -46.97 2.27
N ILE L 77 -9.56 -46.59 3.21
CA ILE L 77 -8.38 -45.80 2.94
C ILE L 77 -7.19 -46.63 3.42
N VAL L 78 -6.10 -46.64 2.65
CA VAL L 78 -4.90 -47.36 3.05
C VAL L 78 -4.39 -46.89 4.40
N ARG L 79 -4.28 -47.84 5.33
CA ARG L 79 -3.87 -47.56 6.71
C ARG L 79 -2.44 -47.10 6.83
N ILE L 80 -2.18 -46.18 7.75
CA ILE L 80 -0.84 -45.77 8.08
C ILE L 80 -0.41 -46.46 9.37
N VAL L 81 0.66 -47.25 9.30
CA VAL L 81 1.15 -48.03 10.44
C VAL L 81 2.00 -47.16 11.32
N ASP L 82 3.07 -46.62 10.74
CA ASP L 82 4.05 -45.79 11.44
C ASP L 82 4.47 -44.55 10.66
N VAL L 83 4.89 -43.52 11.36
CA VAL L 83 5.52 -42.44 10.65
C VAL L 83 6.84 -42.10 11.34
N TYR L 84 7.93 -42.01 10.57
CA TYR L 84 9.23 -41.64 11.12
C TYR L 84 9.67 -40.28 10.64
N GLU L 85 10.26 -39.50 11.54
CA GLU L 85 11.08 -38.36 11.14
C GLU L 85 12.56 -38.77 11.25
N ASN L 86 13.25 -38.90 10.12
CA ASN L 86 14.60 -39.48 10.09
C ASN L 86 15.51 -38.55 9.33
N LEU L 87 16.79 -38.92 9.23
CA LEU L 87 17.75 -38.14 8.46
C LEU L 87 18.22 -38.93 7.24
N TYR L 88 18.12 -38.33 6.06
CA TYR L 88 18.49 -39.02 4.78
C TYR L 88 19.26 -38.12 3.81
N ALA L 89 20.50 -38.54 3.51
CA ALA L 89 21.50 -37.68 2.86
C ALA L 89 21.45 -36.29 3.47
N GLY L 90 21.66 -36.21 4.79
CA GLY L 90 21.51 -34.94 5.50
C GLY L 90 20.22 -34.14 5.31
N ARG L 91 19.27 -34.70 4.57
CA ARG L 91 17.91 -34.12 4.51
C ARG L 91 17.03 -34.61 5.66
N LYS L 92 16.23 -33.70 6.22
CA LYS L 92 15.33 -34.15 7.25
C LYS L 92 14.11 -34.71 6.57
N CYS L 93 13.74 -35.94 6.93
CA CYS L 93 12.67 -36.61 6.20
C CYS L 93 11.57 -37.37 6.95
N LEU L 94 10.37 -37.22 6.41
CA LEU L 94 9.20 -38.02 6.81
C LEU L 94 9.16 -39.32 6.02
N LEU L 95 9.06 -40.43 6.74
CA LEU L 95 8.94 -41.73 6.13
C LEU L 95 7.66 -42.38 6.63
N ILE L 96 6.84 -42.81 5.69
CA ILE L 96 5.50 -43.24 6.03
C ILE L 96 5.34 -44.70 5.68
N VAL L 97 5.19 -45.50 6.73
CA VAL L 97 4.89 -46.92 6.62
C VAL L 97 3.38 -47.08 6.57
N MET L 98 2.91 -47.53 5.42
CA MET L 98 1.52 -47.90 5.29
C MET L 98 1.43 -49.39 5.04
N GLU L 99 0.32 -50.00 5.46
CA GLU L 99 0.00 -51.38 5.12
C GLU L 99 0.27 -51.67 3.65
N CYS L 100 0.60 -52.90 3.35
CA CYS L 100 1.02 -53.22 2.01
C CYS L 100 -0.12 -53.80 1.20
N LEU L 101 -0.62 -53.05 0.21
CA LEU L 101 -1.72 -53.59 -0.59
C LEU L 101 -1.17 -54.13 -1.89
N ASP L 102 -1.35 -55.44 -2.08
CA ASP L 102 -0.64 -56.19 -3.11
C ASP L 102 -1.59 -56.88 -4.06
N GLY L 103 -2.83 -56.40 -4.12
CA GLY L 103 -3.80 -56.90 -5.08
C GLY L 103 -3.84 -56.09 -6.37
N GLY L 104 -3.16 -54.98 -6.42
CA GLY L 104 -3.14 -54.25 -7.67
C GLY L 104 -4.39 -53.42 -7.89
N GLU L 105 -4.36 -52.62 -8.95
CA GLU L 105 -5.30 -51.56 -9.19
C GLU L 105 -6.68 -52.04 -9.57
N LEU L 106 -7.69 -51.22 -9.27
CA LEU L 106 -9.06 -51.52 -9.60
C LEU L 106 -9.17 -52.13 -10.98
N PHE L 107 -8.76 -51.42 -12.02
CA PHE L 107 -8.93 -51.87 -13.41
C PHE L 107 -8.05 -53.03 -13.86
N SER L 108 -6.86 -53.17 -13.28
CA SER L 108 -6.06 -54.36 -13.53
C SER L 108 -6.90 -55.56 -13.15
N ARG L 109 -7.39 -55.57 -11.92
CA ARG L 109 -8.12 -56.72 -11.46
C ARG L 109 -9.32 -57.02 -12.34
N ILE L 110 -10.04 -55.97 -12.77
CA ILE L 110 -11.25 -56.13 -13.64
C ILE L 110 -10.83 -56.58 -15.04
N GLN L 111 -9.72 -56.04 -15.52
CA GLN L 111 -9.18 -56.36 -16.84
C GLN L 111 -8.59 -57.76 -16.87
N ASP L 112 -8.08 -58.21 -15.73
CA ASP L 112 -7.40 -59.50 -15.68
C ASP L 112 -8.31 -60.74 -15.53
N ARG L 113 -9.59 -60.58 -15.22
CA ARG L 113 -10.41 -61.79 -14.99
C ARG L 113 -10.75 -62.55 -16.29
N GLY L 114 -10.20 -63.77 -16.38
CA GLY L 114 -10.15 -64.55 -17.61
C GLY L 114 -11.44 -64.84 -18.36
N ASP L 115 -12.60 -64.56 -17.74
CA ASP L 115 -13.88 -64.85 -18.39
C ASP L 115 -14.60 -63.61 -18.99
N GLN L 116 -14.50 -62.44 -18.34
CA GLN L 116 -15.28 -61.21 -18.70
C GLN L 116 -16.78 -61.33 -18.49
N ALA L 117 -17.21 -61.32 -17.24
CA ALA L 117 -18.62 -61.35 -16.93
C ALA L 117 -18.84 -60.44 -15.74
N PHE L 118 -18.20 -59.28 -15.83
CA PHE L 118 -18.36 -58.20 -14.88
C PHE L 118 -19.79 -57.73 -14.98
N THR L 119 -20.47 -57.57 -13.85
CA THR L 119 -21.88 -57.19 -13.86
C THR L 119 -22.16 -55.77 -13.31
N GLU L 120 -23.27 -55.17 -13.74
CA GLU L 120 -23.79 -53.94 -13.15
C GLU L 120 -23.85 -53.99 -11.59
N ARG L 121 -24.12 -55.18 -11.03
CA ARG L 121 -24.02 -55.38 -9.59
C ARG L 121 -22.58 -55.26 -9.05
N GLU L 122 -21.64 -55.93 -9.68
CA GLU L 122 -20.23 -55.77 -9.33
C GLU L 122 -19.76 -54.30 -9.35
N ALA L 123 -20.23 -53.53 -10.34
CA ALA L 123 -19.92 -52.10 -10.48
C ALA L 123 -20.45 -51.29 -9.31
N SER L 124 -21.71 -51.52 -8.97
CA SER L 124 -22.38 -50.93 -7.86
C SER L 124 -21.62 -51.11 -6.57
N GLU L 125 -21.20 -52.34 -6.32
CA GLU L 125 -20.43 -52.72 -5.15
C GLU L 125 -19.08 -52.00 -5.08
N ILE L 126 -18.42 -51.83 -6.21
CA ILE L 126 -17.14 -51.14 -6.17
C ILE L 126 -17.36 -49.64 -5.89
N MET L 127 -18.41 -49.08 -6.48
CA MET L 127 -18.75 -47.71 -6.32
C MET L 127 -19.18 -47.42 -4.89
N LYS L 128 -19.81 -48.40 -4.23
CA LYS L 128 -20.20 -48.23 -2.83
C LYS L 128 -18.99 -48.04 -1.88
N SER L 129 -17.97 -48.86 -2.08
CA SER L 129 -16.76 -48.74 -1.28
C SER L 129 -15.95 -47.53 -1.62
N ILE L 130 -15.81 -47.18 -2.91
CA ILE L 130 -15.10 -45.92 -3.16
C ILE L 130 -15.93 -44.82 -2.53
N GLY L 131 -17.25 -45.03 -2.57
CA GLY L 131 -18.18 -44.09 -1.99
C GLY L 131 -17.92 -43.83 -0.53
N GLU L 132 -17.61 -44.84 0.25
CA GLU L 132 -17.42 -44.63 1.67
C GLU L 132 -16.14 -43.87 2.02
N ALA L 133 -15.03 -44.31 1.43
CA ALA L 133 -13.75 -43.65 1.65
C ALA L 133 -13.99 -42.18 1.42
N ILE L 134 -14.67 -41.84 0.32
CA ILE L 134 -15.00 -40.44 0.11
C ILE L 134 -15.92 -39.88 1.20
N GLN L 135 -16.92 -40.66 1.64
CA GLN L 135 -17.88 -40.11 2.58
C GLN L 135 -17.18 -39.78 3.90
N TYR L 136 -16.32 -40.69 4.33
CA TYR L 136 -15.54 -40.45 5.51
C TYR L 136 -14.71 -39.18 5.33
N LEU L 137 -13.96 -39.08 4.23
CA LEU L 137 -13.07 -37.94 4.07
C LEU L 137 -13.87 -36.65 4.18
N HIS L 138 -14.95 -36.56 3.42
CA HIS L 138 -15.75 -35.35 3.41
C HIS L 138 -16.29 -35.07 4.79
N SER L 139 -16.66 -36.12 5.51
CA SER L 139 -17.20 -35.97 6.86
C SER L 139 -16.23 -35.39 7.91
N ILE L 140 -14.94 -35.28 7.57
CA ILE L 140 -13.96 -34.66 8.46
C ILE L 140 -13.27 -33.53 7.72
N ASN L 141 -14.05 -32.95 6.80
CA ASN L 141 -13.65 -31.84 5.99
C ASN L 141 -12.31 -32.05 5.31
N ILE L 142 -12.04 -33.23 4.79
CA ILE L 142 -10.90 -33.40 3.91
C ILE L 142 -11.44 -33.69 2.52
N ALA L 143 -10.89 -33.04 1.51
CA ALA L 143 -11.13 -33.40 0.13
C ALA L 143 -9.87 -34.13 -0.38
N HIS L 144 -10.03 -35.08 -1.31
CA HIS L 144 -8.93 -35.93 -1.67
C HIS L 144 -8.22 -35.27 -2.80
N ARG L 145 -9.03 -34.90 -3.80
CA ARG L 145 -8.61 -34.21 -5.02
C ARG L 145 -7.71 -34.98 -5.97
N ASP L 146 -7.58 -36.28 -5.79
CA ASP L 146 -6.92 -37.02 -6.83
C ASP L 146 -7.41 -38.42 -6.91
N VAL L 147 -8.72 -38.57 -6.79
CA VAL L 147 -9.32 -39.86 -6.90
C VAL L 147 -9.19 -40.17 -8.36
N LYS L 148 -8.48 -41.26 -8.64
CA LYS L 148 -8.41 -41.87 -9.97
C LYS L 148 -8.11 -43.36 -9.85
N PRO L 149 -8.41 -44.14 -10.91
CA PRO L 149 -8.14 -45.57 -11.00
C PRO L 149 -6.78 -45.96 -10.43
N GLU L 150 -5.73 -45.28 -10.83
CA GLU L 150 -4.41 -45.52 -10.25
C GLU L 150 -4.35 -45.55 -8.69
N ASN L 151 -5.23 -44.81 -8.00
CA ASN L 151 -5.17 -44.75 -6.53
C ASN L 151 -6.11 -45.73 -5.83
N LEU L 152 -6.72 -46.62 -6.58
CA LEU L 152 -7.68 -47.50 -5.95
C LEU L 152 -7.18 -48.91 -6.08
N LEU L 153 -6.71 -49.45 -4.96
CA LEU L 153 -5.94 -50.67 -4.96
C LEU L 153 -6.64 -51.70 -4.10
N TYR L 154 -6.33 -52.97 -4.36
CA TYR L 154 -6.92 -54.09 -3.63
C TYR L 154 -5.97 -54.61 -2.57
N THR L 155 -6.49 -55.02 -1.43
CA THR L 155 -5.61 -55.50 -0.37
C THR L 155 -4.83 -56.72 -0.82
N SER L 156 -5.49 -57.62 -1.57
CA SER L 156 -4.86 -58.86 -2.06
C SER L 156 -5.52 -59.39 -3.33
N LYS L 157 -5.10 -60.58 -3.77
CA LYS L 157 -5.65 -61.22 -4.97
C LYS L 157 -6.82 -62.14 -4.67
N ARG L 158 -7.08 -62.38 -3.37
CA ARG L 158 -8.27 -63.09 -2.88
C ARG L 158 -9.65 -62.49 -3.36
N PRO L 159 -10.73 -63.31 -3.36
CA PRO L 159 -12.14 -62.92 -3.61
C PRO L 159 -12.67 -61.74 -2.78
N ASN L 160 -12.40 -61.73 -1.47
CA ASN L 160 -12.89 -60.67 -0.58
C ASN L 160 -11.89 -59.50 -0.41
N ALA L 161 -10.90 -59.42 -1.30
CA ALA L 161 -9.90 -58.35 -1.22
C ALA L 161 -10.65 -57.06 -1.14
N ILE L 162 -10.11 -56.11 -0.39
CA ILE L 162 -10.80 -54.85 -0.17
C ILE L 162 -10.10 -53.76 -0.93
N LEU L 163 -10.92 -52.95 -1.58
CA LEU L 163 -10.49 -51.83 -2.35
C LEU L 163 -10.25 -50.73 -1.38
N LYS L 164 -9.06 -50.15 -1.42
CA LYS L 164 -8.72 -49.00 -0.59
C LYS L 164 -8.22 -47.78 -1.39
N LEU L 165 -8.47 -46.59 -0.86
CA LEU L 165 -8.06 -45.39 -1.56
C LEU L 165 -6.73 -44.87 -0.98
N THR L 166 -5.82 -44.44 -1.83
CA THR L 166 -4.52 -44.02 -1.35
C THR L 166 -4.12 -42.66 -1.91
N ASP L 167 -2.98 -42.12 -1.44
CA ASP L 167 -2.29 -40.94 -1.98
C ASP L 167 -2.88 -39.59 -1.61
N PHE L 168 -2.38 -39.03 -0.52
CA PHE L 168 -2.92 -37.80 -0.01
C PHE L 168 -2.07 -36.63 -0.38
N GLY L 169 -1.37 -36.79 -1.50
CA GLY L 169 -0.53 -35.72 -2.00
C GLY L 169 -1.28 -34.46 -2.31
N PHE L 170 -2.48 -34.59 -2.87
CA PHE L 170 -3.31 -33.41 -3.16
C PHE L 170 -4.40 -33.11 -2.13
N ALA L 171 -4.69 -34.01 -1.20
CA ALA L 171 -5.71 -33.78 -0.16
C ALA L 171 -5.64 -32.37 0.49
N LYS L 172 -6.78 -31.84 0.95
CA LYS L 172 -6.85 -30.52 1.58
C LYS L 172 -7.94 -30.50 2.60
N GLU L 173 -7.75 -29.67 3.61
CA GLU L 173 -8.77 -29.36 4.59
C GLU L 173 -9.74 -28.33 4.11
N THR L 174 -10.81 -28.13 4.89
CA THR L 174 -11.69 -26.93 4.78
C THR L 174 -11.92 -26.10 6.10
N THR L 175 -11.47 -24.84 6.06
CA THR L 175 -11.37 -23.92 7.22
C THR L 175 -11.04 -24.55 8.59
N PRO L 187 -25.74 -24.59 17.53
CA PRO L 187 -27.17 -24.26 17.32
C PRO L 187 -27.86 -24.95 16.11
N TYR L 188 -28.97 -25.59 16.42
CA TYR L 188 -29.65 -26.54 15.55
C TYR L 188 -30.20 -25.98 14.26
N TYR L 189 -30.57 -24.71 14.27
CA TYR L 189 -31.23 -24.10 13.10
C TYR L 189 -30.31 -23.42 12.08
N VAL L 190 -29.01 -23.39 12.37
CA VAL L 190 -28.02 -22.58 11.62
C VAL L 190 -27.49 -23.28 10.38
N ALA L 191 -27.40 -22.57 9.28
CA ALA L 191 -27.13 -23.16 7.96
C ALA L 191 -25.66 -23.58 7.72
N PRO L 192 -25.40 -24.52 6.80
CA PRO L 192 -24.04 -24.92 6.46
C PRO L 192 -23.02 -23.83 6.02
N GLU L 193 -23.46 -22.76 5.35
CA GLU L 193 -22.51 -21.71 4.91
C GLU L 193 -22.10 -20.85 6.07
N VAL L 194 -22.82 -20.99 7.16
CA VAL L 194 -22.69 -20.07 8.25
C VAL L 194 -21.75 -20.67 9.26
N LEU L 195 -21.41 -21.93 9.12
CA LEU L 195 -20.36 -22.43 9.99
C LEU L 195 -19.12 -22.75 9.18
N GLY L 196 -18.55 -21.66 8.66
CA GLY L 196 -17.36 -21.70 7.81
C GLY L 196 -17.69 -21.60 6.33
N PRO L 197 -17.17 -20.55 5.64
CA PRO L 197 -17.38 -20.36 4.20
C PRO L 197 -17.19 -21.68 3.45
N GLU L 198 -15.94 -22.16 3.40
CA GLU L 198 -15.59 -23.40 2.67
C GLU L 198 -15.77 -23.31 1.14
N LYS L 199 -14.65 -23.33 0.43
CA LYS L 199 -14.67 -23.22 -1.04
C LYS L 199 -15.32 -24.47 -1.70
N TYR L 200 -14.84 -24.88 -2.87
CA TYR L 200 -15.57 -25.91 -3.65
C TYR L 200 -14.72 -27.14 -3.98
N ASP L 201 -13.76 -27.43 -3.11
CA ASP L 201 -12.84 -28.55 -3.29
C ASP L 201 -13.55 -29.90 -3.27
N LYS L 202 -14.44 -30.12 -2.31
CA LYS L 202 -15.12 -31.41 -2.14
C LYS L 202 -15.79 -31.99 -3.40
N SER L 203 -16.37 -31.10 -4.20
CA SER L 203 -17.09 -31.45 -5.42
C SER L 203 -16.22 -32.07 -6.48
N CYS L 204 -14.91 -31.90 -6.40
CA CYS L 204 -14.14 -32.53 -7.46
C CYS L 204 -13.98 -34.03 -7.23
N ASP L 205 -13.94 -34.47 -5.96
CA ASP L 205 -14.00 -35.93 -5.67
C ASP L 205 -15.21 -36.50 -6.40
N MET L 206 -16.37 -35.86 -6.22
CA MET L 206 -17.64 -36.22 -6.84
C MET L 206 -17.59 -36.45 -8.36
N TRP L 207 -17.01 -35.48 -9.09
CA TRP L 207 -16.70 -35.62 -10.52
C TRP L 207 -15.87 -36.88 -10.83
N SER L 208 -14.80 -37.13 -10.07
CA SER L 208 -14.03 -38.36 -10.22
C SER L 208 -14.89 -39.59 -10.12
N LEU L 209 -15.67 -39.69 -9.03
CA LEU L 209 -16.61 -40.78 -8.90
C LEU L 209 -17.41 -40.97 -10.15
N GLY L 210 -18.04 -39.90 -10.61
CA GLY L 210 -18.62 -39.87 -11.93
C GLY L 210 -17.76 -40.56 -12.97
N VAL L 211 -16.52 -40.12 -13.12
CA VAL L 211 -15.72 -40.66 -14.19
C VAL L 211 -15.50 -42.14 -13.92
N ILE L 212 -15.07 -42.45 -12.70
CA ILE L 212 -14.79 -43.84 -12.38
C ILE L 212 -16.05 -44.67 -12.65
N MET L 213 -17.21 -44.17 -12.20
CA MET L 213 -18.43 -44.97 -12.36
C MET L 213 -18.70 -45.31 -13.83
N TYR L 214 -18.51 -44.31 -14.69
CA TYR L 214 -18.67 -44.45 -16.13
C TYR L 214 -17.73 -45.55 -16.67
N ILE L 215 -16.42 -45.38 -16.48
CA ILE L 215 -15.53 -46.42 -17.02
C ILE L 215 -16.00 -47.79 -16.58
N LEU L 216 -16.40 -47.93 -15.33
CA LEU L 216 -16.68 -49.24 -14.76
C LEU L 216 -17.86 -49.86 -15.46
N LEU L 217 -18.63 -49.02 -16.12
CA LEU L 217 -19.86 -49.49 -16.70
C LEU L 217 -19.74 -49.85 -18.17
N CYS L 218 -18.69 -49.37 -18.84
CA CYS L 218 -18.48 -49.65 -20.26
C CYS L 218 -17.03 -50.08 -20.62
N GLY L 219 -16.04 -49.42 -20.02
CA GLY L 219 -14.67 -49.80 -20.27
C GLY L 219 -13.87 -48.64 -20.80
N TYR L 220 -14.52 -47.53 -21.09
CA TYR L 220 -13.79 -46.37 -21.55
C TYR L 220 -14.28 -45.13 -20.84
N PRO L 221 -13.46 -44.08 -20.82
CA PRO L 221 -13.79 -42.86 -20.10
C PRO L 221 -14.91 -42.10 -20.81
N PRO L 222 -15.53 -41.14 -20.13
CA PRO L 222 -16.51 -40.29 -20.81
C PRO L 222 -15.83 -39.24 -21.71
N PHE L 223 -14.57 -38.92 -21.41
CA PHE L 223 -13.86 -37.88 -22.13
C PHE L 223 -12.46 -38.33 -22.51
N TYR L 224 -12.18 -38.36 -23.80
CA TYR L 224 -10.82 -38.55 -24.32
C TYR L 224 -10.56 -37.78 -25.61
N SER L 225 -9.41 -38.07 -26.22
CA SER L 225 -8.88 -37.38 -27.42
C SER L 225 -9.57 -37.75 -28.75
N ILE L 231 -9.78 -32.89 -30.27
CA ILE L 231 -9.37 -34.15 -29.69
C ILE L 231 -8.26 -33.99 -28.63
N SER L 232 -7.92 -32.74 -28.28
CA SER L 232 -7.12 -32.46 -27.05
C SER L 232 -7.17 -31.01 -26.53
N PRO L 233 -7.22 -30.01 -27.44
CA PRO L 233 -7.99 -28.83 -27.06
C PRO L 233 -9.49 -29.17 -27.17
N GLY L 234 -9.79 -30.32 -27.79
CA GLY L 234 -11.16 -30.79 -28.02
C GLY L 234 -11.74 -31.73 -26.98
N MET L 235 -10.86 -32.43 -26.27
CA MET L 235 -11.17 -33.00 -24.96
C MET L 235 -11.57 -31.92 -23.97
N LYS L 236 -10.74 -30.90 -23.88
CA LYS L 236 -10.98 -29.86 -22.90
C LYS L 236 -12.30 -29.18 -23.18
N THR L 237 -12.68 -29.12 -24.46
CA THR L 237 -13.94 -28.44 -24.82
C THR L 237 -15.06 -29.36 -24.37
N ARG L 238 -14.87 -30.62 -24.64
CA ARG L 238 -15.85 -31.59 -24.27
C ARG L 238 -16.02 -31.60 -22.72
N ILE L 239 -14.92 -31.56 -21.97
CA ILE L 239 -15.01 -31.58 -20.50
C ILE L 239 -15.82 -30.37 -19.98
N ARG L 240 -15.46 -29.16 -20.42
CA ARG L 240 -16.17 -27.90 -20.08
C ARG L 240 -17.64 -27.87 -20.44
N MET L 241 -17.96 -28.38 -21.62
CA MET L 241 -19.32 -28.39 -22.12
C MET L 241 -20.11 -29.47 -21.48
N GLY L 242 -19.45 -30.46 -20.90
CA GLY L 242 -20.15 -31.62 -20.37
C GLY L 242 -20.67 -32.50 -21.49
N GLN L 243 -19.87 -32.65 -22.52
CA GLN L 243 -20.27 -33.33 -23.74
C GLN L 243 -19.74 -34.74 -23.72
N TYR L 244 -20.63 -35.72 -23.68
CA TYR L 244 -20.23 -37.15 -23.62
C TYR L 244 -21.48 -37.96 -23.94
N GLU L 245 -21.38 -39.26 -24.10
CA GLU L 245 -22.59 -39.98 -24.42
C GLU L 245 -22.62 -41.39 -23.83
N PHE L 246 -23.68 -42.16 -24.12
CA PHE L 246 -23.73 -43.57 -23.75
C PHE L 246 -23.88 -44.40 -25.03
N PRO L 247 -22.78 -44.56 -25.79
CA PRO L 247 -22.84 -45.35 -27.02
C PRO L 247 -23.58 -46.67 -26.85
N ASN L 248 -24.19 -47.17 -27.92
CA ASN L 248 -24.39 -48.62 -28.08
C ASN L 248 -23.09 -49.19 -28.71
N PRO L 249 -22.81 -50.48 -28.51
CA PRO L 249 -23.66 -51.51 -27.95
C PRO L 249 -23.55 -51.55 -26.44
N GLU L 250 -22.58 -50.81 -25.88
CA GLU L 250 -22.18 -51.00 -24.49
C GLU L 250 -23.18 -50.52 -23.45
N TRP L 251 -23.87 -49.42 -23.72
CA TRP L 251 -24.79 -48.85 -22.75
C TRP L 251 -26.23 -49.15 -23.05
N SER L 252 -26.46 -50.13 -23.91
CA SER L 252 -27.79 -50.45 -24.40
C SER L 252 -28.67 -50.98 -23.30
N GLU L 253 -28.12 -51.92 -22.51
CA GLU L 253 -28.77 -52.57 -21.38
C GLU L 253 -28.54 -51.89 -20.03
N VAL L 254 -27.85 -50.76 -20.02
CA VAL L 254 -27.66 -50.04 -18.78
C VAL L 254 -28.94 -49.28 -18.41
N SER L 255 -29.38 -49.45 -17.15
CA SER L 255 -30.51 -48.71 -16.54
C SER L 255 -30.46 -47.21 -16.76
N GLU L 256 -31.62 -46.66 -17.08
CA GLU L 256 -31.76 -45.22 -17.20
C GLU L 256 -31.56 -44.56 -15.83
N GLU L 257 -31.67 -45.37 -14.78
CA GLU L 257 -31.46 -44.92 -13.41
C GLU L 257 -29.97 -44.67 -13.28
N VAL L 258 -29.15 -45.67 -13.58
CA VAL L 258 -27.73 -45.47 -13.44
C VAL L 258 -27.27 -44.33 -14.31
N LYS L 259 -27.69 -44.34 -15.57
CA LYS L 259 -27.37 -43.25 -16.48
C LYS L 259 -27.67 -41.88 -15.86
N MET L 260 -28.80 -41.75 -15.17
CA MET L 260 -29.15 -40.51 -14.49
C MET L 260 -28.22 -40.16 -13.32
N LEU L 261 -27.74 -41.18 -12.59
CA LEU L 261 -26.78 -41.00 -11.53
C LEU L 261 -25.50 -40.39 -12.09
N ILE L 262 -25.01 -40.99 -13.17
CA ILE L 262 -23.84 -40.47 -13.84
C ILE L 262 -24.09 -39.06 -14.31
N ARG L 263 -25.24 -38.77 -14.95
CA ARG L 263 -25.52 -37.43 -15.45
C ARG L 263 -25.42 -36.43 -14.34
N ASN L 264 -25.44 -36.92 -13.12
CA ASN L 264 -25.51 -36.04 -11.99
C ASN L 264 -24.19 -35.77 -11.31
N LEU L 265 -23.32 -36.76 -11.33
CA LEU L 265 -21.99 -36.58 -10.82
C LEU L 265 -21.27 -35.75 -11.86
N LEU L 266 -21.50 -36.04 -13.15
CA LEU L 266 -20.81 -35.33 -14.23
C LEU L 266 -21.31 -33.92 -14.50
N LYS L 267 -22.09 -33.33 -13.62
CA LYS L 267 -22.51 -31.96 -13.84
C LYS L 267 -21.28 -31.08 -13.90
N THR L 268 -21.25 -30.11 -14.82
CA THR L 268 -20.09 -29.27 -15.01
C THR L 268 -20.10 -28.10 -14.06
N GLU L 269 -21.28 -27.77 -13.52
CA GLU L 269 -21.34 -26.71 -12.50
C GLU L 269 -21.20 -27.38 -11.15
N PRO L 270 -20.10 -27.11 -10.45
CA PRO L 270 -19.88 -27.91 -9.21
C PRO L 270 -20.91 -27.74 -8.07
N THR L 271 -21.64 -26.64 -8.01
CA THR L 271 -22.64 -26.52 -6.99
C THR L 271 -23.93 -27.30 -7.36
N GLN L 272 -24.03 -27.80 -8.59
CA GLN L 272 -25.13 -28.70 -9.05
C GLN L 272 -24.83 -30.17 -8.92
N ARG L 273 -23.57 -30.51 -8.62
CA ARG L 273 -23.15 -31.94 -8.53
C ARG L 273 -23.78 -32.57 -7.27
N MET L 274 -24.10 -33.86 -7.24
CA MET L 274 -24.61 -34.35 -5.96
C MET L 274 -23.46 -34.44 -5.00
N THR L 275 -23.78 -34.56 -3.72
CA THR L 275 -22.79 -34.71 -2.66
C THR L 275 -22.62 -36.19 -2.33
N ILE L 276 -21.49 -36.63 -1.74
CA ILE L 276 -21.47 -38.07 -1.29
C ILE L 276 -22.71 -38.52 -0.53
N THR L 277 -23.22 -37.73 0.42
CA THR L 277 -24.42 -38.15 1.19
C THR L 277 -25.58 -38.55 0.26
N GLU L 278 -25.83 -37.72 -0.75
CA GLU L 278 -26.93 -37.97 -1.66
C GLU L 278 -26.58 -39.19 -2.48
N PHE L 279 -25.36 -39.19 -3.02
CA PHE L 279 -24.78 -40.35 -3.68
C PHE L 279 -24.94 -41.63 -2.81
N MET L 280 -24.67 -41.50 -1.52
CA MET L 280 -24.59 -42.70 -0.71
C MET L 280 -25.98 -43.13 -0.37
N ASN L 281 -26.95 -42.23 -0.56
CA ASN L 281 -28.36 -42.57 -0.31
C ASN L 281 -29.10 -42.96 -1.56
N HIS L 282 -28.40 -42.90 -2.67
CA HIS L 282 -28.97 -43.29 -3.92
C HIS L 282 -29.20 -44.78 -3.86
N PRO L 283 -30.42 -45.21 -4.23
CA PRO L 283 -30.88 -46.59 -4.24
C PRO L 283 -29.85 -47.56 -4.86
N TRP L 284 -29.21 -47.08 -5.93
CA TRP L 284 -28.31 -47.92 -6.71
C TRP L 284 -27.09 -48.22 -5.87
N ILE L 285 -26.69 -47.27 -5.02
CA ILE L 285 -25.60 -47.47 -4.07
C ILE L 285 -26.04 -48.15 -2.74
N MET L 286 -27.08 -47.59 -2.14
CA MET L 286 -27.53 -48.04 -0.86
C MET L 286 -27.91 -49.48 -0.95
N GLN L 287 -28.43 -49.88 -2.09
CA GLN L 287 -28.83 -51.28 -2.23
C GLN L 287 -28.12 -52.00 -3.38
N SER L 288 -26.80 -52.00 -3.28
CA SER L 288 -25.97 -52.40 -4.40
C SER L 288 -26.32 -53.81 -4.79
N THR L 289 -26.65 -54.65 -3.80
CA THR L 289 -27.00 -56.06 -4.05
C THR L 289 -28.39 -56.33 -4.67
N LYS L 290 -29.34 -55.44 -4.43
CA LYS L 290 -30.60 -55.41 -5.12
C LYS L 290 -30.45 -54.91 -6.57
N VAL L 291 -29.28 -54.46 -7.04
CA VAL L 291 -29.19 -53.98 -8.45
C VAL L 291 -29.08 -55.18 -9.42
N PRO L 292 -29.50 -54.99 -10.68
CA PRO L 292 -29.54 -56.17 -11.57
C PRO L 292 -28.14 -56.67 -11.95
N GLN L 293 -28.06 -57.96 -12.29
CA GLN L 293 -26.78 -58.60 -12.52
C GLN L 293 -26.35 -58.64 -13.97
N THR L 294 -26.78 -57.61 -14.71
CA THR L 294 -26.64 -57.58 -16.14
C THR L 294 -25.19 -57.44 -16.54
N PRO L 295 -24.70 -58.34 -17.42
CA PRO L 295 -23.30 -58.36 -17.83
C PRO L 295 -22.91 -57.14 -18.65
N LEU L 296 -21.64 -56.76 -18.57
CA LEU L 296 -21.14 -55.57 -19.24
C LEU L 296 -19.89 -55.84 -20.03
N HIS L 297 -19.71 -55.04 -21.07
CA HIS L 297 -18.60 -55.11 -22.00
C HIS L 297 -17.29 -54.69 -21.39
N THR L 298 -17.30 -54.39 -20.11
CA THR L 298 -16.20 -53.67 -19.43
C THR L 298 -14.86 -54.39 -19.48
N SER L 299 -14.78 -55.59 -18.93
CA SER L 299 -13.50 -56.28 -18.81
C SER L 299 -12.93 -56.52 -20.21
N ARG L 300 -13.82 -56.95 -21.09
CA ARG L 300 -13.45 -57.13 -22.47
C ARG L 300 -12.86 -55.84 -23.03
N VAL L 301 -13.54 -54.70 -22.89
CA VAL L 301 -13.06 -53.41 -23.45
C VAL L 301 -11.72 -52.99 -22.83
N LEU L 302 -11.58 -53.21 -21.55
CA LEU L 302 -10.29 -53.01 -20.91
C LEU L 302 -9.24 -54.00 -21.47
N LYS L 303 -9.70 -55.09 -22.10
CA LYS L 303 -8.78 -55.99 -22.81
C LYS L 303 -8.31 -55.34 -24.10
N GLU L 304 -9.21 -55.22 -25.09
CA GLU L 304 -8.90 -54.63 -26.41
C GLU L 304 -7.85 -53.56 -26.24
N ASP L 305 -8.04 -52.66 -25.30
CA ASP L 305 -6.98 -51.73 -25.03
C ASP L 305 -6.01 -52.17 -23.89
N LYS L 306 -4.96 -52.99 -24.13
CA LYS L 306 -3.86 -53.07 -23.10
C LYS L 306 -3.22 -51.67 -23.20
N GLU L 307 -2.97 -51.26 -24.44
CA GLU L 307 -2.36 -49.96 -24.82
C GLU L 307 -2.78 -48.72 -24.01
N ARG L 308 -4.06 -48.37 -24.07
CA ARG L 308 -4.50 -47.09 -23.53
C ARG L 308 -4.82 -47.17 -22.03
C1 MK2 M . 17.90 22.10 -46.52
C2 MK2 M . 17.57 21.28 -47.57
C3 MK2 M . 17.46 21.87 -45.25
C4 MK2 M . 16.76 20.16 -47.43
C5 MK2 M . 13.38 15.65 -38.35
C6 MK2 M . 12.66 14.85 -37.49
C7 MK2 M . 16.00 20.19 -43.92
C8 MK2 M . 12.63 16.16 -42.53
C9 MK2 M . 14.44 17.75 -42.39
C10 MK2 M . 11.90 15.93 -44.86
C11 MK2 M . 16.65 20.76 -45.05
C12 MK2 M . 16.33 19.94 -46.14
C13 MK2 M . 12.86 15.89 -39.60
C14 MK2 M . 13.57 16.85 -41.80
C15 MK2 M . 12.70 16.47 -43.88
C16 MK2 M . 14.49 18.08 -43.74
C17 MK2 M . 15.34 19.06 -44.39
C18 MK2 M . 13.56 17.39 -44.51
C19 MK2 M . 11.03 14.58 -39.02
N20 MK2 M . 9.79 14.03 -39.35
N21 MK2 M . 13.30 17.45 -45.83
N22 MK2 M . 11.47 14.30 -37.78
N23 MK2 M . 12.30 16.56 -46.01
N24 MK2 M . 11.68 15.34 -39.95
N25 MK2 M . 13.66 16.68 -40.42
O26 MK2 M . 15.54 18.91 -45.75
C1 MK2 N . 15.11 -36.92 -37.36
C2 MK2 N . 15.35 -36.96 -36.01
C3 MK2 N . 14.53 -35.80 -37.95
C4 MK2 N . 15.06 -35.92 -35.15
C5 MK2 N . 11.03 -28.44 -31.00
C6 MK2 N . 10.55 -27.30 -30.42
C7 MK2 N . 13.68 -33.46 -37.29
C8 MK2 N . 12.37 -28.79 -35.12
C9 MK2 N . 12.84 -31.08 -34.44
C10 MK2 N . 12.74 -28.50 -37.49
C11 MK2 N . 14.24 -34.74 -37.11
C12 MK2 N . 14.51 -34.82 -35.75
C13 MK2 N . 11.66 -28.31 -32.21
C14 MK2 N . 12.44 -29.79 -34.16
C15 MK2 N . 12.72 -29.27 -36.35
C16 MK2 N . 13.20 -31.52 -35.70
C17 MK2 N . 13.63 -32.85 -36.07
C18 MK2 N . 13.13 -30.56 -36.69
C19 MK2 N . 11.29 -26.04 -32.16
N20 MK2 N . 11.43 -24.79 -32.81
N21 MK2 N . 13.40 -30.61 -38.01
N22 MK2 N . 10.66 -26.09 -30.98
N23 MK2 N . 13.15 -29.37 -38.48
N24 MK2 N . 11.80 -27.10 -32.80
N25 MK2 N . 12.15 -29.51 -32.80
O26 MK2 N . 14.13 -33.67 -35.11
C1 MK2 O . -35.05 -5.16 -40.96
C2 MK2 O . -34.49 -5.50 -42.18
C3 MK2 O . -34.30 -5.04 -39.81
C4 MK2 O . -33.15 -5.75 -42.33
C5 MK2 O . -25.96 -4.49 -34.64
C6 MK2 O . -24.77 -4.50 -33.97
C7 MK2 O . -31.86 -5.28 -39.02
C8 MK2 O . -26.68 -6.39 -38.53
C9 MK2 O . -28.89 -5.52 -38.16
C10 MK2 O . -26.50 -7.39 -40.75
C11 MK2 O . -32.95 -5.27 -39.93
C12 MK2 O . -32.42 -5.63 -41.15
C13 MK2 O . -26.11 -5.35 -35.71
C14 MK2 O . -27.61 -5.75 -37.72
C15 MK2 O . -27.20 -6.74 -39.76
C16 MK2 O . -29.40 -5.87 -39.39
C17 MK2 O . -30.75 -5.63 -39.74
C18 MK2 O . -28.51 -6.52 -40.23
C19 MK2 O . -24.00 -6.13 -35.35
N20 MK2 O . -23.00 -7.01 -35.78
N21 MK2 O . -28.62 -7.02 -41.48
N22 MK2 O . -23.77 -5.31 -34.32
N23 MK2 O . -27.40 -7.54 -41.77
N24 MK2 O . -25.12 -6.17 -36.07
N25 MK2 O . -27.34 -5.30 -36.40
O26 MK2 O . -31.08 -5.84 -41.05
C1 MK2 P . 40.47 8.43 35.88
C2 MK2 P . 41.26 9.46 35.44
C3 MK2 P . 39.25 8.13 35.33
C4 MK2 P . 40.89 10.29 34.39
C5 MK2 P . 33.32 8.78 27.26
C6 MK2 P . 32.42 9.05 26.26
C7 MK2 P . 37.70 8.98 33.46
C8 MK2 P . 35.36 11.75 29.49
C9 MK2 P . 36.19 9.87 30.79
C10 MK2 P . 36.44 13.82 30.18
C11 MK2 P . 38.85 8.93 34.28
C12 MK2 P . 39.66 9.96 33.86
C13 MK2 P . 33.64 9.79 28.13
C14 MK2 P . 35.38 10.40 29.81
C15 MK2 P . 36.25 12.46 30.27
C16 MK2 P . 37.08 10.61 31.56
C17 MK2 P . 37.89 10.04 32.60
C18 MK2 P . 37.10 11.97 31.28
C19 MK2 P . 32.23 11.21 27.01
N20 MK2 P . 31.65 12.50 26.87
N21 MK2 P . 37.79 13.00 31.78
N22 MK2 P . 31.87 10.27 26.12
N23 MK2 P . 37.38 14.10 31.12
N24 MK2 P . 33.10 11.01 28.01
N25 MK2 P . 34.56 9.47 29.14
O26 MK2 P . 39.09 10.64 32.84
C1 MK2 Q . 44.97 23.49 -21.30
C2 MK2 Q . 44.16 22.53 -21.87
C3 MK2 Q . 44.81 23.89 -19.99
C4 MK2 Q . 43.12 21.89 -21.22
C5 MK2 Q . 35.90 19.96 -15.60
C6 MK2 Q . 34.95 19.56 -14.71
C7 MK2 Q . 43.28 23.40 -17.99
C8 MK2 Q . 39.73 21.52 -14.44
C9 MK2 Q . 40.12 21.54 -16.86
C10 MK2 Q . 41.64 22.51 -13.33
C11 MK2 Q . 43.78 23.28 -19.31
C12 MK2 Q . 42.98 22.32 -19.92
C13 MK2 Q . 37.16 20.18 -15.10
C14 MK2 Q . 39.34 21.23 -15.75
C15 MK2 Q . 40.96 22.14 -14.44
C16 MK2 Q . 41.36 22.17 -16.79
C17 MK2 Q . 42.22 22.51 -17.89
C18 MK2 Q . 41.78 22.47 -15.52
C19 MK2 Q . 36.46 19.60 -13.03
N20 MK2 Q . 36.74 19.41 -11.69
N21 MK2 Q . 42.92 23.04 -15.10
N22 MK2 Q . 35.19 19.36 -13.41
N23 MK2 Q . 42.80 23.05 -13.78
N24 MK2 Q . 37.47 20.00 -13.81
N25 MK2 Q . 38.12 20.60 -16.03
O26 MK2 Q . 42.03 21.85 -19.07
C1 MK2 R . 5.85 52.31 13.35
C2 MK2 R . 7.14 52.67 13.63
C3 MK2 R . 5.51 51.07 12.88
C4 MK2 R . 8.20 51.82 13.43
C5 MK2 R . 7.50 41.36 10.98
C6 MK2 R . 7.95 40.12 10.58
C7 MK2 R . 6.64 48.85 12.19
C8 MK2 R . 10.04 44.86 10.90
C9 MK2 R . 8.07 46.05 11.64
C10 MK2 R . 11.95 46.38 10.82
C11 MK2 R . 6.54 50.19 12.67
C12 MK2 R . 7.84 50.56 12.94
C13 MK2 R . 8.29 42.43 10.70
C14 MK2 R . 8.68 44.88 11.22
C15 MK2 R . 10.63 46.10 11.07
C16 MK2 R . 8.67 47.29 11.80
C17 MK2 R . 7.96 48.50 12.20
C18 MK2 R . 10.03 47.30 11.50
C19 MK2 R . 9.82 41.00 9.71
N20 MK2 R . 11.04 40.87 9.06
N21 MK2 R . 10.95 48.28 11.51
N22 MK2 R . 9.11 39.90 9.96
N23 MK2 R . 12.10 47.71 11.10
N24 MK2 R . 9.45 42.24 10.06
N25 MK2 R . 7.85 43.73 11.11
O26 MK2 R . 8.71 49.55 12.66
C1 MK2 S . -45.56 22.61 -19.54
C2 MK2 S . -46.39 23.14 -18.58
C3 MK2 S . -44.36 22.02 -19.21
C4 MK2 S . -46.11 23.11 -17.22
C5 MK2 S . -37.59 18.02 -13.34
C6 MK2 S . -36.63 17.62 -12.46
C7 MK2 S . -42.94 21.49 -17.12
C8 MK2 S . -40.67 20.89 -12.25
C9 MK2 S . -41.29 20.66 -14.60
C10 MK2 S . -42.27 22.33 -11.15
C11 MK2 S . -44.04 21.98 -17.86
C12 MK2 S . -44.91 22.52 -16.92
C13 MK2 S . -38.41 19.07 -12.96
C14 MK2 S . -40.46 20.38 -13.52
C15 MK2 S . -41.80 21.69 -12.27
C16 MK2 S . -42.41 21.46 -14.58
C17 MK2 S . -43.20 21.73 -15.78
C18 MK2 S . -42.67 22.00 -13.34
C19 MK2 S . -37.30 19.21 -10.98
N20 MK2 S . -37.22 19.91 -9.77
N21 MK2 S . -43.65 22.81 -12.90
N22 MK2 S . -36.46 18.19 -11.26
N23 MK2 S . -43.38 23.00 -11.59
N24 MK2 S . -38.28 19.68 -11.77
N25 MK2 S . -39.39 19.52 -13.83
O26 MK2 S . -44.40 22.37 -15.66
C1 MK2 T . -44.19 -15.70 25.84
C2 MK2 T . -45.15 -14.72 25.92
C3 MK2 T . -42.95 -15.51 25.25
C4 MK2 T . -44.93 -13.46 25.43
C5 MK2 T . -36.05 -9.78 21.00
C6 MK2 T . -35.28 -9.04 20.14
C7 MK2 T . -41.61 -13.65 24.08
C8 MK2 T . -40.28 -9.17 21.45
C9 MK2 T . -40.11 -11.22 22.74
C10 MK2 T . -42.56 -8.34 21.47
C11 MK2 T . -42.70 -14.25 24.76
C12 MK2 T . -43.69 -13.29 24.84
C13 MK2 T . -37.41 -9.64 20.86
C14 MK2 T . -39.55 -10.22 21.97
C15 MK2 T . -41.59 -9.25 21.83
C16 MK2 T . -41.44 -11.26 23.10
C17 MK2 T . -42.02 -12.35 23.82
C18 MK2 T . -42.20 -10.22 22.62
C19 MK2 T . -37.10 -8.15 19.14
N20 MK2 T . -37.62 -7.30 18.17
N21 MK2 T . -43.51 -9.93 22.76
N22 MK2 T . -35.77 -8.23 19.21
N23 MK2 T . -43.71 -8.80 22.06
N24 MK2 T . -37.95 -8.84 19.93
N25 MK2 T . -38.18 -10.41 21.74
O26 MK2 T . -43.27 -12.12 24.30
C1 MK2 U . 40.10 -24.83 26.18
C2 MK2 U . 39.99 -26.17 26.47
C3 MK2 U . 39.07 -24.11 25.60
C4 MK2 U . 38.85 -26.91 26.21
C5 MK2 U . 30.25 -22.19 22.22
C6 MK2 U . 29.07 -22.02 21.54
C7 MK2 U . 36.67 -24.49 24.77
C8 MK2 U . 31.92 -26.11 23.03
C9 MK2 U . 33.81 -24.80 23.80
C10 MK2 U . 32.36 -28.48 23.36
C11 MK2 U . 37.92 -24.82 25.34
C12 MK2 U . 37.85 -26.17 25.64
C13 MK2 U . 30.78 -23.46 22.20
C14 MK2 U . 32.55 -24.89 23.25
C15 MK2 U . 32.71 -27.16 23.46
C16 MK2 U . 34.58 -25.86 24.23
C17 MK2 U . 35.91 -25.64 24.76
C18 MK2 U . 33.99 -27.10 24.03
C19 MK2 U . 29.04 -24.21 20.91
N20 MK2 U . 28.40 -25.25 20.22
N21 MK2 U . 34.41 -28.35 24.29
N22 MK2 U . 28.44 -23.01 20.88
N23 MK2 U . 33.42 -29.15 23.88
N24 MK2 U . 30.18 -24.48 21.55
N25 MK2 U . 31.98 -23.64 22.90
O26 MK2 U . 36.63 -26.69 25.30
C1 MK2 V . -17.67 -28.02 42.92
C2 MK2 V . -16.57 -28.16 43.75
C3 MK2 V . -17.56 -27.75 41.57
C4 MK2 V . -15.27 -28.04 43.29
C5 MK2 V . -12.33 -24.10 33.90
C6 MK2 V . -11.53 -23.93 32.79
C7 MK2 V . -15.71 -27.37 39.81
C8 MK2 V . -11.14 -26.65 37.07
C9 MK2 V . -13.29 -26.14 38.04
C10 MK2 V . -10.10 -28.53 38.21
C11 MK2 V . -16.26 -27.63 41.09
C12 MK2 V . -15.18 -27.77 41.94
C13 MK2 V . -11.71 -24.63 35.02
C14 MK2 V . -12.30 -25.89 37.11
C15 MK2 V . -11.14 -27.63 38.03
C16 MK2 V . -13.26 -27.14 39.00
C17 MK2 V . -14.33 -27.36 39.96
C18 MK2 V . -12.13 -27.92 38.99
C19 MK2 V . -9.72 -24.75 33.84
N20 MK2 V . -8.38 -25.10 33.85
N21 MK2 V . -11.72 -28.95 39.74
N22 MK2 V . -10.23 -24.24 32.72
N23 MK2 V . -10.51 -29.30 39.25
N24 MK2 V . -10.41 -24.95 34.97
N25 MK2 V . -12.49 -24.82 36.19
O26 MK2 V . -14.01 -27.61 41.25
C1 MK2 W . 0.44 -53.92 -8.00
C2 MK2 W . 0.80 -54.61 -6.86
C3 MK2 W . 0.27 -52.55 -8.02
C4 MK2 W . 1.02 -54.00 -5.64
C5 MK2 W . 1.33 -43.44 -4.05
C6 MK2 W . 1.33 -42.24 -3.39
C7 MK2 W . 0.41 -50.55 -6.37
C8 MK2 W . 0.68 -47.17 -2.09
C9 MK2 W . 0.84 -48.09 -4.37
C10 MK2 W . 0.42 -48.94 -0.50
C11 MK2 W . 0.49 -51.91 -6.80
C12 MK2 W . 0.84 -52.64 -5.68
C13 MK2 W . 0.95 -44.54 -3.32
C14 MK2 W . 0.83 -47.03 -3.46
C15 MK2 W . 0.57 -48.50 -1.79
C16 MK2 W . 0.73 -49.43 -4.04
C17 MK2 W . 0.71 -50.52 -5.03
C18 MK2 W . 0.59 -49.61 -2.67
C19 MK2 W . 0.64 -43.22 -1.46
N20 MK2 W . 0.27 -43.07 -0.10
N21 MK2 W . 0.45 -50.73 -1.93
N22 MK2 W . 1.00 -42.10 -2.10
N23 MK2 W . 0.34 -50.31 -0.65
N24 MK2 W . 0.61 -44.44 -2.02
N25 MK2 W . 0.96 -45.76 -4.03
O26 MK2 W . 0.98 -51.81 -4.62
#